data_2MP5
#
_entry.id   2MP5
#
_entity_poly.entity_id   1
_entity_poly.type   'polypeptide(L)'
_entity_poly.pdbx_seq_one_letter_code
;SPPVCGNKILEQGEDCDCGSPANCQDRCCNAATCKLTPGSQCNYGECCDQCRFKKAGTVCRIARGDWNDDYCTGKSSDCP
WNH
;
_entity_poly.pdbx_strand_id   1
#
# COMPACT_ATOMS: atom_id res chain seq x y z
N SER A 1 -10.62 12.15 7.49
CA SER A 1 -10.62 11.65 6.08
C SER A 1 -11.40 10.34 5.96
N PRO A 2 -12.74 10.41 5.91
CA PRO A 2 -13.59 9.23 5.79
C PRO A 2 -13.23 8.36 4.59
N PRO A 3 -13.97 7.26 4.38
CA PRO A 3 -13.72 6.34 3.27
C PRO A 3 -14.55 6.70 2.04
N VAL A 4 -14.00 7.58 1.20
CA VAL A 4 -14.70 8.00 -0.01
C VAL A 4 -13.88 7.66 -1.26
N CYS A 5 -14.42 6.76 -2.08
CA CYS A 5 -13.76 6.38 -3.32
C CYS A 5 -14.04 7.44 -4.38
N GLY A 6 -13.04 8.25 -4.68
CA GLY A 6 -13.22 9.31 -5.65
C GLY A 6 -13.19 10.66 -4.96
N ASN A 7 -12.47 10.72 -3.85
CA ASN A 7 -12.34 11.94 -3.07
C ASN A 7 -10.86 12.27 -2.87
N LYS A 8 -10.00 11.45 -3.48
CA LYS A 8 -8.57 11.63 -3.37
C LYS A 8 -8.06 11.14 -2.03
N ILE A 9 -8.87 10.36 -1.34
CA ILE A 9 -8.50 9.83 -0.03
C ILE A 9 -8.45 8.31 -0.07
N LEU A 10 -7.26 7.74 0.06
CA LEU A 10 -7.11 6.30 0.08
C LEU A 10 -7.69 5.75 1.37
N GLU A 11 -9.00 5.89 1.54
CA GLU A 11 -9.67 5.43 2.74
C GLU A 11 -10.80 4.46 2.40
N GLN A 12 -11.54 4.77 1.34
CA GLN A 12 -12.64 3.91 0.91
C GLN A 12 -12.14 2.56 0.39
N GLY A 13 -11.49 1.80 1.27
CA GLY A 13 -10.97 0.48 0.90
C GLY A 13 -10.45 0.42 -0.53
N GLU A 14 -9.80 1.49 -0.98
CA GLU A 14 -9.28 1.54 -2.33
C GLU A 14 -7.79 1.19 -2.38
N ASP A 15 -7.03 1.74 -1.45
CA ASP A 15 -5.59 1.50 -1.40
C ASP A 15 -4.87 2.20 -2.55
N CYS A 16 -5.60 3.07 -3.26
CA CYS A 16 -5.06 3.81 -4.38
C CYS A 16 -6.18 4.43 -5.21
N ASP A 17 -6.57 5.65 -4.87
CA ASP A 17 -7.63 6.34 -5.59
C ASP A 17 -7.34 7.83 -5.73
N CYS A 18 -8.01 8.46 -6.68
CA CYS A 18 -7.85 9.89 -6.93
C CYS A 18 -9.19 10.60 -6.81
N GLY A 19 -9.17 11.87 -6.44
CA GLY A 19 -10.40 12.62 -6.31
C GLY A 19 -11.29 12.51 -7.54
N SER A 20 -10.69 12.67 -8.71
CA SER A 20 -11.43 12.57 -9.97
C SER A 20 -10.61 11.81 -11.02
N PRO A 21 -11.20 10.76 -11.62
CA PRO A 21 -10.51 9.96 -12.65
C PRO A 21 -9.81 10.82 -13.69
N ALA A 22 -10.33 12.03 -13.91
CA ALA A 22 -9.76 12.94 -14.88
C ALA A 22 -8.62 13.75 -14.26
N ASN A 23 -8.70 13.96 -12.96
CA ASN A 23 -7.66 14.71 -12.24
C ASN A 23 -6.83 13.78 -11.38
N CYS A 24 -6.82 12.50 -11.73
CA CYS A 24 -6.07 11.50 -10.99
C CYS A 24 -4.58 11.72 -11.15
N GLN A 25 -4.03 12.55 -10.27
CA GLN A 25 -2.61 12.86 -10.29
C GLN A 25 -1.79 11.82 -9.51
N ASP A 26 -2.10 10.55 -9.72
CA ASP A 26 -1.39 9.47 -9.06
C ASP A 26 -1.15 8.32 -10.04
N ARG A 27 0.03 8.30 -10.63
CA ARG A 27 0.39 7.27 -11.59
C ARG A 27 0.42 5.89 -10.94
N CYS A 28 0.49 5.87 -9.61
CA CYS A 28 0.52 4.61 -8.87
C CYS A 28 -0.87 4.27 -8.31
N CYS A 29 -1.75 5.26 -8.24
CA CYS A 29 -3.09 5.06 -7.72
C CYS A 29 -4.14 5.55 -8.71
N ASN A 30 -5.07 4.66 -9.07
CA ASN A 30 -6.12 5.01 -10.02
C ASN A 30 -7.49 5.05 -9.35
N ALA A 31 -8.24 6.12 -9.61
CA ALA A 31 -9.58 6.29 -9.05
C ALA A 31 -10.58 5.38 -9.73
N ALA A 32 -10.48 5.29 -11.05
CA ALA A 32 -11.38 4.46 -11.84
C ALA A 32 -11.40 3.01 -11.35
N THR A 33 -10.38 2.64 -10.57
CA THR A 33 -10.29 1.29 -10.04
C THR A 33 -10.28 1.30 -8.52
N CYS A 34 -9.93 2.45 -7.95
CA CYS A 34 -9.84 2.58 -6.51
C CYS A 34 -8.80 1.60 -6.00
N LYS A 35 -7.70 1.49 -6.74
CA LYS A 35 -6.62 0.57 -6.38
C LYS A 35 -5.33 0.93 -7.12
N LEU A 36 -4.24 0.26 -6.74
CA LEU A 36 -2.95 0.50 -7.36
C LEU A 36 -3.01 0.28 -8.87
N THR A 37 -2.62 1.30 -9.63
CA THR A 37 -2.63 1.22 -11.08
C THR A 37 -1.75 0.07 -11.57
N PRO A 38 -2.04 -0.46 -12.77
CA PRO A 38 -1.26 -1.57 -13.35
C PRO A 38 0.23 -1.24 -13.43
N GLY A 39 1.04 -2.00 -12.69
CA GLY A 39 2.47 -1.78 -12.68
C GLY A 39 3.00 -1.48 -11.29
N SER A 40 2.16 -0.88 -10.46
CA SER A 40 2.55 -0.55 -9.10
C SER A 40 1.89 -1.49 -8.09
N GLN A 41 2.61 -1.84 -7.04
CA GLN A 41 2.10 -2.73 -6.02
C GLN A 41 1.87 -2.00 -4.70
N CYS A 42 2.65 -0.94 -4.47
CA CYS A 42 2.54 -0.16 -3.25
C CYS A 42 2.10 1.27 -3.55
N ASN A 43 1.93 2.04 -2.49
CA ASN A 43 1.52 3.43 -2.58
C ASN A 43 1.56 4.07 -1.18
N TYR A 44 1.21 3.26 -0.19
CA TYR A 44 1.22 3.68 1.20
C TYR A 44 1.31 2.46 2.11
N GLY A 45 2.20 2.50 3.08
CA GLY A 45 2.36 1.39 3.99
C GLY A 45 3.82 1.01 4.21
N GLU A 46 4.07 0.21 5.22
CA GLU A 46 5.43 -0.23 5.55
C GLU A 46 6.11 -0.96 4.39
N CYS A 47 5.39 -1.89 3.78
CA CYS A 47 5.95 -2.66 2.67
C CYS A 47 6.11 -1.82 1.41
N CYS A 48 5.42 -0.68 1.36
CA CYS A 48 5.50 0.20 0.20
C CYS A 48 6.87 0.85 0.05
N ASP A 49 7.47 0.68 -1.12
CA ASP A 49 8.77 1.25 -1.41
C ASP A 49 8.91 1.53 -2.91
N GLN A 50 8.90 2.81 -3.28
CA GLN A 50 9.02 3.20 -4.68
C GLN A 50 7.81 2.72 -5.49
N CYS A 51 6.62 2.87 -4.92
CA CYS A 51 5.39 2.44 -5.58
C CYS A 51 5.41 0.94 -5.84
N ARG A 52 6.27 0.22 -5.11
CA ARG A 52 6.38 -1.23 -5.26
C ARG A 52 6.67 -1.87 -3.90
N PHE A 53 5.84 -2.82 -3.50
CA PHE A 53 6.01 -3.51 -2.23
C PHE A 53 7.41 -4.07 -2.08
N LYS A 54 7.91 -4.08 -0.85
CA LYS A 54 9.24 -4.63 -0.59
C LYS A 54 9.20 -6.14 -0.67
N LYS A 55 9.98 -6.69 -1.60
CA LYS A 55 10.03 -8.14 -1.81
C LYS A 55 10.00 -8.89 -0.49
N ALA A 56 9.09 -9.85 -0.39
CA ALA A 56 8.96 -10.66 0.82
C ALA A 56 10.33 -11.00 1.38
N GLY A 57 10.52 -10.74 2.65
CA GLY A 57 11.80 -11.01 3.27
C GLY A 57 12.45 -9.73 3.77
N THR A 58 11.89 -8.58 3.36
CA THR A 58 12.39 -7.30 3.79
C THR A 58 11.88 -6.97 5.19
N VAL A 59 12.74 -7.09 6.19
CA VAL A 59 12.35 -6.81 7.57
C VAL A 59 11.85 -5.38 7.73
N CYS A 60 10.64 -5.23 8.26
CA CYS A 60 10.07 -3.89 8.46
C CYS A 60 9.62 -3.68 9.90
N ARG A 61 9.63 -4.74 10.70
CA ARG A 61 9.20 -4.63 12.10
C ARG A 61 9.87 -5.68 12.98
N ILE A 62 9.50 -5.67 14.26
CA ILE A 62 10.04 -6.62 15.23
C ILE A 62 9.18 -6.64 16.47
N ALA A 63 8.78 -7.84 16.87
CA ALA A 63 7.94 -8.01 18.05
C ALA A 63 8.59 -7.39 19.28
N ARG A 64 9.59 -8.08 19.82
CA ARG A 64 10.29 -7.60 21.01
C ARG A 64 11.64 -8.27 21.16
N GLY A 65 12.42 -8.27 20.09
CA GLY A 65 13.74 -8.89 20.12
C GLY A 65 14.17 -9.43 18.78
N ASP A 66 14.10 -10.74 18.62
CA ASP A 66 14.48 -11.39 17.37
C ASP A 66 14.20 -12.89 17.41
N TRP A 67 12.97 -13.24 17.10
CA TRP A 67 12.53 -14.64 17.08
C TRP A 67 12.06 -15.02 15.69
N ASN A 68 10.92 -14.44 15.32
CA ASN A 68 10.33 -14.68 14.01
C ASN A 68 10.64 -13.52 13.07
N ASP A 69 10.85 -12.35 13.65
CA ASP A 69 11.17 -11.15 12.89
C ASP A 69 10.04 -10.77 11.93
N ASP A 70 9.71 -9.49 11.89
CA ASP A 70 8.65 -9.00 11.01
C ASP A 70 9.18 -8.85 9.59
N TYR A 71 8.50 -9.46 8.63
CA TYR A 71 8.96 -9.41 7.25
C TYR A 71 7.85 -9.13 6.24
N CYS A 72 8.22 -8.39 5.21
CA CYS A 72 7.30 -8.05 4.13
C CYS A 72 6.84 -9.33 3.42
N THR A 73 5.75 -9.23 2.67
CA THR A 73 5.23 -10.38 1.94
C THR A 73 5.17 -10.10 0.44
N GLY A 74 5.59 -8.90 0.04
CA GLY A 74 5.58 -8.55 -1.37
C GLY A 74 4.20 -8.65 -2.00
N LYS A 75 3.16 -8.65 -1.16
CA LYS A 75 1.79 -8.75 -1.64
C LYS A 75 0.92 -7.62 -1.09
N SER A 76 1.39 -6.97 -0.03
CA SER A 76 0.64 -5.89 0.59
C SER A 76 1.59 -4.85 1.20
N SER A 77 1.03 -3.74 1.65
CA SER A 77 1.82 -2.68 2.27
C SER A 77 1.99 -2.92 3.77
N ASP A 78 1.63 -4.11 4.22
CA ASP A 78 1.73 -4.45 5.64
C ASP A 78 2.89 -5.41 5.88
N CYS A 79 3.44 -5.35 7.09
CA CYS A 79 4.56 -6.20 7.48
C CYS A 79 4.23 -6.97 8.76
N PRO A 80 3.86 -8.26 8.65
CA PRO A 80 3.52 -9.10 9.80
C PRO A 80 4.74 -9.52 10.62
N TRP A 81 4.65 -9.35 11.93
CA TRP A 81 5.73 -9.72 12.86
C TRP A 81 6.35 -11.07 12.48
N ASN A 82 5.50 -11.94 11.92
CA ASN A 82 5.90 -13.30 11.54
C ASN A 82 5.62 -14.27 12.67
N HIS A 83 4.67 -13.89 13.53
CA HIS A 83 4.30 -14.71 14.68
C HIS A 83 2.94 -15.38 14.47
N SER A 1 -11.11 11.81 5.06
CA SER A 1 -11.05 11.07 6.36
C SER A 1 -11.75 9.71 6.26
N PRO A 2 -13.05 9.70 5.92
CA PRO A 2 -13.83 8.47 5.80
C PRO A 2 -13.48 7.70 4.53
N PRO A 3 -14.10 6.52 4.34
CA PRO A 3 -13.88 5.68 3.16
C PRO A 3 -14.68 6.15 1.96
N VAL A 4 -14.11 7.06 1.19
CA VAL A 4 -14.78 7.58 0.01
C VAL A 4 -13.96 7.32 -1.25
N CYS A 5 -14.48 6.43 -2.10
CA CYS A 5 -13.81 6.10 -3.34
C CYS A 5 -14.10 7.18 -4.37
N GLY A 6 -13.09 7.98 -4.67
CA GLY A 6 -13.27 9.08 -5.61
C GLY A 6 -13.22 10.41 -4.89
N ASN A 7 -12.47 10.43 -3.80
CA ASN A 7 -12.31 11.63 -2.98
C ASN A 7 -10.84 11.90 -2.73
N LYS A 8 -9.99 11.10 -3.36
CA LYS A 8 -8.55 11.23 -3.19
C LYS A 8 -8.13 10.76 -1.80
N ILE A 9 -9.00 9.98 -1.15
CA ILE A 9 -8.72 9.47 0.17
C ILE A 9 -8.63 7.95 0.15
N LEU A 10 -7.43 7.44 0.33
CA LEU A 10 -7.23 5.99 0.34
C LEU A 10 -7.87 5.41 1.59
N GLU A 11 -9.19 5.48 1.65
CA GLU A 11 -9.94 4.99 2.79
C GLU A 11 -11.00 4.00 2.36
N GLN A 12 -11.73 4.33 1.30
CA GLN A 12 -12.77 3.44 0.79
C GLN A 12 -12.18 2.16 0.20
N GLY A 13 -11.51 1.38 1.04
CA GLY A 13 -10.91 0.12 0.59
C GLY A 13 -10.37 0.16 -0.82
N GLU A 14 -9.75 1.28 -1.20
CA GLU A 14 -9.21 1.44 -2.54
C GLU A 14 -7.71 1.15 -2.58
N ASP A 15 -6.98 1.68 -1.60
CA ASP A 15 -5.53 1.48 -1.54
C ASP A 15 -4.83 2.26 -2.65
N CYS A 16 -5.57 3.14 -3.33
CA CYS A 16 -5.04 3.95 -4.41
C CYS A 16 -6.16 4.54 -5.24
N ASP A 17 -6.68 5.69 -4.81
CA ASP A 17 -7.76 6.36 -5.53
C ASP A 17 -7.47 7.84 -5.71
N CYS A 18 -8.17 8.44 -6.67
CA CYS A 18 -8.02 9.86 -6.96
C CYS A 18 -9.36 10.57 -6.83
N GLY A 19 -9.34 11.80 -6.34
CA GLY A 19 -10.56 12.56 -6.19
C GLY A 19 -11.42 12.53 -7.45
N SER A 20 -10.78 12.78 -8.59
CA SER A 20 -11.48 12.77 -9.87
C SER A 20 -10.62 12.09 -10.94
N PRO A 21 -11.15 11.04 -11.60
CA PRO A 21 -10.43 10.31 -12.65
C PRO A 21 -9.72 11.25 -13.63
N ALA A 22 -10.27 12.45 -13.81
CA ALA A 22 -9.68 13.43 -14.72
C ALA A 22 -8.59 14.23 -14.02
N ASN A 23 -8.72 14.38 -12.72
CA ASN A 23 -7.73 15.12 -11.93
C ASN A 23 -6.89 14.17 -11.08
N CYS A 24 -6.84 12.91 -11.50
CA CYS A 24 -6.09 11.89 -10.80
C CYS A 24 -4.60 12.19 -10.81
N GLN A 25 -4.16 13.02 -9.88
CA GLN A 25 -2.76 13.42 -9.79
C GLN A 25 -1.96 12.37 -9.01
N ASP A 26 -2.13 11.10 -9.38
CA ASP A 26 -1.42 10.01 -8.72
C ASP A 26 -1.12 8.89 -9.72
N ARG A 27 0.08 8.92 -10.28
CA ARG A 27 0.49 7.91 -11.25
C ARG A 27 0.54 6.52 -10.63
N CYS A 28 0.61 6.46 -9.30
CA CYS A 28 0.65 5.18 -8.60
C CYS A 28 -0.73 4.77 -8.08
N CYS A 29 -1.69 5.68 -8.16
CA CYS A 29 -3.05 5.40 -7.71
C CYS A 29 -4.07 5.87 -8.73
N ASN A 30 -4.97 4.97 -9.13
CA ASN A 30 -6.00 5.30 -10.11
C ASN A 30 -7.40 5.30 -9.48
N ALA A 31 -8.15 6.37 -9.74
CA ALA A 31 -9.51 6.51 -9.22
C ALA A 31 -10.47 5.57 -9.93
N ALA A 32 -10.33 5.49 -11.25
CA ALA A 32 -11.18 4.64 -12.07
C ALA A 32 -11.18 3.19 -11.59
N THR A 33 -10.18 2.84 -10.77
CA THR A 33 -10.06 1.48 -10.26
C THR A 33 -10.08 1.47 -8.74
N CYS A 34 -9.76 2.61 -8.14
CA CYS A 34 -9.70 2.70 -6.70
C CYS A 34 -8.64 1.73 -6.19
N LYS A 35 -7.52 1.68 -6.90
CA LYS A 35 -6.43 0.78 -6.55
C LYS A 35 -5.13 1.19 -7.25
N LEU A 36 -4.03 0.56 -6.85
CA LEU A 36 -2.73 0.85 -7.43
C LEU A 36 -2.74 0.64 -8.94
N THR A 37 -2.22 1.63 -9.67
CA THR A 37 -2.18 1.55 -11.13
C THR A 37 -1.40 0.31 -11.59
N PRO A 38 -1.67 -0.18 -12.80
CA PRO A 38 -0.99 -1.35 -13.36
C PRO A 38 0.52 -1.17 -13.43
N GLY A 39 1.25 -1.98 -12.66
CA GLY A 39 2.70 -1.89 -12.65
C GLY A 39 3.25 -1.58 -11.28
N SER A 40 2.44 -0.90 -10.46
CA SER A 40 2.86 -0.53 -9.12
C SER A 40 2.14 -1.38 -8.07
N GLN A 41 2.89 -1.86 -7.09
CA GLN A 41 2.33 -2.69 -6.03
C GLN A 41 2.39 -1.99 -4.67
N CYS A 42 2.60 -0.68 -4.69
CA CYS A 42 2.67 0.10 -3.46
C CYS A 42 2.42 1.58 -3.73
N ASN A 43 2.32 2.34 -2.65
CA ASN A 43 2.11 3.77 -2.71
C ASN A 43 2.02 4.34 -1.30
N TYR A 44 1.49 3.53 -0.39
CA TYR A 44 1.36 3.92 1.01
C TYR A 44 1.40 2.67 1.89
N GLY A 45 2.35 2.63 2.83
CA GLY A 45 2.47 1.48 3.71
C GLY A 45 3.91 1.08 3.96
N GLU A 46 4.13 0.31 5.01
CA GLU A 46 5.46 -0.15 5.38
C GLU A 46 6.12 -0.96 4.26
N CYS A 47 5.37 -1.88 3.69
CA CYS A 47 5.87 -2.73 2.62
C CYS A 47 6.10 -1.96 1.32
N CYS A 48 5.50 -0.78 1.20
CA CYS A 48 5.64 0.02 0.00
C CYS A 48 7.06 0.55 -0.17
N ASP A 49 7.62 0.32 -1.35
CA ASP A 49 8.95 0.79 -1.69
C ASP A 49 9.10 0.97 -3.21
N GLN A 50 9.21 2.23 -3.63
CA GLN A 50 9.34 2.54 -5.06
C GLN A 50 8.09 2.13 -5.82
N CYS A 51 6.93 2.45 -5.27
CA CYS A 51 5.66 2.11 -5.90
C CYS A 51 5.51 0.60 -6.08
N ARG A 52 6.30 -0.16 -5.33
CA ARG A 52 6.25 -1.62 -5.39
C ARG A 52 6.51 -2.22 -4.01
N PHE A 53 5.67 -3.18 -3.62
CA PHE A 53 5.81 -3.83 -2.32
C PHE A 53 7.19 -4.41 -2.13
N LYS A 54 7.64 -4.43 -0.88
CA LYS A 54 8.95 -4.97 -0.57
C LYS A 54 8.93 -6.50 -0.69
N LYS A 55 9.74 -7.02 -1.61
CA LYS A 55 9.81 -8.46 -1.84
C LYS A 55 9.78 -9.22 -0.52
N ALA A 56 8.82 -10.15 -0.41
CA ALA A 56 8.67 -10.96 0.81
C ALA A 56 10.03 -11.31 1.38
N GLY A 57 10.22 -11.03 2.65
CA GLY A 57 11.50 -11.30 3.28
C GLY A 57 12.16 -10.04 3.75
N THR A 58 11.61 -8.89 3.33
CA THR A 58 12.13 -7.59 3.73
C THR A 58 11.66 -7.26 5.13
N VAL A 59 12.56 -7.35 6.11
CA VAL A 59 12.21 -7.05 7.49
C VAL A 59 11.79 -5.59 7.64
N CYS A 60 10.58 -5.37 8.12
CA CYS A 60 10.08 -4.01 8.32
C CYS A 60 9.79 -3.72 9.79
N ARG A 61 9.71 -4.77 10.60
CA ARG A 61 9.42 -4.61 12.03
C ARG A 61 10.00 -5.77 12.85
N ILE A 62 10.12 -5.54 14.15
CA ILE A 62 10.65 -6.55 15.07
C ILE A 62 10.14 -6.28 16.48
N ALA A 63 9.48 -7.27 17.06
CA ALA A 63 8.92 -7.14 18.40
C ALA A 63 9.95 -6.56 19.37
N ARG A 64 10.98 -7.34 19.67
CA ARG A 64 12.03 -6.90 20.59
C ARG A 64 13.09 -7.98 20.78
N GLY A 65 13.84 -8.27 19.72
CA GLY A 65 14.88 -9.27 19.81
C GLY A 65 15.07 -10.01 18.50
N ASP A 66 14.72 -11.29 18.50
CA ASP A 66 14.85 -12.12 17.30
C ASP A 66 14.17 -13.46 17.49
N TRP A 67 12.86 -13.48 17.25
CA TRP A 67 12.07 -14.70 17.39
C TRP A 67 11.40 -15.05 16.07
N ASN A 68 10.45 -14.23 15.67
CA ASN A 68 9.74 -14.42 14.41
C ASN A 68 10.08 -13.31 13.43
N ASP A 69 10.32 -12.11 13.97
CA ASP A 69 10.68 -10.96 13.15
C ASP A 69 9.56 -10.61 12.17
N ASP A 70 9.42 -9.31 11.90
CA ASP A 70 8.40 -8.84 10.97
C ASP A 70 8.95 -8.84 9.55
N TYR A 71 8.22 -9.46 8.63
CA TYR A 71 8.67 -9.53 7.25
C TYR A 71 7.57 -9.30 6.25
N CYS A 72 7.91 -8.56 5.20
CA CYS A 72 6.97 -8.26 4.13
C CYS A 72 6.55 -9.55 3.42
N THR A 73 5.46 -9.49 2.67
CA THR A 73 4.97 -10.65 1.95
C THR A 73 4.90 -10.39 0.44
N GLY A 74 5.17 -9.16 0.03
CA GLY A 74 5.14 -8.82 -1.37
C GLY A 74 3.75 -8.89 -1.96
N LYS A 75 2.74 -8.88 -1.10
CA LYS A 75 1.34 -8.94 -1.55
C LYS A 75 0.50 -7.86 -0.89
N SER A 76 1.13 -6.97 -0.13
CA SER A 76 0.41 -5.89 0.55
C SER A 76 1.38 -4.88 1.15
N SER A 77 0.84 -3.75 1.59
CA SER A 77 1.63 -2.69 2.19
C SER A 77 1.79 -2.90 3.70
N ASP A 78 1.41 -4.08 4.17
CA ASP A 78 1.49 -4.40 5.59
C ASP A 78 2.58 -5.44 5.86
N CYS A 79 3.35 -5.20 6.92
CA CYS A 79 4.43 -6.11 7.31
C CYS A 79 4.07 -6.81 8.62
N PRO A 80 3.71 -8.10 8.57
CA PRO A 80 3.36 -8.87 9.77
C PRO A 80 4.55 -9.23 10.64
N TRP A 81 4.45 -8.93 11.94
CA TRP A 81 5.53 -9.22 12.90
C TRP A 81 5.92 -10.69 12.87
N ASN A 82 4.98 -11.51 12.41
CA ASN A 82 5.18 -12.97 12.35
C ASN A 82 4.96 -13.59 13.73
N HIS A 83 4.12 -12.94 14.53
CA HIS A 83 3.81 -13.40 15.88
C HIS A 83 2.46 -14.09 15.91
N SER A 1 -16.05 14.27 4.14
CA SER A 1 -15.54 13.41 3.03
C SER A 1 -15.33 11.98 3.49
N PRO A 2 -16.36 11.13 3.39
CA PRO A 2 -16.28 9.72 3.81
C PRO A 2 -15.33 8.91 2.92
N PRO A 3 -15.03 7.67 3.31
CA PRO A 3 -14.15 6.78 2.55
C PRO A 3 -14.72 6.41 1.19
N VAL A 4 -14.71 7.37 0.29
CA VAL A 4 -15.22 7.16 -1.06
C VAL A 4 -14.14 7.39 -2.11
N CYS A 5 -14.26 6.72 -3.24
CA CYS A 5 -13.31 6.88 -4.32
C CYS A 5 -13.61 8.17 -5.06
N GLY A 6 -13.07 9.24 -4.51
CA GLY A 6 -13.30 10.57 -5.03
C GLY A 6 -13.54 11.54 -3.90
N ASN A 7 -12.96 11.23 -2.75
CA ASN A 7 -13.07 12.05 -1.55
C ASN A 7 -11.68 12.37 -1.02
N LYS A 8 -10.67 12.05 -1.83
CA LYS A 8 -9.28 12.25 -1.47
C LYS A 8 -8.84 11.15 -0.51
N ILE A 9 -9.70 10.13 -0.38
CA ILE A 9 -9.42 8.99 0.46
C ILE A 9 -9.40 7.75 -0.42
N LEU A 10 -8.64 6.75 -0.01
CA LEU A 10 -8.54 5.52 -0.78
C LEU A 10 -9.77 4.67 -0.52
N GLU A 11 -10.94 5.21 -0.90
CA GLU A 11 -12.21 4.53 -0.71
C GLU A 11 -12.15 3.49 0.39
N GLN A 12 -12.12 3.97 1.64
CA GLN A 12 -12.03 3.07 2.81
C GLN A 12 -11.00 1.95 2.58
N GLY A 13 -9.75 2.33 2.40
CA GLY A 13 -8.70 1.35 2.20
C GLY A 13 -8.85 0.57 0.90
N GLU A 14 -8.84 1.28 -0.22
CA GLU A 14 -8.97 0.66 -1.54
C GLU A 14 -7.60 0.44 -2.18
N ASP A 15 -6.61 1.21 -1.73
CA ASP A 15 -5.23 1.13 -2.24
C ASP A 15 -5.03 2.12 -3.37
N CYS A 16 -5.84 3.17 -3.39
CA CYS A 16 -5.74 4.21 -4.40
C CYS A 16 -6.68 5.37 -4.08
N ASP A 17 -6.14 6.38 -3.43
CA ASP A 17 -6.93 7.55 -3.06
C ASP A 17 -6.68 8.72 -4.02
N CYS A 18 -7.76 9.20 -4.62
CA CYS A 18 -7.67 10.31 -5.55
C CYS A 18 -8.97 11.10 -5.56
N GLY A 19 -8.87 12.41 -5.35
CA GLY A 19 -10.06 13.25 -5.33
C GLY A 19 -10.93 13.06 -6.55
N SER A 20 -10.31 13.09 -7.72
CA SER A 20 -11.03 12.91 -8.98
C SER A 20 -10.23 12.03 -9.93
N PRO A 21 -10.88 11.02 -10.56
CA PRO A 21 -10.20 10.12 -11.50
C PRO A 21 -9.41 10.88 -12.56
N ALA A 22 -9.85 12.10 -12.85
CA ALA A 22 -9.19 12.94 -13.84
C ALA A 22 -8.02 13.69 -13.21
N ASN A 23 -8.16 14.00 -11.92
CA ASN A 23 -7.12 14.71 -11.18
C ASN A 23 -6.42 13.77 -10.21
N CYS A 24 -6.53 12.47 -10.47
CA CYS A 24 -5.93 11.45 -9.63
C CYS A 24 -4.42 11.64 -9.57
N GLN A 25 -3.98 12.43 -8.61
CA GLN A 25 -2.56 12.71 -8.44
C GLN A 25 -1.80 11.47 -7.94
N ASP A 26 -1.98 10.36 -8.64
CA ASP A 26 -1.31 9.12 -8.28
C ASP A 26 -0.90 8.35 -9.53
N ARG A 27 0.35 8.53 -9.95
CA ARG A 27 0.85 7.88 -11.15
C ARG A 27 0.88 6.36 -10.99
N CYS A 28 0.95 5.89 -9.75
CA CYS A 28 0.98 4.46 -9.48
C CYS A 28 -0.34 3.97 -8.88
N CYS A 29 -1.42 4.69 -9.19
CA CYS A 29 -2.74 4.32 -8.70
C CYS A 29 -3.83 5.05 -9.47
N ASN A 30 -4.87 4.30 -9.87
CA ASN A 30 -5.98 4.87 -10.62
C ASN A 30 -7.25 4.93 -9.78
N ALA A 31 -7.85 6.13 -9.69
CA ALA A 31 -9.06 6.32 -8.90
C ALA A 31 -10.24 5.58 -9.51
N ALA A 32 -10.30 5.58 -10.85
CA ALA A 32 -11.38 4.90 -11.55
C ALA A 32 -11.49 3.44 -11.14
N THR A 33 -10.42 2.90 -10.58
CA THR A 33 -10.41 1.51 -10.13
C THR A 33 -10.20 1.44 -8.62
N CYS A 34 -9.66 2.51 -8.06
CA CYS A 34 -9.39 2.56 -6.64
C CYS A 34 -8.39 1.48 -6.27
N LYS A 35 -7.32 1.43 -7.06
CA LYS A 35 -6.27 0.44 -6.85
C LYS A 35 -4.95 0.90 -7.47
N LEU A 36 -3.95 0.03 -7.44
CA LEU A 36 -2.64 0.33 -8.01
C LEU A 36 -2.66 0.18 -9.53
N THR A 37 -2.11 1.18 -10.22
CA THR A 37 -2.06 1.15 -11.67
C THR A 37 -1.25 -0.04 -12.17
N PRO A 38 -1.50 -0.48 -13.41
CA PRO A 38 -0.79 -1.62 -14.00
C PRO A 38 0.73 -1.41 -14.00
N GLY A 39 1.43 -2.26 -13.26
CA GLY A 39 2.88 -2.15 -13.17
C GLY A 39 3.37 -1.87 -11.76
N SER A 40 2.51 -1.23 -10.97
CA SER A 40 2.85 -0.90 -9.59
C SER A 40 2.05 -1.76 -8.61
N GLN A 41 2.70 -2.15 -7.52
CA GLN A 41 2.05 -2.98 -6.50
C GLN A 41 1.82 -2.20 -5.21
N CYS A 42 2.69 -1.22 -4.96
CA CYS A 42 2.59 -0.41 -3.76
C CYS A 42 2.15 1.02 -4.10
N ASN A 43 2.04 1.83 -3.06
CA ASN A 43 1.65 3.23 -3.19
C ASN A 43 1.69 3.90 -1.82
N TYR A 44 1.37 3.12 -0.79
CA TYR A 44 1.36 3.60 0.58
C TYR A 44 1.53 2.41 1.54
N GLY A 45 2.37 2.58 2.54
CA GLY A 45 2.60 1.50 3.50
C GLY A 45 4.07 1.14 3.64
N GLU A 46 4.38 0.38 4.69
CA GLU A 46 5.75 -0.04 4.96
C GLU A 46 6.34 -0.83 3.80
N CYS A 47 5.57 -1.78 3.29
CA CYS A 47 6.01 -2.63 2.20
C CYS A 47 6.21 -1.84 0.90
N CYS A 48 5.56 -0.69 0.80
CA CYS A 48 5.66 0.12 -0.40
C CYS A 48 7.06 0.72 -0.58
N ASP A 49 7.63 0.47 -1.75
CA ASP A 49 8.95 0.98 -2.11
C ASP A 49 9.07 1.07 -3.63
N GLN A 50 9.10 2.30 -4.14
CA GLN A 50 9.21 2.53 -5.58
C GLN A 50 8.00 1.95 -6.31
N CYS A 51 6.81 2.20 -5.75
CA CYS A 51 5.57 1.71 -6.34
C CYS A 51 5.56 0.18 -6.42
N ARG A 52 6.37 -0.46 -5.57
CA ARG A 52 6.45 -1.92 -5.54
C ARG A 52 6.63 -2.41 -4.11
N PHE A 53 5.87 -3.44 -3.74
CA PHE A 53 5.96 -4.00 -2.40
C PHE A 53 7.32 -4.59 -2.13
N LYS A 54 7.80 -4.43 -0.90
CA LYS A 54 9.09 -4.97 -0.51
C LYS A 54 9.05 -6.49 -0.56
N LYS A 55 9.76 -7.06 -1.54
CA LYS A 55 9.80 -8.51 -1.73
C LYS A 55 9.78 -9.24 -0.40
N ALA A 56 8.88 -10.23 -0.29
CA ALA A 56 8.76 -11.01 0.93
C ALA A 56 10.13 -11.35 1.49
N GLY A 57 10.32 -11.04 2.76
CA GLY A 57 11.60 -11.29 3.39
C GLY A 57 12.27 -10.01 3.83
N THR A 58 11.69 -8.88 3.42
CA THR A 58 12.23 -7.58 3.79
C THR A 58 11.76 -7.21 5.20
N VAL A 59 12.68 -7.29 6.17
CA VAL A 59 12.34 -6.96 7.55
C VAL A 59 11.97 -5.50 7.68
N CYS A 60 10.75 -5.23 8.15
CA CYS A 60 10.28 -3.87 8.33
C CYS A 60 10.11 -3.53 9.81
N ARG A 61 9.98 -4.57 10.64
CA ARG A 61 9.80 -4.37 12.07
C ARG A 61 10.33 -5.57 12.85
N ILE A 62 10.17 -5.51 14.17
CA ILE A 62 10.62 -6.59 15.04
C ILE A 62 10.23 -6.29 16.49
N ALA A 63 9.69 -7.30 17.15
CA ALA A 63 9.25 -7.16 18.54
C ALA A 63 10.36 -6.61 19.43
N ARG A 64 11.26 -7.49 19.86
CA ARG A 64 12.37 -7.07 20.71
C ARG A 64 13.38 -8.19 20.89
N GLY A 65 14.12 -8.49 19.83
CA GLY A 65 15.12 -9.53 19.89
C GLY A 65 15.29 -10.25 18.56
N ASP A 66 14.91 -11.52 18.53
CA ASP A 66 15.02 -12.32 17.32
C ASP A 66 14.30 -13.65 17.48
N TRP A 67 13.00 -13.63 17.26
CA TRP A 67 12.17 -14.83 17.38
C TRP A 67 11.49 -15.15 16.05
N ASN A 68 10.55 -14.29 15.69
CA ASN A 68 9.82 -14.45 14.43
C ASN A 68 10.17 -13.32 13.47
N ASP A 69 10.44 -12.14 14.03
CA ASP A 69 10.80 -10.97 13.23
C ASP A 69 9.66 -10.56 12.30
N ASP A 70 9.60 -9.28 11.99
CA ASP A 70 8.57 -8.76 11.10
C ASP A 70 9.08 -8.71 9.67
N TYR A 71 8.38 -9.38 8.77
CA TYR A 71 8.81 -9.42 7.38
C TYR A 71 7.69 -9.17 6.39
N CYS A 72 8.03 -8.48 5.31
CA CYS A 72 7.08 -8.18 4.26
C CYS A 72 6.66 -9.46 3.54
N THR A 73 5.57 -9.39 2.79
CA THR A 73 5.07 -10.55 2.06
C THR A 73 5.03 -10.29 0.55
N GLY A 74 5.39 -9.08 0.14
CA GLY A 74 5.39 -8.75 -1.28
C GLY A 74 4.01 -8.83 -1.90
N LYS A 75 2.97 -8.86 -1.07
CA LYS A 75 1.60 -8.93 -1.56
C LYS A 75 0.72 -7.87 -0.90
N SER A 76 1.33 -6.99 -0.12
CA SER A 76 0.60 -5.93 0.57
C SER A 76 1.55 -4.88 1.11
N SER A 77 1.00 -3.74 1.54
CA SER A 77 1.81 -2.66 2.08
C SER A 77 1.99 -2.82 3.60
N ASP A 78 1.63 -3.98 4.13
CA ASP A 78 1.76 -4.23 5.56
C ASP A 78 2.86 -5.26 5.84
N CYS A 79 3.55 -5.06 6.95
CA CYS A 79 4.63 -5.96 7.35
C CYS A 79 4.30 -6.65 8.66
N PRO A 80 3.86 -7.91 8.62
CA PRO A 80 3.50 -8.68 9.83
C PRO A 80 4.71 -9.06 10.67
N TRP A 81 4.57 -8.97 11.99
CA TRP A 81 5.65 -9.30 12.92
C TRP A 81 5.92 -10.80 12.91
N ASN A 82 5.00 -11.55 12.34
CA ASN A 82 5.11 -13.01 12.31
C ASN A 82 4.93 -13.58 13.71
N HIS A 83 4.16 -12.85 14.54
CA HIS A 83 3.90 -13.25 15.91
C HIS A 83 2.53 -13.88 16.05
N SER A 1 -20.14 10.59 5.46
CA SER A 1 -19.37 9.46 4.88
C SER A 1 -17.93 9.86 4.58
N PRO A 2 -17.06 9.88 5.61
CA PRO A 2 -15.65 10.25 5.45
C PRO A 2 -14.98 9.51 4.29
N PRO A 3 -15.21 8.19 4.15
CA PRO A 3 -14.61 7.40 3.08
C PRO A 3 -15.29 7.65 1.75
N VAL A 4 -14.62 8.41 0.88
CA VAL A 4 -15.17 8.72 -0.44
C VAL A 4 -14.27 8.22 -1.57
N CYS A 5 -14.76 7.23 -2.31
CA CYS A 5 -14.00 6.68 -3.44
C CYS A 5 -14.18 7.58 -4.65
N GLY A 6 -13.19 8.44 -4.87
CA GLY A 6 -13.25 9.38 -5.97
C GLY A 6 -13.26 10.81 -5.46
N ASN A 7 -12.62 11.00 -4.31
CA ASN A 7 -12.54 12.30 -3.67
C ASN A 7 -11.08 12.65 -3.38
N LYS A 8 -10.18 11.74 -3.75
CA LYS A 8 -8.76 11.91 -3.54
C LYS A 8 -8.35 11.54 -2.12
N ILE A 9 -9.19 10.78 -1.44
CA ILE A 9 -8.91 10.36 -0.07
C ILE A 9 -8.89 8.84 0.03
N LEU A 10 -7.73 8.29 0.35
CA LEU A 10 -7.60 6.84 0.49
C LEU A 10 -8.32 6.39 1.75
N GLU A 11 -9.64 6.56 1.75
CA GLU A 11 -10.45 6.19 2.89
C GLU A 11 -11.55 5.21 2.50
N GLN A 12 -12.28 5.54 1.43
CA GLN A 12 -13.36 4.66 0.96
C GLN A 12 -12.83 3.35 0.38
N GLY A 13 -12.12 2.58 1.22
CA GLY A 13 -11.58 1.30 0.80
C GLY A 13 -10.99 1.34 -0.60
N GLU A 14 -10.26 2.40 -0.92
CA GLU A 14 -9.66 2.55 -2.24
C GLU A 14 -8.20 2.08 -2.23
N ASP A 15 -7.38 2.75 -1.40
CA ASP A 15 -5.97 2.42 -1.29
C ASP A 15 -5.20 2.97 -2.49
N CYS A 16 -5.87 3.82 -3.27
CA CYS A 16 -5.27 4.44 -4.45
C CYS A 16 -6.35 5.07 -5.33
N ASP A 17 -6.93 6.16 -4.84
CA ASP A 17 -7.98 6.85 -5.56
C ASP A 17 -7.56 8.27 -5.93
N CYS A 18 -8.25 8.83 -6.91
CA CYS A 18 -7.97 10.19 -7.36
C CYS A 18 -9.25 11.03 -7.34
N GLY A 19 -9.20 12.18 -6.69
CA GLY A 19 -10.36 13.06 -6.60
C GLY A 19 -11.11 13.15 -7.92
N SER A 20 -10.35 13.20 -9.02
CA SER A 20 -10.95 13.29 -10.35
C SER A 20 -10.20 12.37 -11.33
N PRO A 21 -10.88 11.36 -11.89
CA PRO A 21 -10.27 10.43 -12.85
C PRO A 21 -9.54 11.17 -13.97
N ALA A 22 -9.97 12.39 -14.25
CA ALA A 22 -9.35 13.20 -15.29
C ALA A 22 -8.15 13.96 -14.74
N ASN A 23 -8.21 14.29 -13.45
CA ASN A 23 -7.13 15.00 -12.79
C ASN A 23 -6.37 14.06 -11.84
N CYS A 24 -6.48 12.77 -12.12
CA CYS A 24 -5.83 11.76 -11.30
C CYS A 24 -4.32 11.96 -11.29
N GLN A 25 -3.85 12.81 -10.39
CA GLN A 25 -2.43 13.11 -10.27
C GLN A 25 -1.72 12.03 -9.43
N ASP A 26 -1.97 10.78 -9.77
CA ASP A 26 -1.34 9.65 -9.07
C ASP A 26 -1.08 8.50 -10.03
N ARG A 27 0.14 8.45 -10.55
CA ARG A 27 0.52 7.40 -11.49
C ARG A 27 0.45 6.02 -10.84
N CYS A 28 0.53 5.98 -9.52
CA CYS A 28 0.47 4.71 -8.80
C CYS A 28 -0.93 4.46 -8.20
N CYS A 29 -1.84 5.41 -8.41
CA CYS A 29 -3.20 5.29 -7.91
C CYS A 29 -4.21 5.76 -8.94
N ASN A 30 -5.19 4.91 -9.25
CA ASN A 30 -6.21 5.24 -10.24
C ASN A 30 -7.59 5.40 -9.61
N ALA A 31 -8.28 6.48 -9.98
CA ALA A 31 -9.61 6.76 -9.46
C ALA A 31 -10.65 5.83 -10.07
N ALA A 32 -10.53 5.61 -11.38
CA ALA A 32 -11.44 4.73 -12.09
C ALA A 32 -11.52 3.35 -11.43
N THR A 33 -10.50 3.02 -10.65
CA THR A 33 -10.46 1.74 -9.97
C THR A 33 -10.42 1.94 -8.46
N CYS A 34 -10.03 3.14 -8.03
CA CYS A 34 -9.93 3.44 -6.62
C CYS A 34 -8.96 2.47 -5.97
N LYS A 35 -7.88 2.16 -6.70
CA LYS A 35 -6.89 1.22 -6.21
C LYS A 35 -5.59 1.33 -7.01
N LEU A 36 -4.55 0.63 -6.54
CA LEU A 36 -3.25 0.64 -7.20
C LEU A 36 -3.37 0.44 -8.70
N THR A 37 -2.54 1.16 -9.45
CA THR A 37 -2.55 1.07 -10.91
C THR A 37 -1.37 0.24 -11.41
N PRO A 38 -1.31 -0.04 -12.72
CA PRO A 38 -0.22 -0.83 -13.31
C PRO A 38 1.15 -0.26 -12.96
N GLY A 39 2.00 -1.10 -12.37
CA GLY A 39 3.33 -0.66 -11.99
C GLY A 39 3.43 -0.41 -10.51
N SER A 40 2.33 0.03 -9.90
CA SER A 40 2.29 0.31 -8.48
C SER A 40 1.60 -0.83 -7.73
N GLN A 41 2.32 -1.43 -6.79
CA GLN A 41 1.76 -2.55 -6.01
C GLN A 41 1.60 -2.20 -4.54
N CYS A 42 2.26 -1.13 -4.09
CA CYS A 42 2.18 -0.73 -2.69
C CYS A 42 1.54 0.64 -2.50
N ASN A 43 2.06 1.65 -3.18
CA ASN A 43 1.56 3.02 -3.09
C ASN A 43 1.88 3.62 -1.71
N TYR A 44 1.92 2.76 -0.70
CA TYR A 44 2.21 3.19 0.67
C TYR A 44 2.10 2.01 1.63
N GLY A 45 2.92 2.01 2.68
CA GLY A 45 2.89 0.93 3.65
C GLY A 45 4.28 0.48 4.06
N GLU A 46 4.34 -0.39 5.07
CA GLU A 46 5.61 -0.90 5.55
C GLU A 46 6.38 -1.63 4.45
N CYS A 47 5.65 -2.46 3.70
CA CYS A 47 6.26 -3.22 2.61
C CYS A 47 6.42 -2.37 1.36
N CYS A 48 5.77 -1.21 1.34
CA CYS A 48 5.86 -0.31 0.19
C CYS A 48 7.26 0.27 0.01
N ASP A 49 7.72 0.25 -1.24
CA ASP A 49 9.03 0.77 -1.59
C ASP A 49 9.08 1.05 -3.10
N GLN A 50 9.01 2.33 -3.46
CA GLN A 50 9.04 2.72 -4.86
C GLN A 50 7.81 2.19 -5.59
N CYS A 51 6.66 2.27 -4.93
CA CYS A 51 5.40 1.80 -5.49
C CYS A 51 5.45 0.28 -5.73
N ARG A 52 6.34 -0.40 -5.00
CA ARG A 52 6.48 -1.84 -5.12
C ARG A 52 6.68 -2.48 -3.75
N PHE A 53 6.06 -3.64 -3.53
CA PHE A 53 6.17 -4.32 -2.25
C PHE A 53 7.58 -4.86 -2.03
N LYS A 54 8.06 -4.77 -0.80
CA LYS A 54 9.38 -5.26 -0.46
C LYS A 54 9.37 -6.78 -0.48
N LYS A 55 10.09 -7.36 -1.44
CA LYS A 55 10.17 -8.81 -1.60
C LYS A 55 10.15 -9.52 -0.25
N ALA A 56 9.26 -10.51 -0.12
CA ALA A 56 9.13 -11.27 1.11
C ALA A 56 10.51 -11.60 1.68
N GLY A 57 10.69 -11.34 2.95
CA GLY A 57 11.96 -11.58 3.58
C GLY A 57 12.62 -10.29 4.04
N THR A 58 12.08 -9.17 3.58
CA THR A 58 12.59 -7.86 3.96
C THR A 58 12.08 -7.49 5.34
N VAL A 59 12.95 -7.57 6.34
CA VAL A 59 12.58 -7.24 7.71
C VAL A 59 12.09 -5.81 7.83
N CYS A 60 10.87 -5.64 8.31
CA CYS A 60 10.29 -4.31 8.48
C CYS A 60 10.14 -3.97 9.96
N ARG A 61 10.02 -5.01 10.79
CA ARG A 61 9.87 -4.82 12.23
C ARG A 61 10.40 -6.03 13.01
N ILE A 62 10.54 -5.85 14.32
CA ILE A 62 11.04 -6.91 15.20
C ILE A 62 10.52 -6.69 16.61
N ALA A 63 9.86 -7.70 17.15
CA ALA A 63 9.29 -7.64 18.49
C ALA A 63 10.28 -7.02 19.48
N ARG A 64 11.34 -7.75 19.78
CA ARG A 64 12.36 -7.25 20.72
C ARG A 64 13.47 -8.28 20.93
N GLY A 65 14.26 -8.51 19.89
CA GLY A 65 15.35 -9.46 19.99
C GLY A 65 15.65 -10.15 18.67
N ASP A 66 15.38 -11.44 18.62
CA ASP A 66 15.62 -12.23 17.41
C ASP A 66 15.00 -13.61 17.53
N TRP A 67 13.69 -13.68 17.26
CA TRP A 67 12.96 -14.95 17.32
C TRP A 67 12.36 -15.27 15.96
N ASN A 68 11.37 -14.48 15.58
CA ASN A 68 10.70 -14.66 14.29
C ASN A 68 10.97 -13.47 13.39
N ASP A 69 11.04 -12.28 14.00
CA ASP A 69 11.30 -11.05 13.26
C ASP A 69 10.21 -10.76 12.24
N ASP A 70 9.81 -9.50 12.16
CA ASP A 70 8.78 -9.09 11.21
C ASP A 70 9.35 -9.08 9.80
N TYR A 71 8.63 -9.68 8.87
CA TYR A 71 9.11 -9.74 7.50
C TYR A 71 8.03 -9.51 6.46
N CYS A 72 8.45 -8.88 5.37
CA CYS A 72 7.56 -8.60 4.25
C CYS A 72 7.06 -9.89 3.63
N THR A 73 5.96 -9.80 2.89
CA THR A 73 5.39 -10.98 2.23
C THR A 73 5.35 -10.81 0.72
N GLY A 74 5.75 -9.64 0.24
CA GLY A 74 5.74 -9.38 -1.19
C GLY A 74 4.38 -9.56 -1.83
N LYS A 75 3.33 -9.53 -1.00
CA LYS A 75 1.96 -9.68 -1.49
C LYS A 75 1.04 -8.65 -0.86
N SER A 76 1.61 -7.68 -0.16
CA SER A 76 0.83 -6.63 0.49
C SER A 76 1.74 -5.59 1.13
N SER A 77 1.17 -4.47 1.52
CA SER A 77 1.94 -3.41 2.17
C SER A 77 2.05 -3.63 3.67
N ASP A 78 1.67 -4.83 4.11
CA ASP A 78 1.72 -5.16 5.53
C ASP A 78 2.94 -6.01 5.85
N CYS A 79 3.46 -5.84 7.07
CA CYS A 79 4.63 -6.58 7.52
C CYS A 79 4.34 -7.26 8.85
N PRO A 80 4.03 -8.57 8.84
CA PRO A 80 3.72 -9.32 10.06
C PRO A 80 4.95 -9.65 10.90
N TRP A 81 4.87 -9.33 12.20
CA TRP A 81 5.97 -9.60 13.14
C TRP A 81 6.56 -10.99 12.94
N ASN A 82 5.70 -11.90 12.51
CA ASN A 82 6.06 -13.30 12.27
C ASN A 82 5.89 -14.12 13.55
N HIS A 83 4.98 -13.68 14.41
CA HIS A 83 4.72 -14.35 15.67
C HIS A 83 3.43 -15.17 15.59
N SER A 1 -10.26 10.81 7.57
CA SER A 1 -11.20 11.06 6.44
C SER A 1 -12.08 9.84 6.19
N PRO A 2 -13.31 10.06 5.69
CA PRO A 2 -14.26 8.98 5.41
C PRO A 2 -13.86 8.16 4.19
N PRO A 3 -14.53 7.02 3.96
CA PRO A 3 -14.25 6.15 2.83
C PRO A 3 -15.02 6.57 1.58
N VAL A 4 -14.45 7.50 0.83
CA VAL A 4 -15.09 8.00 -0.39
C VAL A 4 -14.21 7.76 -1.61
N CYS A 5 -14.69 6.93 -2.53
CA CYS A 5 -13.95 6.64 -3.75
C CYS A 5 -14.19 7.76 -4.74
N GLY A 6 -13.19 8.60 -4.93
CA GLY A 6 -13.32 9.73 -5.82
C GLY A 6 -13.34 11.03 -5.04
N ASN A 7 -12.67 11.01 -3.89
CA ASN A 7 -12.58 12.17 -3.01
C ASN A 7 -11.13 12.48 -2.70
N LYS A 8 -10.22 11.73 -3.32
CA LYS A 8 -8.79 11.89 -3.11
C LYS A 8 -8.37 11.32 -1.76
N ILE A 9 -9.24 10.51 -1.17
CA ILE A 9 -8.94 9.89 0.13
C ILE A 9 -8.91 8.37 0.00
N LEU A 10 -7.72 7.80 0.03
CA LEU A 10 -7.59 6.35 -0.05
C LEU A 10 -8.18 5.72 1.20
N GLU A 11 -9.51 5.84 1.33
CA GLU A 11 -10.20 5.30 2.49
C GLU A 11 -11.30 4.34 2.05
N GLN A 12 -12.05 4.72 1.01
CA GLN A 12 -13.13 3.89 0.50
C GLN A 12 -12.60 2.58 -0.09
N GLY A 13 -12.00 1.74 0.76
CA GLY A 13 -11.45 0.47 0.32
C GLY A 13 -10.84 0.51 -1.06
N GLU A 14 -10.17 1.60 -1.37
CA GLU A 14 -9.55 1.76 -2.68
C GLU A 14 -8.06 1.42 -2.65
N ASP A 15 -7.33 2.04 -1.73
CA ASP A 15 -5.89 1.81 -1.60
C ASP A 15 -5.12 2.47 -2.75
N CYS A 16 -5.82 3.30 -3.52
CA CYS A 16 -5.22 4.01 -4.65
C CYS A 16 -6.31 4.61 -5.52
N ASP A 17 -6.85 5.74 -5.10
CA ASP A 17 -7.90 6.42 -5.83
C ASP A 17 -7.64 7.92 -5.90
N CYS A 18 -8.09 8.53 -7.00
CA CYS A 18 -7.94 9.96 -7.21
C CYS A 18 -9.28 10.66 -7.10
N GLY A 19 -9.26 11.96 -6.84
CA GLY A 19 -10.50 12.71 -6.73
C GLY A 19 -11.33 12.61 -7.99
N SER A 20 -10.69 12.81 -9.13
CA SER A 20 -11.37 12.73 -10.42
C SER A 20 -10.50 12.00 -11.45
N PRO A 21 -11.06 10.96 -12.11
CA PRO A 21 -10.32 10.19 -13.12
C PRO A 21 -9.57 11.08 -14.11
N ALA A 22 -10.06 12.28 -14.32
CA ALA A 22 -9.43 13.22 -15.24
C ALA A 22 -8.33 14.01 -14.54
N ASN A 23 -8.48 14.20 -13.24
CA ASN A 23 -7.49 14.93 -12.44
C ASN A 23 -6.71 13.97 -11.54
N CYS A 24 -6.68 12.69 -11.93
CA CYS A 24 -5.98 11.68 -11.16
C CYS A 24 -4.48 11.91 -11.21
N GLN A 25 -4.00 12.73 -10.29
CA GLN A 25 -2.57 13.04 -10.21
C GLN A 25 -1.83 11.99 -9.39
N ASP A 26 -2.09 10.72 -9.69
CA ASP A 26 -1.42 9.62 -9.00
C ASP A 26 -1.07 8.51 -9.98
N ARG A 27 0.17 8.54 -10.45
CA ARG A 27 0.64 7.54 -11.41
C ARG A 27 0.64 6.14 -10.80
N CYS A 28 0.61 6.07 -9.47
CA CYS A 28 0.61 4.79 -8.77
C CYS A 28 -0.79 4.45 -8.25
N CYS A 29 -1.74 5.38 -8.42
CA CYS A 29 -3.11 5.17 -7.95
C CYS A 29 -4.11 5.66 -8.99
N ASN A 30 -5.03 4.79 -9.38
CA ASN A 30 -6.05 5.14 -10.36
C ASN A 30 -7.44 5.19 -9.74
N ALA A 31 -8.16 6.28 -10.02
CA ALA A 31 -9.51 6.47 -9.50
C ALA A 31 -10.51 5.56 -10.21
N ALA A 32 -10.37 5.46 -11.53
CA ALA A 32 -11.25 4.64 -12.35
C ALA A 32 -11.29 3.19 -11.82
N THR A 33 -10.29 2.81 -11.03
CA THR A 33 -10.23 1.47 -10.48
C THR A 33 -10.24 1.51 -8.96
N CYS A 34 -9.97 2.69 -8.40
CA CYS A 34 -9.92 2.84 -6.96
C CYS A 34 -8.90 1.87 -6.39
N LYS A 35 -7.82 1.66 -7.14
CA LYS A 35 -6.76 0.74 -6.74
C LYS A 35 -5.44 1.14 -7.39
N LEU A 36 -4.38 0.42 -7.03
CA LEU A 36 -3.05 0.70 -7.57
C LEU A 36 -3.04 0.50 -9.08
N THR A 37 -2.39 1.42 -9.78
CA THR A 37 -2.31 1.35 -11.24
C THR A 37 -1.28 0.31 -11.68
N PRO A 38 -1.36 -0.15 -12.94
CA PRO A 38 -0.43 -1.15 -13.47
C PRO A 38 1.03 -0.75 -13.28
N GLY A 39 1.80 -1.62 -12.64
CA GLY A 39 3.20 -1.34 -12.39
C GLY A 39 3.48 -1.03 -10.94
N SER A 40 2.56 -0.31 -10.30
CA SER A 40 2.72 0.07 -8.90
C SER A 40 1.92 -0.87 -7.99
N GLN A 41 2.56 -1.37 -6.95
CA GLN A 41 1.91 -2.28 -6.01
C GLN A 41 1.71 -1.61 -4.65
N CYS A 42 2.50 -0.58 -4.37
CA CYS A 42 2.41 0.13 -3.10
C CYS A 42 2.01 1.59 -3.30
N ASN A 43 1.82 2.27 -2.18
CA ASN A 43 1.47 3.68 -2.17
C ASN A 43 1.44 4.17 -0.73
N TYR A 44 1.02 3.28 0.17
CA TYR A 44 0.96 3.57 1.59
C TYR A 44 1.07 2.25 2.36
N GLY A 45 1.82 2.26 3.46
CA GLY A 45 1.99 1.05 4.24
C GLY A 45 3.46 0.71 4.46
N GLU A 46 3.73 -0.16 5.44
CA GLU A 46 5.09 -0.57 5.76
C GLU A 46 5.81 -1.21 4.58
N CYS A 47 5.13 -2.12 3.89
CA CYS A 47 5.73 -2.82 2.76
C CYS A 47 5.89 -1.90 1.54
N CYS A 48 5.19 -0.76 1.54
CA CYS A 48 5.28 0.15 0.42
C CYS A 48 6.65 0.80 0.31
N ASP A 49 7.25 0.66 -0.87
CA ASP A 49 8.56 1.24 -1.16
C ASP A 49 8.71 1.48 -2.65
N GLN A 50 8.74 2.75 -3.05
CA GLN A 50 8.86 3.12 -4.46
C GLN A 50 7.67 2.61 -5.26
N CYS A 51 6.47 2.80 -4.71
CA CYS A 51 5.25 2.35 -5.37
C CYS A 51 5.27 0.84 -5.61
N ARG A 52 6.07 0.13 -4.81
CA ARG A 52 6.18 -1.31 -4.92
C ARG A 52 6.34 -1.95 -3.54
N PHE A 53 5.62 -3.04 -3.30
CA PHE A 53 5.68 -3.73 -2.01
C PHE A 53 7.06 -4.30 -1.75
N LYS A 54 7.44 -4.31 -0.49
CA LYS A 54 8.75 -4.84 -0.10
C LYS A 54 8.74 -6.35 -0.24
N LYS A 55 9.40 -6.83 -1.30
CA LYS A 55 9.48 -8.27 -1.58
C LYS A 55 9.46 -9.10 -0.31
N ALA A 56 8.57 -10.09 -0.27
CA ALA A 56 8.45 -10.96 0.89
C ALA A 56 9.82 -11.32 1.44
N GLY A 57 9.97 -11.19 2.74
CA GLY A 57 11.25 -11.48 3.37
C GLY A 57 11.95 -10.22 3.83
N THR A 58 11.36 -9.07 3.48
CA THR A 58 11.93 -7.78 3.86
C THR A 58 11.55 -7.43 5.30
N VAL A 59 12.50 -7.54 6.21
CA VAL A 59 12.25 -7.24 7.62
C VAL A 59 11.89 -5.77 7.78
N CYS A 60 10.67 -5.51 8.22
CA CYS A 60 10.21 -4.15 8.43
C CYS A 60 10.44 -3.73 9.88
N ARG A 61 10.31 -4.70 10.79
CA ARG A 61 10.51 -4.44 12.20
C ARG A 61 10.96 -5.71 12.93
N ILE A 62 11.16 -5.58 14.23
CA ILE A 62 11.57 -6.70 15.06
C ILE A 62 11.20 -6.42 16.51
N ALA A 63 10.54 -7.37 17.14
CA ALA A 63 10.13 -7.20 18.53
C ALA A 63 11.32 -6.73 19.37
N ARG A 64 12.24 -7.64 19.67
CA ARG A 64 13.45 -7.31 20.43
C ARG A 64 14.13 -8.56 20.99
N GLY A 65 14.87 -9.27 20.13
CA GLY A 65 15.56 -10.47 20.57
C GLY A 65 15.93 -11.40 19.44
N ASP A 66 15.16 -11.35 18.35
CA ASP A 66 15.39 -12.19 17.18
C ASP A 66 14.77 -13.57 17.39
N TRP A 67 13.46 -13.62 17.21
CA TRP A 67 12.70 -14.85 17.40
C TRP A 67 11.98 -15.25 16.12
N ASN A 68 10.98 -14.45 15.77
CA ASN A 68 10.18 -14.69 14.58
C ASN A 68 10.52 -13.66 13.51
N ASP A 69 10.90 -12.46 13.95
CA ASP A 69 11.26 -11.37 13.05
C ASP A 69 10.08 -10.95 12.19
N ASP A 70 9.79 -9.65 12.22
CA ASP A 70 8.68 -9.11 11.45
C ASP A 70 9.09 -8.91 10.00
N TYR A 71 8.37 -9.57 9.09
CA TYR A 71 8.69 -9.50 7.67
C TYR A 71 7.51 -9.11 6.79
N CYS A 72 7.84 -8.62 5.60
CA CYS A 72 6.85 -8.24 4.62
C CYS A 72 6.47 -9.44 3.76
N THR A 73 5.52 -9.26 2.85
CA THR A 73 5.09 -10.34 1.98
C THR A 73 5.13 -9.95 0.51
N GLY A 74 5.52 -8.71 0.23
CA GLY A 74 5.59 -8.23 -1.15
C GLY A 74 4.27 -8.40 -1.89
N LYS A 75 3.18 -8.53 -1.15
CA LYS A 75 1.87 -8.68 -1.75
C LYS A 75 0.94 -7.55 -1.32
N SER A 76 1.12 -7.07 -0.10
CA SER A 76 0.31 -5.99 0.43
C SER A 76 1.18 -4.98 1.18
N SER A 77 0.57 -3.88 1.60
CA SER A 77 1.29 -2.84 2.34
C SER A 77 1.42 -3.20 3.82
N ASP A 78 0.93 -4.39 4.19
CA ASP A 78 1.01 -4.84 5.57
C ASP A 78 2.22 -5.74 5.77
N CYS A 79 2.86 -5.60 6.92
CA CYS A 79 4.04 -6.39 7.23
C CYS A 79 3.85 -7.20 8.51
N PRO A 80 3.63 -8.53 8.39
CA PRO A 80 3.43 -9.41 9.55
C PRO A 80 4.65 -9.41 10.46
N TRP A 81 4.47 -9.92 11.69
CA TRP A 81 5.55 -9.98 12.66
C TRP A 81 6.23 -11.34 12.63
N ASN A 82 5.42 -12.36 12.40
CA ASN A 82 5.86 -13.76 12.40
C ASN A 82 5.64 -14.38 13.77
N HIS A 83 5.04 -13.59 14.67
CA HIS A 83 4.75 -14.04 16.02
C HIS A 83 3.39 -14.72 16.10
N SER A 1 -18.84 10.53 4.34
CA SER A 1 -18.30 9.46 5.22
C SER A 1 -16.81 9.24 4.96
N PRO A 2 -16.06 8.81 6.00
CA PRO A 2 -14.63 8.55 5.89
C PRO A 2 -14.24 7.85 4.58
N PRO A 3 -14.84 6.68 4.30
CA PRO A 3 -14.56 5.92 3.08
C PRO A 3 -15.14 6.57 1.83
N VAL A 4 -14.33 7.35 1.12
CA VAL A 4 -14.79 8.01 -0.09
C VAL A 4 -13.97 7.59 -1.31
N CYS A 5 -14.59 6.83 -2.21
CA CYS A 5 -13.93 6.38 -3.42
C CYS A 5 -14.11 7.42 -4.52
N GLY A 6 -13.08 8.23 -4.72
CA GLY A 6 -13.15 9.29 -5.71
C GLY A 6 -13.08 10.65 -5.03
N ASN A 7 -12.40 10.68 -3.89
CA ASN A 7 -12.24 11.89 -3.11
C ASN A 7 -10.77 12.10 -2.74
N LYS A 8 -9.91 11.24 -3.29
CA LYS A 8 -8.49 11.30 -3.02
C LYS A 8 -8.17 10.80 -1.62
N ILE A 9 -9.13 10.09 -1.01
CA ILE A 9 -8.95 9.54 0.33
C ILE A 9 -8.92 8.03 0.29
N LEU A 10 -7.76 7.46 0.56
CA LEU A 10 -7.62 6.00 0.58
C LEU A 10 -8.38 5.44 1.77
N GLU A 11 -9.70 5.62 1.75
CA GLU A 11 -10.54 5.17 2.83
C GLU A 11 -11.63 4.20 2.32
N GLN A 12 -12.32 4.59 1.25
CA GLN A 12 -13.37 3.73 0.70
C GLN A 12 -12.77 2.47 0.06
N GLY A 13 -12.11 1.66 0.87
CA GLY A 13 -11.51 0.42 0.38
C GLY A 13 -10.89 0.55 -1.00
N GLU A 14 -10.23 1.68 -1.24
CA GLU A 14 -9.61 1.92 -2.54
C GLU A 14 -8.15 1.44 -2.55
N ASP A 15 -7.35 2.02 -1.66
CA ASP A 15 -5.94 1.67 -1.56
C ASP A 15 -5.13 2.33 -2.68
N CYS A 16 -5.78 3.26 -3.38
CA CYS A 16 -5.14 3.99 -4.49
C CYS A 16 -6.20 4.71 -5.30
N ASP A 17 -6.77 5.77 -4.73
CA ASP A 17 -7.81 6.53 -5.41
C ASP A 17 -7.43 8.01 -5.51
N CYS A 18 -8.07 8.69 -6.45
CA CYS A 18 -7.84 10.12 -6.65
C CYS A 18 -9.17 10.87 -6.60
N GLY A 19 -9.14 12.07 -6.03
CA GLY A 19 -10.35 12.88 -5.95
C GLY A 19 -11.10 12.93 -7.26
N SER A 20 -10.36 13.19 -8.34
CA SER A 20 -10.96 13.27 -9.67
C SER A 20 -10.07 12.57 -10.70
N PRO A 21 -10.62 11.60 -11.46
CA PRO A 21 -9.87 10.87 -12.48
C PRO A 21 -9.04 11.79 -13.38
N ALA A 22 -9.51 13.03 -13.53
CA ALA A 22 -8.80 14.01 -14.35
C ALA A 22 -7.72 14.71 -13.55
N ASN A 23 -7.92 14.81 -12.24
CA ASN A 23 -6.94 15.45 -11.36
C ASN A 23 -6.21 14.41 -10.52
N CYS A 24 -6.20 13.17 -11.00
CA CYS A 24 -5.54 12.07 -10.30
C CYS A 24 -4.04 12.28 -10.26
N GLN A 25 -3.59 13.02 -9.27
CA GLN A 25 -2.16 13.31 -9.11
C GLN A 25 -1.43 12.16 -8.40
N ASP A 26 -1.75 10.93 -8.82
CA ASP A 26 -1.11 9.75 -8.23
C ASP A 26 -0.77 8.75 -9.33
N ARG A 27 0.47 8.80 -9.80
CA ARG A 27 0.91 7.90 -10.86
C ARG A 27 0.87 6.44 -10.41
N CYS A 28 0.84 6.22 -9.10
CA CYS A 28 0.79 4.87 -8.54
C CYS A 28 -0.62 4.50 -8.09
N CYS A 29 -1.54 5.46 -8.19
CA CYS A 29 -2.93 5.23 -7.77
C CYS A 29 -3.90 5.79 -8.80
N ASN A 30 -4.90 4.99 -9.19
CA ASN A 30 -5.89 5.42 -10.17
C ASN A 30 -7.27 5.58 -9.55
N ALA A 31 -7.90 6.72 -9.82
CA ALA A 31 -9.24 7.02 -9.32
C ALA A 31 -10.29 6.18 -10.05
N ALA A 32 -10.16 6.12 -11.37
CA ALA A 32 -11.08 5.36 -12.20
C ALA A 32 -11.26 3.93 -11.69
N THR A 33 -10.30 3.46 -10.90
CA THR A 33 -10.35 2.11 -10.36
C THR A 33 -10.38 2.14 -8.84
N CYS A 34 -9.96 3.26 -8.27
CA CYS A 34 -9.91 3.39 -6.82
C CYS A 34 -8.99 2.31 -6.26
N LYS A 35 -7.90 2.06 -6.98
CA LYS A 35 -6.94 1.05 -6.58
C LYS A 35 -5.60 1.24 -7.30
N LEU A 36 -4.60 0.48 -6.89
CA LEU A 36 -3.26 0.56 -7.48
C LEU A 36 -3.33 0.52 -9.02
N THR A 37 -2.53 1.38 -9.65
CA THR A 37 -2.50 1.44 -11.11
C THR A 37 -1.60 0.34 -11.68
N PRO A 38 -1.66 0.10 -12.99
CA PRO A 38 -0.84 -0.93 -13.63
C PRO A 38 0.63 -0.77 -13.29
N GLY A 39 1.19 -1.77 -12.61
CA GLY A 39 2.58 -1.71 -12.21
C GLY A 39 2.75 -1.32 -10.76
N SER A 40 1.70 -0.71 -10.18
CA SER A 40 1.73 -0.29 -8.80
C SER A 40 1.39 -1.45 -7.87
N GLN A 41 2.36 -1.87 -7.07
CA GLN A 41 2.15 -2.98 -6.15
C GLN A 41 2.23 -2.53 -4.69
N CYS A 42 2.13 -1.22 -4.46
CA CYS A 42 2.20 -0.70 -3.09
C CYS A 42 1.74 0.76 -3.02
N ASN A 43 2.35 1.63 -3.82
CA ASN A 43 2.01 3.05 -3.85
C ASN A 43 2.39 3.75 -2.54
N TYR A 44 2.42 2.98 -1.45
CA TYR A 44 2.76 3.51 -0.14
C TYR A 44 2.65 2.41 0.92
N GLY A 45 3.34 2.59 2.05
CA GLY A 45 3.28 1.60 3.11
C GLY A 45 4.65 1.06 3.48
N GLU A 46 4.71 0.33 4.58
CA GLU A 46 5.96 -0.25 5.06
C GLU A 46 6.55 -1.18 4.01
N CYS A 47 5.71 -2.04 3.44
CA CYS A 47 6.15 -2.99 2.43
C CYS A 47 6.37 -2.31 1.08
N CYS A 48 5.83 -1.10 0.92
CA CYS A 48 5.97 -0.38 -0.34
C CYS A 48 7.42 0.05 -0.58
N ASP A 49 7.85 -0.12 -1.83
CA ASP A 49 9.20 0.24 -2.25
C ASP A 49 9.27 0.42 -3.76
N GLN A 50 9.29 1.67 -4.21
CA GLN A 50 9.35 1.97 -5.63
C GLN A 50 8.07 1.47 -6.32
N CYS A 51 6.93 1.69 -5.67
CA CYS A 51 5.64 1.27 -6.20
C CYS A 51 5.57 -0.25 -6.32
N ARG A 52 6.39 -0.95 -5.53
CA ARG A 52 6.42 -2.40 -5.54
C ARG A 52 6.65 -2.93 -4.13
N PHE A 53 5.85 -3.91 -3.72
CA PHE A 53 5.97 -4.49 -2.39
C PHE A 53 7.35 -5.08 -2.16
N LYS A 54 7.82 -5.01 -0.93
CA LYS A 54 9.12 -5.55 -0.58
C LYS A 54 9.08 -7.07 -0.60
N LYS A 55 9.79 -7.67 -1.55
CA LYS A 55 9.82 -9.12 -1.69
C LYS A 55 9.80 -9.81 -0.32
N ALA A 56 8.86 -10.74 -0.15
CA ALA A 56 8.73 -11.47 1.11
C ALA A 56 10.10 -11.81 1.67
N GLY A 57 10.30 -11.46 2.93
CA GLY A 57 11.58 -11.70 3.56
C GLY A 57 12.26 -10.41 3.96
N THR A 58 11.72 -9.29 3.48
CA THR A 58 12.26 -7.98 3.81
C THR A 58 11.80 -7.55 5.20
N VAL A 59 12.71 -7.57 6.16
CA VAL A 59 12.39 -7.19 7.53
C VAL A 59 12.02 -5.71 7.63
N CYS A 60 10.81 -5.43 8.08
CA CYS A 60 10.35 -4.06 8.24
C CYS A 60 10.22 -3.67 9.71
N ARG A 61 10.08 -4.66 10.57
CA ARG A 61 9.94 -4.43 12.01
C ARG A 61 10.44 -5.61 12.83
N ILE A 62 10.54 -5.40 14.14
CA ILE A 62 10.99 -6.43 15.06
C ILE A 62 10.46 -6.14 16.47
N ALA A 63 9.75 -7.10 17.04
CA ALA A 63 9.18 -6.93 18.38
C ALA A 63 10.20 -6.34 19.34
N ARG A 64 11.20 -7.14 19.70
CA ARG A 64 12.24 -6.70 20.62
C ARG A 64 13.26 -7.80 20.87
N GLY A 65 14.05 -8.12 19.84
CA GLY A 65 15.06 -9.15 19.98
C GLY A 65 15.29 -9.92 18.70
N ASP A 66 14.92 -11.19 18.69
CA ASP A 66 15.08 -12.02 17.51
C ASP A 66 14.36 -13.35 17.68
N TRP A 67 13.05 -13.34 17.41
CA TRP A 67 12.23 -14.54 17.54
C TRP A 67 11.59 -14.88 16.20
N ASN A 68 10.67 -14.02 15.78
CA ASN A 68 9.97 -14.20 14.50
C ASN A 68 10.35 -13.07 13.55
N ASP A 69 10.53 -11.87 14.10
CA ASP A 69 10.89 -10.70 13.30
C ASP A 69 9.81 -10.36 12.29
N ASP A 70 9.60 -9.07 12.08
CA ASP A 70 8.59 -8.61 11.14
C ASP A 70 9.12 -8.72 9.72
N TYR A 71 8.35 -9.38 8.86
CA TYR A 71 8.79 -9.56 7.48
C TYR A 71 7.67 -9.35 6.47
N CYS A 72 8.03 -8.74 5.34
CA CYS A 72 7.09 -8.50 4.27
C CYS A 72 6.65 -9.81 3.64
N THR A 73 5.55 -9.78 2.90
CA THR A 73 5.03 -10.98 2.25
C THR A 73 4.92 -10.79 0.74
N GLY A 74 5.40 -9.66 0.24
CA GLY A 74 5.34 -9.39 -1.19
C GLY A 74 3.93 -9.48 -1.74
N LYS A 75 2.94 -9.28 -0.87
CA LYS A 75 1.54 -9.34 -1.29
C LYS A 75 0.70 -8.27 -0.60
N SER A 76 1.36 -7.29 -0.01
CA SER A 76 0.65 -6.21 0.68
C SER A 76 1.63 -5.15 1.19
N SER A 77 1.09 -3.97 1.51
CA SER A 77 1.90 -2.86 2.01
C SER A 77 2.05 -2.92 3.52
N ASP A 78 1.67 -4.06 4.11
CA ASP A 78 1.76 -4.23 5.56
C ASP A 78 2.76 -5.33 5.92
N CYS A 79 3.77 -4.97 6.69
CA CYS A 79 4.80 -5.91 7.13
C CYS A 79 4.44 -6.47 8.51
N PRO A 80 3.95 -7.72 8.58
CA PRO A 80 3.56 -8.35 9.85
C PRO A 80 4.75 -8.74 10.73
N TRP A 81 4.65 -8.40 12.02
CA TRP A 81 5.71 -8.71 13.00
C TRP A 81 6.15 -10.17 12.87
N ASN A 82 5.24 -11.01 12.41
CA ASN A 82 5.48 -12.44 12.25
C ASN A 82 5.25 -13.16 13.58
N HIS A 83 4.38 -12.58 14.40
CA HIS A 83 4.06 -13.14 15.71
C HIS A 83 2.74 -13.89 15.67
N SER A 1 -10.87 10.60 8.34
CA SER A 1 -11.96 10.68 7.32
C SER A 1 -12.49 9.29 6.98
N PRO A 2 -13.77 9.20 6.58
CA PRO A 2 -14.40 7.92 6.22
C PRO A 2 -13.85 7.36 4.90
N PRO A 3 -14.23 6.12 4.55
CA PRO A 3 -13.79 5.46 3.33
C PRO A 3 -14.54 5.97 2.11
N VAL A 4 -13.90 6.83 1.33
CA VAL A 4 -14.51 7.38 0.13
C VAL A 4 -13.71 7.03 -1.13
N CYS A 5 -14.28 6.17 -1.95
CA CYS A 5 -13.64 5.77 -3.20
C CYS A 5 -13.90 6.83 -4.24
N GLY A 6 -12.87 7.59 -4.58
CA GLY A 6 -13.02 8.67 -5.54
C GLY A 6 -13.01 10.01 -4.85
N ASN A 7 -12.30 10.05 -3.72
CA ASN A 7 -12.17 11.24 -2.92
C ASN A 7 -10.70 11.52 -2.64
N LYS A 8 -9.85 10.74 -3.29
CA LYS A 8 -8.41 10.86 -3.13
C LYS A 8 -7.99 10.27 -1.79
N ILE A 9 -8.85 9.45 -1.21
CA ILE A 9 -8.58 8.81 0.07
C ILE A 9 -8.33 7.33 -0.10
N LEU A 10 -7.23 6.85 0.44
CA LEU A 10 -6.91 5.44 0.40
C LEU A 10 -7.56 4.77 1.60
N GLU A 11 -8.89 4.89 1.67
CA GLU A 11 -9.64 4.33 2.78
C GLU A 11 -10.75 3.43 2.29
N GLN A 12 -11.53 3.91 1.30
CA GLN A 12 -12.62 3.09 0.76
C GLN A 12 -12.09 1.84 0.06
N GLY A 13 -11.50 0.94 0.84
CA GLY A 13 -10.96 -0.31 0.30
C GLY A 13 -10.37 -0.18 -1.09
N GLU A 14 -9.77 0.97 -1.37
CA GLU A 14 -9.17 1.20 -2.69
C GLU A 14 -7.67 0.95 -2.68
N ASP A 15 -6.98 1.48 -1.67
CA ASP A 15 -5.52 1.32 -1.57
C ASP A 15 -4.81 2.10 -2.67
N CYS A 16 -5.56 2.96 -3.36
CA CYS A 16 -5.00 3.78 -4.44
C CYS A 16 -6.12 4.40 -5.27
N ASP A 17 -6.56 5.59 -4.86
CA ASP A 17 -7.63 6.29 -5.57
C ASP A 17 -7.38 7.79 -5.61
N CYS A 18 -8.03 8.45 -6.55
CA CYS A 18 -7.91 9.89 -6.72
C CYS A 18 -9.29 10.55 -6.59
N GLY A 19 -9.33 11.73 -6.00
CA GLY A 19 -10.59 12.44 -5.84
C GLY A 19 -11.39 12.49 -7.14
N SER A 20 -10.70 12.73 -8.25
CA SER A 20 -11.34 12.79 -9.55
C SER A 20 -10.50 12.08 -10.61
N PRO A 21 -11.03 11.01 -11.23
CA PRO A 21 -10.31 10.25 -12.27
C PRO A 21 -9.65 11.16 -13.30
N ALA A 22 -10.23 12.34 -13.50
CA ALA A 22 -9.69 13.30 -14.45
C ALA A 22 -8.55 14.10 -13.85
N ASN A 23 -8.62 14.31 -12.53
CA ASN A 23 -7.60 15.05 -11.81
C ASN A 23 -6.77 14.10 -10.96
N CYS A 24 -6.76 12.82 -11.32
CA CYS A 24 -6.02 11.80 -10.60
C CYS A 24 -4.53 12.08 -10.65
N GLN A 25 -4.08 12.89 -9.70
CA GLN A 25 -2.67 13.26 -9.61
C GLN A 25 -1.87 12.19 -8.86
N ASP A 26 -2.10 10.92 -9.20
CA ASP A 26 -1.39 9.82 -8.57
C ASP A 26 -1.05 8.75 -9.60
N ARG A 27 0.17 8.82 -10.12
CA ARG A 27 0.62 7.86 -11.12
C ARG A 27 0.66 6.44 -10.56
N CYS A 28 0.70 6.33 -9.23
CA CYS A 28 0.75 5.02 -8.58
C CYS A 28 -0.64 4.61 -8.07
N CYS A 29 -1.61 5.52 -8.17
CA CYS A 29 -2.97 5.24 -7.72
C CYS A 29 -3.99 5.75 -8.72
N ASN A 30 -4.91 4.87 -9.14
CA ASN A 30 -5.94 5.23 -10.10
C ASN A 30 -7.33 5.21 -9.46
N ALA A 31 -8.08 6.30 -9.67
CA ALA A 31 -9.42 6.41 -9.12
C ALA A 31 -10.41 5.51 -9.86
N ALA A 32 -10.29 5.49 -11.19
CA ALA A 32 -11.15 4.68 -12.04
C ALA A 32 -11.15 3.21 -11.60
N THR A 33 -10.15 2.83 -10.82
CA THR A 33 -10.04 1.45 -10.36
C THR A 33 -10.05 1.39 -8.83
N CYS A 34 -9.74 2.51 -8.20
CA CYS A 34 -9.67 2.55 -6.75
C CYS A 34 -8.60 1.57 -6.28
N LYS A 35 -7.48 1.54 -7.01
CA LYS A 35 -6.39 0.63 -6.68
C LYS A 35 -5.10 1.06 -7.37
N LEU A 36 -3.99 0.43 -6.98
CA LEU A 36 -2.69 0.75 -7.57
C LEU A 36 -2.72 0.59 -9.09
N THR A 37 -2.19 1.60 -9.79
CA THR A 37 -2.15 1.57 -11.25
C THR A 37 -1.40 0.34 -11.75
N PRO A 38 -1.58 -0.01 -13.04
CA PRO A 38 -0.91 -1.17 -13.64
C PRO A 38 0.60 -0.99 -13.70
N GLY A 39 1.32 -1.85 -12.98
CA GLY A 39 2.77 -1.77 -12.97
C GLY A 39 3.33 -1.51 -11.59
N SER A 40 2.52 -0.88 -10.74
CA SER A 40 2.94 -0.57 -9.38
C SER A 40 2.12 -1.35 -8.36
N GLN A 41 2.76 -1.72 -7.25
CA GLN A 41 2.09 -2.48 -6.21
C GLN A 41 1.97 -1.65 -4.93
N CYS A 42 2.91 -0.74 -4.71
CA CYS A 42 2.89 0.10 -3.52
C CYS A 42 2.59 1.55 -3.88
N ASN A 43 2.64 2.41 -2.86
CA ASN A 43 2.41 3.84 -3.00
C ASN A 43 2.38 4.49 -1.62
N TYR A 44 1.94 3.73 -0.63
CA TYR A 44 1.87 4.19 0.74
C TYR A 44 1.91 3.00 1.70
N GLY A 45 2.90 2.97 2.59
CA GLY A 45 3.03 1.89 3.53
C GLY A 45 4.46 1.43 3.71
N GLU A 46 4.69 0.61 4.74
CA GLU A 46 6.03 0.11 5.05
C GLU A 46 6.60 -0.72 3.90
N CYS A 47 5.80 -1.63 3.35
CA CYS A 47 6.25 -2.48 2.27
C CYS A 47 6.50 -1.69 0.98
N CYS A 48 5.98 -0.48 0.90
CA CYS A 48 6.14 0.34 -0.29
C CYS A 48 7.58 0.78 -0.50
N ASP A 49 8.08 0.55 -1.72
CA ASP A 49 9.43 0.94 -2.10
C ASP A 49 9.52 1.11 -3.61
N GLN A 50 9.60 2.37 -4.06
CA GLN A 50 9.68 2.68 -5.48
C GLN A 50 8.40 2.26 -6.20
N CYS A 51 7.26 2.53 -5.58
CA CYS A 51 5.97 2.18 -6.16
C CYS A 51 5.83 0.67 -6.29
N ARG A 52 6.66 -0.07 -5.57
CA ARG A 52 6.63 -1.53 -5.60
C ARG A 52 6.82 -2.09 -4.19
N PHE A 53 5.96 -3.03 -3.80
CA PHE A 53 6.03 -3.63 -2.47
C PHE A 53 7.35 -4.36 -2.27
N LYS A 54 7.83 -4.35 -1.03
CA LYS A 54 9.07 -5.02 -0.70
C LYS A 54 8.85 -6.53 -0.70
N LYS A 55 9.48 -7.22 -1.64
CA LYS A 55 9.35 -8.66 -1.77
C LYS A 55 9.25 -9.35 -0.41
N ALA A 56 8.23 -10.20 -0.25
CA ALA A 56 8.01 -10.91 1.00
C ALA A 56 9.34 -11.41 1.55
N GLY A 57 9.58 -11.12 2.82
CA GLY A 57 10.82 -11.52 3.44
C GLY A 57 11.65 -10.32 3.87
N THR A 58 11.25 -9.14 3.39
CA THR A 58 11.93 -7.91 3.75
C THR A 58 11.48 -7.44 5.14
N VAL A 59 12.36 -7.63 6.13
CA VAL A 59 12.03 -7.24 7.50
C VAL A 59 11.73 -5.75 7.60
N CYS A 60 10.54 -5.43 8.08
CA CYS A 60 10.13 -4.04 8.25
C CYS A 60 10.12 -3.66 9.73
N ARG A 61 9.88 -4.66 10.58
CA ARG A 61 9.84 -4.44 12.02
C ARG A 61 10.21 -5.70 12.80
N ILE A 62 10.38 -5.54 14.11
CA ILE A 62 10.75 -6.64 15.00
C ILE A 62 10.32 -6.32 16.42
N ALA A 63 9.56 -7.21 17.03
CA ALA A 63 9.09 -7.01 18.39
C ALA A 63 10.22 -6.54 19.31
N ARG A 64 11.16 -7.42 19.58
CA ARG A 64 12.30 -7.09 20.44
C ARG A 64 13.23 -8.30 20.64
N GLY A 65 13.91 -8.69 19.58
CA GLY A 65 14.82 -9.81 19.65
C GLY A 65 14.92 -10.58 18.36
N ASP A 66 14.42 -11.81 18.36
CA ASP A 66 14.45 -12.66 17.17
C ASP A 66 13.60 -13.91 17.37
N TRP A 67 12.30 -13.75 17.18
CA TRP A 67 11.35 -14.86 17.33
C TRP A 67 10.62 -15.11 16.03
N ASN A 68 9.77 -14.17 15.66
CA ASN A 68 8.99 -14.24 14.43
C ASN A 68 9.44 -13.16 13.46
N ASP A 69 9.76 -11.99 14.01
CA ASP A 69 10.22 -10.85 13.21
C ASP A 69 9.16 -10.40 12.22
N ASP A 70 9.07 -9.09 12.02
CA ASP A 70 8.11 -8.53 11.08
C ASP A 70 8.64 -8.61 9.66
N TYR A 71 7.83 -9.11 8.75
CA TYR A 71 8.28 -9.26 7.36
C TYR A 71 7.23 -8.89 6.34
N CYS A 72 7.70 -8.36 5.22
CA CYS A 72 6.84 -7.98 4.12
C CYS A 72 6.18 -9.21 3.52
N THR A 73 5.10 -9.00 2.77
CA THR A 73 4.37 -10.10 2.14
C THR A 73 4.36 -9.97 0.62
N GLY A 74 4.74 -8.80 0.12
CA GLY A 74 4.76 -8.58 -1.32
C GLY A 74 3.39 -8.52 -1.93
N LYS A 75 2.36 -8.46 -1.09
CA LYS A 75 0.98 -8.39 -1.57
C LYS A 75 0.23 -7.24 -0.90
N SER A 76 0.96 -6.34 -0.26
CA SER A 76 0.37 -5.19 0.41
C SER A 76 1.45 -4.29 1.00
N SER A 77 1.04 -3.09 1.41
CA SER A 77 1.97 -2.14 2.01
C SER A 77 2.08 -2.33 3.52
N ASP A 78 1.54 -3.45 4.00
CA ASP A 78 1.58 -3.75 5.43
C ASP A 78 2.69 -4.75 5.75
N CYS A 79 3.21 -4.66 6.96
CA CYS A 79 4.29 -5.55 7.39
C CYS A 79 3.93 -6.18 8.75
N PRO A 80 3.44 -7.43 8.73
CA PRO A 80 3.07 -8.15 9.97
C PRO A 80 4.27 -8.62 10.78
N TRP A 81 4.27 -8.32 12.07
CA TRP A 81 5.35 -8.73 12.97
C TRP A 81 5.58 -10.24 12.92
N ASN A 82 4.54 -10.95 12.51
CA ASN A 82 4.58 -12.41 12.44
C ASN A 82 4.31 -12.99 13.82
N HIS A 83 3.56 -12.24 14.63
CA HIS A 83 3.23 -12.65 15.99
C HIS A 83 1.81 -13.20 16.06
N SER A 1 -18.87 10.23 3.43
CA SER A 1 -17.80 10.21 4.47
C SER A 1 -16.42 10.35 3.85
N PRO A 2 -15.49 11.04 4.54
CA PRO A 2 -14.13 11.26 4.06
C PRO A 2 -13.55 10.06 3.32
N PRO A 3 -13.68 8.84 3.87
CA PRO A 3 -13.17 7.62 3.25
C PRO A 3 -13.92 7.26 1.96
N VAL A 4 -13.88 8.16 0.99
CA VAL A 4 -14.55 7.95 -0.29
C VAL A 4 -13.57 7.99 -1.44
N CYS A 5 -13.89 7.27 -2.52
CA CYS A 5 -13.02 7.25 -3.70
C CYS A 5 -13.28 8.51 -4.50
N GLY A 6 -12.53 9.55 -4.15
CA GLY A 6 -12.66 10.84 -4.78
C GLY A 6 -12.55 11.95 -3.77
N ASN A 7 -11.78 11.67 -2.71
CA ASN A 7 -11.55 12.61 -1.63
C ASN A 7 -10.07 12.65 -1.30
N LYS A 8 -9.27 12.09 -2.20
CA LYS A 8 -7.83 12.01 -2.02
C LYS A 8 -7.50 10.89 -1.04
N ILE A 9 -8.49 10.01 -0.86
CA ILE A 9 -8.36 8.87 0.03
C ILE A 9 -8.81 7.62 -0.70
N LEU A 10 -8.25 6.48 -0.32
CA LEU A 10 -8.61 5.22 -0.95
C LEU A 10 -9.95 4.74 -0.42
N GLU A 11 -11.00 5.54 -0.66
CA GLU A 11 -12.34 5.22 -0.20
C GLU A 11 -12.31 4.34 1.03
N GLN A 12 -11.65 4.84 2.06
CA GLN A 12 -11.52 4.11 3.32
C GLN A 12 -10.53 2.96 3.19
N GLY A 13 -10.95 1.86 2.58
CA GLY A 13 -10.08 0.72 2.43
C GLY A 13 -10.11 0.16 1.01
N GLU A 14 -9.73 0.98 0.05
CA GLU A 14 -9.71 0.57 -1.35
C GLU A 14 -8.32 0.12 -1.78
N ASP A 15 -7.30 0.78 -1.23
CA ASP A 15 -5.89 0.46 -1.49
C ASP A 15 -5.30 1.28 -2.63
N CYS A 16 -5.96 2.38 -3.00
CA CYS A 16 -5.48 3.26 -4.07
C CYS A 16 -6.62 4.07 -4.67
N ASP A 17 -6.49 5.39 -4.61
CA ASP A 17 -7.52 6.28 -5.15
C ASP A 17 -6.99 7.69 -5.35
N CYS A 18 -7.70 8.46 -6.17
CA CYS A 18 -7.34 9.84 -6.47
C CYS A 18 -8.53 10.76 -6.21
N GLY A 19 -8.26 12.05 -6.03
CA GLY A 19 -9.33 12.98 -5.79
C GLY A 19 -10.36 12.95 -6.90
N SER A 20 -9.89 12.99 -8.13
CA SER A 20 -10.76 12.94 -9.31
C SER A 20 -10.17 12.05 -10.39
N PRO A 21 -10.90 11.01 -10.83
CA PRO A 21 -10.43 10.09 -11.87
C PRO A 21 -9.76 10.81 -13.04
N ALA A 22 -10.19 12.04 -13.30
CA ALA A 22 -9.64 12.84 -14.39
C ALA A 22 -8.37 13.56 -13.95
N ASN A 23 -8.32 13.90 -12.67
CA ASN A 23 -7.16 14.59 -12.11
C ASN A 23 -6.36 13.64 -11.22
N CYS A 24 -6.52 12.35 -11.46
CA CYS A 24 -5.81 11.34 -10.69
C CYS A 24 -4.31 11.46 -10.87
N GLN A 25 -3.70 12.31 -10.05
CA GLN A 25 -2.26 12.52 -10.11
C GLN A 25 -1.52 11.46 -9.30
N ASP A 26 -1.82 10.20 -9.58
CA ASP A 26 -1.17 9.09 -8.90
C ASP A 26 -1.02 7.90 -9.83
N ARG A 27 0.16 7.80 -10.44
CA ARG A 27 0.43 6.72 -11.38
C ARG A 27 0.40 5.35 -10.68
N CYS A 28 0.48 5.38 -9.34
CA CYS A 28 0.47 4.13 -8.56
C CYS A 28 -0.94 3.82 -8.05
N CYS A 29 -1.79 4.85 -7.97
CA CYS A 29 -3.15 4.67 -7.49
C CYS A 29 -4.17 5.25 -8.45
N ASN A 30 -5.14 4.43 -8.85
CA ASN A 30 -6.19 4.86 -9.76
C ASN A 30 -7.54 4.90 -9.07
N ALA A 31 -8.22 6.05 -9.18
CA ALA A 31 -9.53 6.24 -8.57
C ALA A 31 -10.59 5.43 -9.31
N ALA A 32 -10.54 5.49 -10.64
CA ALA A 32 -11.48 4.76 -11.48
C ALA A 32 -11.57 3.29 -11.10
N THR A 33 -10.55 2.79 -10.41
CA THR A 33 -10.51 1.40 -9.99
C THR A 33 -10.47 1.28 -8.48
N CYS A 34 -10.00 2.34 -7.83
CA CYS A 34 -9.90 2.34 -6.38
C CYS A 34 -8.90 1.28 -5.95
N LYS A 35 -7.85 1.13 -6.75
CA LYS A 35 -6.80 0.15 -6.47
C LYS A 35 -5.52 0.51 -7.24
N LEU A 36 -4.45 -0.21 -6.93
CA LEU A 36 -3.16 0.03 -7.59
C LEU A 36 -3.28 -0.16 -9.10
N THR A 37 -2.54 0.66 -9.85
CA THR A 37 -2.57 0.60 -11.31
C THR A 37 -1.58 -0.46 -11.82
N PRO A 38 -1.74 -0.88 -13.09
CA PRO A 38 -0.86 -1.89 -13.69
C PRO A 38 0.61 -1.49 -13.59
N GLY A 39 1.38 -2.32 -12.89
CA GLY A 39 2.81 -2.04 -12.74
C GLY A 39 3.14 -1.53 -11.35
N SER A 40 2.17 -0.89 -10.70
CA SER A 40 2.37 -0.35 -9.37
C SER A 40 1.81 -1.30 -8.31
N GLN A 41 2.63 -1.61 -7.31
CA GLN A 41 2.22 -2.50 -6.24
C GLN A 41 2.11 -1.77 -4.90
N CYS A 42 2.85 -0.66 -4.78
CA CYS A 42 2.84 0.12 -3.55
C CYS A 42 2.52 1.59 -3.83
N ASN A 43 2.32 2.34 -2.75
CA ASN A 43 2.03 3.76 -2.84
C ASN A 43 1.98 4.36 -1.43
N TYR A 44 1.50 3.55 -0.48
CA TYR A 44 1.40 3.97 0.91
C TYR A 44 1.42 2.74 1.82
N GLY A 45 2.40 2.68 2.71
CA GLY A 45 2.51 1.55 3.61
C GLY A 45 3.95 1.17 3.91
N GLU A 46 4.15 0.40 4.97
CA GLU A 46 5.47 -0.03 5.39
C GLU A 46 6.18 -0.81 4.28
N CYS A 47 5.45 -1.75 3.67
CA CYS A 47 6.00 -2.58 2.61
C CYS A 47 6.22 -1.78 1.33
N CYS A 48 5.55 -0.64 1.20
CA CYS A 48 5.69 0.18 0.00
C CYS A 48 7.08 0.79 -0.12
N ASP A 49 7.69 0.60 -1.28
CA ASP A 49 9.02 1.14 -1.56
C ASP A 49 9.20 1.35 -3.06
N GLN A 50 9.26 2.61 -3.48
CA GLN A 50 9.43 2.95 -4.89
C GLN A 50 8.22 2.49 -5.71
N CYS A 51 7.02 2.73 -5.18
CA CYS A 51 5.79 2.34 -5.86
C CYS A 51 5.74 0.83 -6.07
N ARG A 52 6.54 0.09 -5.30
CA ARG A 52 6.59 -1.36 -5.39
C ARG A 52 6.81 -1.98 -4.02
N PHE A 53 5.99 -2.97 -3.67
CA PHE A 53 6.10 -3.63 -2.37
C PHE A 53 7.50 -4.16 -2.14
N LYS A 54 7.93 -4.14 -0.89
CA LYS A 54 9.25 -4.64 -0.54
C LYS A 54 9.31 -6.14 -0.71
N LYS A 55 10.20 -6.61 -1.58
CA LYS A 55 10.34 -8.05 -1.85
C LYS A 55 10.29 -8.85 -0.54
N ALA A 56 9.37 -9.81 -0.48
CA ALA A 56 9.21 -10.64 0.70
C ALA A 56 10.56 -10.95 1.32
N GLY A 57 10.68 -10.70 2.61
CA GLY A 57 11.95 -10.93 3.28
C GLY A 57 12.53 -9.63 3.81
N THR A 58 11.95 -8.51 3.39
CA THR A 58 12.41 -7.21 3.82
C THR A 58 11.86 -6.91 5.22
N VAL A 59 12.73 -6.99 6.23
CA VAL A 59 12.31 -6.73 7.61
C VAL A 59 11.84 -5.29 7.77
N CYS A 60 10.57 -5.13 8.14
CA CYS A 60 10.01 -3.80 8.34
C CYS A 60 9.83 -3.49 9.82
N ARG A 61 9.71 -4.55 10.62
CA ARG A 61 9.52 -4.40 12.06
C ARG A 61 10.06 -5.61 12.82
N ILE A 62 9.87 -5.58 14.13
CA ILE A 62 10.33 -6.66 15.01
C ILE A 62 9.85 -6.42 16.43
N ALA A 63 9.30 -7.46 17.03
CA ALA A 63 8.77 -7.36 18.39
C ALA A 63 9.83 -6.84 19.37
N ARG A 64 10.61 -7.75 19.95
CA ARG A 64 11.64 -7.35 20.91
C ARG A 64 12.77 -8.37 20.97
N GLY A 65 13.49 -8.52 19.87
CA GLY A 65 14.60 -9.47 19.83
C GLY A 65 14.77 -10.09 18.46
N ASP A 66 14.51 -11.39 18.39
CA ASP A 66 14.65 -12.13 17.13
C ASP A 66 14.04 -13.51 17.25
N TRP A 67 12.73 -13.59 17.01
CA TRP A 67 12.01 -14.86 17.08
C TRP A 67 11.38 -15.17 15.73
N ASN A 68 10.38 -14.37 15.38
CA ASN A 68 9.68 -14.52 14.12
C ASN A 68 10.06 -13.39 13.17
N ASP A 69 10.33 -12.22 13.75
CA ASP A 69 10.71 -11.05 12.98
C ASP A 69 9.61 -10.63 12.02
N ASP A 70 9.48 -9.32 11.80
CA ASP A 70 8.47 -8.80 10.90
C ASP A 70 9.04 -8.68 9.50
N TYR A 71 8.40 -9.34 8.54
CA TYR A 71 8.88 -9.32 7.17
C TYR A 71 7.79 -9.07 6.15
N CYS A 72 8.19 -8.41 5.06
CA CYS A 72 7.27 -8.11 3.98
C CYS A 72 6.92 -9.39 3.22
N THR A 73 5.84 -9.33 2.45
CA THR A 73 5.41 -10.48 1.67
C THR A 73 5.34 -10.16 0.18
N GLY A 74 5.72 -8.94 -0.18
CA GLY A 74 5.70 -8.54 -1.58
C GLY A 74 4.32 -8.66 -2.20
N LYS A 75 3.29 -8.69 -1.37
CA LYS A 75 1.92 -8.79 -1.84
C LYS A 75 1.00 -7.82 -1.13
N SER A 76 1.59 -6.87 -0.39
CA SER A 76 0.79 -5.88 0.34
C SER A 76 1.68 -4.84 0.99
N SER A 77 1.08 -3.72 1.41
CA SER A 77 1.80 -2.63 2.05
C SER A 77 1.88 -2.86 3.57
N ASP A 78 1.52 -4.06 4.02
CA ASP A 78 1.55 -4.39 5.43
C ASP A 78 2.61 -5.43 5.73
N CYS A 79 3.52 -5.09 6.64
CA CYS A 79 4.59 -6.00 7.02
C CYS A 79 4.25 -6.72 8.32
N PRO A 80 3.83 -8.01 8.25
CA PRO A 80 3.47 -8.80 9.42
C PRO A 80 4.66 -9.16 10.29
N TRP A 81 4.47 -9.14 11.61
CA TRP A 81 5.53 -9.48 12.57
C TRP A 81 5.89 -10.95 12.50
N ASN A 82 4.98 -11.74 11.95
CA ASN A 82 5.16 -13.18 11.86
C ASN A 82 4.87 -13.84 13.20
N HIS A 83 4.01 -13.18 13.99
CA HIS A 83 3.65 -13.67 15.31
C HIS A 83 2.29 -14.37 15.28
N SER A 1 -9.33 11.12 6.72
CA SER A 1 -10.62 11.34 6.02
C SER A 1 -11.44 10.05 5.98
N PRO A 2 -12.74 10.15 5.63
CA PRO A 2 -13.63 9.00 5.55
C PRO A 2 -13.32 8.10 4.35
N PRO A 3 -13.95 6.92 4.29
CA PRO A 3 -13.74 5.96 3.20
C PRO A 3 -14.45 6.39 1.92
N VAL A 4 -13.76 7.16 1.08
CA VAL A 4 -14.33 7.64 -0.17
C VAL A 4 -13.54 7.18 -1.39
N CYS A 5 -14.21 6.45 -2.28
CA CYS A 5 -13.58 5.98 -3.52
C CYS A 5 -13.87 6.98 -4.63
N GLY A 6 -12.87 7.78 -4.95
CA GLY A 6 -13.05 8.81 -5.96
C GLY A 6 -13.03 10.18 -5.32
N ASN A 7 -12.32 10.28 -4.21
CA ASN A 7 -12.19 11.52 -3.46
C ASN A 7 -10.73 11.82 -3.18
N LYS A 8 -9.85 11.01 -3.76
CA LYS A 8 -8.41 11.16 -3.57
C LYS A 8 -7.98 10.67 -2.19
N ILE A 9 -8.87 9.94 -1.52
CA ILE A 9 -8.57 9.41 -0.20
C ILE A 9 -8.57 7.89 -0.22
N LEU A 10 -7.40 7.30 -0.10
CA LEU A 10 -7.30 5.84 -0.08
C LEU A 10 -7.86 5.31 1.23
N GLU A 11 -9.16 5.56 1.43
CA GLU A 11 -9.83 5.14 2.65
C GLU A 11 -10.98 4.18 2.33
N GLN A 12 -11.72 4.45 1.25
CA GLN A 12 -12.84 3.60 0.87
C GLN A 12 -12.36 2.20 0.44
N GLY A 13 -11.65 1.50 1.32
CA GLY A 13 -11.17 0.17 1.02
C GLY A 13 -10.67 0.04 -0.42
N GLU A 14 -10.08 1.13 -0.93
CA GLU A 14 -9.58 1.15 -2.30
C GLU A 14 -8.08 0.87 -2.34
N ASP A 15 -7.29 1.71 -1.67
CA ASP A 15 -5.84 1.56 -1.62
C ASP A 15 -5.15 2.30 -2.76
N CYS A 16 -5.90 3.15 -3.47
CA CYS A 16 -5.37 3.93 -4.58
C CYS A 16 -6.52 4.57 -5.36
N ASP A 17 -7.08 5.63 -4.80
CA ASP A 17 -8.19 6.33 -5.42
C ASP A 17 -7.87 7.81 -5.59
N CYS A 18 -8.30 8.37 -6.73
CA CYS A 18 -8.09 9.78 -7.02
C CYS A 18 -9.40 10.55 -6.89
N GLY A 19 -9.30 11.82 -6.49
CA GLY A 19 -10.49 12.64 -6.36
C GLY A 19 -11.30 12.69 -7.63
N SER A 20 -10.61 12.91 -8.75
CA SER A 20 -11.25 12.97 -10.05
C SER A 20 -10.42 12.23 -11.10
N PRO A 21 -11.02 11.29 -11.83
CA PRO A 21 -10.31 10.52 -12.86
C PRO A 21 -9.55 11.42 -13.84
N ALA A 22 -10.03 12.66 -13.98
CA ALA A 22 -9.39 13.62 -14.86
C ALA A 22 -8.26 14.36 -14.14
N ASN A 23 -8.42 14.52 -12.84
CA ASN A 23 -7.42 15.20 -12.03
C ASN A 23 -6.67 14.19 -11.14
N CYS A 24 -6.70 12.93 -11.55
CA CYS A 24 -6.04 11.87 -10.82
C CYS A 24 -4.54 12.09 -10.76
N GLN A 25 -4.11 12.89 -9.79
CA GLN A 25 -2.69 13.19 -9.62
C GLN A 25 -1.98 12.07 -8.87
N ASP A 26 -2.16 10.84 -9.33
CA ASP A 26 -1.53 9.69 -8.71
C ASP A 26 -1.18 8.65 -9.77
N ARG A 27 0.06 8.69 -10.24
CA ARG A 27 0.53 7.76 -11.27
C ARG A 27 0.49 6.32 -10.76
N CYS A 28 0.44 6.14 -9.44
CA CYS A 28 0.41 4.81 -8.85
C CYS A 28 -1.00 4.46 -8.35
N CYS A 29 -1.90 5.44 -8.36
CA CYS A 29 -3.26 5.23 -7.91
C CYS A 29 -4.26 5.77 -8.93
N ASN A 30 -5.20 4.92 -9.34
CA ASN A 30 -6.21 5.32 -10.32
C ASN A 30 -7.60 5.39 -9.70
N ALA A 31 -8.34 6.46 -9.99
CA ALA A 31 -9.68 6.66 -9.48
C ALA A 31 -10.69 5.77 -10.22
N ALA A 32 -10.52 5.68 -11.52
CA ALA A 32 -11.40 4.87 -12.36
C ALA A 32 -11.47 3.44 -11.84
N THR A 33 -10.46 3.05 -11.06
CA THR A 33 -10.40 1.71 -10.50
C THR A 33 -10.36 1.76 -8.98
N CYS A 34 -9.88 2.88 -8.44
CA CYS A 34 -9.76 3.04 -7.02
C CYS A 34 -8.80 1.98 -6.48
N LYS A 35 -7.70 1.79 -7.22
CA LYS A 35 -6.69 0.80 -6.86
C LYS A 35 -5.37 1.11 -7.54
N LEU A 36 -4.31 0.44 -7.12
CA LEU A 36 -2.98 0.65 -7.68
C LEU A 36 -2.98 0.47 -9.19
N THR A 37 -2.45 1.46 -9.90
CA THR A 37 -2.38 1.41 -11.36
C THR A 37 -1.52 0.25 -11.83
N PRO A 38 -1.61 -0.11 -13.12
CA PRO A 38 -0.83 -1.21 -13.69
C PRO A 38 0.67 -0.96 -13.61
N GLY A 39 1.36 -1.80 -12.85
CA GLY A 39 2.80 -1.65 -12.70
C GLY A 39 3.20 -1.34 -11.28
N SER A 40 2.30 -0.68 -10.53
CA SER A 40 2.57 -0.34 -9.15
C SER A 40 1.88 -1.31 -8.20
N GLN A 41 2.60 -1.72 -7.16
CA GLN A 41 2.06 -2.65 -6.18
C GLN A 41 1.82 -1.96 -4.83
N CYS A 42 2.60 -0.92 -4.56
CA CYS A 42 2.46 -0.17 -3.31
C CYS A 42 2.05 1.27 -3.57
N ASN A 43 1.74 1.97 -2.48
CA ASN A 43 1.35 3.37 -2.53
C ASN A 43 1.27 3.92 -1.11
N TYR A 44 0.87 3.05 -0.18
CA TYR A 44 0.76 3.40 1.22
C TYR A 44 0.91 2.15 2.08
N GLY A 45 1.66 2.25 3.17
CA GLY A 45 1.85 1.09 4.03
C GLY A 45 3.32 0.79 4.29
N GLU A 46 3.58 0.02 5.34
CA GLU A 46 4.95 -0.35 5.71
C GLU A 46 5.69 -1.05 4.57
N CYS A 47 5.02 -2.00 3.94
CA CYS A 47 5.60 -2.76 2.85
C CYS A 47 5.82 -1.90 1.60
N CYS A 48 5.08 -0.82 1.49
CA CYS A 48 5.19 0.07 0.34
C CYS A 48 6.54 0.78 0.29
N ASP A 49 7.21 0.65 -0.85
CA ASP A 49 8.50 1.28 -1.07
C ASP A 49 8.72 1.56 -2.56
N GLN A 50 8.70 2.83 -2.93
CA GLN A 50 8.89 3.23 -4.33
C GLN A 50 7.74 2.72 -5.20
N CYS A 51 6.52 2.86 -4.69
CA CYS A 51 5.33 2.41 -5.42
C CYS A 51 5.39 0.92 -5.70
N ARG A 52 6.23 0.20 -4.95
CA ARG A 52 6.37 -1.24 -5.11
C ARG A 52 6.57 -1.91 -3.75
N PHE A 53 5.74 -2.91 -3.46
CA PHE A 53 5.83 -3.61 -2.18
C PHE A 53 7.24 -4.12 -1.93
N LYS A 54 7.65 -4.10 -0.67
CA LYS A 54 8.97 -4.58 -0.29
C LYS A 54 9.06 -6.08 -0.51
N LYS A 55 9.87 -6.49 -1.48
CA LYS A 55 10.04 -7.91 -1.80
C LYS A 55 10.05 -8.76 -0.54
N ALA A 56 9.16 -9.75 -0.49
CA ALA A 56 9.07 -10.63 0.67
C ALA A 56 10.44 -10.92 1.24
N GLY A 57 10.57 -10.74 2.54
CA GLY A 57 11.85 -10.95 3.20
C GLY A 57 12.38 -9.67 3.79
N THR A 58 11.78 -8.55 3.39
CA THR A 58 12.19 -7.25 3.92
C THR A 58 11.65 -7.07 5.32
N VAL A 59 12.54 -7.00 6.30
CA VAL A 59 12.13 -6.84 7.69
C VAL A 59 11.59 -5.43 7.95
N CYS A 60 10.33 -5.34 8.36
CA CYS A 60 9.72 -4.04 8.64
C CYS A 60 9.62 -3.79 10.14
N ARG A 61 9.61 -4.86 10.93
CA ARG A 61 9.49 -4.73 12.39
C ARG A 61 10.24 -5.85 13.11
N ILE A 62 10.16 -5.84 14.43
CA ILE A 62 10.80 -6.84 15.25
C ILE A 62 10.50 -6.59 16.73
N ALA A 63 10.12 -7.66 17.43
CA ALA A 63 9.79 -7.55 18.84
C ALA A 63 10.99 -7.08 19.66
N ARG A 64 11.95 -7.97 19.88
CA ARG A 64 13.14 -7.63 20.65
C ARG A 64 14.14 -8.78 20.67
N GLY A 65 14.75 -9.04 19.51
CA GLY A 65 15.72 -10.12 19.42
C GLY A 65 15.72 -10.78 18.06
N ASP A 66 15.31 -12.05 18.02
CA ASP A 66 15.27 -12.80 16.78
C ASP A 66 14.51 -14.11 16.97
N TRP A 67 13.19 -14.04 16.87
CA TRP A 67 12.33 -15.21 17.04
C TRP A 67 11.54 -15.48 15.77
N ASN A 68 10.60 -14.58 15.49
CA ASN A 68 9.77 -14.70 14.30
C ASN A 68 10.11 -13.61 13.30
N ASP A 69 10.45 -12.44 13.82
CA ASP A 69 10.81 -11.30 12.99
C ASP A 69 9.65 -10.88 12.10
N ASP A 70 9.58 -9.59 11.81
CA ASP A 70 8.54 -9.05 10.96
C ASP A 70 9.05 -8.94 9.53
N TYR A 71 8.34 -9.55 8.59
CA TYR A 71 8.78 -9.51 7.21
C TYR A 71 7.65 -9.28 6.22
N CYS A 72 7.99 -8.56 5.16
CA CYS A 72 7.05 -8.26 4.09
C CYS A 72 6.75 -9.52 3.29
N THR A 73 5.65 -9.48 2.53
CA THR A 73 5.26 -10.63 1.72
C THR A 73 5.19 -10.28 0.24
N GLY A 74 5.66 -9.07 -0.10
CA GLY A 74 5.64 -8.63 -1.49
C GLY A 74 4.28 -8.78 -2.14
N LYS A 75 3.22 -8.78 -1.33
CA LYS A 75 1.87 -8.93 -1.84
C LYS A 75 0.95 -7.83 -1.33
N SER A 76 1.32 -7.19 -0.23
CA SER A 76 0.51 -6.12 0.34
C SER A 76 1.37 -5.08 1.06
N SER A 77 0.72 -4.01 1.52
CA SER A 77 1.42 -2.94 2.23
C SER A 77 1.50 -3.26 3.72
N ASP A 78 1.18 -4.50 4.10
CA ASP A 78 1.22 -4.91 5.49
C ASP A 78 2.39 -5.86 5.74
N CYS A 79 3.20 -5.52 6.74
CA CYS A 79 4.36 -6.34 7.10
C CYS A 79 4.10 -7.11 8.40
N PRO A 80 3.67 -8.37 8.31
CA PRO A 80 3.40 -9.20 9.49
C PRO A 80 4.62 -9.27 10.40
N TRP A 81 4.40 -9.26 11.71
CA TRP A 81 5.49 -9.32 12.67
C TRP A 81 5.47 -10.60 13.50
N ASN A 82 4.65 -11.55 13.09
CA ASN A 82 4.53 -12.85 13.77
C ASN A 82 4.62 -12.71 15.30
N HIS A 83 4.07 -11.62 15.83
CA HIS A 83 4.10 -11.39 17.27
C HIS A 83 2.73 -10.99 17.80
N SER A 1 -12.73 11.65 6.09
CA SER A 1 -13.28 10.47 6.82
C SER A 1 -14.07 9.55 5.88
N PRO A 2 -15.02 10.12 5.12
CA PRO A 2 -15.85 9.34 4.17
C PRO A 2 -15.02 8.40 3.30
N PRO A 3 -15.05 7.09 3.61
CA PRO A 3 -14.29 6.08 2.86
C PRO A 3 -14.85 5.87 1.45
N VAL A 4 -14.86 6.94 0.66
CA VAL A 4 -15.38 6.89 -0.70
C VAL A 4 -14.30 7.27 -1.72
N CYS A 5 -14.43 6.72 -2.93
CA CYS A 5 -13.48 7.02 -3.99
C CYS A 5 -13.85 8.37 -4.59
N GLY A 6 -13.28 9.41 -4.00
CA GLY A 6 -13.56 10.76 -4.42
C GLY A 6 -13.65 11.70 -3.22
N ASN A 7 -12.92 11.34 -2.17
CA ASN A 7 -12.88 12.10 -0.93
C ASN A 7 -11.44 12.27 -0.49
N LYS A 8 -10.51 11.98 -1.40
CA LYS A 8 -9.09 12.04 -1.12
C LYS A 8 -8.69 10.88 -0.23
N ILE A 9 -9.61 9.92 -0.11
CA ILE A 9 -9.39 8.72 0.67
C ILE A 9 -9.32 7.53 -0.26
N LEU A 10 -8.60 6.51 0.15
CA LEU A 10 -8.46 5.31 -0.66
C LEU A 10 -9.72 4.45 -0.53
N GLU A 11 -10.87 5.08 -0.78
CA GLU A 11 -12.16 4.39 -0.69
C GLU A 11 -12.14 3.38 0.45
N GLN A 12 -11.99 3.89 1.67
CA GLN A 12 -11.92 3.05 2.86
C GLN A 12 -10.60 2.31 2.94
N GLY A 13 -10.46 1.28 2.13
CA GLY A 13 -9.24 0.48 2.10
C GLY A 13 -9.04 -0.13 0.74
N GLU A 14 -9.34 0.64 -0.29
CA GLU A 14 -9.24 0.20 -1.67
C GLU A 14 -7.78 0.07 -2.12
N ASP A 15 -6.91 0.96 -1.61
CA ASP A 15 -5.49 0.97 -1.95
C ASP A 15 -5.21 1.90 -3.12
N CYS A 16 -6.01 2.97 -3.18
CA CYS A 16 -5.86 3.96 -4.23
C CYS A 16 -6.73 5.17 -3.91
N ASP A 17 -6.14 6.15 -3.27
CA ASP A 17 -6.88 7.35 -2.88
C ASP A 17 -6.61 8.51 -3.83
N CYS A 18 -7.68 9.03 -4.41
CA CYS A 18 -7.58 10.15 -5.34
C CYS A 18 -8.92 10.90 -5.40
N GLY A 19 -8.88 12.21 -5.19
CA GLY A 19 -10.09 13.00 -5.22
C GLY A 19 -10.84 12.86 -6.53
N SER A 20 -10.15 13.10 -7.64
CA SER A 20 -10.77 12.98 -8.95
C SER A 20 -9.82 12.32 -9.95
N PRO A 21 -10.35 11.46 -10.84
CA PRO A 21 -9.54 10.76 -11.84
C PRO A 21 -8.56 11.69 -12.54
N ALA A 22 -8.94 12.95 -12.68
CA ALA A 22 -8.10 13.95 -13.33
C ALA A 22 -7.13 14.56 -12.34
N ASN A 23 -7.52 14.58 -11.06
CA ASN A 23 -6.67 15.13 -10.01
C ASN A 23 -6.12 14.01 -9.14
N CYS A 24 -6.07 12.80 -9.69
CA CYS A 24 -5.56 11.65 -8.97
C CYS A 24 -4.05 11.76 -8.79
N GLN A 25 -3.65 12.38 -7.70
CA GLN A 25 -2.24 12.56 -7.39
C GLN A 25 -1.57 11.23 -7.03
N ASP A 26 -1.71 10.23 -7.91
CA ASP A 26 -1.11 8.92 -7.69
C ASP A 26 -0.61 8.35 -9.01
N ARG A 27 0.68 8.52 -9.27
CA ARG A 27 1.30 8.03 -10.49
C ARG A 27 1.27 6.51 -10.56
N CYS A 28 1.03 5.86 -9.42
CA CYS A 28 0.98 4.41 -9.37
C CYS A 28 -0.36 3.92 -8.80
N CYS A 29 -1.43 4.64 -9.11
CA CYS A 29 -2.76 4.28 -8.64
C CYS A 29 -3.82 5.17 -9.27
N ASN A 30 -4.88 4.55 -9.79
CA ASN A 30 -5.97 5.29 -10.41
C ASN A 30 -7.26 5.17 -9.61
N ALA A 31 -7.91 6.31 -9.37
CA ALA A 31 -9.16 6.35 -8.61
C ALA A 31 -10.29 5.65 -9.37
N ALA A 32 -10.25 5.78 -10.69
CA ALA A 32 -11.28 5.17 -11.55
C ALA A 32 -11.52 3.70 -11.20
N THR A 33 -10.52 3.07 -10.60
CA THR A 33 -10.63 1.66 -10.20
C THR A 33 -10.48 1.53 -8.69
N CYS A 34 -9.95 2.56 -8.06
CA CYS A 34 -9.72 2.55 -6.64
C CYS A 34 -8.66 1.52 -6.31
N LYS A 35 -7.62 1.48 -7.13
CA LYS A 35 -6.52 0.54 -6.93
C LYS A 35 -5.26 1.02 -7.65
N LEU A 36 -4.16 0.32 -7.42
CA LEU A 36 -2.89 0.67 -8.06
C LEU A 36 -3.01 0.57 -9.58
N THR A 37 -2.26 1.42 -10.28
CA THR A 37 -2.27 1.42 -11.73
C THR A 37 -1.42 0.29 -12.29
N PRO A 38 -1.61 -0.06 -13.58
CA PRO A 38 -0.85 -1.13 -14.23
C PRO A 38 0.65 -0.98 -14.02
N GLY A 39 1.25 -1.95 -13.32
CA GLY A 39 2.67 -1.91 -13.07
C GLY A 39 2.98 -1.60 -11.61
N SER A 40 2.04 -0.96 -10.93
CA SER A 40 2.21 -0.62 -9.52
C SER A 40 1.86 -1.80 -8.62
N GLN A 41 2.80 -2.18 -7.77
CA GLN A 41 2.59 -3.30 -6.85
C GLN A 41 2.57 -2.83 -5.40
N CYS A 42 2.40 -1.53 -5.19
CA CYS A 42 2.36 -0.98 -3.84
C CYS A 42 1.82 0.44 -3.82
N ASN A 43 2.42 1.32 -4.61
CA ASN A 43 1.99 2.72 -4.70
C ASN A 43 2.22 3.46 -3.38
N TYR A 44 2.27 2.72 -2.28
CA TYR A 44 2.49 3.29 -0.95
C TYR A 44 2.44 2.19 0.12
N GLY A 45 2.92 2.50 1.31
CA GLY A 45 2.91 1.52 2.39
C GLY A 45 4.30 1.07 2.79
N GLU A 46 4.37 0.38 3.93
CA GLU A 46 5.65 -0.10 4.45
C GLU A 46 6.32 -1.04 3.46
N CYS A 47 5.53 -1.96 2.91
CA CYS A 47 6.06 -2.94 1.96
C CYS A 47 6.33 -2.29 0.60
N CYS A 48 5.76 -1.11 0.37
CA CYS A 48 5.95 -0.41 -0.89
C CYS A 48 7.39 0.06 -1.07
N ASP A 49 7.91 -0.13 -2.28
CA ASP A 49 9.27 0.27 -2.62
C ASP A 49 9.42 0.38 -4.13
N GLN A 50 9.44 1.61 -4.63
CA GLN A 50 9.57 1.85 -6.06
C GLN A 50 8.35 1.29 -6.81
N CYS A 51 7.17 1.50 -6.23
CA CYS A 51 5.93 1.01 -6.81
C CYS A 51 5.91 -0.51 -6.89
N ARG A 52 6.71 -1.15 -6.03
CA ARG A 52 6.79 -2.61 -5.98
C ARG A 52 6.95 -3.08 -4.55
N PHE A 53 6.14 -4.07 -4.15
CA PHE A 53 6.20 -4.60 -2.79
C PHE A 53 7.58 -5.14 -2.47
N LYS A 54 7.98 -4.99 -1.22
CA LYS A 54 9.29 -5.49 -0.78
C LYS A 54 9.28 -7.01 -0.75
N LYS A 55 10.08 -7.61 -1.63
CA LYS A 55 10.17 -9.07 -1.71
C LYS A 55 10.09 -9.71 -0.33
N ALA A 56 9.16 -10.66 -0.17
CA ALA A 56 8.97 -11.35 1.09
C ALA A 56 10.32 -11.62 1.76
N GLY A 57 10.42 -11.24 3.01
CA GLY A 57 11.68 -11.41 3.73
C GLY A 57 12.27 -10.09 4.13
N THR A 58 11.74 -9.00 3.58
CA THR A 58 12.22 -7.66 3.90
C THR A 58 11.65 -7.22 5.24
N VAL A 59 12.51 -7.15 6.26
CA VAL A 59 12.07 -6.75 7.59
C VAL A 59 11.65 -5.28 7.62
N CYS A 60 10.39 -5.03 7.96
CA CYS A 60 9.88 -3.67 8.04
C CYS A 60 9.71 -3.21 9.49
N ARG A 61 9.54 -4.18 10.38
CA ARG A 61 9.36 -3.88 11.80
C ARG A 61 9.82 -5.05 12.68
N ILE A 62 9.84 -4.81 13.98
CA ILE A 62 10.25 -5.81 14.96
C ILE A 62 9.64 -5.49 16.32
N ALA A 63 8.92 -6.45 16.88
CA ALA A 63 8.27 -6.27 18.19
C ALA A 63 9.21 -5.62 19.19
N ARG A 64 10.23 -6.37 19.61
CA ARG A 64 11.21 -5.86 20.57
C ARG A 64 12.25 -6.92 20.91
N GLY A 65 13.09 -7.26 19.93
CA GLY A 65 14.12 -8.26 20.16
C GLY A 65 14.43 -9.06 18.91
N ASP A 66 14.07 -10.34 18.94
CA ASP A 66 14.32 -11.23 17.81
C ASP A 66 13.61 -12.57 18.00
N TRP A 67 12.33 -12.59 17.67
CA TRP A 67 11.52 -13.81 17.79
C TRP A 67 10.96 -14.20 16.44
N ASN A 68 10.04 -13.40 15.95
CA ASN A 68 9.41 -13.64 14.65
C ASN A 68 9.81 -12.55 13.67
N ASP A 69 9.96 -11.32 14.19
CA ASP A 69 10.35 -10.18 13.36
C ASP A 69 9.30 -9.89 12.29
N ASP A 70 9.10 -8.60 12.01
CA ASP A 70 8.14 -8.20 11.00
C ASP A 70 8.75 -8.32 9.61
N TYR A 71 8.06 -9.03 8.72
CA TYR A 71 8.57 -9.24 7.38
C TYR A 71 7.52 -9.10 6.30
N CYS A 72 7.93 -8.53 5.17
CA CYS A 72 7.04 -8.34 4.04
C CYS A 72 6.68 -9.69 3.43
N THR A 73 5.63 -9.71 2.62
CA THR A 73 5.18 -10.95 1.98
C THR A 73 5.15 -10.81 0.46
N GLY A 74 5.64 -9.67 -0.04
CA GLY A 74 5.66 -9.45 -1.48
C GLY A 74 4.29 -9.59 -2.11
N LYS A 75 3.25 -9.39 -1.32
CA LYS A 75 1.87 -9.50 -1.82
C LYS A 75 0.97 -8.44 -1.21
N SER A 76 1.57 -7.42 -0.59
CA SER A 76 0.79 -6.34 0.02
C SER A 76 1.69 -5.25 0.56
N SER A 77 1.11 -4.07 0.80
CA SER A 77 1.86 -2.93 1.33
C SER A 77 1.91 -2.97 2.86
N ASP A 78 1.51 -4.10 3.44
CA ASP A 78 1.51 -4.24 4.89
C ASP A 78 2.52 -5.30 5.34
N CYS A 79 3.45 -4.88 6.18
CA CYS A 79 4.48 -5.79 6.70
C CYS A 79 4.07 -6.32 8.08
N PRO A 80 3.62 -7.58 8.15
CA PRO A 80 3.19 -8.19 9.41
C PRO A 80 4.34 -8.49 10.36
N TRP A 81 4.16 -8.14 11.64
CA TRP A 81 5.18 -8.37 12.67
C TRP A 81 5.64 -9.81 12.66
N ASN A 82 4.76 -10.69 12.19
CA ASN A 82 5.04 -12.13 12.14
C ASN A 82 4.73 -12.77 13.48
N HIS A 83 3.81 -12.16 14.23
CA HIS A 83 3.42 -12.65 15.54
C HIS A 83 2.11 -13.42 15.46
N SER A 1 -13.09 12.94 5.89
CA SER A 1 -14.39 12.46 5.38
C SER A 1 -14.43 10.93 5.32
N PRO A 2 -15.63 10.34 5.43
CA PRO A 2 -15.80 8.88 5.40
C PRO A 2 -15.14 8.25 4.17
N PRO A 3 -15.28 6.93 4.00
CA PRO A 3 -14.70 6.21 2.87
C PRO A 3 -15.41 6.52 1.56
N VAL A 4 -14.82 7.38 0.74
CA VAL A 4 -15.40 7.76 -0.53
C VAL A 4 -14.49 7.41 -1.71
N CYS A 5 -14.93 6.48 -2.56
CA CYS A 5 -14.17 6.09 -3.73
C CYS A 5 -14.40 7.11 -4.84
N GLY A 6 -13.44 7.99 -5.02
CA GLY A 6 -13.56 9.04 -6.01
C GLY A 6 -13.66 10.40 -5.35
N ASN A 7 -13.03 10.51 -4.18
CA ASN A 7 -13.02 11.74 -3.41
C ASN A 7 -11.59 12.15 -3.08
N LYS A 8 -10.64 11.36 -3.59
CA LYS A 8 -9.23 11.60 -3.37
C LYS A 8 -8.80 11.13 -1.98
N ILE A 9 -9.59 10.23 -1.40
CA ILE A 9 -9.29 9.68 -0.09
C ILE A 9 -9.25 8.16 -0.14
N LEU A 10 -8.07 7.60 0.04
CA LEU A 10 -7.92 6.15 0.03
C LEU A 10 -8.55 5.55 1.28
N GLU A 11 -9.86 5.76 1.41
CA GLU A 11 -10.60 5.25 2.55
C GLU A 11 -11.66 4.26 2.11
N GLN A 12 -12.34 4.58 1.01
CA GLN A 12 -13.39 3.70 0.47
C GLN A 12 -12.80 2.40 -0.08
N GLY A 13 -12.03 1.68 0.74
CA GLY A 13 -11.43 0.44 0.30
C GLY A 13 -10.79 0.54 -1.08
N GLU A 14 -10.14 1.66 -1.34
CA GLU A 14 -9.48 1.88 -2.63
C GLU A 14 -7.99 1.54 -2.55
N ASP A 15 -7.28 2.25 -1.69
CA ASP A 15 -5.84 2.06 -1.52
C ASP A 15 -5.07 2.74 -2.64
N CYS A 16 -5.78 3.56 -3.43
CA CYS A 16 -5.19 4.28 -4.55
C CYS A 16 -6.28 4.88 -5.42
N ASP A 17 -6.91 5.93 -4.92
CA ASP A 17 -7.99 6.60 -5.62
C ASP A 17 -7.71 8.10 -5.76
N CYS A 18 -8.38 8.72 -6.73
CA CYS A 18 -8.23 10.15 -6.97
C CYS A 18 -9.59 10.84 -6.94
N GLY A 19 -9.65 12.02 -6.34
CA GLY A 19 -10.90 12.75 -6.26
C GLY A 19 -11.60 12.84 -7.61
N SER A 20 -10.80 13.01 -8.66
CA SER A 20 -11.33 13.11 -10.02
C SER A 20 -10.44 12.32 -10.98
N PRO A 21 -11.02 11.38 -11.75
CA PRO A 21 -10.27 10.57 -12.71
C PRO A 21 -9.51 11.43 -13.72
N ALA A 22 -10.00 12.66 -13.92
CA ALA A 22 -9.35 13.58 -14.86
C ALA A 22 -8.24 14.35 -14.17
N ASN A 23 -8.39 14.58 -12.87
CA ASN A 23 -7.39 15.30 -12.09
C ASN A 23 -6.65 14.34 -11.16
N CYS A 24 -6.67 13.06 -11.52
CA CYS A 24 -6.01 12.03 -10.72
C CYS A 24 -4.52 12.30 -10.62
N GLN A 25 -4.14 13.12 -9.64
CA GLN A 25 -2.75 13.47 -9.42
C GLN A 25 -2.01 12.36 -8.65
N ASP A 26 -2.21 11.12 -9.08
CA ASP A 26 -1.57 9.98 -8.44
C ASP A 26 -1.09 9.00 -9.51
N ARG A 27 0.18 9.12 -9.88
CA ARG A 27 0.76 8.27 -10.90
C ARG A 27 0.73 6.79 -10.50
N CYS A 28 0.70 6.53 -9.19
CA CYS A 28 0.66 5.15 -8.70
C CYS A 28 -0.73 4.78 -8.20
N CYS A 29 -1.73 5.59 -8.53
CA CYS A 29 -3.10 5.33 -8.11
C CYS A 29 -4.10 5.86 -9.14
N ASN A 30 -5.08 5.03 -9.49
CA ASN A 30 -6.09 5.44 -10.48
C ASN A 30 -7.47 5.58 -9.83
N ALA A 31 -8.16 6.67 -10.17
CA ALA A 31 -9.49 6.93 -9.63
C ALA A 31 -10.53 6.04 -10.30
N ALA A 32 -10.38 5.86 -11.61
CA ALA A 32 -11.31 5.04 -12.38
C ALA A 32 -11.38 3.62 -11.84
N THR A 33 -10.40 3.25 -11.03
CA THR A 33 -10.34 1.92 -10.43
C THR A 33 -10.38 2.00 -8.92
N CYS A 34 -9.98 3.15 -8.39
CA CYS A 34 -9.93 3.34 -6.95
C CYS A 34 -8.98 2.31 -6.36
N LYS A 35 -7.82 2.17 -7.00
CA LYS A 35 -6.81 1.21 -6.57
C LYS A 35 -5.48 1.48 -7.28
N LEU A 36 -4.44 0.75 -6.85
CA LEU A 36 -3.11 0.89 -7.42
C LEU A 36 -3.14 0.86 -8.95
N THR A 37 -2.26 1.64 -9.56
CA THR A 37 -2.16 1.70 -11.02
C THR A 37 -1.12 0.70 -11.53
N PRO A 38 -1.13 0.40 -12.84
CA PRO A 38 -0.18 -0.54 -13.43
C PRO A 38 1.26 -0.20 -13.05
N GLY A 39 1.91 -1.11 -12.33
CA GLY A 39 3.27 -0.89 -11.90
C GLY A 39 3.37 -0.62 -10.42
N SER A 40 2.32 -0.01 -9.86
CA SER A 40 2.28 0.30 -8.43
C SER A 40 1.75 -0.90 -7.64
N GLN A 41 2.61 -1.48 -6.81
CA GLN A 41 2.23 -2.64 -6.00
C GLN A 41 2.21 -2.32 -4.51
N CYS A 42 2.19 -1.04 -4.16
CA CYS A 42 2.17 -0.65 -2.75
C CYS A 42 1.65 0.78 -2.56
N ASN A 43 2.28 1.74 -3.23
CA ASN A 43 1.90 3.14 -3.12
C ASN A 43 2.16 3.70 -1.71
N TYR A 44 2.19 2.81 -0.72
CA TYR A 44 2.44 3.21 0.66
C TYR A 44 2.40 1.99 1.58
N GLY A 45 2.94 2.12 2.78
CA GLY A 45 2.93 1.01 3.72
C GLY A 45 4.32 0.49 4.02
N GLU A 46 4.43 -0.35 5.05
CA GLU A 46 5.71 -0.93 5.44
C GLU A 46 6.32 -1.74 4.30
N CYS A 47 5.49 -2.57 3.68
CA CYS A 47 5.93 -3.41 2.58
C CYS A 47 6.21 -2.58 1.34
N CYS A 48 5.67 -1.37 1.29
CA CYS A 48 5.86 -0.50 0.14
C CYS A 48 7.30 -0.04 -0.01
N ASP A 49 7.77 -0.07 -1.26
CA ASP A 49 9.13 0.35 -1.59
C ASP A 49 9.21 0.68 -3.08
N GLN A 50 9.27 1.97 -3.40
CA GLN A 50 9.33 2.40 -4.79
C GLN A 50 8.07 1.99 -5.55
N CYS A 51 6.93 2.13 -4.89
CA CYS A 51 5.65 1.77 -5.49
C CYS A 51 5.59 0.27 -5.79
N ARG A 52 6.39 -0.51 -5.07
CA ARG A 52 6.43 -1.96 -5.24
C ARG A 52 6.67 -2.64 -3.91
N PHE A 53 5.84 -3.62 -3.58
CA PHE A 53 5.97 -4.35 -2.32
C PHE A 53 7.38 -4.89 -2.14
N LYS A 54 7.84 -4.93 -0.91
CA LYS A 54 9.16 -5.44 -0.61
C LYS A 54 9.20 -6.95 -0.77
N LYS A 55 10.12 -7.44 -1.60
CA LYS A 55 10.24 -8.87 -1.82
C LYS A 55 10.21 -9.63 -0.51
N ALA A 56 9.25 -10.54 -0.35
CA ALA A 56 9.12 -11.31 0.87
C ALA A 56 10.48 -11.64 1.45
N GLY A 57 10.64 -11.38 2.73
CA GLY A 57 11.92 -11.61 3.38
C GLY A 57 12.53 -10.32 3.87
N THR A 58 12.00 -9.20 3.39
CA THR A 58 12.46 -7.89 3.80
C THR A 58 11.94 -7.56 5.20
N VAL A 59 12.85 -7.43 6.16
CA VAL A 59 12.44 -7.13 7.53
C VAL A 59 11.95 -5.69 7.66
N CYS A 60 10.74 -5.53 8.20
CA CYS A 60 10.15 -4.21 8.39
C CYS A 60 10.00 -3.87 9.86
N ARG A 61 10.02 -4.88 10.72
CA ARG A 61 9.87 -4.68 12.16
C ARG A 61 10.56 -5.80 12.94
N ILE A 62 10.53 -5.70 14.26
CA ILE A 62 11.14 -6.70 15.12
C ILE A 62 10.84 -6.40 16.58
N ALA A 63 10.44 -7.43 17.31
CA ALA A 63 10.10 -7.28 18.73
C ALA A 63 11.31 -6.85 19.55
N ARG A 64 12.12 -7.82 19.97
CA ARG A 64 13.31 -7.52 20.76
C ARG A 64 14.31 -8.66 20.71
N GLY A 65 14.87 -8.91 19.54
CA GLY A 65 15.85 -9.97 19.39
C GLY A 65 15.76 -10.66 18.04
N ASP A 66 15.36 -11.93 18.06
CA ASP A 66 15.23 -12.72 16.85
C ASP A 66 14.47 -14.01 17.11
N TRP A 67 13.15 -13.93 17.02
CA TRP A 67 12.29 -15.09 17.27
C TRP A 67 11.46 -15.39 16.02
N ASN A 68 10.54 -14.49 15.73
CA ASN A 68 9.67 -14.61 14.57
C ASN A 68 10.03 -13.56 13.54
N ASP A 69 10.43 -12.39 14.04
CA ASP A 69 10.82 -11.28 13.18
C ASP A 69 9.66 -10.82 12.32
N ASP A 70 9.78 -9.59 11.81
CA ASP A 70 8.76 -9.04 10.94
C ASP A 70 9.29 -9.02 9.52
N TYR A 71 8.54 -9.60 8.60
CA TYR A 71 8.99 -9.67 7.22
C TYR A 71 7.88 -9.42 6.22
N CYS A 72 8.23 -8.67 5.18
CA CYS A 72 7.31 -8.37 4.11
C CYS A 72 6.91 -9.67 3.41
N THR A 73 5.79 -9.65 2.69
CA THR A 73 5.32 -10.84 2.00
C THR A 73 5.32 -10.65 0.48
N GLY A 74 5.43 -9.40 0.03
CA GLY A 74 5.44 -9.12 -1.39
C GLY A 74 4.07 -9.20 -2.02
N LYS A 75 3.05 -9.45 -1.20
CA LYS A 75 1.68 -9.55 -1.68
C LYS A 75 0.77 -8.54 -0.98
N SER A 76 1.37 -7.61 -0.24
CA SER A 76 0.61 -6.60 0.48
C SER A 76 1.53 -5.55 1.09
N SER A 77 0.96 -4.43 1.51
CA SER A 77 1.71 -3.33 2.11
C SER A 77 1.88 -3.55 3.63
N ASP A 78 1.55 -4.75 4.09
CA ASP A 78 1.66 -5.07 5.51
C ASP A 78 2.84 -5.99 5.79
N CYS A 79 3.57 -5.70 6.86
CA CYS A 79 4.72 -6.50 7.25
C CYS A 79 4.46 -7.20 8.59
N PRO A 80 4.06 -8.48 8.56
CA PRO A 80 3.77 -9.24 9.79
C PRO A 80 5.02 -9.48 10.64
N TRP A 81 4.93 -9.14 11.93
CA TRP A 81 6.04 -9.31 12.86
C TRP A 81 5.98 -10.63 13.63
N ASN A 82 4.81 -11.25 13.59
CA ASN A 82 4.59 -12.52 14.26
C ASN A 82 4.77 -12.38 15.78
N HIS A 83 4.19 -11.33 16.34
CA HIS A 83 4.29 -11.08 17.78
C HIS A 83 2.93 -10.69 18.36
N SER A 1 -10.88 7.83 9.51
CA SER A 1 -10.72 8.77 8.38
C SER A 1 -11.89 8.69 7.41
N PRO A 2 -12.20 9.80 6.72
CA PRO A 2 -13.31 9.86 5.76
C PRO A 2 -13.06 8.99 4.52
N PRO A 3 -13.75 7.85 4.40
CA PRO A 3 -13.60 6.94 3.28
C PRO A 3 -14.41 7.39 2.06
N VAL A 4 -13.79 8.17 1.19
CA VAL A 4 -14.46 8.66 -0.01
C VAL A 4 -13.76 8.19 -1.27
N CYS A 5 -14.40 7.30 -1.99
CA CYS A 5 -13.85 6.78 -3.23
C CYS A 5 -14.13 7.78 -4.35
N GLY A 6 -13.07 8.42 -4.82
CA GLY A 6 -13.23 9.43 -5.85
C GLY A 6 -13.09 10.82 -5.25
N ASN A 7 -12.31 10.89 -4.17
CA ASN A 7 -12.06 12.13 -3.46
C ASN A 7 -10.56 12.31 -3.29
N LYS A 8 -9.80 11.45 -3.95
CA LYS A 8 -8.34 11.48 -3.87
C LYS A 8 -7.89 10.98 -2.51
N ILE A 9 -8.80 10.29 -1.81
CA ILE A 9 -8.50 9.75 -0.49
C ILE A 9 -8.39 8.23 -0.54
N LEU A 10 -7.29 7.71 -0.03
CA LEU A 10 -7.10 6.27 0.02
C LEU A 10 -7.69 5.76 1.32
N GLU A 11 -8.99 6.01 1.50
CA GLU A 11 -9.67 5.59 2.72
C GLU A 11 -10.88 4.74 2.39
N GLN A 12 -11.66 5.15 1.40
CA GLN A 12 -12.84 4.39 1.01
C GLN A 12 -12.46 3.03 0.40
N GLY A 13 -11.85 2.17 1.22
CA GLY A 13 -11.45 0.84 0.78
C GLY A 13 -10.93 0.79 -0.65
N GLU A 14 -10.22 1.84 -1.05
CA GLU A 14 -9.66 1.91 -2.41
C GLU A 14 -8.20 1.48 -2.44
N ASP A 15 -7.41 2.03 -1.52
CA ASP A 15 -5.98 1.73 -1.46
C ASP A 15 -5.23 2.37 -2.63
N CYS A 16 -5.92 3.25 -3.35
CA CYS A 16 -5.34 3.96 -4.49
C CYS A 16 -6.43 4.57 -5.36
N ASP A 17 -6.85 5.78 -4.98
CA ASP A 17 -7.90 6.48 -5.71
C ASP A 17 -7.54 7.95 -5.90
N CYS A 18 -8.20 8.58 -6.87
CA CYS A 18 -7.99 9.98 -7.17
C CYS A 18 -9.30 10.74 -7.07
N GLY A 19 -9.22 12.02 -6.70
CA GLY A 19 -10.42 12.83 -6.59
C GLY A 19 -11.27 12.78 -7.86
N SER A 20 -10.61 12.94 -9.00
CA SER A 20 -11.29 12.91 -10.28
C SER A 20 -10.48 12.12 -11.31
N PRO A 21 -11.08 11.10 -11.95
CA PRO A 21 -10.39 10.28 -12.96
C PRO A 21 -9.61 11.13 -13.97
N ALA A 22 -10.07 12.35 -14.19
CA ALA A 22 -9.43 13.25 -15.14
C ALA A 22 -8.28 14.00 -14.47
N ASN A 23 -8.39 14.21 -13.17
CA ASN A 23 -7.35 14.90 -12.40
C ASN A 23 -6.59 13.93 -11.51
N CYS A 24 -6.63 12.64 -11.89
CA CYS A 24 -5.95 11.60 -11.13
C CYS A 24 -4.44 11.79 -11.20
N GLN A 25 -3.92 12.60 -10.30
CA GLN A 25 -2.48 12.86 -10.24
C GLN A 25 -1.76 11.79 -9.43
N ASP A 26 -2.08 10.53 -9.71
CA ASP A 26 -1.46 9.41 -9.02
C ASP A 26 -1.15 8.28 -10.00
N ARG A 27 0.08 8.26 -10.50
CA ARG A 27 0.49 7.24 -11.46
C ARG A 27 0.44 5.83 -10.85
N CYS A 28 0.43 5.77 -9.52
CA CYS A 28 0.39 4.49 -8.82
C CYS A 28 -1.01 4.21 -8.25
N CYS A 29 -1.93 5.16 -8.43
CA CYS A 29 -3.30 5.01 -7.94
C CYS A 29 -4.30 5.50 -8.97
N ASN A 30 -5.30 4.68 -9.27
CA ASN A 30 -6.33 5.04 -10.25
C ASN A 30 -7.69 5.23 -9.59
N ALA A 31 -8.34 6.35 -9.92
CA ALA A 31 -9.66 6.67 -9.37
C ALA A 31 -10.74 5.80 -9.99
N ALA A 32 -10.64 5.60 -11.30
CA ALA A 32 -11.61 4.81 -12.04
C ALA A 32 -11.73 3.39 -11.49
N THR A 33 -10.76 2.99 -10.67
CA THR A 33 -10.76 1.65 -10.09
C THR A 33 -10.73 1.71 -8.57
N CYS A 34 -10.31 2.84 -8.03
CA CYS A 34 -10.21 3.00 -6.58
C CYS A 34 -9.19 1.98 -6.07
N LYS A 35 -8.13 1.79 -6.85
CA LYS A 35 -7.08 0.84 -6.50
C LYS A 35 -5.78 1.16 -7.23
N LEU A 36 -4.72 0.44 -6.88
CA LEU A 36 -3.41 0.65 -7.50
C LEU A 36 -3.49 0.47 -9.01
N THR A 37 -2.61 1.14 -9.73
CA THR A 37 -2.57 1.06 -11.19
C THR A 37 -1.48 0.10 -11.65
N PRO A 38 -1.51 -0.32 -12.93
CA PRO A 38 -0.53 -1.25 -13.49
C PRO A 38 0.91 -0.75 -13.26
N GLY A 39 1.69 -1.55 -12.55
CA GLY A 39 3.07 -1.18 -12.27
C GLY A 39 3.29 -0.83 -10.81
N SER A 40 2.24 -0.35 -10.16
CA SER A 40 2.32 0.04 -8.75
C SER A 40 1.54 -0.95 -7.88
N GLN A 41 2.21 -1.48 -6.87
CA GLN A 41 1.59 -2.45 -5.97
C GLN A 41 1.44 -1.87 -4.55
N CYS A 42 2.32 -0.93 -4.21
CA CYS A 42 2.28 -0.32 -2.88
C CYS A 42 2.48 1.19 -2.96
N ASN A 43 1.37 1.92 -2.84
CA ASN A 43 1.42 3.38 -2.88
C ASN A 43 1.20 3.96 -1.49
N TYR A 44 1.10 3.09 -0.48
CA TYR A 44 0.89 3.52 0.90
C TYR A 44 0.86 2.30 1.81
N GLY A 45 1.80 2.26 2.75
CA GLY A 45 1.88 1.14 3.67
C GLY A 45 3.32 0.80 4.04
N GLU A 46 3.49 -0.01 5.07
CA GLU A 46 4.82 -0.40 5.54
C GLU A 46 5.64 -1.10 4.46
N CYS A 47 5.01 -2.04 3.77
CA CYS A 47 5.69 -2.81 2.73
C CYS A 47 6.00 -1.99 1.48
N CYS A 48 5.38 -0.83 1.34
CA CYS A 48 5.60 0.00 0.15
C CYS A 48 7.01 0.58 0.10
N ASP A 49 7.53 0.66 -1.12
CA ASP A 49 8.85 1.18 -1.37
C ASP A 49 9.05 1.36 -2.88
N GLN A 50 9.11 2.61 -3.33
CA GLN A 50 9.27 2.90 -4.75
C GLN A 50 8.05 2.44 -5.53
N CYS A 51 6.89 2.50 -4.87
CA CYS A 51 5.62 2.10 -5.49
C CYS A 51 5.59 0.59 -5.76
N ARG A 52 6.37 -0.16 -4.97
CA ARG A 52 6.42 -1.62 -5.12
C ARG A 52 6.51 -2.28 -3.75
N PHE A 53 5.88 -3.45 -3.61
CA PHE A 53 5.91 -4.16 -2.34
C PHE A 53 7.32 -4.53 -1.95
N LYS A 54 7.61 -4.41 -0.66
CA LYS A 54 8.93 -4.74 -0.15
C LYS A 54 9.19 -6.23 -0.28
N LYS A 55 9.95 -6.60 -1.31
CA LYS A 55 10.29 -8.00 -1.56
C LYS A 55 10.30 -8.82 -0.28
N ALA A 56 9.57 -9.93 -0.27
CA ALA A 56 9.51 -10.79 0.90
C ALA A 56 10.88 -10.95 1.53
N GLY A 57 10.95 -10.69 2.82
CA GLY A 57 12.22 -10.78 3.52
C GLY A 57 12.66 -9.44 4.06
N THR A 58 11.95 -8.39 3.67
CA THR A 58 12.25 -7.04 4.13
C THR A 58 11.64 -6.83 5.52
N VAL A 59 12.50 -6.70 6.52
CA VAL A 59 12.03 -6.52 7.90
C VAL A 59 11.43 -5.12 8.09
N CYS A 60 10.17 -5.08 8.47
CA CYS A 60 9.49 -3.81 8.70
C CYS A 60 9.29 -3.56 10.20
N ARG A 61 9.25 -4.64 10.97
CA ARG A 61 9.07 -4.53 12.42
C ARG A 61 9.69 -5.72 13.15
N ILE A 62 9.71 -5.63 14.48
CA ILE A 62 10.26 -6.67 15.32
C ILE A 62 9.67 -6.58 16.72
N ALA A 63 9.09 -7.67 17.20
CA ALA A 63 8.48 -7.71 18.52
C ALA A 63 9.38 -7.07 19.57
N ARG A 64 10.50 -7.71 19.88
CA ARG A 64 11.43 -7.20 20.87
C ARG A 64 12.62 -8.13 21.07
N GLY A 65 13.44 -8.26 20.03
CA GLY A 65 14.60 -9.13 20.12
C GLY A 65 14.98 -9.75 18.79
N ASP A 66 14.80 -11.05 18.68
CA ASP A 66 15.12 -11.77 17.45
C ASP A 66 14.59 -13.20 17.50
N TRP A 67 13.32 -13.36 17.20
CA TRP A 67 12.67 -14.67 17.21
C TRP A 67 12.11 -15.00 15.83
N ASN A 68 11.08 -14.27 15.46
CA ASN A 68 10.44 -14.45 14.16
C ASN A 68 10.69 -13.23 13.28
N ASP A 69 10.72 -12.06 13.92
CA ASP A 69 10.95 -10.80 13.20
C ASP A 69 9.85 -10.53 12.18
N ASP A 70 9.47 -9.26 12.06
CA ASP A 70 8.44 -8.87 11.11
C ASP A 70 9.02 -8.75 9.72
N TYR A 71 8.42 -9.44 8.76
CA TYR A 71 8.93 -9.42 7.40
C TYR A 71 7.83 -9.30 6.35
N CYS A 72 8.13 -8.54 5.31
CA CYS A 72 7.20 -8.35 4.21
C CYS A 72 7.03 -9.64 3.43
N THR A 73 5.97 -9.72 2.62
CA THR A 73 5.71 -10.92 1.82
C THR A 73 5.64 -10.58 0.34
N GLY A 74 6.04 -9.37 -0.03
CA GLY A 74 6.01 -8.95 -1.41
C GLY A 74 4.68 -9.19 -2.08
N LYS A 75 3.61 -9.21 -1.28
CA LYS A 75 2.27 -9.45 -1.81
C LYS A 75 1.25 -8.47 -1.22
N SER A 76 1.71 -7.52 -0.42
CA SER A 76 0.81 -6.54 0.19
C SER A 76 1.58 -5.40 0.86
N SER A 77 0.83 -4.39 1.31
CA SER A 77 1.42 -3.24 1.99
C SER A 77 1.53 -3.49 3.49
N ASP A 78 1.32 -4.74 3.90
CA ASP A 78 1.40 -5.09 5.31
C ASP A 78 2.60 -5.98 5.59
N CYS A 79 3.23 -5.75 6.74
CA CYS A 79 4.40 -6.52 7.14
C CYS A 79 4.11 -7.27 8.45
N PRO A 80 3.85 -8.59 8.36
CA PRO A 80 3.55 -9.41 9.54
C PRO A 80 4.78 -9.67 10.42
N TRP A 81 4.59 -9.53 11.73
CA TRP A 81 5.66 -9.76 12.70
C TRP A 81 6.26 -11.16 12.55
N ASN A 82 5.47 -12.06 11.97
CA ASN A 82 5.88 -13.45 11.79
C ASN A 82 5.64 -14.22 13.08
N HIS A 83 4.68 -13.74 13.86
CA HIS A 83 4.34 -14.36 15.14
C HIS A 83 3.11 -15.25 15.00
N SER A 1 -18.48 9.46 5.25
CA SER A 1 -17.79 10.72 4.88
C SER A 1 -16.30 10.50 4.63
N PRO A 2 -15.55 9.94 5.60
CA PRO A 2 -14.12 9.69 5.44
C PRO A 2 -13.80 8.78 4.26
N PRO A 3 -14.49 7.64 4.13
CA PRO A 3 -14.27 6.70 3.04
C PRO A 3 -15.04 7.10 1.79
N VAL A 4 -14.44 7.95 0.97
CA VAL A 4 -15.07 8.40 -0.27
C VAL A 4 -14.22 8.05 -1.47
N CYS A 5 -14.72 7.16 -2.32
CA CYS A 5 -14.01 6.76 -3.53
C CYS A 5 -14.24 7.81 -4.60
N GLY A 6 -13.21 8.60 -4.86
CA GLY A 6 -13.34 9.67 -5.83
C GLY A 6 -13.30 11.02 -5.14
N ASN A 7 -12.62 11.07 -4.00
CA ASN A 7 -12.49 12.27 -3.21
C ASN A 7 -11.02 12.57 -2.94
N LYS A 8 -10.14 11.75 -3.52
CA LYS A 8 -8.71 11.89 -3.35
C LYS A 8 -8.28 11.37 -1.98
N ILE A 9 -9.14 10.60 -1.34
CA ILE A 9 -8.83 10.04 -0.03
C ILE A 9 -8.85 8.53 -0.06
N LEU A 10 -7.68 7.91 0.08
CA LEU A 10 -7.60 6.46 0.08
C LEU A 10 -8.22 5.92 1.37
N GLU A 11 -9.53 6.15 1.51
CA GLU A 11 -10.24 5.70 2.69
C GLU A 11 -11.36 4.75 2.32
N GLN A 12 -12.09 5.07 1.25
CA GLN A 12 -13.18 4.22 0.78
C GLN A 12 -12.66 2.88 0.24
N GLY A 13 -11.93 2.13 1.07
CA GLY A 13 -11.40 0.84 0.69
C GLY A 13 -10.85 0.80 -0.73
N GLU A 14 -10.14 1.85 -1.15
CA GLU A 14 -9.57 1.88 -2.48
C GLU A 14 -8.10 1.47 -2.48
N ASP A 15 -7.33 2.02 -1.55
CA ASP A 15 -5.90 1.71 -1.46
C ASP A 15 -5.14 2.37 -2.60
N CYS A 16 -5.82 3.26 -3.33
CA CYS A 16 -5.23 3.99 -4.44
C CYS A 16 -6.33 4.64 -5.28
N ASP A 17 -6.80 5.78 -4.82
CA ASP A 17 -7.85 6.50 -5.51
C ASP A 17 -7.47 7.97 -5.73
N CYS A 18 -8.17 8.60 -6.67
CA CYS A 18 -7.94 9.99 -6.99
C CYS A 18 -9.23 10.79 -6.91
N GLY A 19 -9.14 12.06 -6.53
CA GLY A 19 -10.33 12.89 -6.42
C GLY A 19 -11.18 12.83 -7.67
N SER A 20 -10.54 13.03 -8.82
CA SER A 20 -11.24 12.99 -10.10
C SER A 20 -10.40 12.24 -11.15
N PRO A 21 -10.98 11.26 -11.85
CA PRO A 21 -10.28 10.49 -12.87
C PRO A 21 -9.48 11.37 -13.82
N ALA A 22 -9.92 12.61 -14.00
CA ALA A 22 -9.25 13.55 -14.89
C ALA A 22 -8.13 14.27 -14.15
N ASN A 23 -8.28 14.42 -12.83
CA ASN A 23 -7.27 15.09 -12.01
C ASN A 23 -6.52 14.08 -11.15
N CYS A 24 -6.52 12.82 -11.59
CA CYS A 24 -5.85 11.76 -10.86
C CYS A 24 -4.34 11.94 -10.92
N GLN A 25 -3.82 12.74 -10.00
CA GLN A 25 -2.39 13.01 -9.94
C GLN A 25 -1.66 11.92 -9.16
N ASP A 26 -1.97 10.66 -9.47
CA ASP A 26 -1.34 9.52 -8.81
C ASP A 26 -1.05 8.41 -9.82
N ARG A 27 0.18 8.39 -10.32
CA ARG A 27 0.59 7.39 -11.30
C ARG A 27 0.53 5.99 -10.72
N CYS A 28 0.55 5.89 -9.40
CA CYS A 28 0.50 4.60 -8.72
C CYS A 28 -0.90 4.32 -8.18
N CYS A 29 -1.80 5.29 -8.28
CA CYS A 29 -3.17 5.13 -7.80
C CYS A 29 -4.17 5.65 -8.82
N ASN A 30 -5.15 4.82 -9.17
CA ASN A 30 -6.17 5.21 -10.14
C ASN A 30 -7.55 5.33 -9.49
N ALA A 31 -8.23 6.44 -9.79
CA ALA A 31 -9.57 6.71 -9.27
C ALA A 31 -10.60 5.82 -9.96
N ALA A 32 -10.47 5.72 -11.28
CA ALA A 32 -11.39 4.91 -12.08
C ALA A 32 -11.49 3.48 -11.56
N THR A 33 -10.50 3.07 -10.76
CA THR A 33 -10.47 1.73 -10.21
C THR A 33 -10.47 1.77 -8.69
N CYS A 34 -10.01 2.89 -8.14
CA CYS A 34 -9.93 3.04 -6.69
C CYS A 34 -8.94 2.01 -6.15
N LYS A 35 -7.87 1.80 -6.91
CA LYS A 35 -6.84 0.82 -6.52
C LYS A 35 -5.51 1.12 -7.21
N LEU A 36 -4.47 0.40 -6.81
CA LEU A 36 -3.15 0.58 -7.38
C LEU A 36 -3.17 0.39 -8.89
N THR A 37 -2.36 1.17 -9.59
CA THR A 37 -2.28 1.09 -11.04
C THR A 37 -1.27 0.02 -11.47
N PRO A 38 -1.28 -0.38 -12.75
CA PRO A 38 -0.37 -1.39 -13.28
C PRO A 38 1.08 -0.98 -13.13
N GLY A 39 1.84 -1.73 -12.34
CA GLY A 39 3.24 -1.42 -12.13
C GLY A 39 3.55 -1.09 -10.68
N SER A 40 2.56 -0.58 -9.96
CA SER A 40 2.73 -0.23 -8.56
C SER A 40 1.83 -1.10 -7.67
N GLN A 41 2.41 -1.64 -6.61
CA GLN A 41 1.66 -2.50 -5.70
C GLN A 41 1.53 -1.86 -4.31
N CYS A 42 2.49 -1.01 -3.95
CA CYS A 42 2.49 -0.35 -2.65
C CYS A 42 2.60 1.16 -2.80
N ASN A 43 1.47 1.85 -2.65
CA ASN A 43 1.44 3.31 -2.75
C ASN A 43 1.65 3.96 -1.38
N TYR A 44 1.52 3.16 -0.33
CA TYR A 44 1.68 3.66 1.04
C TYR A 44 1.69 2.50 2.03
N GLY A 45 2.64 2.53 2.95
CA GLY A 45 2.76 1.46 3.93
C GLY A 45 4.19 1.01 4.13
N GLU A 46 4.42 0.22 5.16
CA GLU A 46 5.76 -0.28 5.49
C GLU A 46 6.39 -1.08 4.35
N CYS A 47 5.61 -1.98 3.77
CA CYS A 47 6.11 -2.86 2.70
C CYS A 47 6.42 -2.10 1.40
N CYS A 48 5.92 -0.87 1.27
CA CYS A 48 6.14 -0.10 0.05
C CYS A 48 7.59 0.31 -0.16
N ASP A 49 7.98 0.32 -1.42
CA ASP A 49 9.33 0.70 -1.84
C ASP A 49 9.34 0.89 -3.36
N GLN A 50 9.35 2.14 -3.79
CA GLN A 50 9.33 2.45 -5.21
C GLN A 50 7.98 2.07 -5.81
N CYS A 51 6.94 2.23 -5.01
CA CYS A 51 5.57 1.90 -5.43
C CYS A 51 5.39 0.40 -5.60
N ARG A 52 6.29 -0.39 -5.01
CA ARG A 52 6.22 -1.84 -5.09
C ARG A 52 6.37 -2.48 -3.72
N PHE A 53 5.74 -3.63 -3.51
CA PHE A 53 5.81 -4.32 -2.23
C PHE A 53 7.23 -4.82 -1.97
N LYS A 54 7.62 -4.79 -0.70
CA LYS A 54 8.94 -5.26 -0.31
C LYS A 54 9.02 -6.77 -0.38
N LYS A 55 9.60 -7.29 -1.47
CA LYS A 55 9.73 -8.72 -1.69
C LYS A 55 9.75 -9.50 -0.37
N ALA A 56 8.91 -10.54 -0.28
CA ALA A 56 8.83 -11.35 0.93
C ALA A 56 10.21 -11.65 1.47
N GLY A 57 10.41 -11.37 2.75
CA GLY A 57 11.70 -11.60 3.35
C GLY A 57 12.37 -10.30 3.74
N THR A 58 11.75 -9.18 3.36
CA THR A 58 12.28 -7.86 3.70
C THR A 58 11.88 -7.47 5.11
N VAL A 59 12.83 -7.51 6.03
CA VAL A 59 12.56 -7.15 7.42
C VAL A 59 12.21 -5.68 7.52
N CYS A 60 10.98 -5.40 7.94
CA CYS A 60 10.53 -4.02 8.08
C CYS A 60 10.46 -3.63 9.56
N ARG A 61 10.25 -4.64 10.41
CA ARG A 61 10.16 -4.42 11.84
C ARG A 61 10.57 -5.68 12.59
N ILE A 62 10.46 -5.64 13.92
CA ILE A 62 10.80 -6.78 14.73
C ILE A 62 10.45 -6.50 16.19
N ALA A 63 9.85 -7.50 16.82
CA ALA A 63 9.45 -7.39 18.21
C ALA A 63 10.56 -6.81 19.09
N ARG A 64 11.48 -7.67 19.52
CA ARG A 64 12.58 -7.20 20.37
C ARG A 64 13.73 -8.20 20.40
N GLY A 65 13.55 -9.27 21.17
CA GLY A 65 14.58 -10.29 21.29
C GLY A 65 15.03 -10.85 19.95
N ASP A 66 14.25 -10.62 18.91
CA ASP A 66 14.58 -11.12 17.58
C ASP A 66 14.38 -12.62 17.53
N TRP A 67 13.13 -13.03 17.29
CA TRP A 67 12.79 -14.44 17.23
C TRP A 67 12.28 -14.83 15.85
N ASN A 68 11.11 -14.31 15.51
CA ASN A 68 10.49 -14.59 14.22
C ASN A 68 10.83 -13.50 13.21
N ASP A 69 11.12 -12.29 13.72
CA ASP A 69 11.46 -11.17 12.85
C ASP A 69 10.29 -10.81 11.94
N ASP A 70 9.96 -9.53 11.91
CA ASP A 70 8.86 -9.06 11.08
C ASP A 70 9.31 -8.92 9.63
N TYR A 71 8.66 -9.67 8.74
CA TYR A 71 9.02 -9.65 7.33
C TYR A 71 7.84 -9.39 6.41
N CYS A 72 8.12 -8.71 5.31
CA CYS A 72 7.11 -8.40 4.31
C CYS A 72 6.72 -9.68 3.57
N THR A 73 5.61 -9.64 2.86
CA THR A 73 5.14 -10.81 2.11
C THR A 73 5.02 -10.51 0.62
N GLY A 74 5.59 -9.39 0.19
CA GLY A 74 5.54 -9.03 -1.22
C GLY A 74 4.14 -9.12 -1.81
N LYS A 75 3.13 -8.98 -0.96
CA LYS A 75 1.75 -9.06 -1.40
C LYS A 75 0.87 -8.02 -0.71
N SER A 76 1.48 -7.13 0.06
CA SER A 76 0.73 -6.10 0.76
C SER A 76 1.64 -5.02 1.34
N SER A 77 1.03 -3.92 1.79
CA SER A 77 1.78 -2.81 2.37
C SER A 77 2.00 -3.03 3.87
N ASP A 78 1.71 -4.23 4.35
CA ASP A 78 1.87 -4.55 5.76
C ASP A 78 3.00 -5.56 5.98
N CYS A 79 3.70 -5.39 7.09
CA CYS A 79 4.81 -6.27 7.45
C CYS A 79 4.52 -6.99 8.76
N PRO A 80 4.08 -8.26 8.71
CA PRO A 80 3.76 -9.04 9.91
C PRO A 80 5.01 -9.44 10.70
N TRP A 81 4.89 -9.46 12.02
CA TRP A 81 6.00 -9.83 12.91
C TRP A 81 6.31 -11.33 12.83
N ASN A 82 5.55 -12.05 12.02
CA ASN A 82 5.72 -13.48 11.87
C ASN A 82 5.38 -14.18 13.18
N HIS A 83 4.45 -13.60 13.94
CA HIS A 83 4.03 -14.14 15.21
C HIS A 83 2.63 -14.75 15.12
N SER A 1 -17.88 11.51 4.95
CA SER A 1 -17.40 10.30 5.68
C SER A 1 -15.92 10.05 5.43
N PRO A 2 -15.26 9.32 6.32
CA PRO A 2 -13.82 9.01 6.19
C PRO A 2 -13.50 8.28 4.88
N PRO A 3 -14.30 7.27 4.51
CA PRO A 3 -14.09 6.50 3.29
C PRO A 3 -14.79 7.13 2.08
N VAL A 4 -14.05 7.95 1.33
CA VAL A 4 -14.62 8.61 0.16
C VAL A 4 -13.87 8.25 -1.12
N CYS A 5 -14.53 7.48 -2.00
CA CYS A 5 -13.93 7.10 -3.27
C CYS A 5 -14.18 8.20 -4.29
N GLY A 6 -13.13 8.96 -4.59
CA GLY A 6 -13.27 10.06 -5.53
C GLY A 6 -13.22 11.39 -4.80
N ASN A 7 -12.51 11.41 -3.69
CA ASN A 7 -12.37 12.60 -2.87
C ASN A 7 -10.90 12.88 -2.57
N LYS A 8 -10.03 12.04 -3.13
CA LYS A 8 -8.59 12.17 -2.93
C LYS A 8 -8.17 11.59 -1.59
N ILE A 9 -9.07 10.82 -0.97
CA ILE A 9 -8.77 10.20 0.33
C ILE A 9 -8.79 8.69 0.20
N LEU A 10 -7.61 8.08 0.18
CA LEU A 10 -7.50 6.62 0.08
C LEU A 10 -8.09 5.99 1.33
N GLU A 11 -9.39 6.16 1.51
CA GLU A 11 -10.09 5.64 2.66
C GLU A 11 -11.24 4.72 2.23
N GLN A 12 -12.00 5.15 1.22
CA GLN A 12 -13.13 4.36 0.73
C GLN A 12 -12.65 3.04 0.12
N GLY A 13 -12.10 2.17 0.96
CA GLY A 13 -11.62 0.87 0.50
C GLY A 13 -10.99 0.90 -0.88
N GLU A 14 -10.30 1.99 -1.20
CA GLU A 14 -9.68 2.13 -2.51
C GLU A 14 -8.20 1.74 -2.46
N ASP A 15 -7.46 2.34 -1.55
CA ASP A 15 -6.02 2.07 -1.42
C ASP A 15 -5.23 2.68 -2.57
N CYS A 16 -5.89 3.53 -3.35
CA CYS A 16 -5.26 4.20 -4.49
C CYS A 16 -6.33 4.84 -5.36
N ASP A 17 -6.83 5.99 -4.94
CA ASP A 17 -7.85 6.71 -5.68
C ASP A 17 -7.50 8.18 -5.84
N CYS A 18 -8.13 8.81 -6.83
CA CYS A 18 -7.93 10.22 -7.10
C CYS A 18 -9.26 10.96 -7.03
N GLY A 19 -9.23 12.26 -6.75
CA GLY A 19 -10.45 13.03 -6.71
C GLY A 19 -11.27 12.86 -7.97
N SER A 20 -10.62 13.04 -9.11
CA SER A 20 -11.26 12.87 -10.40
C SER A 20 -10.33 12.15 -11.37
N PRO A 21 -10.87 11.25 -12.22
CA PRO A 21 -10.07 10.49 -13.18
C PRO A 21 -9.32 11.40 -14.17
N ALA A 22 -9.73 12.66 -14.24
CA ALA A 22 -9.10 13.61 -15.14
C ALA A 22 -7.90 14.28 -14.49
N ASN A 23 -8.00 14.53 -13.19
CA ASN A 23 -6.92 15.17 -12.45
C ASN A 23 -6.24 14.18 -11.52
N CYS A 24 -6.38 12.89 -11.83
CA CYS A 24 -5.80 11.84 -11.03
C CYS A 24 -4.28 11.96 -11.00
N GLN A 25 -3.79 12.79 -10.08
CA GLN A 25 -2.35 13.01 -9.95
C GLN A 25 -1.68 11.89 -9.15
N ASP A 26 -1.99 10.65 -9.50
CA ASP A 26 -1.41 9.49 -8.85
C ASP A 26 -1.02 8.44 -9.88
N ARG A 27 0.24 8.47 -10.28
CA ARG A 27 0.75 7.53 -11.27
C ARG A 27 0.66 6.09 -10.79
N CYS A 28 0.62 5.91 -9.47
CA CYS A 28 0.53 4.58 -8.89
C CYS A 28 -0.86 4.30 -8.32
N CYS A 29 -1.83 5.17 -8.66
CA CYS A 29 -3.20 5.01 -8.19
C CYS A 29 -4.19 5.60 -9.20
N ASN A 30 -5.23 4.84 -9.52
CA ASN A 30 -6.23 5.30 -10.47
C ASN A 30 -7.58 5.52 -9.78
N ALA A 31 -8.23 6.63 -10.12
CA ALA A 31 -9.52 7.00 -9.54
C ALA A 31 -10.64 6.15 -10.16
N ALA A 32 -10.53 5.90 -11.45
CA ALA A 32 -11.53 5.11 -12.17
C ALA A 32 -11.63 3.69 -11.61
N THR A 33 -10.66 3.30 -10.78
CA THR A 33 -10.64 1.96 -10.20
C THR A 33 -10.64 2.04 -8.68
N CYS A 34 -10.24 3.18 -8.15
CA CYS A 34 -10.17 3.36 -6.71
C CYS A 34 -9.18 2.32 -6.16
N LYS A 35 -8.07 2.16 -6.86
CA LYS A 35 -7.06 1.19 -6.47
C LYS A 35 -5.74 1.42 -7.21
N LEU A 36 -4.72 0.67 -6.83
CA LEU A 36 -3.40 0.80 -7.46
C LEU A 36 -3.49 0.67 -8.97
N THR A 37 -2.58 1.34 -9.67
CA THR A 37 -2.54 1.30 -11.13
C THR A 37 -1.64 0.17 -11.62
N PRO A 38 -1.77 -0.22 -12.90
CA PRO A 38 -0.96 -1.29 -13.48
C PRO A 38 0.54 -1.04 -13.29
N GLY A 39 1.18 -1.93 -12.53
CA GLY A 39 2.60 -1.79 -12.27
C GLY A 39 2.89 -1.43 -10.83
N SER A 40 1.93 -0.76 -10.18
CA SER A 40 2.08 -0.36 -8.79
C SER A 40 1.36 -1.34 -7.87
N GLN A 41 2.09 -1.87 -6.89
CA GLN A 41 1.52 -2.83 -5.95
C GLN A 41 1.46 -2.24 -4.54
N CYS A 42 2.32 -1.27 -4.26
CA CYS A 42 2.37 -0.65 -2.94
C CYS A 42 2.62 0.85 -3.04
N ASN A 43 1.54 1.62 -3.01
CA ASN A 43 1.63 3.08 -3.07
C ASN A 43 1.43 3.69 -1.69
N TYR A 44 1.37 2.85 -0.67
CA TYR A 44 1.17 3.31 0.70
C TYR A 44 1.11 2.12 1.65
N GLY A 45 2.05 2.07 2.59
CA GLY A 45 2.11 0.96 3.53
C GLY A 45 3.53 0.61 3.93
N GLU A 46 3.68 -0.19 4.97
CA GLU A 46 4.98 -0.60 5.47
C GLU A 46 5.81 -1.33 4.41
N CYS A 47 5.17 -2.26 3.71
CA CYS A 47 5.84 -3.06 2.71
C CYS A 47 6.14 -2.28 1.43
N CYS A 48 5.51 -1.12 1.26
CA CYS A 48 5.72 -0.33 0.06
C CYS A 48 7.11 0.26 -0.03
N ASP A 49 7.65 0.28 -1.25
CA ASP A 49 8.97 0.81 -1.53
C ASP A 49 9.14 0.94 -3.03
N GLN A 50 9.21 2.18 -3.52
CA GLN A 50 9.36 2.43 -4.95
C GLN A 50 8.13 1.94 -5.71
N CYS A 51 6.98 2.02 -5.05
CA CYS A 51 5.71 1.59 -5.65
C CYS A 51 5.69 0.08 -5.88
N ARG A 52 6.46 -0.64 -5.07
CA ARG A 52 6.52 -2.10 -5.19
C ARG A 52 6.61 -2.74 -3.80
N PHE A 53 5.96 -3.89 -3.64
CA PHE A 53 5.98 -4.58 -2.36
C PHE A 53 7.40 -4.95 -1.95
N LYS A 54 7.69 -4.77 -0.67
CA LYS A 54 9.01 -5.09 -0.15
C LYS A 54 9.26 -6.59 -0.24
N LYS A 55 9.98 -7.00 -1.28
CA LYS A 55 10.30 -8.41 -1.51
C LYS A 55 10.35 -9.20 -0.22
N ALA A 56 9.61 -10.30 -0.16
CA ALA A 56 9.56 -11.14 1.03
C ALA A 56 10.95 -11.28 1.64
N GLY A 57 11.05 -11.00 2.92
CA GLY A 57 12.34 -11.08 3.58
C GLY A 57 12.79 -9.73 4.09
N THR A 58 12.08 -8.68 3.68
CA THR A 58 12.38 -7.33 4.11
C THR A 58 11.82 -7.07 5.49
N VAL A 59 12.69 -6.93 6.48
CA VAL A 59 12.26 -6.70 7.86
C VAL A 59 11.68 -5.30 8.03
N CYS A 60 10.42 -5.23 8.46
CA CYS A 60 9.75 -3.94 8.68
C CYS A 60 9.54 -3.68 10.16
N ARG A 61 9.53 -4.75 10.96
CA ARG A 61 9.32 -4.64 12.40
C ARG A 61 9.98 -5.78 13.16
N ILE A 62 10.03 -5.64 14.49
CA ILE A 62 10.63 -6.64 15.35
C ILE A 62 10.05 -6.53 16.76
N ALA A 63 9.50 -7.63 17.24
CA ALA A 63 8.89 -7.65 18.58
C ALA A 63 9.79 -6.98 19.61
N ARG A 64 10.92 -7.62 19.92
CA ARG A 64 11.86 -7.08 20.89
C ARG A 64 13.05 -8.02 21.10
N GLY A 65 13.88 -8.16 20.07
CA GLY A 65 15.04 -9.02 20.17
C GLY A 65 15.41 -9.65 18.84
N ASP A 66 15.24 -10.97 18.75
CA ASP A 66 15.55 -11.70 17.53
C ASP A 66 15.03 -13.13 17.60
N TRP A 67 13.76 -13.29 17.30
CA TRP A 67 13.12 -14.60 17.33
C TRP A 67 12.55 -14.95 15.96
N ASN A 68 11.52 -14.23 15.57
CA ASN A 68 10.87 -14.42 14.28
C ASN A 68 11.07 -13.18 13.41
N ASP A 69 11.05 -12.01 14.03
CA ASP A 69 11.23 -10.75 13.33
C ASP A 69 10.12 -10.52 12.32
N ASP A 70 9.71 -9.27 12.18
CA ASP A 70 8.67 -8.91 11.22
C ASP A 70 9.24 -8.85 9.81
N TYR A 71 8.62 -9.56 8.88
CA TYR A 71 9.11 -9.58 7.52
C TYR A 71 8.00 -9.50 6.49
N CYS A 72 8.27 -8.76 5.42
CA CYS A 72 7.33 -8.58 4.33
C CYS A 72 7.15 -9.91 3.58
N THR A 73 6.08 -10.00 2.80
CA THR A 73 5.81 -11.22 2.05
C THR A 73 5.72 -10.93 0.55
N GLY A 74 6.13 -9.73 0.15
CA GLY A 74 6.11 -9.36 -1.26
C GLY A 74 4.76 -9.62 -1.91
N LYS A 75 3.70 -9.63 -1.10
CA LYS A 75 2.36 -9.88 -1.61
C LYS A 75 1.34 -8.89 -1.05
N SER A 76 1.81 -7.90 -0.28
CA SER A 76 0.92 -6.91 0.29
C SER A 76 1.70 -5.75 0.91
N SER A 77 0.95 -4.72 1.34
CA SER A 77 1.55 -3.54 1.96
C SER A 77 1.69 -3.74 3.47
N ASP A 78 1.50 -4.97 3.92
CA ASP A 78 1.59 -5.27 5.35
C ASP A 78 2.80 -6.14 5.65
N CYS A 79 3.45 -5.87 6.78
CA CYS A 79 4.61 -6.62 7.21
C CYS A 79 4.32 -7.32 8.54
N PRO A 80 4.03 -8.63 8.51
CA PRO A 80 3.72 -9.41 9.72
C PRO A 80 4.93 -9.64 10.63
N TRP A 81 4.74 -9.42 11.93
CA TRP A 81 5.80 -9.62 12.93
C TRP A 81 6.47 -10.97 12.74
N ASN A 82 5.72 -11.91 12.19
CA ASN A 82 6.21 -13.28 11.97
C ASN A 82 6.07 -14.09 13.25
N HIS A 83 5.09 -13.72 14.08
CA HIS A 83 4.84 -14.41 15.34
C HIS A 83 3.64 -15.36 15.22
N SER A 1 -20.39 10.29 2.87
CA SER A 1 -19.93 9.14 3.68
C SER A 1 -18.41 8.95 3.56
N PRO A 2 -17.79 8.35 4.58
CA PRO A 2 -16.34 8.11 4.58
C PRO A 2 -15.83 7.47 3.29
N PRO A 3 -16.56 6.46 2.76
CA PRO A 3 -16.17 5.77 1.52
C PRO A 3 -16.45 6.63 0.29
N VAL A 4 -15.45 7.38 -0.16
CA VAL A 4 -15.62 8.23 -1.34
C VAL A 4 -14.63 7.86 -2.44
N CYS A 5 -15.15 7.28 -3.53
CA CYS A 5 -14.30 6.91 -4.66
C CYS A 5 -14.15 8.11 -5.59
N GLY A 6 -12.99 8.75 -5.51
CA GLY A 6 -12.73 9.93 -6.31
C GLY A 6 -12.65 11.16 -5.44
N ASN A 7 -12.23 10.96 -4.20
CA ASN A 7 -12.11 12.03 -3.23
C ASN A 7 -10.73 12.01 -2.59
N LYS A 8 -9.89 11.10 -3.06
CA LYS A 8 -8.53 10.95 -2.54
C LYS A 8 -8.53 10.24 -1.19
N ILE A 9 -9.60 9.50 -0.90
CA ILE A 9 -9.70 8.77 0.36
C ILE A 9 -9.85 7.29 0.09
N LEU A 10 -8.82 6.52 0.44
CA LEU A 10 -8.87 5.07 0.26
C LEU A 10 -9.93 4.48 1.19
N GLU A 11 -11.18 4.82 0.91
CA GLU A 11 -12.29 4.36 1.74
C GLU A 11 -13.37 3.68 0.90
N GLN A 12 -13.80 4.34 -0.18
CA GLN A 12 -14.83 3.76 -1.05
C GLN A 12 -14.32 2.52 -1.78
N GLY A 13 -13.97 1.48 -1.02
CA GLY A 13 -13.47 0.24 -1.60
C GLY A 13 -12.58 0.47 -2.80
N GLU A 14 -11.74 1.49 -2.73
CA GLU A 14 -10.84 1.82 -3.84
C GLU A 14 -9.45 1.23 -3.61
N ASP A 15 -8.83 1.56 -2.48
CA ASP A 15 -7.50 1.08 -2.14
C ASP A 15 -6.43 1.80 -2.95
N CYS A 16 -6.82 2.87 -3.64
CA CYS A 16 -5.90 3.66 -4.45
C CYS A 16 -6.68 4.59 -5.38
N ASP A 17 -7.11 5.72 -4.85
CA ASP A 17 -7.86 6.68 -5.63
C ASP A 17 -7.28 8.08 -5.50
N CYS A 18 -7.61 8.94 -6.45
CA CYS A 18 -7.14 10.33 -6.45
C CYS A 18 -8.33 11.28 -6.49
N GLY A 19 -8.37 12.22 -5.55
CA GLY A 19 -9.47 13.18 -5.52
C GLY A 19 -9.85 13.69 -6.89
N SER A 20 -8.86 13.86 -7.76
CA SER A 20 -9.10 14.33 -9.11
C SER A 20 -8.23 13.56 -10.11
N PRO A 21 -8.84 12.76 -11.01
CA PRO A 21 -8.09 11.98 -12.01
C PRO A 21 -7.09 12.83 -12.77
N ALA A 22 -7.34 14.13 -12.84
CA ALA A 22 -6.45 15.06 -13.52
C ALA A 22 -5.31 15.48 -12.60
N ASN A 23 -5.60 15.53 -11.30
CA ASN A 23 -4.61 15.91 -10.30
C ASN A 23 -4.17 14.70 -9.50
N CYS A 24 -4.37 13.51 -10.08
CA CYS A 24 -4.00 12.26 -9.43
C CYS A 24 -2.51 12.22 -9.13
N GLN A 25 -2.14 12.78 -7.99
CA GLN A 25 -0.73 12.81 -7.58
C GLN A 25 -0.34 11.52 -6.87
N ASP A 26 -0.71 10.39 -7.46
CA ASP A 26 -0.39 9.09 -6.90
C ASP A 26 0.01 8.12 -8.00
N ARG A 27 1.30 8.01 -8.24
CA ARG A 27 1.83 7.13 -9.27
C ARG A 27 1.44 5.67 -9.01
N CYS A 28 1.09 5.35 -7.78
CA CYS A 28 0.71 4.00 -7.42
C CYS A 28 -0.81 3.86 -7.34
N CYS A 29 -1.50 4.98 -7.16
CA CYS A 29 -2.97 4.97 -7.07
C CYS A 29 -3.60 5.75 -8.22
N ASN A 30 -4.56 5.12 -8.89
CA ASN A 30 -5.25 5.75 -10.01
C ASN A 30 -6.71 6.03 -9.67
N ALA A 31 -7.14 7.27 -9.91
CA ALA A 31 -8.52 7.68 -9.63
C ALA A 31 -9.48 7.06 -10.64
N ALA A 32 -9.07 7.07 -11.91
CA ALA A 32 -9.88 6.53 -13.00
C ALA A 32 -10.30 5.08 -12.71
N THR A 33 -9.60 4.42 -11.79
CA THR A 33 -9.90 3.04 -11.44
C THR A 33 -10.22 2.92 -9.97
N CYS A 34 -9.77 3.88 -9.16
CA CYS A 34 -9.99 3.84 -7.74
C CYS A 34 -9.28 2.62 -7.16
N LYS A 35 -8.11 2.33 -7.72
CA LYS A 35 -7.32 1.18 -7.29
C LYS A 35 -5.86 1.34 -7.69
N LEU A 36 -5.03 0.36 -7.30
CA LEU A 36 -3.61 0.40 -7.61
C LEU A 36 -3.38 0.51 -9.13
N THR A 37 -2.44 1.36 -9.51
CA THR A 37 -2.13 1.56 -10.92
C THR A 37 -1.66 0.26 -11.56
N PRO A 38 -1.65 0.19 -12.90
CA PRO A 38 -1.22 -1.01 -13.63
C PRO A 38 0.24 -1.34 -13.36
N GLY A 39 0.47 -2.51 -12.75
CA GLY A 39 1.82 -2.93 -12.43
C GLY A 39 2.28 -2.44 -11.08
N SER A 40 1.33 -2.12 -10.21
CA SER A 40 1.65 -1.63 -8.87
C SER A 40 0.94 -2.46 -7.80
N GLN A 41 1.67 -2.80 -6.74
CA GLN A 41 1.11 -3.59 -5.65
C GLN A 41 1.00 -2.76 -4.38
N CYS A 42 1.80 -1.71 -4.28
CA CYS A 42 1.79 -0.84 -3.11
C CYS A 42 1.33 0.57 -3.48
N ASN A 43 1.36 1.44 -2.49
CA ASN A 43 0.98 2.84 -2.65
C ASN A 43 1.30 3.61 -1.38
N TYR A 44 1.05 2.95 -0.25
CA TYR A 44 1.31 3.52 1.05
C TYR A 44 1.39 2.39 2.08
N GLY A 45 2.38 2.46 2.96
CA GLY A 45 2.56 1.43 3.96
C GLY A 45 4.00 0.96 4.08
N GLU A 46 4.30 0.22 5.13
CA GLU A 46 5.64 -0.28 5.37
C GLU A 46 6.17 -1.11 4.21
N CYS A 47 5.34 -2.02 3.71
CA CYS A 47 5.73 -2.90 2.62
C CYS A 47 5.80 -2.18 1.28
N CYS A 48 5.17 -1.01 1.18
CA CYS A 48 5.15 -0.26 -0.08
C CYS A 48 6.53 0.29 -0.43
N ASP A 49 6.96 -0.01 -1.66
CA ASP A 49 8.24 0.46 -2.17
C ASP A 49 8.21 0.55 -3.69
N GLN A 50 8.19 1.78 -4.21
CA GLN A 50 8.15 2.01 -5.65
C GLN A 50 6.84 1.50 -6.25
N CYS A 51 5.75 1.77 -5.56
CA CYS A 51 4.42 1.33 -6.02
C CYS A 51 4.33 -0.20 -6.06
N ARG A 52 5.26 -0.87 -5.38
CA ARG A 52 5.27 -2.32 -5.33
C ARG A 52 5.58 -2.81 -3.92
N PHE A 53 4.91 -3.89 -3.50
CA PHE A 53 5.11 -4.44 -2.17
C PHE A 53 6.49 -5.04 -2.02
N LYS A 54 7.10 -4.83 -0.86
CA LYS A 54 8.42 -5.36 -0.59
C LYS A 54 8.38 -6.88 -0.59
N LYS A 55 8.91 -7.48 -1.67
CA LYS A 55 8.92 -8.93 -1.83
C LYS A 55 9.07 -9.64 -0.49
N ALA A 56 8.16 -10.58 -0.22
CA ALA A 56 8.20 -11.33 1.03
C ALA A 56 9.63 -11.66 1.42
N GLY A 57 9.97 -11.38 2.66
CA GLY A 57 11.31 -11.62 3.13
C GLY A 57 12.00 -10.33 3.49
N THR A 58 11.41 -9.21 3.08
CA THR A 58 11.94 -7.90 3.41
C THR A 58 11.59 -7.53 4.84
N VAL A 59 12.61 -7.38 5.68
CA VAL A 59 12.40 -7.06 7.08
C VAL A 59 12.00 -5.60 7.28
N CYS A 60 10.83 -5.39 7.89
CA CYS A 60 10.33 -4.04 8.15
C CYS A 60 10.40 -3.68 9.63
N ARG A 61 10.47 -4.71 10.48
CA ARG A 61 10.52 -4.51 11.93
C ARG A 61 11.24 -5.66 12.63
N ILE A 62 11.76 -5.39 13.82
CA ILE A 62 12.46 -6.39 14.62
C ILE A 62 12.40 -6.01 16.09
N ALA A 63 11.95 -6.95 16.91
CA ALA A 63 11.85 -6.71 18.34
C ALA A 63 13.18 -6.26 18.92
N ARG A 64 14.17 -7.13 18.86
CA ARG A 64 15.51 -6.81 19.36
C ARG A 64 16.41 -8.05 19.40
N GLY A 65 16.82 -8.52 18.22
CA GLY A 65 17.67 -9.70 18.16
C GLY A 65 17.42 -10.54 16.93
N ASP A 66 16.92 -11.75 17.16
CA ASP A 66 16.63 -12.68 16.06
C ASP A 66 15.79 -13.84 16.55
N TRP A 67 14.47 -13.62 16.62
CA TRP A 67 13.54 -14.65 17.08
C TRP A 67 12.53 -14.97 16.00
N ASN A 68 11.66 -14.00 15.74
CA ASN A 68 10.63 -14.14 14.71
C ASN A 68 10.84 -13.11 13.62
N ASP A 69 11.19 -11.90 14.05
CA ASP A 69 11.44 -10.80 13.12
C ASP A 69 10.19 -10.39 12.37
N ASP A 70 10.26 -9.23 11.74
CA ASP A 70 9.15 -8.73 10.95
C ASP A 70 9.50 -8.79 9.49
N TYR A 71 8.67 -9.45 8.70
CA TYR A 71 8.94 -9.60 7.29
C TYR A 71 7.72 -9.41 6.42
N CYS A 72 7.92 -8.73 5.30
CA CYS A 72 6.85 -8.48 4.36
C CYS A 72 6.35 -9.79 3.78
N THR A 73 5.15 -9.77 3.22
CA THR A 73 4.55 -10.97 2.64
C THR A 73 4.31 -10.80 1.13
N GLY A 74 4.79 -9.70 0.57
CA GLY A 74 4.61 -9.45 -0.86
C GLY A 74 3.17 -9.54 -1.31
N LYS A 75 2.25 -9.26 -0.40
CA LYS A 75 0.82 -9.32 -0.72
C LYS A 75 0.07 -8.08 -0.22
N SER A 76 0.63 -7.41 0.78
CA SER A 76 -0.01 -6.21 1.34
C SER A 76 1.03 -5.19 1.77
N SER A 77 0.55 -4.03 2.19
CA SER A 77 1.43 -2.95 2.65
C SER A 77 1.75 -3.10 4.13
N ASP A 78 1.42 -4.25 4.71
CA ASP A 78 1.67 -4.52 6.11
C ASP A 78 2.82 -5.51 6.29
N CYS A 79 3.62 -5.29 7.32
CA CYS A 79 4.76 -6.16 7.62
C CYS A 79 4.62 -6.75 9.03
N PRO A 80 4.25 -8.04 9.14
CA PRO A 80 4.08 -8.71 10.44
C PRO A 80 5.41 -8.99 11.13
N TRP A 81 5.52 -8.58 12.39
CA TRP A 81 6.75 -8.78 13.17
C TRP A 81 6.75 -10.11 13.91
N ASN A 82 5.58 -10.69 14.07
CA ASN A 82 5.43 -11.96 14.76
C ASN A 82 5.94 -11.89 16.19
N HIS A 83 5.28 -11.06 17.01
CA HIS A 83 5.67 -10.89 18.40
C HIS A 83 4.44 -10.82 19.30
N SER A 1 -9.87 10.27 7.04
CA SER A 1 -11.14 10.77 6.46
C SER A 1 -12.07 9.61 6.08
N PRO A 2 -13.37 9.91 5.90
CA PRO A 2 -14.36 8.89 5.54
C PRO A 2 -13.96 8.11 4.28
N PRO A 3 -14.65 6.99 4.00
CA PRO A 3 -14.38 6.15 2.84
C PRO A 3 -15.15 6.61 1.61
N VAL A 4 -14.58 7.58 0.89
CA VAL A 4 -15.22 8.11 -0.30
C VAL A 4 -14.35 7.93 -1.54
N CYS A 5 -14.83 7.11 -2.47
CA CYS A 5 -14.10 6.87 -3.72
C CYS A 5 -14.35 8.04 -4.67
N GLY A 6 -13.35 8.88 -4.84
CA GLY A 6 -13.51 10.04 -5.69
C GLY A 6 -13.54 11.30 -4.85
N ASN A 7 -12.87 11.25 -3.72
CA ASN A 7 -12.79 12.36 -2.79
C ASN A 7 -11.34 12.68 -2.45
N LYS A 8 -10.43 11.97 -3.11
CA LYS A 8 -9.00 12.14 -2.90
C LYS A 8 -8.58 11.50 -1.58
N ILE A 9 -9.40 10.57 -1.09
CA ILE A 9 -9.11 9.87 0.15
C ILE A 9 -9.12 8.37 -0.05
N LEU A 10 -7.95 7.75 -0.01
CA LEU A 10 -7.85 6.30 -0.17
C LEU A 10 -8.44 5.62 1.05
N GLU A 11 -9.72 5.85 1.29
CA GLU A 11 -10.40 5.27 2.44
C GLU A 11 -11.51 4.34 1.99
N GLN A 12 -12.26 4.75 0.96
CA GLN A 12 -13.35 3.93 0.44
C GLN A 12 -12.84 2.63 -0.18
N GLY A 13 -12.23 1.79 0.66
CA GLY A 13 -11.71 0.50 0.21
C GLY A 13 -11.10 0.53 -1.19
N GLU A 14 -10.39 1.60 -1.51
CA GLU A 14 -9.77 1.72 -2.83
C GLU A 14 -8.30 1.30 -2.81
N ASP A 15 -7.56 1.80 -1.83
CA ASP A 15 -6.14 1.49 -1.71
C ASP A 15 -5.35 2.16 -2.83
N CYS A 16 -6.00 3.12 -3.51
CA CYS A 16 -5.39 3.86 -4.60
C CYS A 16 -6.47 4.58 -5.41
N ASP A 17 -6.92 5.72 -4.89
CA ASP A 17 -7.97 6.49 -5.55
C ASP A 17 -7.52 7.92 -5.82
N CYS A 18 -8.22 8.57 -6.74
CA CYS A 18 -7.94 9.95 -7.10
C CYS A 18 -9.21 10.80 -7.02
N GLY A 19 -9.06 12.06 -6.63
CA GLY A 19 -10.22 12.94 -6.52
C GLY A 19 -11.08 12.89 -7.77
N SER A 20 -10.46 13.11 -8.93
CA SER A 20 -11.16 13.09 -10.20
C SER A 20 -10.33 12.38 -11.26
N PRO A 21 -10.93 11.43 -12.01
CA PRO A 21 -10.22 10.68 -13.05
C PRO A 21 -9.38 11.58 -13.96
N ALA A 22 -9.82 12.83 -14.10
CA ALA A 22 -9.11 13.79 -14.93
C ALA A 22 -8.01 14.48 -14.14
N ASN A 23 -8.20 14.59 -12.84
CA ASN A 23 -7.21 15.24 -11.97
C ASN A 23 -6.48 14.20 -11.12
N CYS A 24 -6.48 12.95 -11.59
CA CYS A 24 -5.82 11.87 -10.88
C CYS A 24 -4.30 12.05 -10.89
N GLN A 25 -3.81 12.82 -9.94
CA GLN A 25 -2.38 13.09 -9.83
C GLN A 25 -1.67 11.96 -9.08
N ASP A 26 -1.94 10.72 -9.50
CA ASP A 26 -1.33 9.56 -8.87
C ASP A 26 -1.12 8.45 -9.90
N ARG A 27 0.09 8.39 -10.45
CA ARG A 27 0.42 7.39 -11.46
C ARG A 27 0.36 5.98 -10.88
N CYS A 28 0.44 5.87 -9.55
CA CYS A 28 0.39 4.57 -8.89
C CYS A 28 -1.02 4.28 -8.35
N CYS A 29 -1.91 5.28 -8.42
CA CYS A 29 -3.28 5.11 -7.95
C CYS A 29 -4.27 5.69 -8.96
N ASN A 30 -5.23 4.87 -9.38
CA ASN A 30 -6.24 5.31 -10.34
C ASN A 30 -7.62 5.40 -9.70
N ALA A 31 -8.31 6.52 -9.96
CA ALA A 31 -9.64 6.74 -9.44
C ALA A 31 -10.66 5.88 -10.16
N ALA A 32 -10.53 5.81 -11.48
CA ALA A 32 -11.43 5.02 -12.31
C ALA A 32 -11.51 3.57 -11.82
N THR A 33 -10.51 3.16 -11.05
CA THR A 33 -10.47 1.80 -10.52
C THR A 33 -10.47 1.82 -9.00
N CYS A 34 -10.08 2.95 -8.42
CA CYS A 34 -10.00 3.07 -6.98
C CYS A 34 -9.06 1.99 -6.45
N LYS A 35 -7.94 1.83 -7.13
CA LYS A 35 -6.96 0.82 -6.76
C LYS A 35 -5.65 1.03 -7.53
N LEU A 36 -4.58 0.41 -7.03
CA LEU A 36 -3.26 0.53 -7.67
C LEU A 36 -3.34 0.26 -9.17
N THR A 37 -2.57 1.03 -9.94
CA THR A 37 -2.55 0.87 -11.39
C THR A 37 -1.42 -0.06 -11.82
N PRO A 38 -1.46 -0.55 -13.07
CA PRO A 38 -0.43 -1.45 -13.60
C PRO A 38 0.97 -0.87 -13.44
N GLY A 39 1.80 -1.55 -12.65
CA GLY A 39 3.15 -1.10 -12.43
C GLY A 39 3.44 -0.81 -10.96
N SER A 40 2.39 -0.45 -10.22
CA SER A 40 2.54 -0.16 -8.80
C SER A 40 1.67 -1.09 -7.96
N GLN A 41 2.26 -1.65 -6.90
CA GLN A 41 1.55 -2.56 -6.03
C GLN A 41 1.36 -1.96 -4.64
N CYS A 42 2.28 -1.10 -4.24
CA CYS A 42 2.21 -0.47 -2.92
C CYS A 42 2.25 1.05 -3.02
N ASN A 43 1.15 1.69 -2.65
CA ASN A 43 1.05 3.14 -2.70
C ASN A 43 1.11 3.74 -1.29
N TYR A 44 0.97 2.89 -0.28
CA TYR A 44 1.01 3.33 1.11
C TYR A 44 1.18 2.12 2.03
N GLY A 45 2.05 2.26 3.03
CA GLY A 45 2.30 1.16 3.94
C GLY A 45 3.79 0.86 4.05
N GLU A 46 4.17 0.07 5.05
CA GLU A 46 5.57 -0.28 5.27
C GLU A 46 6.18 -1.03 4.10
N CYS A 47 5.41 -1.94 3.51
CA CYS A 47 5.90 -2.75 2.40
C CYS A 47 6.18 -1.93 1.14
N CYS A 48 5.60 -0.75 1.04
CA CYS A 48 5.78 0.07 -0.15
C CYS A 48 7.21 0.60 -0.30
N ASP A 49 7.70 0.48 -1.53
CA ASP A 49 9.03 0.94 -1.91
C ASP A 49 9.08 1.14 -3.41
N GLN A 50 9.08 2.39 -3.85
CA GLN A 50 9.09 2.70 -5.27
C GLN A 50 7.79 2.23 -5.90
N CYS A 51 6.71 2.31 -5.12
CA CYS A 51 5.39 1.89 -5.57
C CYS A 51 5.33 0.37 -5.76
N ARG A 52 6.17 -0.35 -5.02
CA ARG A 52 6.20 -1.81 -5.10
C ARG A 52 6.28 -2.43 -3.71
N PHE A 53 5.77 -3.65 -3.56
CA PHE A 53 5.79 -4.33 -2.28
C PHE A 53 7.19 -4.81 -1.92
N LYS A 54 7.55 -4.64 -0.67
CA LYS A 54 8.87 -5.07 -0.21
C LYS A 54 8.96 -6.59 -0.29
N LYS A 55 9.69 -7.06 -1.31
CA LYS A 55 9.86 -8.50 -1.52
C LYS A 55 9.88 -9.27 -0.20
N ALA A 56 9.05 -10.29 -0.10
CA ALA A 56 8.96 -11.11 1.11
C ALA A 56 10.35 -11.35 1.69
N GLY A 57 10.51 -11.03 2.97
CA GLY A 57 11.79 -11.21 3.61
C GLY A 57 12.36 -9.88 4.06
N THR A 58 11.74 -8.79 3.64
CA THR A 58 12.18 -7.45 4.03
C THR A 58 11.74 -7.15 5.46
N VAL A 59 12.68 -7.17 6.40
CA VAL A 59 12.36 -6.90 7.79
C VAL A 59 11.81 -5.48 7.96
N CYS A 60 10.61 -5.38 8.49
CA CYS A 60 9.96 -4.10 8.69
C CYS A 60 9.88 -3.77 10.18
N ARG A 61 9.83 -4.81 11.00
CA ARG A 61 9.75 -4.64 12.46
C ARG A 61 10.35 -5.85 13.18
N ILE A 62 10.39 -5.76 14.50
CA ILE A 62 10.92 -6.82 15.35
C ILE A 62 10.36 -6.69 16.77
N ALA A 63 9.75 -7.76 17.25
CA ALA A 63 9.17 -7.76 18.60
C ALA A 63 10.12 -7.15 19.62
N ARG A 64 11.20 -7.87 19.92
CA ARG A 64 12.19 -7.40 20.88
C ARG A 64 13.31 -8.40 21.07
N GLY A 65 14.11 -8.59 20.02
CA GLY A 65 15.22 -9.52 20.10
C GLY A 65 15.53 -10.16 18.77
N ASP A 66 15.28 -11.46 18.66
CA ASP A 66 15.53 -12.19 17.43
C ASP A 66 14.93 -13.59 17.48
N TRP A 67 13.63 -13.68 17.22
CA TRP A 67 12.92 -14.95 17.25
C TRP A 67 12.31 -15.23 15.88
N ASN A 68 11.31 -14.44 15.55
CA ASN A 68 10.62 -14.57 14.26
C ASN A 68 10.88 -13.34 13.41
N ASP A 69 10.97 -12.18 14.06
CA ASP A 69 11.21 -10.92 13.37
C ASP A 69 10.10 -10.60 12.39
N ASP A 70 9.76 -9.32 12.30
CA ASP A 70 8.71 -8.87 11.39
C ASP A 70 9.23 -8.84 9.96
N TYR A 71 8.47 -9.41 9.04
CA TYR A 71 8.88 -9.46 7.66
C TYR A 71 7.74 -9.23 6.70
N CYS A 72 8.05 -8.54 5.61
CA CYS A 72 7.06 -8.26 4.59
C CYS A 72 6.74 -9.52 3.80
N THR A 73 5.63 -9.50 3.09
CA THR A 73 5.20 -10.67 2.32
C THR A 73 5.18 -10.38 0.81
N GLY A 74 5.72 -9.22 0.43
CA GLY A 74 5.75 -8.85 -0.98
C GLY A 74 4.42 -9.01 -1.68
N LYS A 75 3.34 -8.96 -0.92
CA LYS A 75 2.00 -9.10 -1.48
C LYS A 75 1.09 -7.94 -1.04
N SER A 76 1.45 -7.29 0.06
CA SER A 76 0.67 -6.18 0.57
C SER A 76 1.56 -5.12 1.21
N SER A 77 0.96 -4.02 1.62
CA SER A 77 1.70 -2.91 2.25
C SER A 77 1.87 -3.17 3.75
N ASP A 78 1.54 -4.38 4.20
CA ASP A 78 1.65 -4.73 5.61
C ASP A 78 2.89 -5.56 5.89
N CYS A 79 3.41 -5.44 7.10
CA CYS A 79 4.59 -6.18 7.50
C CYS A 79 4.35 -6.89 8.85
N PRO A 80 3.97 -8.18 8.81
CA PRO A 80 3.69 -8.96 10.02
C PRO A 80 4.95 -9.29 10.84
N TRP A 81 4.82 -9.21 12.17
CA TRP A 81 5.93 -9.51 13.08
C TRP A 81 6.45 -10.92 12.85
N ASN A 82 5.60 -11.77 12.29
CA ASN A 82 5.93 -13.16 12.03
C ASN A 82 5.78 -13.97 13.31
N HIS A 83 4.86 -13.54 14.17
CA HIS A 83 4.61 -14.21 15.44
C HIS A 83 3.35 -15.07 15.36
N SER A 1 -12.31 14.17 4.74
CA SER A 1 -13.49 13.77 3.92
C SER A 1 -13.86 12.30 4.14
N PRO A 2 -15.07 11.91 3.74
CA PRO A 2 -15.54 10.52 3.89
C PRO A 2 -14.75 9.54 3.05
N PRO A 3 -14.71 8.26 3.45
CA PRO A 3 -13.99 7.21 2.72
C PRO A 3 -14.67 6.84 1.41
N VAL A 4 -14.67 7.76 0.46
CA VAL A 4 -15.29 7.54 -0.84
C VAL A 4 -14.28 7.64 -1.97
N CYS A 5 -14.55 6.92 -3.06
CA CYS A 5 -13.69 6.95 -4.23
C CYS A 5 -14.00 8.21 -5.02
N GLY A 6 -13.30 9.28 -4.66
CA GLY A 6 -13.52 10.56 -5.27
C GLY A 6 -13.61 11.65 -4.22
N ASN A 7 -12.93 11.42 -3.11
CA ASN A 7 -12.90 12.35 -1.99
C ASN A 7 -11.46 12.63 -1.60
N LYS A 8 -10.54 12.15 -2.43
CA LYS A 8 -9.11 12.30 -2.20
C LYS A 8 -8.62 11.26 -1.19
N ILE A 9 -9.52 10.35 -0.83
CA ILE A 9 -9.21 9.28 0.09
C ILE A 9 -9.22 7.95 -0.66
N LEU A 10 -8.44 7.00 -0.18
CA LEU A 10 -8.39 5.70 -0.83
C LEU A 10 -9.66 4.91 -0.52
N GLU A 11 -10.81 5.53 -0.81
CA GLU A 11 -12.12 4.91 -0.58
C GLU A 11 -12.07 3.99 0.64
N GLN A 12 -11.98 4.60 1.81
CA GLN A 12 -11.93 3.84 3.06
C GLN A 12 -10.63 3.04 3.16
N GLY A 13 -10.60 1.89 2.50
CA GLY A 13 -9.43 1.05 2.52
C GLY A 13 -9.17 0.38 1.18
N GLU A 14 -9.55 1.07 0.12
CA GLU A 14 -9.38 0.57 -1.24
C GLU A 14 -7.90 0.31 -1.55
N ASP A 15 -7.06 1.24 -1.11
CA ASP A 15 -5.60 1.15 -1.28
C ASP A 15 -5.08 1.82 -2.55
N CYS A 16 -5.77 2.87 -3.00
CA CYS A 16 -5.34 3.62 -4.20
C CYS A 16 -6.51 4.35 -4.85
N ASP A 17 -6.61 5.65 -4.58
CA ASP A 17 -7.68 6.46 -5.14
C ASP A 17 -7.23 7.88 -5.42
N CYS A 18 -7.99 8.57 -6.27
CA CYS A 18 -7.71 9.95 -6.63
C CYS A 18 -8.97 10.78 -6.49
N GLY A 19 -8.81 12.04 -6.07
CA GLY A 19 -9.96 12.92 -5.91
C GLY A 19 -10.90 12.85 -7.10
N SER A 20 -10.33 12.94 -8.29
CA SER A 20 -11.12 12.87 -9.52
C SER A 20 -10.41 12.02 -10.58
N PRO A 21 -11.08 10.96 -11.08
CA PRO A 21 -10.50 10.08 -12.10
C PRO A 21 -9.81 10.85 -13.22
N ALA A 22 -10.28 12.07 -13.48
CA ALA A 22 -9.70 12.91 -14.53
C ALA A 22 -8.48 13.65 -14.02
N ASN A 23 -8.47 13.94 -12.72
CA ASN A 23 -7.35 14.63 -12.09
C ASN A 23 -6.54 13.68 -11.22
N CYS A 24 -6.65 12.39 -11.52
CA CYS A 24 -5.93 11.36 -10.77
C CYS A 24 -4.43 11.52 -10.96
N GLN A 25 -3.84 12.35 -10.13
CA GLN A 25 -2.40 12.61 -10.19
C GLN A 25 -1.62 11.53 -9.44
N ASP A 26 -1.98 10.28 -9.65
CA ASP A 26 -1.32 9.16 -9.00
C ASP A 26 -1.15 8.00 -9.99
N ARG A 27 0.02 7.93 -10.62
CA ARG A 27 0.31 6.88 -11.59
C ARG A 27 0.30 5.50 -10.94
N CYS A 28 0.44 5.46 -9.62
CA CYS A 28 0.45 4.20 -8.89
C CYS A 28 -0.90 3.92 -8.26
N CYS A 29 -1.80 4.92 -8.29
CA CYS A 29 -3.13 4.76 -7.71
C CYS A 29 -4.19 5.31 -8.67
N ASN A 30 -5.16 4.46 -9.01
CA ASN A 30 -6.23 4.87 -9.90
C ASN A 30 -7.57 4.93 -9.18
N ALA A 31 -8.28 6.05 -9.34
CA ALA A 31 -9.59 6.23 -8.71
C ALA A 31 -10.64 5.39 -9.41
N ALA A 32 -10.62 5.42 -10.74
CA ALA A 32 -11.57 4.65 -11.53
C ALA A 32 -11.64 3.19 -11.07
N THR A 33 -10.58 2.73 -10.42
CA THR A 33 -10.52 1.38 -9.92
C THR A 33 -10.42 1.37 -8.40
N CYS A 34 -9.88 2.45 -7.86
CA CYS A 34 -9.70 2.58 -6.43
C CYS A 34 -8.74 1.51 -5.94
N LYS A 35 -7.68 1.31 -6.71
CA LYS A 35 -6.65 0.31 -6.40
C LYS A 35 -5.38 0.60 -7.18
N LEU A 36 -4.29 -0.07 -6.81
CA LEU A 36 -3.01 0.11 -7.46
C LEU A 36 -3.11 -0.16 -8.97
N THR A 37 -2.56 0.75 -9.76
CA THR A 37 -2.60 0.60 -11.21
C THR A 37 -1.57 -0.43 -11.68
N PRO A 38 -1.79 -1.04 -12.86
CA PRO A 38 -0.87 -2.05 -13.41
C PRO A 38 0.56 -1.52 -13.49
N GLY A 39 1.45 -2.15 -12.74
CA GLY A 39 2.85 -1.74 -12.75
C GLY A 39 3.34 -1.36 -11.37
N SER A 40 2.43 -0.89 -10.52
CA SER A 40 2.78 -0.49 -9.16
C SER A 40 2.09 -1.39 -8.14
N GLN A 41 2.81 -1.73 -7.08
CA GLN A 41 2.27 -2.60 -6.03
C GLN A 41 2.08 -1.82 -4.73
N CYS A 42 2.91 -0.80 -4.52
CA CYS A 42 2.83 0.01 -3.31
C CYS A 42 2.49 1.46 -3.63
N ASN A 43 2.36 2.26 -2.59
CA ASN A 43 2.06 3.68 -2.70
C ASN A 43 1.92 4.29 -1.31
N TYR A 44 1.44 3.47 -0.37
CA TYR A 44 1.26 3.90 1.01
C TYR A 44 1.28 2.67 1.93
N GLY A 45 2.24 2.64 2.85
CA GLY A 45 2.35 1.52 3.77
C GLY A 45 3.79 1.16 4.09
N GLU A 46 3.97 0.35 5.12
CA GLU A 46 5.29 -0.08 5.56
C GLU A 46 6.03 -0.83 4.46
N CYS A 47 5.34 -1.76 3.83
CA CYS A 47 5.94 -2.58 2.77
C CYS A 47 6.19 -1.77 1.50
N CYS A 48 5.56 -0.61 1.39
CA CYS A 48 5.73 0.22 0.21
C CYS A 48 7.14 0.78 0.09
N ASP A 49 7.74 0.57 -1.09
CA ASP A 49 9.08 1.07 -1.38
C ASP A 49 9.25 1.27 -2.88
N GLN A 50 9.34 2.52 -3.30
CA GLN A 50 9.49 2.84 -4.73
C GLN A 50 8.27 2.41 -5.52
N CYS A 51 7.09 2.68 -4.98
CA CYS A 51 5.84 2.32 -5.63
C CYS A 51 5.76 0.81 -5.86
N ARG A 52 6.55 0.05 -5.10
CA ARG A 52 6.57 -1.40 -5.21
C ARG A 52 6.76 -2.04 -3.83
N PHE A 53 5.97 -3.06 -3.54
CA PHE A 53 6.05 -3.74 -2.24
C PHE A 53 7.46 -4.25 -1.98
N LYS A 54 7.89 -4.16 -0.73
CA LYS A 54 9.21 -4.62 -0.35
C LYS A 54 9.30 -6.13 -0.52
N LYS A 55 10.13 -6.57 -1.46
CA LYS A 55 10.30 -8.01 -1.72
C LYS A 55 10.27 -8.82 -0.43
N ALA A 56 9.39 -9.81 -0.38
CA ALA A 56 9.27 -10.67 0.80
C ALA A 56 10.63 -10.94 1.41
N GLY A 57 10.74 -10.70 2.71
CA GLY A 57 12.00 -10.90 3.38
C GLY A 57 12.55 -9.60 3.94
N THR A 58 11.96 -8.48 3.52
CA THR A 58 12.37 -7.17 4.00
C THR A 58 11.81 -6.93 5.40
N VAL A 59 12.69 -6.97 6.40
CA VAL A 59 12.27 -6.76 7.78
C VAL A 59 11.77 -5.33 8.01
N CYS A 60 10.51 -5.21 8.43
CA CYS A 60 9.94 -3.90 8.70
C CYS A 60 9.74 -3.67 10.20
N ARG A 61 9.64 -4.78 10.94
CA ARG A 61 9.44 -4.70 12.39
C ARG A 61 10.01 -5.94 13.09
N ILE A 62 10.09 -5.85 14.42
CA ILE A 62 10.60 -6.95 15.23
C ILE A 62 10.06 -6.85 16.64
N ALA A 63 9.39 -7.90 17.11
CA ALA A 63 8.81 -7.92 18.45
C ALA A 63 9.79 -7.37 19.49
N ARG A 64 10.85 -8.13 19.75
CA ARG A 64 11.86 -7.72 20.73
C ARG A 64 12.94 -8.77 20.90
N GLY A 65 13.76 -8.95 19.88
CA GLY A 65 14.83 -9.93 19.94
C GLY A 65 15.14 -10.54 18.59
N ASP A 66 14.85 -11.83 18.46
CA ASP A 66 15.11 -12.54 17.20
C ASP A 66 14.45 -13.91 17.21
N TRP A 67 13.15 -13.94 16.92
CA TRP A 67 12.39 -15.18 16.90
C TRP A 67 11.79 -15.41 15.52
N ASN A 68 10.83 -14.57 15.16
CA ASN A 68 10.18 -14.64 13.86
C ASN A 68 10.46 -13.38 13.06
N ASP A 69 10.51 -12.24 13.75
CA ASP A 69 10.78 -10.96 13.12
C ASP A 69 9.72 -10.60 12.10
N ASP A 70 9.42 -9.31 12.00
CA ASP A 70 8.42 -8.83 11.05
C ASP A 70 9.02 -8.76 9.66
N TYR A 71 8.35 -9.37 8.68
CA TYR A 71 8.85 -9.37 7.32
C TYR A 71 7.78 -9.15 6.28
N CYS A 72 8.15 -8.42 5.24
CA CYS A 72 7.25 -8.13 4.14
C CYS A 72 6.94 -9.40 3.36
N THR A 73 5.87 -9.36 2.58
CA THR A 73 5.46 -10.51 1.78
C THR A 73 5.44 -10.18 0.29
N GLY A 74 5.94 -9.00 -0.07
CA GLY A 74 5.98 -8.59 -1.46
C GLY A 74 4.63 -8.70 -2.14
N LYS A 75 3.55 -8.65 -1.36
CA LYS A 75 2.21 -8.75 -1.91
C LYS A 75 1.29 -7.67 -1.35
N SER A 76 1.64 -7.11 -0.20
CA SER A 76 0.81 -6.08 0.42
C SER A 76 1.68 -5.00 1.07
N SER A 77 1.03 -3.90 1.47
CA SER A 77 1.72 -2.79 2.12
C SER A 77 1.80 -2.99 3.63
N ASP A 78 1.48 -4.20 4.09
CA ASP A 78 1.51 -4.51 5.51
C ASP A 78 2.59 -5.54 5.83
N CYS A 79 3.52 -5.16 6.71
CA CYS A 79 4.60 -6.05 7.11
C CYS A 79 4.23 -6.77 8.41
N PRO A 80 3.84 -8.07 8.33
CA PRO A 80 3.45 -8.85 9.51
C PRO A 80 4.62 -9.22 10.41
N TRP A 81 4.45 -9.04 11.73
CA TRP A 81 5.49 -9.37 12.71
C TRP A 81 6.05 -10.76 12.47
N ASN A 82 5.22 -11.62 11.88
CA ASN A 82 5.59 -13.00 11.60
C ASN A 82 5.40 -13.84 12.85
N HIS A 83 4.46 -13.43 13.69
CA HIS A 83 4.16 -14.13 14.94
C HIS A 83 2.90 -14.98 14.80
N SER A 1 -15.27 12.62 7.59
CA SER A 1 -14.70 12.20 6.29
C SER A 1 -14.84 10.69 6.08
N PRO A 2 -16.03 10.25 5.64
CA PRO A 2 -16.30 8.82 5.41
C PRO A 2 -15.54 8.28 4.20
N PRO A 3 -15.68 6.98 3.91
CA PRO A 3 -15.02 6.34 2.77
C PRO A 3 -15.64 6.74 1.44
N VAL A 4 -14.91 7.57 0.68
CA VAL A 4 -15.41 8.04 -0.61
C VAL A 4 -14.48 7.63 -1.75
N CYS A 5 -14.97 6.76 -2.62
CA CYS A 5 -14.19 6.31 -3.77
C CYS A 5 -14.29 7.36 -4.87
N GLY A 6 -13.25 8.16 -5.01
CA GLY A 6 -13.24 9.22 -5.99
C GLY A 6 -13.21 10.58 -5.32
N ASN A 7 -12.61 10.61 -4.13
CA ASN A 7 -12.50 11.83 -3.34
C ASN A 7 -11.04 12.07 -2.96
N LYS A 8 -10.17 11.19 -3.44
CA LYS A 8 -8.74 11.28 -3.16
C LYS A 8 -8.41 10.76 -1.76
N ILE A 9 -9.34 10.01 -1.18
CA ILE A 9 -9.13 9.46 0.16
C ILE A 9 -9.14 7.94 0.11
N LEU A 10 -7.99 7.33 0.39
CA LEU A 10 -7.89 5.87 0.39
C LEU A 10 -8.68 5.32 1.57
N GLU A 11 -10.00 5.48 1.51
CA GLU A 11 -10.88 5.02 2.58
C GLU A 11 -11.97 4.10 2.04
N GLN A 12 -12.66 4.55 0.99
CA GLN A 12 -13.74 3.76 0.41
C GLN A 12 -13.20 2.51 -0.29
N GLY A 13 -12.60 1.61 0.50
CA GLY A 13 -12.07 0.37 -0.03
C GLY A 13 -11.37 0.53 -1.36
N GLU A 14 -10.68 1.65 -1.56
CA GLU A 14 -9.99 1.91 -2.81
C GLU A 14 -8.51 1.53 -2.72
N ASP A 15 -7.80 2.11 -1.76
CA ASP A 15 -6.38 1.84 -1.57
C ASP A 15 -5.53 2.55 -2.63
N CYS A 16 -6.16 3.45 -3.39
CA CYS A 16 -5.48 4.20 -4.43
C CYS A 16 -6.48 4.89 -5.34
N ASP A 17 -6.99 6.03 -4.88
CA ASP A 17 -7.97 6.78 -5.64
C ASP A 17 -7.56 8.24 -5.79
N CYS A 18 -8.15 8.91 -6.78
CA CYS A 18 -7.88 10.32 -7.04
C CYS A 18 -9.18 11.09 -7.13
N GLY A 19 -9.28 12.18 -6.36
CA GLY A 19 -10.49 12.98 -6.37
C GLY A 19 -11.07 13.16 -7.77
N SER A 20 -10.19 13.34 -8.75
CA SER A 20 -10.62 13.51 -10.13
C SER A 20 -9.70 12.72 -11.08
N PRO A 21 -10.26 11.75 -11.84
CA PRO A 21 -9.47 10.94 -12.78
C PRO A 21 -8.64 11.80 -13.72
N ALA A 22 -9.06 13.04 -13.92
CA ALA A 22 -8.35 13.96 -14.79
C ALA A 22 -7.14 14.54 -14.07
N ASN A 23 -7.30 14.74 -12.76
CA ASN A 23 -6.22 15.27 -11.93
C ASN A 23 -5.64 14.16 -11.05
N CYS A 24 -5.83 12.92 -11.47
CA CYS A 24 -5.34 11.77 -10.73
C CYS A 24 -3.82 11.71 -10.76
N GLN A 25 -3.21 12.35 -9.78
CA GLN A 25 -1.76 12.39 -9.67
C GLN A 25 -1.29 12.02 -8.28
N ASP A 26 -1.40 10.73 -7.94
CA ASP A 26 -0.97 10.26 -6.64
C ASP A 26 -0.06 9.05 -6.79
N ARG A 27 1.24 9.32 -6.79
CA ARG A 27 2.25 8.28 -6.93
C ARG A 27 1.89 7.28 -8.03
N CYS A 28 1.19 6.22 -7.65
CA CYS A 28 0.78 5.17 -8.58
C CYS A 28 -0.68 4.77 -8.36
N CYS A 29 -1.50 5.72 -7.94
CA CYS A 29 -2.92 5.43 -7.68
C CYS A 29 -3.80 5.88 -8.84
N ASN A 30 -4.77 5.04 -9.21
CA ASN A 30 -5.69 5.37 -10.29
C ASN A 30 -7.10 5.56 -9.75
N ALA A 31 -7.74 6.66 -10.16
CA ALA A 31 -9.10 6.98 -9.73
C ALA A 31 -10.13 6.14 -10.47
N ALA A 32 -9.91 5.96 -11.76
CA ALA A 32 -10.81 5.17 -12.60
C ALA A 32 -11.00 3.76 -12.04
N THR A 33 -10.12 3.34 -11.15
CA THR A 33 -10.20 2.02 -10.56
C THR A 33 -10.32 2.09 -9.04
N CYS A 34 -9.90 3.21 -8.48
CA CYS A 34 -9.92 3.39 -7.04
C CYS A 34 -8.97 2.37 -6.42
N LYS A 35 -7.85 2.14 -7.08
CA LYS A 35 -6.87 1.18 -6.61
C LYS A 35 -5.51 1.40 -7.29
N LEU A 36 -4.50 0.67 -6.84
CA LEU A 36 -3.15 0.78 -7.39
C LEU A 36 -3.18 0.74 -8.91
N THR A 37 -2.34 1.58 -9.54
CA THR A 37 -2.26 1.65 -10.99
C THR A 37 -1.55 0.42 -11.54
N PRO A 38 -1.80 0.07 -12.82
CA PRO A 38 -1.18 -1.08 -13.47
C PRO A 38 0.35 -1.03 -13.38
N GLY A 39 0.93 -2.00 -12.68
CA GLY A 39 2.37 -2.04 -12.53
C GLY A 39 2.80 -1.83 -11.08
N SER A 40 2.00 -1.09 -10.33
CA SER A 40 2.29 -0.82 -8.93
C SER A 40 1.49 -1.74 -8.02
N GLN A 41 2.14 -2.22 -6.97
CA GLN A 41 1.49 -3.12 -6.01
C GLN A 41 1.33 -2.46 -4.63
N CYS A 42 2.21 -1.52 -4.34
CA CYS A 42 2.18 -0.83 -3.05
C CYS A 42 2.39 0.67 -3.21
N ASN A 43 1.36 1.44 -2.92
CA ASN A 43 1.44 2.89 -3.02
C ASN A 43 1.37 3.54 -1.63
N TYR A 44 1.16 2.73 -0.60
CA TYR A 44 1.08 3.23 0.76
C TYR A 44 1.00 2.07 1.75
N GLY A 45 2.01 1.98 2.62
CA GLY A 45 2.06 0.90 3.58
C GLY A 45 3.48 0.51 3.91
N GLU A 46 3.65 -0.31 4.95
CA GLU A 46 4.97 -0.75 5.38
C GLU A 46 5.75 -1.47 4.28
N CYS A 47 5.07 -2.37 3.58
CA CYS A 47 5.70 -3.16 2.52
C CYS A 47 5.96 -2.34 1.25
N CYS A 48 5.32 -1.19 1.11
CA CYS A 48 5.48 -0.38 -0.09
C CYS A 48 6.87 0.23 -0.21
N ASP A 49 7.34 0.26 -1.46
CA ASP A 49 8.65 0.81 -1.78
C ASP A 49 8.82 0.87 -3.30
N GLN A 50 8.97 2.09 -3.82
CA GLN A 50 9.12 2.28 -5.26
C GLN A 50 7.86 1.83 -6.01
N CYS A 51 6.72 1.95 -5.35
CA CYS A 51 5.43 1.57 -5.93
C CYS A 51 5.38 0.05 -6.17
N ARG A 52 6.05 -0.70 -5.29
CA ARG A 52 6.06 -2.16 -5.38
C ARG A 52 6.20 -2.77 -3.99
N PHE A 53 5.60 -3.95 -3.80
CA PHE A 53 5.67 -4.63 -2.51
C PHE A 53 7.10 -4.99 -2.16
N LYS A 54 7.43 -4.85 -0.89
CA LYS A 54 8.77 -5.17 -0.42
C LYS A 54 9.01 -6.66 -0.53
N LYS A 55 9.68 -7.07 -1.60
CA LYS A 55 9.97 -8.50 -1.86
C LYS A 55 10.09 -9.27 -0.55
N ALA A 56 9.34 -10.38 -0.46
CA ALA A 56 9.34 -11.21 0.73
C ALA A 56 10.74 -11.36 1.28
N GLY A 57 10.88 -11.17 2.58
CA GLY A 57 12.18 -11.26 3.20
C GLY A 57 12.64 -9.91 3.70
N THR A 58 11.95 -8.86 3.28
CA THR A 58 12.27 -7.51 3.70
C THR A 58 11.73 -7.27 5.11
N VAL A 59 12.62 -6.94 6.03
CA VAL A 59 12.22 -6.70 7.41
C VAL A 59 11.65 -5.29 7.60
N CYS A 60 10.38 -5.21 7.99
CA CYS A 60 9.74 -3.91 8.19
C CYS A 60 9.61 -3.58 9.68
N ARG A 61 9.61 -4.61 10.52
CA ARG A 61 9.47 -4.42 11.97
C ARG A 61 10.26 -5.48 12.75
N ILE A 62 10.17 -5.41 14.06
CA ILE A 62 10.86 -6.36 14.93
C ILE A 62 10.56 -6.06 16.39
N ALA A 63 10.24 -7.11 17.14
CA ALA A 63 9.92 -6.98 18.55
C ALA A 63 11.08 -6.38 19.34
N ARG A 64 12.06 -7.21 19.67
CA ARG A 64 13.23 -6.74 20.41
C ARG A 64 14.31 -7.82 20.48
N GLY A 65 14.94 -8.10 19.34
CA GLY A 65 15.98 -9.10 19.29
C GLY A 65 16.03 -9.83 17.97
N ASP A 66 15.72 -11.11 18.00
CA ASP A 66 15.72 -11.94 16.80
C ASP A 66 15.06 -13.29 17.07
N TRP A 67 13.74 -13.32 16.96
CA TRP A 67 12.98 -14.55 17.20
C TRP A 67 12.19 -14.92 15.96
N ASN A 68 11.18 -14.12 15.66
CA ASN A 68 10.33 -14.33 14.49
C ASN A 68 10.54 -13.22 13.48
N ASP A 69 10.86 -12.03 13.97
CA ASP A 69 11.10 -10.88 13.11
C ASP A 69 9.85 -10.52 12.32
N ASP A 70 9.92 -9.38 11.66
CA ASP A 70 8.82 -8.91 10.83
C ASP A 70 9.29 -8.83 9.40
N TYR A 71 8.67 -9.61 8.53
CA TYR A 71 9.08 -9.62 7.13
C TYR A 71 7.92 -9.55 6.16
N CYS A 72 8.16 -8.82 5.07
CA CYS A 72 7.17 -8.67 4.03
C CYS A 72 6.95 -9.99 3.30
N THR A 73 5.85 -10.10 2.58
CA THR A 73 5.53 -11.32 1.84
C THR A 73 5.38 -11.04 0.35
N GLY A 74 5.79 -9.85 -0.08
CA GLY A 74 5.69 -9.48 -1.49
C GLY A 74 4.32 -9.74 -2.07
N LYS A 75 3.30 -9.73 -1.20
CA LYS A 75 1.93 -9.96 -1.65
C LYS A 75 0.95 -8.95 -1.05
N SER A 76 1.46 -7.97 -0.31
CA SER A 76 0.62 -6.96 0.30
C SER A 76 1.44 -5.81 0.89
N SER A 77 0.73 -4.78 1.35
CA SER A 77 1.36 -3.61 1.96
C SER A 77 1.57 -3.82 3.45
N ASP A 78 1.39 -5.05 3.92
CA ASP A 78 1.55 -5.36 5.33
C ASP A 78 2.77 -6.24 5.58
N CYS A 79 3.45 -5.99 6.69
CA CYS A 79 4.64 -6.74 7.07
C CYS A 79 4.42 -7.45 8.41
N PRO A 80 4.11 -8.76 8.39
CA PRO A 80 3.87 -9.53 9.62
C PRO A 80 5.13 -9.71 10.46
N TRP A 81 5.02 -9.38 11.75
CA TRP A 81 6.15 -9.50 12.68
C TRP A 81 6.12 -10.81 13.45
N ASN A 82 4.98 -11.47 13.42
CA ASN A 82 4.80 -12.75 14.12
C ASN A 82 5.01 -12.58 15.62
N HIS A 83 4.51 -11.48 16.16
CA HIS A 83 4.64 -11.20 17.59
C HIS A 83 3.29 -10.77 18.18
N SER A 1 -13.80 10.60 7.94
CA SER A 1 -13.05 9.87 6.88
C SER A 1 -14.00 9.30 5.83
N PRO A 2 -14.45 10.13 4.88
CA PRO A 2 -15.36 9.71 3.81
C PRO A 2 -14.74 8.65 2.91
N PRO A 3 -15.23 7.40 2.99
CA PRO A 3 -14.70 6.30 2.17
C PRO A 3 -15.19 6.35 0.71
N VAL A 4 -14.95 7.49 0.07
CA VAL A 4 -15.37 7.68 -1.32
C VAL A 4 -14.18 7.96 -2.23
N CYS A 5 -14.30 7.58 -3.49
CA CYS A 5 -13.26 7.82 -4.47
C CYS A 5 -13.37 9.26 -4.94
N GLY A 6 -12.65 10.13 -4.24
CA GLY A 6 -12.68 11.54 -4.55
C GLY A 6 -12.70 12.38 -3.28
N ASN A 7 -12.10 11.81 -2.24
CA ASN A 7 -12.02 12.47 -0.94
C ASN A 7 -10.59 12.37 -0.41
N LYS A 8 -9.67 11.99 -1.31
CA LYS A 8 -8.28 11.80 -0.97
C LYS A 8 -8.11 10.52 -0.18
N ILE A 9 -9.18 9.72 -0.18
CA ILE A 9 -9.19 8.44 0.50
C ILE A 9 -9.36 7.34 -0.55
N LEU A 10 -8.84 6.17 -0.26
CA LEU A 10 -8.94 5.05 -1.18
C LEU A 10 -10.32 4.44 -1.13
N GLU A 11 -11.34 5.29 -1.34
CA GLU A 11 -12.74 4.86 -1.31
C GLU A 11 -12.92 3.74 -0.31
N GLN A 12 -12.72 4.06 0.96
CA GLN A 12 -12.84 3.08 2.03
C GLN A 12 -11.64 2.14 2.06
N GLY A 13 -11.61 1.20 1.12
CA GLY A 13 -10.52 0.25 1.02
C GLY A 13 -10.36 -0.23 -0.40
N GLU A 14 -10.60 0.67 -1.34
CA GLU A 14 -10.52 0.38 -2.76
C GLU A 14 -9.11 0.04 -3.20
N ASP A 15 -8.11 0.64 -2.55
CA ASP A 15 -6.70 0.42 -2.87
C ASP A 15 -6.19 1.42 -3.88
N CYS A 16 -6.78 2.60 -3.85
CA CYS A 16 -6.39 3.70 -4.73
C CYS A 16 -7.07 4.98 -4.30
N ASP A 17 -6.34 5.81 -3.59
CA ASP A 17 -6.88 7.06 -3.09
C ASP A 17 -6.34 8.26 -3.88
N CYS A 18 -7.26 9.07 -4.38
CA CYS A 18 -6.90 10.25 -5.16
C CYS A 18 -8.08 11.22 -5.20
N GLY A 19 -7.84 12.47 -4.83
CA GLY A 19 -8.89 13.47 -4.83
C GLY A 19 -9.66 13.50 -6.15
N SER A 20 -8.93 13.51 -7.25
CA SER A 20 -9.54 13.52 -8.58
C SER A 20 -8.78 12.59 -9.53
N PRO A 21 -9.50 11.89 -10.43
CA PRO A 21 -8.87 10.98 -11.39
C PRO A 21 -7.88 11.70 -12.29
N ALA A 22 -8.12 12.99 -12.51
CA ALA A 22 -7.24 13.80 -13.35
C ALA A 22 -6.09 14.36 -12.53
N ASN A 23 -6.33 14.59 -11.25
CA ASN A 23 -5.32 15.12 -10.35
C ASN A 23 -4.82 14.05 -9.40
N CYS A 24 -5.05 12.79 -9.78
CA CYS A 24 -4.64 11.66 -8.97
C CYS A 24 -3.13 11.64 -8.78
N GLN A 25 -2.68 12.34 -7.75
CA GLN A 25 -1.24 12.42 -7.45
C GLN A 25 -0.70 11.08 -6.95
N ASP A 26 -0.96 10.02 -7.70
CA ASP A 26 -0.49 8.69 -7.35
C ASP A 26 -0.23 7.86 -8.60
N ARG A 27 1.02 7.84 -9.04
CA ARG A 27 1.40 7.09 -10.24
C ARG A 27 1.28 5.59 -10.01
N CYS A 28 1.13 5.17 -8.76
CA CYS A 28 1.01 3.76 -8.44
C CYS A 28 -0.46 3.33 -8.33
N CYS A 29 -1.37 4.17 -8.81
CA CYS A 29 -2.80 3.84 -8.76
C CYS A 29 -3.64 4.91 -9.46
N ASN A 30 -4.75 4.46 -10.06
CA ASN A 30 -5.64 5.38 -10.77
C ASN A 30 -6.99 5.50 -10.06
N ALA A 31 -7.39 6.74 -9.76
CA ALA A 31 -8.65 7.00 -9.06
C ALA A 31 -9.85 6.66 -9.95
N ALA A 32 -9.70 6.87 -11.26
CA ALA A 32 -10.77 6.59 -12.21
C ALA A 32 -11.38 5.21 -11.98
N THR A 33 -10.60 4.32 -11.39
CA THR A 33 -11.06 2.96 -11.11
C THR A 33 -11.05 2.69 -9.61
N CYS A 34 -10.21 3.44 -8.90
CA CYS A 34 -10.08 3.27 -7.46
C CYS A 34 -9.32 1.98 -7.19
N LYS A 35 -8.23 1.78 -7.92
CA LYS A 35 -7.42 0.60 -7.76
C LYS A 35 -6.01 0.83 -8.32
N LEU A 36 -5.06 0.02 -7.84
CA LEU A 36 -3.67 0.11 -8.27
C LEU A 36 -3.57 0.24 -9.79
N THR A 37 -2.52 0.91 -10.26
CA THR A 37 -2.31 1.08 -11.69
C THR A 37 -1.41 -0.01 -12.24
N PRO A 38 -1.39 -0.20 -13.57
CA PRO A 38 -0.55 -1.22 -14.21
C PRO A 38 0.90 -1.14 -13.73
N GLY A 39 1.34 -2.20 -13.07
CA GLY A 39 2.71 -2.22 -12.56
C GLY A 39 2.77 -1.86 -11.08
N SER A 40 1.68 -1.29 -10.57
CA SER A 40 1.61 -0.88 -9.17
C SER A 40 1.05 -2.02 -8.31
N GLN A 41 1.87 -2.53 -7.40
CA GLN A 41 1.45 -3.62 -6.52
C GLN A 41 1.36 -3.19 -5.05
N CYS A 42 1.33 -1.88 -4.79
CA CYS A 42 1.24 -1.41 -3.41
C CYS A 42 0.46 -0.11 -3.29
N ASN A 43 0.84 0.90 -4.06
CA ASN A 43 0.17 2.20 -4.05
C ASN A 43 0.40 2.93 -2.72
N TYR A 44 0.62 2.17 -1.65
CA TYR A 44 0.84 2.73 -0.33
C TYR A 44 1.00 1.62 0.70
N GLY A 45 1.50 1.96 1.88
CA GLY A 45 1.68 0.98 2.93
C GLY A 45 3.14 0.73 3.26
N GLU A 46 3.37 0.02 4.37
CA GLU A 46 4.73 -0.30 4.80
C GLU A 46 5.48 -1.08 3.73
N CYS A 47 4.82 -2.09 3.19
CA CYS A 47 5.41 -2.94 2.16
C CYS A 47 5.52 -2.21 0.82
N CYS A 48 4.77 -1.12 0.66
CA CYS A 48 4.80 -0.37 -0.58
C CYS A 48 6.15 0.31 -0.80
N ASP A 49 6.64 0.20 -2.03
CA ASP A 49 7.92 0.80 -2.41
C ASP A 49 8.01 0.91 -3.93
N GLN A 50 7.90 2.13 -4.45
CA GLN A 50 7.96 2.35 -5.89
C GLN A 50 6.83 1.62 -6.59
N CYS A 51 5.64 1.66 -5.99
CA CYS A 51 4.48 1.00 -6.55
C CYS A 51 4.67 -0.52 -6.58
N ARG A 52 5.49 -1.02 -5.67
CA ARG A 52 5.75 -2.46 -5.59
C ARG A 52 5.93 -2.91 -4.15
N PHE A 53 5.40 -4.08 -3.82
CA PHE A 53 5.51 -4.61 -2.47
C PHE A 53 6.94 -5.00 -2.16
N LYS A 54 7.38 -4.71 -0.94
CA LYS A 54 8.72 -5.05 -0.51
C LYS A 54 8.92 -6.56 -0.55
N LYS A 55 9.71 -7.02 -1.51
CA LYS A 55 9.98 -8.46 -1.67
C LYS A 55 10.06 -9.16 -0.31
N ALA A 56 9.28 -10.24 -0.17
CA ALA A 56 9.26 -11.00 1.08
C ALA A 56 10.65 -11.11 1.66
N GLY A 57 10.78 -10.75 2.93
CA GLY A 57 12.07 -10.79 3.58
C GLY A 57 12.53 -9.40 4.00
N THR A 58 11.82 -8.38 3.52
CA THR A 58 12.15 -7.00 3.87
C THR A 58 11.61 -6.68 5.26
N VAL A 59 12.51 -6.53 6.23
CA VAL A 59 12.11 -6.23 7.59
C VAL A 59 11.53 -4.82 7.71
N CYS A 60 10.27 -4.74 8.13
CA CYS A 60 9.62 -3.44 8.29
C CYS A 60 9.51 -3.07 9.77
N ARG A 61 9.49 -4.09 10.63
CA ARG A 61 9.37 -3.87 12.07
C ARG A 61 10.01 -5.02 12.86
N ILE A 62 10.11 -4.81 14.17
CA ILE A 62 10.69 -5.81 15.07
C ILE A 62 10.18 -5.58 16.48
N ALA A 63 9.64 -6.63 17.08
CA ALA A 63 9.11 -6.54 18.45
C ALA A 63 10.08 -5.82 19.37
N ARG A 64 11.21 -6.45 19.66
CA ARG A 64 12.22 -5.86 20.54
C ARG A 64 13.41 -6.80 20.74
N GLY A 65 14.18 -7.01 19.69
CA GLY A 65 15.33 -7.87 19.78
C GLY A 65 15.63 -8.60 18.48
N ASP A 66 15.45 -9.91 18.49
CA ASP A 66 15.69 -10.73 17.30
C ASP A 66 15.16 -12.14 17.49
N TRP A 67 13.86 -12.31 17.29
CA TRP A 67 13.22 -13.62 17.44
C TRP A 67 12.57 -14.04 16.12
N ASN A 68 11.52 -13.33 15.76
CA ASN A 68 10.80 -13.60 14.52
C ASN A 68 10.99 -12.43 13.54
N ASP A 69 11.02 -11.22 14.10
CA ASP A 69 11.20 -10.01 13.29
C ASP A 69 10.06 -9.84 12.29
N ASP A 70 9.68 -8.58 12.08
CA ASP A 70 8.61 -8.27 11.14
C ASP A 70 9.14 -8.27 9.72
N TYR A 71 8.50 -9.03 8.85
CA TYR A 71 8.95 -9.12 7.46
C TYR A 71 7.81 -9.07 6.46
N CYS A 72 8.07 -8.41 5.34
CA CYS A 72 7.09 -8.29 4.27
C CYS A 72 6.89 -9.65 3.60
N THR A 73 5.79 -9.78 2.86
CA THR A 73 5.49 -11.03 2.17
C THR A 73 5.40 -10.84 0.66
N GLY A 74 5.80 -9.66 0.18
CA GLY A 74 5.76 -9.38 -1.24
C GLY A 74 4.42 -9.67 -1.88
N LYS A 75 3.36 -9.64 -1.07
CA LYS A 75 2.01 -9.92 -1.56
C LYS A 75 1.02 -8.86 -1.10
N SER A 76 1.33 -8.16 -0.01
CA SER A 76 0.45 -7.13 0.52
C SER A 76 1.23 -5.92 1.00
N SER A 77 0.51 -4.85 1.32
CA SER A 77 1.12 -3.61 1.81
C SER A 77 1.33 -3.67 3.32
N ASP A 78 1.12 -4.84 3.91
CA ASP A 78 1.29 -5.01 5.35
C ASP A 78 2.51 -5.86 5.67
N CYS A 79 3.22 -5.49 6.73
CA CYS A 79 4.41 -6.22 7.15
C CYS A 79 4.17 -6.86 8.52
N PRO A 80 3.91 -8.17 8.56
CA PRO A 80 3.66 -8.90 9.81
C PRO A 80 4.92 -9.10 10.66
N TRP A 81 4.79 -8.88 11.97
CA TRP A 81 5.90 -9.04 12.90
C TRP A 81 6.47 -10.45 12.83
N ASN A 82 5.66 -11.37 12.35
CA ASN A 82 6.04 -12.78 12.26
C ASN A 82 5.91 -13.42 13.65
N HIS A 83 5.00 -12.86 14.45
CA HIS A 83 4.75 -13.35 15.80
C HIS A 83 3.51 -14.23 15.85
N SER A 1 -9.45 11.62 6.41
CA SER A 1 -10.91 11.82 6.41
C SER A 1 -11.65 10.50 6.17
N PRO A 2 -12.99 10.54 6.20
CA PRO A 2 -13.81 9.34 5.99
C PRO A 2 -13.45 8.60 4.69
N PRO A 3 -14.17 7.52 4.38
CA PRO A 3 -13.94 6.73 3.17
C PRO A 3 -14.67 7.29 1.97
N VAL A 4 -13.97 8.08 1.15
CA VAL A 4 -14.57 8.66 -0.04
C VAL A 4 -13.83 8.24 -1.30
N CYS A 5 -14.48 7.40 -2.11
CA CYS A 5 -13.88 6.95 -3.36
C CYS A 5 -14.09 8.02 -4.41
N GLY A 6 -13.01 8.67 -4.82
CA GLY A 6 -13.13 9.74 -5.79
C GLY A 6 -12.98 11.08 -5.10
N ASN A 7 -12.25 11.08 -3.99
CA ASN A 7 -12.01 12.27 -3.21
C ASN A 7 -10.52 12.42 -2.97
N LYS A 8 -9.74 11.59 -3.66
CA LYS A 8 -8.30 11.59 -3.53
C LYS A 8 -7.91 11.00 -2.18
N ILE A 9 -8.85 10.30 -1.55
CA ILE A 9 -8.59 9.69 -0.26
C ILE A 9 -8.47 8.18 -0.38
N LEU A 10 -7.36 7.64 0.09
CA LEU A 10 -7.14 6.20 0.06
C LEU A 10 -7.80 5.61 1.30
N GLU A 11 -9.09 5.85 1.44
CA GLU A 11 -9.84 5.37 2.60
C GLU A 11 -11.02 4.52 2.19
N GLN A 12 -11.78 4.98 1.19
CA GLN A 12 -12.94 4.23 0.73
C GLN A 12 -12.52 2.90 0.09
N GLY A 13 -11.95 2.00 0.90
CA GLY A 13 -11.52 0.69 0.43
C GLY A 13 -10.98 0.70 -0.99
N GLU A 14 -10.31 1.79 -1.36
CA GLU A 14 -9.75 1.91 -2.70
C GLU A 14 -8.27 1.55 -2.73
N ASP A 15 -7.51 2.05 -1.75
CA ASP A 15 -6.09 1.79 -1.68
C ASP A 15 -5.34 2.46 -2.84
N CYS A 16 -6.03 3.36 -3.55
CA CYS A 16 -5.45 4.07 -4.67
C CYS A 16 -6.53 4.77 -5.48
N ASP A 17 -6.84 6.00 -5.11
CA ASP A 17 -7.87 6.77 -5.80
C ASP A 17 -7.48 8.25 -5.90
N CYS A 18 -8.11 8.94 -6.84
CA CYS A 18 -7.86 10.36 -7.05
C CYS A 18 -9.17 11.15 -6.92
N GLY A 19 -9.08 12.35 -6.38
CA GLY A 19 -10.26 13.18 -6.21
C GLY A 19 -11.09 13.25 -7.48
N SER A 20 -10.43 13.39 -8.63
CA SER A 20 -11.10 13.47 -9.90
C SER A 20 -10.36 12.66 -10.97
N PRO A 21 -11.02 11.63 -11.55
CA PRO A 21 -10.41 10.78 -12.58
C PRO A 21 -9.70 11.59 -13.65
N ALA A 22 -10.15 12.82 -13.87
CA ALA A 22 -9.56 13.70 -14.87
C ALA A 22 -8.33 14.40 -14.31
N ASN A 23 -8.35 14.64 -13.00
CA ASN A 23 -7.23 15.30 -12.34
C ASN A 23 -6.46 14.29 -11.47
N CYS A 24 -6.61 13.01 -11.80
CA CYS A 24 -5.95 11.95 -11.07
C CYS A 24 -4.43 12.08 -11.18
N GLN A 25 -3.86 12.85 -10.27
CA GLN A 25 -2.42 13.08 -10.25
C GLN A 25 -1.71 11.96 -9.49
N ASP A 26 -2.08 10.71 -9.77
CA ASP A 26 -1.47 9.56 -9.13
C ASP A 26 -1.25 8.44 -10.14
N ARG A 27 -0.05 8.37 -10.69
CA ARG A 27 0.29 7.36 -11.68
C ARG A 27 0.21 5.95 -11.09
N CYS A 28 0.25 5.86 -9.76
CA CYS A 28 0.18 4.58 -9.08
C CYS A 28 -1.21 4.33 -8.50
N CYS A 29 -2.07 5.34 -8.54
CA CYS A 29 -3.42 5.23 -8.01
C CYS A 29 -4.44 5.81 -8.99
N ASN A 30 -5.43 5.01 -9.37
CA ASN A 30 -6.46 5.46 -10.30
C ASN A 30 -7.82 5.56 -9.62
N ALA A 31 -8.49 6.69 -9.83
CA ALA A 31 -9.81 6.92 -9.24
C ALA A 31 -10.88 6.10 -9.94
N ALA A 32 -10.79 6.04 -11.27
CA ALA A 32 -11.75 5.29 -12.07
C ALA A 32 -11.86 3.84 -11.62
N THR A 33 -10.85 3.38 -10.86
CA THR A 33 -10.84 2.01 -10.36
C THR A 33 -10.81 1.99 -8.85
N CYS A 34 -10.38 3.09 -8.25
CA CYS A 34 -10.26 3.16 -6.81
C CYS A 34 -9.28 2.10 -6.34
N LYS A 35 -8.19 1.95 -7.09
CA LYS A 35 -7.17 0.95 -6.77
C LYS A 35 -5.87 1.24 -7.51
N LEU A 36 -4.83 0.51 -7.14
CA LEU A 36 -3.51 0.69 -7.76
C LEU A 36 -3.58 0.49 -9.27
N THR A 37 -2.97 1.40 -10.01
CA THR A 37 -2.97 1.32 -11.47
C THR A 37 -1.95 0.29 -11.95
N PRO A 38 -1.97 -0.04 -13.25
CA PRO A 38 -1.05 -1.02 -13.82
C PRO A 38 0.41 -0.70 -13.50
N GLY A 39 1.05 -1.58 -12.75
CA GLY A 39 2.44 -1.37 -12.38
C GLY A 39 2.59 -0.86 -10.96
N SER A 40 1.52 -0.99 -10.16
CA SER A 40 1.55 -0.54 -8.78
C SER A 40 0.96 -1.59 -7.85
N GLN A 41 1.76 -2.04 -6.89
CA GLN A 41 1.31 -3.05 -5.94
C GLN A 41 1.22 -2.50 -4.52
N CYS A 42 1.97 -1.43 -4.26
CA CYS A 42 1.98 -0.81 -2.94
C CYS A 42 2.25 0.67 -3.03
N ASN A 43 1.19 1.47 -2.88
CA ASN A 43 1.32 2.92 -2.95
C ASN A 43 1.54 3.53 -1.57
N TYR A 44 1.41 2.71 -0.52
CA TYR A 44 1.60 3.19 0.85
C TYR A 44 1.28 2.08 1.85
N GLY A 45 2.20 1.82 2.76
CA GLY A 45 2.01 0.78 3.75
C GLY A 45 3.31 0.20 4.25
N GLU A 46 3.25 -0.68 5.24
CA GLU A 46 4.44 -1.29 5.82
C GLU A 46 5.34 -1.90 4.74
N CYS A 47 4.74 -2.61 3.80
CA CYS A 47 5.50 -3.25 2.74
C CYS A 47 5.69 -2.37 1.51
N CYS A 48 4.90 -1.30 1.41
CA CYS A 48 5.00 -0.41 0.27
C CYS A 48 6.30 0.38 0.23
N ASP A 49 6.84 0.52 -0.97
CA ASP A 49 8.09 1.24 -1.20
C ASP A 49 8.39 1.31 -2.69
N GLN A 50 8.43 2.52 -3.23
CA GLN A 50 8.69 2.71 -4.65
C GLN A 50 7.54 2.16 -5.49
N CYS A 51 6.32 2.24 -4.95
CA CYS A 51 5.14 1.76 -5.64
C CYS A 51 5.19 0.24 -5.85
N ARG A 52 5.98 -0.45 -5.03
CA ARG A 52 6.11 -1.90 -5.12
C ARG A 52 6.26 -2.52 -3.73
N PHE A 53 5.81 -3.76 -3.58
CA PHE A 53 5.90 -4.45 -2.31
C PHE A 53 7.35 -4.60 -1.87
N LYS A 54 7.56 -4.62 -0.57
CA LYS A 54 8.89 -4.77 -0.01
C LYS A 54 9.35 -6.21 -0.12
N LYS A 55 10.12 -6.51 -1.16
CA LYS A 55 10.63 -7.87 -1.41
C LYS A 55 10.73 -8.68 -0.11
N ALA A 56 10.13 -9.86 -0.12
CA ALA A 56 10.14 -10.72 1.05
C ALA A 56 11.51 -10.72 1.70
N GLY A 57 11.54 -10.47 2.99
CA GLY A 57 12.80 -10.42 3.71
C GLY A 57 13.08 -9.03 4.26
N THR A 58 12.25 -8.07 3.84
CA THR A 58 12.38 -6.70 4.30
C THR A 58 11.73 -6.56 5.68
N VAL A 59 12.55 -6.33 6.70
CA VAL A 59 12.03 -6.19 8.06
C VAL A 59 11.27 -4.88 8.24
N CYS A 60 10.00 -4.99 8.63
CA CYS A 60 9.17 -3.80 8.84
C CYS A 60 8.85 -3.61 10.32
N ARG A 61 8.94 -4.69 11.08
CA ARG A 61 8.65 -4.65 12.52
C ARG A 61 9.41 -5.71 13.29
N ILE A 62 9.38 -5.60 14.62
CA ILE A 62 10.06 -6.56 15.49
C ILE A 62 9.40 -6.55 16.87
N ALA A 63 8.96 -7.72 17.32
CA ALA A 63 8.31 -7.84 18.62
C ALA A 63 9.07 -7.08 19.69
N ARG A 64 10.24 -7.60 20.07
CA ARG A 64 11.07 -6.96 21.08
C ARG A 64 12.34 -7.76 21.34
N GLY A 65 13.24 -7.77 20.36
CA GLY A 65 14.49 -8.48 20.51
C GLY A 65 15.00 -9.02 19.18
N ASP A 66 15.01 -10.34 19.05
CA ASP A 66 15.48 -11.00 17.85
C ASP A 66 15.15 -12.48 17.85
N TRP A 67 13.91 -12.80 17.50
CA TRP A 67 13.44 -14.18 17.46
C TRP A 67 13.00 -14.56 16.05
N ASN A 68 11.89 -13.97 15.62
CA ASN A 68 11.35 -14.21 14.30
C ASN A 68 11.42 -12.94 13.45
N ASP A 69 11.22 -11.79 14.12
CA ASP A 69 11.26 -10.50 13.45
C ASP A 69 10.18 -10.39 12.38
N ASP A 70 9.64 -9.19 12.23
CA ASP A 70 8.61 -8.94 11.23
C ASP A 70 9.23 -8.76 9.86
N TYR A 71 8.74 -9.52 8.89
CA TYR A 71 9.29 -9.45 7.54
C TYR A 71 8.22 -9.48 6.46
N CYS A 72 8.44 -8.67 5.43
CA CYS A 72 7.52 -8.60 4.30
C CYS A 72 7.53 -9.92 3.54
N THR A 73 6.51 -10.13 2.71
CA THR A 73 6.40 -11.36 1.93
C THR A 73 6.33 -11.06 0.43
N GLY A 74 6.55 -9.81 0.06
CA GLY A 74 6.50 -9.43 -1.34
C GLY A 74 5.21 -9.85 -2.02
N LYS A 75 4.17 -10.04 -1.24
CA LYS A 75 2.87 -10.44 -1.78
C LYS A 75 1.73 -9.62 -1.20
N SER A 76 2.06 -8.56 -0.46
CA SER A 76 1.05 -7.69 0.14
C SER A 76 1.66 -6.43 0.72
N SER A 77 0.80 -5.50 1.13
CA SER A 77 1.23 -4.24 1.72
C SER A 77 1.38 -4.36 3.24
N ASP A 78 1.33 -5.59 3.74
CA ASP A 78 1.46 -5.82 5.16
C ASP A 78 2.71 -6.62 5.51
N CYS A 79 3.27 -6.33 6.67
CA CYS A 79 4.48 -7.01 7.14
C CYS A 79 4.19 -7.76 8.43
N PRO A 80 4.07 -9.11 8.36
CA PRO A 80 3.79 -9.94 9.54
C PRO A 80 4.98 -10.08 10.48
N TRP A 81 4.71 -9.91 11.79
CA TRP A 81 5.76 -10.03 12.82
C TRP A 81 6.59 -11.29 12.61
N ASN A 82 5.96 -12.30 12.01
CA ASN A 82 6.60 -13.58 11.76
C ASN A 82 6.55 -14.43 13.03
N HIS A 83 5.49 -14.23 13.81
CA HIS A 83 5.30 -14.97 15.05
C HIS A 83 4.24 -16.05 14.90
N SER A 1 -18.40 10.41 4.73
CA SER A 1 -17.66 9.48 5.62
C SER A 1 -16.18 9.40 5.24
N PRO A 2 -15.32 9.01 6.19
CA PRO A 2 -13.87 8.89 5.94
C PRO A 2 -13.54 8.15 4.65
N PRO A 3 -14.23 7.04 4.36
CA PRO A 3 -14.00 6.25 3.15
C PRO A 3 -14.69 6.85 1.93
N VAL A 4 -13.97 7.65 1.16
CA VAL A 4 -14.53 8.27 -0.03
C VAL A 4 -13.77 7.85 -1.29
N CYS A 5 -14.42 7.04 -2.13
CA CYS A 5 -13.82 6.58 -3.36
C CYS A 5 -14.04 7.63 -4.46
N GLY A 6 -13.02 8.44 -4.69
CA GLY A 6 -13.11 9.49 -5.69
C GLY A 6 -13.04 10.86 -5.03
N ASN A 7 -12.33 10.91 -3.91
CA ASN A 7 -12.16 12.13 -3.15
C ASN A 7 -10.68 12.40 -2.89
N LYS A 8 -9.83 11.50 -3.40
CA LYS A 8 -8.39 11.61 -3.21
C LYS A 8 -7.97 11.16 -1.82
N ILE A 9 -8.80 10.35 -1.18
CA ILE A 9 -8.50 9.86 0.15
C ILE A 9 -8.43 8.34 0.17
N LEU A 10 -7.24 7.80 0.38
CA LEU A 10 -7.07 6.36 0.45
C LEU A 10 -7.82 5.82 1.65
N GLU A 11 -9.15 5.83 1.56
CA GLU A 11 -9.98 5.38 2.67
C GLU A 11 -11.10 4.46 2.21
N GLN A 12 -11.85 4.87 1.18
CA GLN A 12 -12.96 4.06 0.68
C GLN A 12 -12.48 2.73 0.09
N GLY A 13 -11.89 1.88 0.93
CA GLY A 13 -11.39 0.57 0.49
C GLY A 13 -10.92 0.53 -0.95
N GLU A 14 -10.30 1.62 -1.39
CA GLU A 14 -9.80 1.70 -2.76
C GLU A 14 -8.31 1.37 -2.83
N ASP A 15 -7.57 1.84 -1.84
CA ASP A 15 -6.13 1.59 -1.76
C ASP A 15 -5.39 2.23 -2.93
N CYS A 16 -5.97 3.29 -3.49
CA CYS A 16 -5.39 4.01 -4.62
C CYS A 16 -6.47 4.73 -5.40
N ASP A 17 -6.80 5.94 -4.96
CA ASP A 17 -7.84 6.73 -5.61
C ASP A 17 -7.40 8.18 -5.80
N CYS A 18 -8.08 8.86 -6.71
CA CYS A 18 -7.81 10.26 -7.01
C CYS A 18 -9.09 11.07 -6.94
N GLY A 19 -9.03 12.23 -6.29
CA GLY A 19 -10.20 13.08 -6.18
C GLY A 19 -10.93 13.24 -7.49
N SER A 20 -10.18 13.47 -8.57
CA SER A 20 -10.77 13.63 -9.89
C SER A 20 -9.94 12.91 -10.95
N PRO A 21 -10.55 11.98 -11.71
CA PRO A 21 -9.86 11.23 -12.75
C PRO A 21 -8.99 12.13 -13.64
N ALA A 22 -9.39 13.38 -13.77
CA ALA A 22 -8.65 14.34 -14.59
C ALA A 22 -7.50 14.96 -13.79
N ASN A 23 -7.68 15.03 -12.48
CA ASN A 23 -6.65 15.59 -11.60
C ASN A 23 -5.98 14.49 -10.79
N CYS A 24 -6.06 13.27 -11.30
CA CYS A 24 -5.46 12.13 -10.63
C CYS A 24 -3.95 12.25 -10.58
N GLN A 25 -3.46 12.96 -9.56
CA GLN A 25 -2.03 13.15 -9.39
C GLN A 25 -1.39 11.95 -8.68
N ASP A 26 -1.71 10.75 -9.16
CA ASP A 26 -1.17 9.53 -8.59
C ASP A 26 -0.95 8.49 -9.68
N ARG A 27 0.28 8.42 -10.19
CA ARG A 27 0.61 7.48 -11.25
C ARG A 27 0.46 6.04 -10.78
N CYS A 28 0.51 5.83 -9.47
CA CYS A 28 0.37 4.48 -8.90
C CYS A 28 -1.04 4.25 -8.35
N CYS A 29 -1.90 5.27 -8.44
CA CYS A 29 -3.27 5.16 -7.96
C CYS A 29 -4.24 5.80 -8.95
N ASN A 30 -5.25 5.03 -9.35
CA ASN A 30 -6.25 5.53 -10.30
C ASN A 30 -7.62 5.67 -9.64
N ALA A 31 -8.24 6.83 -9.86
CA ALA A 31 -9.57 7.12 -9.31
C ALA A 31 -10.63 6.31 -10.04
N ALA A 32 -10.52 6.28 -11.36
CA ALA A 32 -11.48 5.55 -12.20
C ALA A 32 -11.63 4.11 -11.74
N THR A 33 -10.65 3.61 -10.98
CA THR A 33 -10.68 2.24 -10.49
C THR A 33 -10.66 2.22 -8.97
N CYS A 34 -10.13 3.28 -8.37
CA CYS A 34 -10.01 3.35 -6.93
C CYS A 34 -9.11 2.23 -6.45
N LYS A 35 -8.02 2.02 -7.20
CA LYS A 35 -7.06 0.97 -6.89
C LYS A 35 -5.73 1.25 -7.58
N LEU A 36 -4.71 0.47 -7.23
CA LEU A 36 -3.38 0.64 -7.80
C LEU A 36 -3.42 0.50 -9.32
N THR A 37 -2.80 1.45 -10.02
CA THR A 37 -2.77 1.43 -11.47
C THR A 37 -1.76 0.40 -11.98
N PRO A 38 -1.82 0.06 -13.28
CA PRO A 38 -0.91 -0.93 -13.89
C PRO A 38 0.55 -0.61 -13.59
N GLY A 39 1.19 -1.52 -12.86
CA GLY A 39 2.60 -1.33 -12.51
C GLY A 39 2.78 -0.82 -11.09
N SER A 40 1.73 -0.95 -10.28
CA SER A 40 1.79 -0.50 -8.89
C SER A 40 1.19 -1.55 -7.97
N GLN A 41 1.97 -1.98 -6.98
CA GLN A 41 1.51 -3.00 -6.04
C GLN A 41 1.39 -2.41 -4.63
N CYS A 42 2.23 -1.42 -4.32
CA CYS A 42 2.22 -0.79 -3.01
C CYS A 42 2.46 0.71 -3.11
N ASN A 43 1.39 1.48 -3.01
CA ASN A 43 1.48 2.94 -3.07
C ASN A 43 1.30 3.56 -1.69
N TYR A 44 1.19 2.70 -0.67
CA TYR A 44 1.00 3.16 0.70
C TYR A 44 0.90 1.96 1.65
N GLY A 45 1.83 1.87 2.58
CA GLY A 45 1.86 0.76 3.51
C GLY A 45 3.26 0.38 3.93
N GLU A 46 3.37 -0.45 4.96
CA GLU A 46 4.67 -0.88 5.47
C GLU A 46 5.51 -1.58 4.41
N CYS A 47 4.89 -2.49 3.69
CA CYS A 47 5.59 -3.27 2.67
C CYS A 47 5.90 -2.46 1.41
N CYS A 48 5.27 -1.31 1.25
CA CYS A 48 5.48 -0.48 0.06
C CYS A 48 6.88 0.12 0.01
N ASP A 49 7.41 0.18 -1.21
CA ASP A 49 8.74 0.73 -1.45
C ASP A 49 8.96 0.86 -2.96
N GLN A 50 9.05 2.09 -3.44
CA GLN A 50 9.25 2.35 -4.87
C GLN A 50 8.03 1.90 -5.66
N CYS A 51 6.86 2.01 -5.03
CA CYS A 51 5.60 1.62 -5.67
C CYS A 51 5.53 0.12 -5.91
N ARG A 52 6.28 -0.64 -5.12
CA ARG A 52 6.30 -2.10 -5.25
C ARG A 52 6.41 -2.76 -3.88
N PHE A 53 5.81 -3.92 -3.71
CA PHE A 53 5.86 -4.63 -2.44
C PHE A 53 7.29 -4.96 -2.06
N LYS A 54 7.59 -4.83 -0.78
CA LYS A 54 8.92 -5.13 -0.28
C LYS A 54 9.21 -6.62 -0.41
N LYS A 55 9.99 -6.98 -1.42
CA LYS A 55 10.35 -8.38 -1.66
C LYS A 55 10.41 -9.17 -0.37
N ALA A 56 9.69 -10.30 -0.33
CA ALA A 56 9.65 -11.14 0.86
C ALA A 56 11.02 -11.25 1.48
N GLY A 57 11.10 -10.99 2.78
CA GLY A 57 12.36 -11.04 3.47
C GLY A 57 12.77 -9.68 4.01
N THR A 58 12.06 -8.64 3.56
CA THR A 58 12.33 -7.29 4.00
C THR A 58 11.74 -7.07 5.39
N VAL A 59 12.60 -6.85 6.38
CA VAL A 59 12.14 -6.64 7.74
C VAL A 59 11.51 -5.27 7.91
N CYS A 60 10.23 -5.25 8.28
CA CYS A 60 9.53 -3.98 8.49
C CYS A 60 9.38 -3.66 9.98
N ARG A 61 9.40 -4.69 10.81
CA ARG A 61 9.25 -4.52 12.25
C ARG A 61 10.10 -5.53 13.02
N ILE A 62 10.00 -5.48 14.34
CA ILE A 62 10.74 -6.38 15.21
C ILE A 62 10.38 -6.11 16.68
N ALA A 63 10.13 -7.17 17.41
CA ALA A 63 9.76 -7.06 18.82
C ALA A 63 10.90 -6.47 19.65
N ARG A 64 11.82 -7.34 20.09
CA ARG A 64 12.94 -6.88 20.90
C ARG A 64 14.09 -7.89 20.86
N GLY A 65 14.69 -8.05 19.67
CA GLY A 65 15.79 -8.98 19.54
C GLY A 65 15.82 -9.67 18.19
N ASP A 66 15.57 -10.98 18.20
CA ASP A 66 15.57 -11.77 16.99
C ASP A 66 14.99 -13.16 17.24
N TRP A 67 13.67 -13.26 17.14
CA TRP A 67 12.97 -14.53 17.36
C TRP A 67 12.21 -14.93 16.11
N ASN A 68 11.17 -14.17 15.81
CA ASN A 68 10.35 -14.41 14.63
C ASN A 68 10.61 -13.34 13.58
N ASP A 69 10.87 -12.12 14.05
CA ASP A 69 11.14 -11.01 13.16
C ASP A 69 9.95 -10.71 12.26
N ASP A 70 9.81 -9.45 11.89
CA ASP A 70 8.73 -9.02 11.02
C ASP A 70 9.25 -8.91 9.60
N TYR A 71 8.62 -9.64 8.67
CA TYR A 71 9.08 -9.62 7.30
C TYR A 71 7.95 -9.53 6.28
N CYS A 72 8.24 -8.82 5.21
CA CYS A 72 7.29 -8.65 4.12
C CYS A 72 7.13 -9.96 3.36
N THR A 73 6.07 -10.06 2.56
CA THR A 73 5.81 -11.28 1.79
C THR A 73 5.74 -10.97 0.29
N GLY A 74 6.13 -9.76 -0.09
CA GLY A 74 6.11 -9.37 -1.49
C GLY A 74 4.78 -9.67 -2.16
N LYS A 75 3.71 -9.71 -1.37
CA LYS A 75 2.38 -9.99 -1.90
C LYS A 75 1.33 -9.07 -1.29
N SER A 76 1.76 -8.07 -0.51
CA SER A 76 0.82 -7.15 0.12
C SER A 76 1.54 -5.97 0.76
N SER A 77 0.76 -4.98 1.20
CA SER A 77 1.30 -3.79 1.85
C SER A 77 1.43 -3.99 3.35
N ASP A 78 1.29 -5.24 3.80
CA ASP A 78 1.39 -5.56 5.21
C ASP A 78 2.63 -6.40 5.50
N CYS A 79 3.27 -6.13 6.63
CA CYS A 79 4.47 -6.85 7.02
C CYS A 79 4.25 -7.59 8.34
N PRO A 80 3.92 -8.90 8.27
CA PRO A 80 3.68 -9.71 9.48
C PRO A 80 4.88 -9.63 10.42
N TRP A 81 4.62 -9.57 11.73
CA TRP A 81 5.69 -9.49 12.71
C TRP A 81 5.77 -10.72 13.60
N ASN A 82 5.02 -11.76 13.24
CA ASN A 82 4.99 -13.01 13.99
C ASN A 82 5.06 -12.79 15.50
N HIS A 83 4.39 -11.74 15.98
CA HIS A 83 4.39 -11.43 17.41
C HIS A 83 2.97 -11.14 17.89
N SER A 1 -19.11 9.43 6.82
CA SER A 1 -18.27 8.40 6.14
C SER A 1 -16.97 9.02 5.61
N PRO A 2 -15.92 9.04 6.44
CA PRO A 2 -14.62 9.60 6.06
C PRO A 2 -14.10 9.00 4.75
N PRO A 3 -14.19 7.67 4.58
CA PRO A 3 -13.71 7.00 3.37
C PRO A 3 -14.48 7.44 2.12
N VAL A 4 -13.81 8.20 1.25
CA VAL A 4 -14.45 8.69 0.03
C VAL A 4 -13.72 8.21 -1.23
N CYS A 5 -14.38 7.33 -1.99
CA CYS A 5 -13.82 6.81 -3.22
C CYS A 5 -14.06 7.82 -4.34
N GLY A 6 -13.02 8.55 -4.71
CA GLY A 6 -13.14 9.56 -5.73
C GLY A 6 -13.01 10.94 -5.13
N ASN A 7 -12.23 11.01 -4.04
CA ASN A 7 -11.98 12.25 -3.32
C ASN A 7 -10.48 12.43 -3.13
N LYS A 8 -9.71 11.55 -3.76
CA LYS A 8 -8.26 11.58 -3.66
C LYS A 8 -7.79 10.99 -2.34
N ILE A 9 -8.71 10.29 -1.65
CA ILE A 9 -8.39 9.68 -0.37
C ILE A 9 -8.28 8.16 -0.51
N LEU A 10 -7.21 7.60 0.03
CA LEU A 10 -7.02 6.16 0.00
C LEU A 10 -7.68 5.58 1.24
N GLU A 11 -8.97 5.84 1.39
CA GLU A 11 -9.73 5.38 2.54
C GLU A 11 -10.93 4.55 2.12
N GLN A 12 -11.75 5.08 1.20
CA GLN A 12 -12.94 4.35 0.75
C GLN A 12 -12.55 3.03 0.07
N GLY A 13 -12.03 2.09 0.86
CA GLY A 13 -11.63 0.78 0.36
C GLY A 13 -10.96 0.82 -1.01
N GLU A 14 -10.23 1.89 -1.30
CA GLU A 14 -9.56 2.00 -2.59
C GLU A 14 -8.09 1.59 -2.50
N ASP A 15 -7.33 2.26 -1.64
CA ASP A 15 -5.90 1.97 -1.48
C ASP A 15 -5.11 2.60 -2.63
N CYS A 16 -5.79 3.45 -3.40
CA CYS A 16 -5.18 4.13 -4.54
C CYS A 16 -6.26 4.81 -5.37
N ASP A 17 -6.73 5.96 -4.91
CA ASP A 17 -7.77 6.69 -5.62
C ASP A 17 -7.39 8.16 -5.80
N CYS A 18 -8.07 8.81 -6.74
CA CYS A 18 -7.85 10.22 -7.03
C CYS A 18 -9.17 10.98 -6.95
N GLY A 19 -9.11 12.22 -6.46
CA GLY A 19 -10.31 13.03 -6.36
C GLY A 19 -11.11 13.04 -7.65
N SER A 20 -10.42 13.29 -8.76
CA SER A 20 -11.06 13.34 -10.07
C SER A 20 -10.20 12.64 -11.12
N PRO A 21 -10.77 11.70 -11.90
CA PRO A 21 -10.03 10.97 -12.94
C PRO A 21 -9.20 11.89 -13.82
N ALA A 22 -9.63 13.15 -13.94
CA ALA A 22 -8.93 14.12 -14.75
C ALA A 22 -7.80 14.77 -13.96
N ASN A 23 -7.96 14.85 -12.64
CA ASN A 23 -6.97 15.43 -11.77
C ASN A 23 -6.24 14.37 -10.96
N CYS A 24 -6.27 13.13 -11.47
CA CYS A 24 -5.62 12.02 -10.80
C CYS A 24 -4.11 12.15 -10.85
N GLN A 25 -3.55 12.87 -9.90
CA GLN A 25 -2.11 13.08 -9.83
C GLN A 25 -1.42 11.94 -9.09
N ASP A 26 -1.81 10.71 -9.41
CA ASP A 26 -1.22 9.54 -8.79
C ASP A 26 -0.95 8.47 -9.84
N ARG A 27 0.28 8.43 -10.34
CA ARG A 27 0.67 7.46 -11.36
C ARG A 27 0.53 6.04 -10.84
N CYS A 28 0.56 5.87 -9.52
CA CYS A 28 0.45 4.54 -8.92
C CYS A 28 -0.94 4.30 -8.34
N CYS A 29 -1.83 5.29 -8.50
CA CYS A 29 -3.19 5.18 -8.00
C CYS A 29 -4.18 5.79 -8.99
N ASN A 30 -5.19 5.02 -9.37
CA ASN A 30 -6.20 5.49 -10.32
C ASN A 30 -7.57 5.65 -9.66
N ALA A 31 -8.22 6.78 -9.95
CA ALA A 31 -9.54 7.08 -9.40
C ALA A 31 -10.60 6.24 -10.08
N ALA A 32 -10.49 6.11 -11.40
CA ALA A 32 -11.44 5.32 -12.17
C ALA A 32 -11.55 3.90 -11.66
N THR A 33 -10.56 3.48 -10.87
CA THR A 33 -10.55 2.14 -10.32
C THR A 33 -10.52 2.18 -8.79
N CYS A 34 -10.19 3.35 -8.24
CA CYS A 34 -10.09 3.49 -6.81
C CYS A 34 -9.19 2.39 -6.25
N LYS A 35 -8.06 2.20 -6.93
CA LYS A 35 -7.10 1.16 -6.56
C LYS A 35 -5.80 1.33 -7.33
N LEU A 36 -4.74 0.68 -6.86
CA LEU A 36 -3.42 0.76 -7.49
C LEU A 36 -3.53 0.58 -9.01
N THR A 37 -2.64 1.25 -9.73
CA THR A 37 -2.62 1.16 -11.19
C THR A 37 -1.73 0.02 -11.65
N PRO A 38 -1.81 -0.37 -12.93
CA PRO A 38 -0.99 -1.45 -13.48
C PRO A 38 0.51 -1.19 -13.31
N GLY A 39 1.16 -2.04 -12.53
CA GLY A 39 2.58 -1.88 -12.28
C GLY A 39 2.88 -1.51 -10.84
N SER A 40 1.92 -0.84 -10.20
CA SER A 40 2.08 -0.42 -8.81
C SER A 40 1.33 -1.37 -7.87
N GLN A 41 2.05 -1.89 -6.89
CA GLN A 41 1.45 -2.83 -5.94
C GLN A 41 1.39 -2.22 -4.54
N CYS A 42 2.28 -1.27 -4.27
CA CYS A 42 2.32 -0.63 -2.95
C CYS A 42 2.58 0.86 -3.06
N ASN A 43 1.52 1.65 -2.99
CA ASN A 43 1.64 3.11 -3.06
C ASN A 43 1.46 3.73 -1.68
N TYR A 44 1.35 2.89 -0.65
CA TYR A 44 1.18 3.35 0.71
C TYR A 44 1.12 2.17 1.67
N GLY A 45 2.07 2.12 2.60
CA GLY A 45 2.14 1.02 3.55
C GLY A 45 3.56 0.65 3.91
N GLU A 46 3.72 -0.14 4.96
CA GLU A 46 5.05 -0.56 5.41
C GLU A 46 5.83 -1.30 4.34
N CYS A 47 5.16 -2.24 3.68
CA CYS A 47 5.80 -3.07 2.67
C CYS A 47 6.09 -2.30 1.37
N CYS A 48 5.50 -1.12 1.21
CA CYS A 48 5.70 -0.34 0.00
C CYS A 48 7.11 0.21 -0.11
N ASP A 49 7.60 0.24 -1.35
CA ASP A 49 8.93 0.74 -1.65
C ASP A 49 9.09 0.86 -3.16
N GLN A 50 9.20 2.10 -3.65
CA GLN A 50 9.33 2.35 -5.08
C GLN A 50 8.08 1.88 -5.82
N CYS A 51 6.93 1.98 -5.14
CA CYS A 51 5.65 1.58 -5.72
C CYS A 51 5.60 0.07 -5.96
N ARG A 52 6.32 -0.68 -5.12
CA ARG A 52 6.35 -2.13 -5.23
C ARG A 52 6.46 -2.77 -3.85
N PHE A 53 5.82 -3.91 -3.66
CA PHE A 53 5.86 -4.59 -2.37
C PHE A 53 7.28 -4.97 -2.00
N LYS A 54 7.59 -4.83 -0.72
CA LYS A 54 8.92 -5.16 -0.22
C LYS A 54 9.15 -6.66 -0.30
N LYS A 55 9.88 -7.09 -1.34
CA LYS A 55 10.17 -8.51 -1.55
C LYS A 55 10.21 -9.28 -0.24
N ALA A 56 9.46 -10.37 -0.17
CA ALA A 56 9.39 -11.20 1.03
C ALA A 56 10.78 -11.36 1.63
N GLY A 57 10.89 -11.05 2.92
CA GLY A 57 12.18 -11.14 3.58
C GLY A 57 12.65 -9.80 4.07
N THR A 58 11.96 -8.74 3.65
CA THR A 58 12.30 -7.39 4.05
C THR A 58 11.74 -7.11 5.44
N VAL A 59 12.62 -6.98 6.43
CA VAL A 59 12.20 -6.72 7.79
C VAL A 59 11.64 -5.31 7.95
N CYS A 60 10.37 -5.23 8.33
CA CYS A 60 9.72 -3.93 8.54
C CYS A 60 9.60 -3.61 10.02
N ARG A 61 9.55 -4.66 10.84
CA ARG A 61 9.43 -4.49 12.29
C ARG A 61 10.04 -5.67 13.05
N ILE A 62 10.12 -5.53 14.36
CA ILE A 62 10.66 -6.57 15.22
C ILE A 62 10.16 -6.37 16.64
N ALA A 63 9.60 -7.43 17.22
CA ALA A 63 9.07 -7.38 18.58
C ALA A 63 10.04 -6.69 19.52
N ARG A 64 11.17 -7.34 19.80
CA ARG A 64 12.18 -6.80 20.69
C ARG A 64 13.35 -7.75 20.87
N GLY A 65 14.12 -7.94 19.80
CA GLY A 65 15.27 -8.83 19.87
C GLY A 65 15.54 -9.53 18.55
N ASP A 66 15.34 -10.84 18.53
CA ASP A 66 15.56 -11.63 17.33
C ASP A 66 15.02 -13.04 17.50
N TRP A 67 13.72 -13.18 17.29
CA TRP A 67 13.06 -14.48 17.40
C TRP A 67 12.41 -14.86 16.08
N ASN A 68 11.37 -14.12 15.73
CA ASN A 68 10.64 -14.34 14.48
C ASN A 68 10.85 -13.16 13.55
N ASP A 69 10.91 -11.96 14.13
CA ASP A 69 11.11 -10.74 13.37
C ASP A 69 9.98 -10.50 12.38
N ASP A 70 9.68 -9.23 12.13
CA ASP A 70 8.62 -8.87 11.20
C ASP A 70 9.17 -8.80 9.79
N TYR A 71 8.53 -9.52 8.87
CA TYR A 71 9.00 -9.56 7.49
C TYR A 71 7.88 -9.44 6.48
N CYS A 72 8.18 -8.76 5.39
CA CYS A 72 7.22 -8.59 4.30
C CYS A 72 7.01 -9.91 3.57
N THR A 73 5.93 -9.98 2.80
CA THR A 73 5.62 -11.20 2.05
C THR A 73 5.52 -10.93 0.55
N GLY A 74 5.95 -9.73 0.14
CA GLY A 74 5.90 -9.36 -1.26
C GLY A 74 4.55 -9.60 -1.89
N LYS A 75 3.49 -9.57 -1.07
CA LYS A 75 2.15 -9.80 -1.56
C LYS A 75 1.15 -8.78 -0.99
N SER A 76 1.66 -7.81 -0.24
CA SER A 76 0.79 -6.79 0.35
C SER A 76 1.60 -5.65 0.96
N SER A 77 0.88 -4.61 1.39
CA SER A 77 1.50 -3.44 2.02
C SER A 77 1.65 -3.63 3.52
N ASP A 78 1.42 -4.85 3.98
CA ASP A 78 1.51 -5.16 5.40
C ASP A 78 2.70 -6.07 5.69
N CYS A 79 3.36 -5.81 6.82
CA CYS A 79 4.52 -6.58 7.23
C CYS A 79 4.25 -7.28 8.57
N PRO A 80 3.96 -8.59 8.53
CA PRO A 80 3.66 -9.37 9.74
C PRO A 80 4.90 -9.61 10.62
N TRP A 81 4.72 -9.48 11.94
CA TRP A 81 5.81 -9.68 12.90
C TRP A 81 6.33 -11.12 12.84
N ASN A 82 5.53 -12.00 12.28
CA ASN A 82 5.86 -13.41 12.21
C ASN A 82 5.73 -14.03 13.59
N HIS A 83 4.87 -13.43 14.41
CA HIS A 83 4.64 -13.88 15.78
C HIS A 83 3.36 -14.71 15.87
N SER A 1 -17.04 11.37 6.32
CA SER A 1 -16.62 10.01 5.91
C SER A 1 -15.22 10.01 5.31
N PRO A 2 -14.19 9.87 6.17
CA PRO A 2 -12.79 9.85 5.71
C PRO A 2 -12.56 8.92 4.52
N PRO A 3 -13.13 7.70 4.55
CA PRO A 3 -12.98 6.73 3.47
C PRO A 3 -13.87 7.06 2.28
N VAL A 4 -13.33 7.86 1.35
CA VAL A 4 -14.08 8.25 0.16
C VAL A 4 -13.38 7.81 -1.13
N CYS A 5 -13.97 6.86 -1.83
CA CYS A 5 -13.42 6.38 -3.10
C CYS A 5 -13.82 7.34 -4.21
N GLY A 6 -12.87 8.17 -4.61
CA GLY A 6 -13.13 9.16 -5.64
C GLY A 6 -13.06 10.56 -5.05
N ASN A 7 -12.24 10.68 -4.00
CA ASN A 7 -12.04 11.94 -3.30
C ASN A 7 -10.55 12.21 -3.20
N LYS A 8 -9.76 11.40 -3.90
CA LYS A 8 -8.31 11.52 -3.88
C LYS A 8 -7.77 11.00 -2.55
N ILE A 9 -8.57 10.19 -1.86
CA ILE A 9 -8.17 9.63 -0.59
C ILE A 9 -8.04 8.11 -0.67
N LEU A 10 -6.91 7.61 -0.20
CA LEU A 10 -6.68 6.18 -0.17
C LEU A 10 -7.17 5.65 1.16
N GLU A 11 -8.45 5.92 1.45
CA GLU A 11 -9.05 5.52 2.71
C GLU A 11 -10.26 4.62 2.48
N GLN A 12 -11.10 4.98 1.50
CA GLN A 12 -12.30 4.17 1.22
C GLN A 12 -11.94 2.74 0.80
N GLY A 13 -11.26 2.00 1.68
CA GLY A 13 -10.88 0.62 1.38
C GLY A 13 -10.45 0.44 -0.06
N GLU A 14 -9.82 1.46 -0.63
CA GLU A 14 -9.36 1.42 -2.01
C GLU A 14 -7.88 1.05 -2.09
N ASP A 15 -7.03 1.89 -1.50
CA ASP A 15 -5.58 1.67 -1.48
C ASP A 15 -4.90 2.32 -2.68
N CYS A 16 -5.65 3.14 -3.42
CA CYS A 16 -5.12 3.82 -4.59
C CYS A 16 -6.24 4.46 -5.39
N ASP A 17 -6.61 5.67 -5.02
CA ASP A 17 -7.69 6.38 -5.70
C ASP A 17 -7.33 7.85 -5.92
N CYS A 18 -8.04 8.47 -6.85
CA CYS A 18 -7.85 9.88 -7.17
C CYS A 18 -9.18 10.62 -7.07
N GLY A 19 -9.13 11.88 -6.67
CA GLY A 19 -10.35 12.68 -6.56
C GLY A 19 -11.20 12.60 -7.81
N SER A 20 -10.56 12.76 -8.97
CA SER A 20 -11.26 12.71 -10.25
C SER A 20 -10.44 11.92 -11.28
N PRO A 21 -11.05 10.92 -11.93
CA PRO A 21 -10.35 10.10 -12.95
C PRO A 21 -9.59 10.96 -13.95
N ALA A 22 -10.06 12.18 -14.16
CA ALA A 22 -9.41 13.09 -15.10
C ALA A 22 -8.28 13.87 -14.42
N ASN A 23 -8.40 14.05 -13.11
CA ASN A 23 -7.39 14.77 -12.34
C ASN A 23 -6.58 13.81 -11.47
N CYS A 24 -6.58 12.53 -11.87
CA CYS A 24 -5.85 11.52 -11.12
C CYS A 24 -4.35 11.74 -11.22
N GLN A 25 -3.83 12.57 -10.32
CA GLN A 25 -2.41 12.89 -10.29
C GLN A 25 -1.62 11.82 -9.52
N ASP A 26 -1.93 10.56 -9.79
CA ASP A 26 -1.25 9.45 -9.14
C ASP A 26 -1.04 8.30 -10.13
N ARG A 27 0.15 8.27 -10.72
CA ARG A 27 0.48 7.24 -11.70
C ARG A 27 0.50 5.86 -11.06
N CYS A 28 0.57 5.81 -9.73
CA CYS A 28 0.60 4.54 -9.01
C CYS A 28 -0.79 4.18 -8.46
N CYS A 29 -1.74 5.10 -8.60
CA CYS A 29 -3.10 4.88 -8.12
C CYS A 29 -4.13 5.35 -9.14
N ASN A 30 -5.14 4.52 -9.40
CA ASN A 30 -6.17 4.86 -10.37
C ASN A 30 -7.52 5.08 -9.69
N ALA A 31 -8.15 6.22 -10.02
CA ALA A 31 -9.45 6.57 -9.47
C ALA A 31 -10.55 5.72 -10.09
N ALA A 32 -10.48 5.56 -11.41
CA ALA A 32 -11.47 4.77 -12.14
C ALA A 32 -11.62 3.38 -11.54
N THR A 33 -10.63 2.94 -10.78
CA THR A 33 -10.66 1.63 -10.15
C THR A 33 -10.61 1.76 -8.63
N CYS A 34 -10.05 2.87 -8.16
CA CYS A 34 -9.90 3.08 -6.74
C CYS A 34 -9.01 1.98 -6.17
N LYS A 35 -7.92 1.71 -6.89
CA LYS A 35 -6.97 0.68 -6.52
C LYS A 35 -5.64 0.91 -7.23
N LEU A 36 -4.63 0.15 -6.84
CA LEU A 36 -3.31 0.25 -7.45
C LEU A 36 -3.37 0.05 -8.96
N THR A 37 -2.60 0.84 -9.69
CA THR A 37 -2.58 0.77 -11.15
C THR A 37 -1.55 -0.28 -11.61
N PRO A 38 -1.67 -0.73 -12.87
CA PRO A 38 -0.75 -1.72 -13.43
C PRO A 38 0.72 -1.30 -13.30
N GLY A 39 1.47 -2.07 -12.54
CA GLY A 39 2.89 -1.76 -12.34
C GLY A 39 3.19 -1.35 -10.91
N SER A 40 2.29 -0.54 -10.32
CA SER A 40 2.47 -0.08 -8.96
C SER A 40 1.76 -1.00 -7.97
N GLN A 41 2.51 -1.53 -7.02
CA GLN A 41 1.95 -2.43 -6.01
C GLN A 41 1.99 -1.80 -4.62
N CYS A 42 2.19 -0.49 -4.56
CA CYS A 42 2.24 0.21 -3.28
C CYS A 42 1.86 1.68 -3.44
N ASN A 43 1.55 2.30 -2.33
CA ASN A 43 1.18 3.71 -2.28
C ASN A 43 1.25 4.22 -0.84
N TYR A 44 0.85 3.34 0.08
CA TYR A 44 0.88 3.65 1.51
C TYR A 44 1.11 2.35 2.29
N GLY A 45 1.85 2.43 3.39
CA GLY A 45 2.12 1.25 4.19
C GLY A 45 3.61 0.96 4.30
N GLU A 46 3.99 0.20 5.33
CA GLU A 46 5.39 -0.14 5.56
C GLU A 46 5.99 -0.87 4.36
N CYS A 47 5.27 -1.85 3.85
CA CYS A 47 5.73 -2.65 2.73
C CYS A 47 5.84 -1.80 1.45
N CYS A 48 5.08 -0.72 1.39
CA CYS A 48 5.10 0.15 0.22
C CYS A 48 6.43 0.88 0.08
N ASP A 49 7.04 0.73 -1.10
CA ASP A 49 8.32 1.39 -1.40
C ASP A 49 8.45 1.62 -2.90
N GLN A 50 8.40 2.89 -3.31
CA GLN A 50 8.51 3.25 -4.71
C GLN A 50 7.34 2.69 -5.50
N CYS A 51 6.14 2.85 -4.96
CA CYS A 51 4.93 2.35 -5.61
C CYS A 51 5.01 0.84 -5.82
N ARG A 52 5.86 0.18 -5.04
CA ARG A 52 6.02 -1.27 -5.13
C ARG A 52 6.32 -1.86 -3.75
N PHE A 53 5.59 -2.91 -3.39
CA PHE A 53 5.77 -3.55 -2.10
C PHE A 53 7.19 -4.06 -1.92
N LYS A 54 7.63 -4.09 -0.67
CA LYS A 54 8.97 -4.56 -0.37
C LYS A 54 9.04 -6.07 -0.58
N LYS A 55 10.03 -6.51 -1.37
CA LYS A 55 10.19 -7.93 -1.64
C LYS A 55 10.15 -8.74 -0.35
N ALA A 56 9.20 -9.68 -0.28
CA ALA A 56 9.06 -10.52 0.92
C ALA A 56 10.42 -10.84 1.52
N GLY A 57 10.55 -10.59 2.81
CA GLY A 57 11.82 -10.82 3.47
C GLY A 57 12.41 -9.53 4.00
N THR A 58 11.83 -8.40 3.56
CA THR A 58 12.29 -7.09 4.02
C THR A 58 11.79 -6.83 5.44
N VAL A 59 12.68 -6.93 6.41
CA VAL A 59 12.31 -6.71 7.80
C VAL A 59 11.73 -5.32 8.01
N CYS A 60 10.51 -5.27 8.51
CA CYS A 60 9.82 -4.01 8.77
C CYS A 60 9.73 -3.76 10.28
N ARG A 61 9.66 -4.85 11.05
CA ARG A 61 9.57 -4.75 12.50
C ARG A 61 10.14 -5.99 13.17
N ILE A 62 10.20 -5.94 14.50
CA ILE A 62 10.72 -7.05 15.31
C ILE A 62 10.18 -6.95 16.73
N ALA A 63 9.54 -8.03 17.18
CA ALA A 63 8.96 -8.06 18.53
C ALA A 63 9.94 -7.51 19.56
N ARG A 64 11.00 -8.26 19.83
CA ARG A 64 12.01 -7.83 20.79
C ARG A 64 13.11 -8.88 20.95
N GLY A 65 13.92 -9.04 19.91
CA GLY A 65 15.00 -10.00 19.94
C GLY A 65 15.31 -10.59 18.59
N ASP A 66 15.03 -11.87 18.43
CA ASP A 66 15.28 -12.56 17.17
C ASP A 66 14.66 -13.95 17.17
N TRP A 67 13.36 -13.99 16.88
CA TRP A 67 12.63 -15.26 16.85
C TRP A 67 12.02 -15.47 15.48
N ASN A 68 11.04 -14.65 15.14
CA ASN A 68 10.36 -14.72 13.86
C ASN A 68 10.66 -13.46 13.04
N ASP A 69 10.74 -12.34 13.75
CA ASP A 69 11.02 -11.05 13.10
C ASP A 69 9.92 -10.67 12.12
N ASP A 70 9.56 -9.39 12.10
CA ASP A 70 8.54 -8.90 11.20
C ASP A 70 9.10 -8.79 9.79
N TYR A 71 8.36 -9.29 8.81
CA TYR A 71 8.83 -9.25 7.44
C TYR A 71 7.73 -8.96 6.43
N CYS A 72 8.11 -8.27 5.37
CA CYS A 72 7.20 -7.94 4.30
C CYS A 72 6.82 -9.19 3.52
N THR A 73 5.73 -9.12 2.77
CA THR A 73 5.27 -10.26 1.99
C THR A 73 5.28 -9.96 0.49
N GLY A 74 5.41 -8.69 0.14
CA GLY A 74 5.42 -8.32 -1.27
C GLY A 74 4.06 -8.43 -1.93
N LYS A 75 3.03 -8.64 -1.11
CA LYS A 75 1.66 -8.77 -1.62
C LYS A 75 0.73 -7.77 -0.93
N SER A 76 1.29 -6.94 -0.06
CA SER A 76 0.50 -5.95 0.66
C SER A 76 1.40 -4.90 1.32
N SER A 77 0.80 -3.81 1.77
CA SER A 77 1.54 -2.75 2.43
C SER A 77 1.68 -3.02 3.93
N ASP A 78 1.32 -4.22 4.35
CA ASP A 78 1.40 -4.60 5.75
C ASP A 78 2.60 -5.50 5.99
N CYS A 79 3.26 -5.31 7.13
CA CYS A 79 4.42 -6.11 7.49
C CYS A 79 4.17 -6.90 8.77
N PRO A 80 3.82 -8.20 8.66
CA PRO A 80 3.55 -9.05 9.81
C PRO A 80 4.80 -9.40 10.62
N TRP A 81 4.68 -9.36 11.95
CA TRP A 81 5.79 -9.68 12.84
C TRP A 81 6.30 -11.10 12.59
N ASN A 82 5.44 -11.92 12.00
CA ASN A 82 5.76 -13.31 11.73
C ASN A 82 5.55 -14.15 12.98
N HIS A 83 4.63 -13.69 13.83
CA HIS A 83 4.31 -14.37 15.08
C HIS A 83 3.03 -15.18 14.96
N SER A 1 -12.22 12.18 7.11
CA SER A 1 -13.30 12.07 6.10
C SER A 1 -13.76 10.62 5.93
N PRO A 2 -15.01 10.41 5.49
CA PRO A 2 -15.56 9.06 5.29
C PRO A 2 -14.95 8.37 4.07
N PRO A 3 -15.38 7.12 3.81
CA PRO A 3 -14.89 6.34 2.67
C PRO A 3 -15.54 6.77 1.37
N VAL A 4 -14.87 7.66 0.64
CA VAL A 4 -15.40 8.15 -0.63
C VAL A 4 -14.46 7.83 -1.78
N CYS A 5 -14.92 6.97 -2.69
CA CYS A 5 -14.13 6.61 -3.86
C CYS A 5 -14.27 7.70 -4.91
N GLY A 6 -13.23 8.50 -5.07
CA GLY A 6 -13.28 9.60 -6.01
C GLY A 6 -13.31 10.92 -5.27
N ASN A 7 -12.70 10.93 -4.08
CA ASN A 7 -12.63 12.11 -3.24
C ASN A 7 -11.18 12.39 -2.85
N LYS A 8 -10.28 11.59 -3.38
CA LYS A 8 -8.86 11.72 -3.10
C LYS A 8 -8.51 11.15 -1.73
N ILE A 9 -9.40 10.32 -1.19
CA ILE A 9 -9.18 9.72 0.12
C ILE A 9 -9.18 8.20 0.01
N LEU A 10 -8.04 7.58 0.26
CA LEU A 10 -7.94 6.13 0.22
C LEU A 10 -8.67 5.53 1.41
N GLU A 11 -9.99 5.74 1.44
CA GLU A 11 -10.80 5.24 2.54
C GLU A 11 -11.91 4.33 2.02
N GLN A 12 -12.56 4.73 0.93
CA GLN A 12 -13.63 3.93 0.36
C GLN A 12 -13.10 2.62 -0.24
N GLY A 13 -12.54 1.76 0.62
CA GLY A 13 -12.00 0.47 0.18
C GLY A 13 -11.37 0.51 -1.20
N GLU A 14 -10.71 1.61 -1.52
CA GLU A 14 -10.06 1.77 -2.82
C GLU A 14 -8.57 1.44 -2.74
N ASP A 15 -7.90 1.95 -1.71
CA ASP A 15 -6.46 1.72 -1.51
C ASP A 15 -5.66 2.51 -2.54
N CYS A 16 -6.32 3.41 -3.26
CA CYS A 16 -5.67 4.24 -4.27
C CYS A 16 -6.69 5.22 -4.83
N ASP A 17 -7.22 6.04 -3.95
CA ASP A 17 -8.23 7.03 -4.31
C ASP A 17 -7.64 8.18 -5.12
N CYS A 18 -8.53 8.91 -5.80
CA CYS A 18 -8.14 10.04 -6.62
C CYS A 18 -9.36 10.92 -6.89
N GLY A 19 -9.23 12.22 -6.60
CA GLY A 19 -10.33 13.15 -6.80
C GLY A 19 -11.08 12.90 -8.10
N SER A 20 -10.38 13.08 -9.22
CA SER A 20 -10.99 12.88 -10.53
C SER A 20 -10.00 12.17 -11.46
N PRO A 21 -10.50 11.23 -12.30
CA PRO A 21 -9.64 10.49 -13.22
C PRO A 21 -8.75 11.41 -14.05
N ALA A 22 -9.23 12.62 -14.31
CA ALA A 22 -8.47 13.60 -15.08
C ALA A 22 -7.53 14.39 -14.16
N ASN A 23 -7.92 14.56 -12.91
CA ASN A 23 -7.12 15.29 -11.94
C ASN A 23 -6.50 14.34 -10.93
N CYS A 24 -6.37 13.07 -11.31
CA CYS A 24 -5.79 12.06 -10.44
C CYS A 24 -4.29 12.26 -10.32
N GLN A 25 -3.90 13.06 -9.34
CA GLN A 25 -2.49 13.34 -9.10
C GLN A 25 -1.80 12.17 -8.41
N ASP A 26 -2.03 10.97 -8.92
CA ASP A 26 -1.43 9.76 -8.35
C ASP A 26 -1.19 8.73 -9.45
N ARG A 27 0.07 8.56 -9.84
CA ARG A 27 0.43 7.61 -10.89
C ARG A 27 0.26 6.17 -10.42
N CYS A 28 0.67 5.89 -9.18
CA CYS A 28 0.56 4.55 -8.62
C CYS A 28 -0.83 4.29 -8.04
N CYS A 29 -1.72 5.27 -8.16
CA CYS A 29 -3.08 5.14 -7.65
C CYS A 29 -4.06 5.83 -8.59
N ASN A 30 -4.97 5.06 -9.18
CA ASN A 30 -5.95 5.64 -10.10
C ASN A 30 -7.36 5.56 -9.54
N ALA A 31 -8.10 6.66 -9.69
CA ALA A 31 -9.47 6.74 -9.19
C ALA A 31 -10.43 5.96 -10.08
N ALA A 32 -10.18 5.96 -11.39
CA ALA A 32 -11.01 5.23 -12.34
C ALA A 32 -11.26 3.81 -11.85
N THR A 33 -10.35 3.30 -11.03
CA THR A 33 -10.45 1.97 -10.49
C THR A 33 -10.53 2.02 -8.97
N CYS A 34 -9.96 3.07 -8.40
CA CYS A 34 -9.92 3.22 -6.95
C CYS A 34 -9.03 2.12 -6.40
N LYS A 35 -7.89 1.94 -7.06
CA LYS A 35 -6.93 0.92 -6.66
C LYS A 35 -5.59 1.16 -7.39
N LEU A 36 -4.56 0.49 -6.92
CA LEU A 36 -3.21 0.63 -7.49
C LEU A 36 -3.24 0.46 -9.01
N THR A 37 -2.62 1.40 -9.71
CA THR A 37 -2.56 1.37 -11.17
C THR A 37 -1.60 0.27 -11.63
N PRO A 38 -1.77 -0.22 -12.88
CA PRO A 38 -0.91 -1.27 -13.43
C PRO A 38 0.56 -0.90 -13.33
N GLY A 39 1.31 -1.68 -12.57
CA GLY A 39 2.73 -1.42 -12.39
C GLY A 39 3.10 -1.14 -10.95
N SER A 40 2.14 -0.60 -10.20
CA SER A 40 2.37 -0.28 -8.79
C SER A 40 1.61 -1.25 -7.90
N GLN A 41 2.29 -1.78 -6.88
CA GLN A 41 1.69 -2.72 -5.96
C GLN A 41 1.56 -2.13 -4.55
N CYS A 42 2.43 -1.18 -4.23
CA CYS A 42 2.42 -0.56 -2.91
C CYS A 42 2.60 0.95 -3.00
N ASN A 43 1.51 1.69 -2.86
CA ASN A 43 1.56 3.15 -2.91
C ASN A 43 1.39 3.75 -1.52
N TYR A 44 1.33 2.88 -0.50
CA TYR A 44 1.17 3.32 0.87
C TYR A 44 1.14 2.12 1.81
N GLY A 45 2.10 2.07 2.72
CA GLY A 45 2.19 0.95 3.65
C GLY A 45 3.62 0.58 3.97
N GLU A 46 3.81 -0.23 5.01
CA GLU A 46 5.13 -0.66 5.44
C GLU A 46 5.90 -1.40 4.34
N CYS A 47 5.23 -2.32 3.68
CA CYS A 47 5.85 -3.12 2.63
C CYS A 47 6.18 -2.31 1.37
N CYS A 48 5.59 -1.13 1.24
CA CYS A 48 5.82 -0.30 0.07
C CYS A 48 7.24 0.24 -0.01
N ASP A 49 7.76 0.27 -1.24
CA ASP A 49 9.10 0.76 -1.51
C ASP A 49 9.27 0.95 -3.02
N GLN A 50 9.38 2.20 -3.45
CA GLN A 50 9.52 2.51 -4.87
C GLN A 50 8.27 2.09 -5.62
N CYS A 51 7.12 2.17 -4.94
CA CYS A 51 5.85 1.80 -5.54
C CYS A 51 5.78 0.30 -5.83
N ARG A 52 6.49 -0.49 -5.03
CA ARG A 52 6.51 -1.93 -5.19
C ARG A 52 6.63 -2.62 -3.83
N PHE A 53 5.95 -3.76 -3.67
CA PHE A 53 5.99 -4.49 -2.41
C PHE A 53 7.41 -4.89 -2.07
N LYS A 54 7.75 -4.76 -0.79
CA LYS A 54 9.08 -5.12 -0.32
C LYS A 54 9.30 -6.63 -0.47
N LYS A 55 10.07 -7.01 -1.48
CA LYS A 55 10.36 -8.43 -1.75
C LYS A 55 10.40 -9.22 -0.46
N ALA A 56 9.62 -10.31 -0.40
CA ALA A 56 9.56 -11.15 0.78
C ALA A 56 10.94 -11.33 1.38
N GLY A 57 11.03 -11.09 2.68
CA GLY A 57 12.31 -11.20 3.34
C GLY A 57 12.77 -9.87 3.89
N THR A 58 12.10 -8.80 3.46
CA THR A 58 12.42 -7.46 3.94
C THR A 58 11.84 -7.24 5.32
N VAL A 59 12.69 -6.96 6.29
CA VAL A 59 12.24 -6.76 7.67
C VAL A 59 11.67 -5.36 7.87
N CYS A 60 10.41 -5.28 8.26
CA CYS A 60 9.76 -3.99 8.49
C CYS A 60 9.59 -3.71 9.99
N ARG A 61 9.57 -4.76 10.80
CA ARG A 61 9.41 -4.61 12.24
C ARG A 61 10.18 -5.69 13.01
N ILE A 62 10.08 -5.65 14.33
CA ILE A 62 10.76 -6.63 15.18
C ILE A 62 10.47 -6.35 16.64
N ALA A 63 10.13 -7.40 17.37
CA ALA A 63 9.82 -7.28 18.79
C ALA A 63 10.99 -6.72 19.58
N ARG A 64 12.00 -7.55 19.79
CA ARG A 64 13.19 -7.14 20.53
C ARG A 64 14.22 -8.26 20.60
N GLY A 65 14.85 -8.54 19.47
CA GLY A 65 15.86 -9.59 19.43
C GLY A 65 15.89 -10.31 18.09
N ASP A 66 15.53 -11.58 18.11
CA ASP A 66 15.52 -12.39 16.89
C ASP A 66 14.79 -13.71 17.14
N TRP A 67 13.47 -13.68 17.02
CA TRP A 67 12.65 -14.86 17.24
C TRP A 67 11.86 -15.20 15.97
N ASN A 68 10.89 -14.35 15.68
CA ASN A 68 10.05 -14.51 14.50
C ASN A 68 10.33 -13.41 13.49
N ASP A 69 10.59 -12.21 14.02
CA ASP A 69 10.89 -11.05 13.19
C ASP A 69 9.70 -10.69 12.32
N ASP A 70 9.76 -9.49 11.76
CA ASP A 70 8.72 -9.00 10.88
C ASP A 70 9.26 -8.93 9.47
N TYR A 71 8.62 -9.62 8.55
CA TYR A 71 9.10 -9.63 7.18
C TYR A 71 7.99 -9.51 6.16
N CYS A 72 8.26 -8.74 5.12
CA CYS A 72 7.31 -8.53 4.03
C CYS A 72 7.10 -9.84 3.28
N THR A 73 6.00 -9.91 2.52
CA THR A 73 5.69 -11.11 1.76
C THR A 73 5.62 -10.81 0.26
N GLY A 74 6.09 -9.63 -0.13
CA GLY A 74 6.07 -9.25 -1.53
C GLY A 74 4.73 -9.44 -2.19
N LYS A 75 3.66 -9.42 -1.40
CA LYS A 75 2.32 -9.60 -1.94
C LYS A 75 1.31 -8.65 -1.28
N SER A 76 1.79 -7.72 -0.45
CA SER A 76 0.91 -6.78 0.21
C SER A 76 1.69 -5.63 0.85
N SER A 77 0.96 -4.62 1.31
CA SER A 77 1.56 -3.46 1.96
C SER A 77 1.71 -3.68 3.46
N ASP A 78 1.53 -4.93 3.89
CA ASP A 78 1.65 -5.27 5.32
C ASP A 78 2.85 -6.16 5.57
N CYS A 79 3.50 -5.93 6.71
CA CYS A 79 4.67 -6.71 7.09
C CYS A 79 4.41 -7.45 8.41
N PRO A 80 4.09 -8.76 8.35
CA PRO A 80 3.80 -9.56 9.54
C PRO A 80 5.03 -9.73 10.44
N TRP A 81 4.87 -9.43 11.73
CA TRP A 81 5.97 -9.54 12.69
C TRP A 81 5.99 -10.90 13.40
N ASN A 82 4.88 -11.60 13.31
CA ASN A 82 4.76 -12.92 13.93
C ASN A 82 4.95 -12.84 15.44
N HIS A 83 4.20 -11.95 16.08
CA HIS A 83 4.29 -11.78 17.53
C HIS A 83 2.91 -11.67 18.16
N SER A 1 -9.70 6.80 9.40
CA SER A 1 -10.02 7.96 8.53
C SER A 1 -11.26 7.67 7.67
N PRO A 2 -11.80 8.72 7.01
CA PRO A 2 -12.99 8.59 6.16
C PRO A 2 -12.72 7.77 4.90
N PRO A 3 -13.24 6.54 4.81
CA PRO A 3 -13.05 5.67 3.66
C PRO A 3 -13.92 6.10 2.48
N VAL A 4 -13.38 6.97 1.63
CA VAL A 4 -14.13 7.46 0.47
C VAL A 4 -13.40 7.14 -0.84
N CYS A 5 -13.97 6.24 -1.63
CA CYS A 5 -13.38 5.88 -2.92
C CYS A 5 -13.78 6.93 -3.95
N GLY A 6 -12.83 7.77 -4.30
CA GLY A 6 -13.08 8.84 -5.24
C GLY A 6 -13.03 10.19 -4.53
N ASN A 7 -12.24 10.23 -3.46
CA ASN A 7 -12.06 11.41 -2.66
C ASN A 7 -10.57 11.69 -2.49
N LYS A 8 -9.76 10.96 -3.27
CA LYS A 8 -8.32 11.09 -3.20
C LYS A 8 -7.80 10.50 -1.89
N ILE A 9 -8.61 9.61 -1.30
CA ILE A 9 -8.25 8.97 -0.04
C ILE A 9 -8.05 7.48 -0.23
N LEU A 10 -6.92 6.98 0.26
CA LEU A 10 -6.63 5.56 0.19
C LEU A 10 -7.16 4.92 1.47
N GLU A 11 -8.47 5.11 1.69
CA GLU A 11 -9.10 4.59 2.89
C GLU A 11 -10.29 3.70 2.55
N GLN A 12 -11.09 4.11 1.58
CA GLN A 12 -12.26 3.31 1.18
C GLN A 12 -11.87 1.94 0.63
N GLY A 13 -11.10 1.17 1.41
CA GLY A 13 -10.69 -0.16 0.96
C GLY A 13 -10.17 -0.17 -0.46
N GLU A 14 -9.65 0.97 -0.91
CA GLU A 14 -9.13 1.10 -2.27
C GLU A 14 -7.62 0.91 -2.31
N ASP A 15 -6.90 1.78 -1.59
CA ASP A 15 -5.43 1.73 -1.52
C ASP A 15 -4.78 2.43 -2.71
N CYS A 16 -5.57 3.16 -3.49
CA CYS A 16 -5.04 3.87 -4.66
C CYS A 16 -6.17 4.53 -5.44
N ASP A 17 -6.61 5.69 -4.97
CA ASP A 17 -7.68 6.41 -5.64
C ASP A 17 -7.32 7.87 -5.87
N CYS A 18 -8.01 8.50 -6.80
CA CYS A 18 -7.80 9.90 -7.12
C CYS A 18 -9.10 10.68 -6.97
N GLY A 19 -9.05 11.77 -6.21
CA GLY A 19 -10.24 12.58 -6.00
C GLY A 19 -11.03 12.81 -7.28
N SER A 20 -10.31 12.95 -8.38
CA SER A 20 -10.92 13.16 -9.69
C SER A 20 -10.22 12.33 -10.76
N PRO A 21 -10.92 11.36 -11.39
CA PRO A 21 -10.34 10.52 -12.43
C PRO A 21 -9.68 11.34 -13.53
N ALA A 22 -10.12 12.58 -13.68
CA ALA A 22 -9.55 13.47 -14.69
C ALA A 22 -8.31 14.18 -14.16
N ASN A 23 -8.30 14.40 -12.85
CA ASN A 23 -7.16 15.05 -12.20
C ASN A 23 -6.36 14.03 -11.38
N CYS A 24 -6.49 12.77 -11.74
CA CYS A 24 -5.80 11.69 -11.06
C CYS A 24 -4.29 11.87 -11.15
N GLN A 25 -3.74 12.67 -10.24
CA GLN A 25 -2.30 12.93 -10.21
C GLN A 25 -1.55 11.82 -9.48
N ASP A 26 -1.88 10.57 -9.81
CA ASP A 26 -1.23 9.42 -9.18
C ASP A 26 -1.07 8.30 -10.21
N ARG A 27 0.10 8.23 -10.83
CA ARG A 27 0.38 7.21 -11.83
C ARG A 27 0.34 5.80 -11.22
N CYS A 28 0.49 5.72 -9.91
CA CYS A 28 0.47 4.43 -9.22
C CYS A 28 -0.91 4.16 -8.62
N CYS A 29 -1.77 5.17 -8.60
CA CYS A 29 -3.12 5.02 -8.05
C CYS A 29 -4.15 5.58 -9.03
N ASN A 30 -5.13 4.75 -9.39
CA ASN A 30 -6.18 5.18 -10.33
C ASN A 30 -7.54 5.27 -9.64
N ALA A 31 -8.25 6.37 -9.90
CA ALA A 31 -9.57 6.61 -9.33
C ALA A 31 -10.61 5.73 -10.01
N ALA A 32 -10.51 5.63 -11.33
CA ALA A 32 -11.45 4.82 -12.11
C ALA A 32 -11.49 3.38 -11.61
N THR A 33 -10.47 2.98 -10.85
CA THR A 33 -10.39 1.64 -10.30
C THR A 33 -10.32 1.67 -8.79
N CYS A 34 -9.91 2.82 -8.25
CA CYS A 34 -9.77 2.97 -6.82
C CYS A 34 -8.85 1.86 -6.30
N LYS A 35 -7.67 1.79 -6.91
CA LYS A 35 -6.68 0.78 -6.55
C LYS A 35 -5.43 0.94 -7.42
N LEU A 36 -4.33 0.32 -6.98
CA LEU A 36 -3.07 0.40 -7.71
C LEU A 36 -3.25 0.06 -9.18
N THR A 37 -2.55 0.79 -10.05
CA THR A 37 -2.63 0.56 -11.48
C THR A 37 -1.58 -0.46 -11.93
N PRO A 38 -1.74 -1.03 -13.14
CA PRO A 38 -0.81 -2.01 -13.67
C PRO A 38 0.63 -1.52 -13.65
N GLY A 39 1.47 -2.20 -12.87
CA GLY A 39 2.86 -1.81 -12.77
C GLY A 39 3.22 -1.31 -11.39
N SER A 40 2.25 -0.75 -10.68
CA SER A 40 2.46 -0.23 -9.34
C SER A 40 1.83 -1.14 -8.29
N GLN A 41 2.60 -1.46 -7.25
CA GLN A 41 2.12 -2.32 -6.18
C GLN A 41 1.99 -1.55 -4.87
N CYS A 42 2.77 -0.49 -4.73
CA CYS A 42 2.74 0.32 -3.51
C CYS A 42 2.47 1.78 -3.83
N ASN A 43 2.34 2.58 -2.78
CA ASN A 43 2.09 4.00 -2.90
C ASN A 43 1.95 4.62 -1.50
N TYR A 44 1.41 3.82 -0.58
CA TYR A 44 1.23 4.25 0.80
C TYR A 44 1.22 3.01 1.71
N GLY A 45 2.16 2.97 2.65
CA GLY A 45 2.24 1.84 3.57
C GLY A 45 3.67 1.45 3.89
N GLU A 46 3.83 0.68 4.95
CA GLU A 46 5.15 0.23 5.40
C GLU A 46 5.86 -0.58 4.32
N CYS A 47 5.14 -1.50 3.71
CA CYS A 47 5.70 -2.37 2.67
C CYS A 47 5.98 -1.60 1.38
N CYS A 48 5.39 -0.42 1.24
CA CYS A 48 5.58 0.38 0.04
C CYS A 48 7.01 0.89 -0.10
N ASP A 49 7.60 0.63 -1.26
CA ASP A 49 8.96 1.07 -1.57
C ASP A 49 9.14 1.23 -3.08
N GLN A 50 9.27 2.48 -3.52
CA GLN A 50 9.45 2.76 -4.94
C GLN A 50 8.20 2.37 -5.74
N CYS A 51 7.03 2.70 -5.20
CA CYS A 51 5.76 2.38 -5.85
C CYS A 51 5.62 0.86 -6.05
N ARG A 52 6.38 0.09 -5.28
CA ARG A 52 6.34 -1.36 -5.36
C ARG A 52 6.50 -1.97 -3.97
N PHE A 53 5.65 -2.93 -3.63
CA PHE A 53 5.71 -3.59 -2.32
C PHE A 53 7.09 -4.18 -2.07
N LYS A 54 7.53 -4.09 -0.83
CA LYS A 54 8.83 -4.62 -0.45
C LYS A 54 8.81 -6.14 -0.57
N LYS A 55 9.59 -6.66 -1.52
CA LYS A 55 9.66 -8.11 -1.75
C LYS A 55 9.62 -8.88 -0.44
N ALA A 56 8.68 -9.81 -0.33
CA ALA A 56 8.54 -10.62 0.87
C ALA A 56 9.91 -10.96 1.45
N GLY A 57 10.06 -10.71 2.74
CA GLY A 57 11.34 -10.96 3.38
C GLY A 57 11.96 -9.68 3.90
N THR A 58 11.42 -8.55 3.46
CA THR A 58 11.90 -7.25 3.91
C THR A 58 11.39 -6.95 5.31
N VAL A 59 12.29 -6.96 6.29
CA VAL A 59 11.92 -6.70 7.67
C VAL A 59 11.47 -5.24 7.86
N CYS A 60 10.23 -5.06 8.30
CA CYS A 60 9.71 -3.71 8.53
C CYS A 60 9.55 -3.43 10.02
N ARG A 61 9.46 -4.48 10.82
CA ARG A 61 9.29 -4.34 12.26
C ARG A 61 9.84 -5.55 13.01
N ILE A 62 9.79 -5.48 14.34
CA ILE A 62 10.26 -6.56 15.20
C ILE A 62 9.65 -6.42 16.58
N ALA A 63 9.10 -7.50 17.09
CA ALA A 63 8.51 -7.49 18.42
C ALA A 63 9.52 -6.90 19.41
N ARG A 64 10.64 -7.60 19.58
CA ARG A 64 11.71 -7.14 20.47
C ARG A 64 12.74 -8.24 20.69
N GLY A 65 13.52 -8.55 19.66
CA GLY A 65 14.54 -9.57 19.78
C GLY A 65 14.80 -10.28 18.47
N ASP A 66 14.45 -11.56 18.42
CA ASP A 66 14.65 -12.36 17.21
C ASP A 66 13.91 -13.69 17.30
N TRP A 67 12.62 -13.66 17.04
CA TRP A 67 11.79 -14.85 17.10
C TRP A 67 11.14 -15.11 15.74
N ASN A 68 10.22 -14.22 15.38
CA ASN A 68 9.53 -14.31 14.11
C ASN A 68 9.86 -13.10 13.24
N ASP A 69 9.99 -11.95 13.89
CA ASP A 69 10.32 -10.71 13.20
C ASP A 69 9.24 -10.32 12.21
N ASP A 70 9.02 -9.02 12.07
CA ASP A 70 8.02 -8.52 11.13
C ASP A 70 8.59 -8.49 9.73
N TYR A 71 7.88 -9.10 8.78
CA TYR A 71 8.35 -9.16 7.41
C TYR A 71 7.26 -8.91 6.39
N CYS A 72 7.65 -8.26 5.30
CA CYS A 72 6.74 -7.98 4.20
C CYS A 72 6.35 -9.25 3.47
N THR A 73 5.27 -9.20 2.72
CA THR A 73 4.80 -10.37 1.97
C THR A 73 4.72 -10.07 0.47
N GLY A 74 5.24 -8.91 0.06
CA GLY A 74 5.22 -8.54 -1.35
C GLY A 74 3.84 -8.63 -1.96
N LYS A 75 2.81 -8.53 -1.11
CA LYS A 75 1.43 -8.61 -1.59
C LYS A 75 0.60 -7.42 -1.13
N SER A 76 1.04 -6.74 -0.06
CA SER A 76 0.32 -5.60 0.46
C SER A 76 1.26 -4.57 1.07
N SER A 77 0.70 -3.42 1.47
CA SER A 77 1.48 -2.35 2.08
C SER A 77 1.58 -2.55 3.58
N ASP A 78 1.20 -3.73 4.07
CA ASP A 78 1.24 -4.03 5.49
C ASP A 78 2.29 -5.09 5.80
N CYS A 79 3.19 -4.76 6.73
CA CYS A 79 4.24 -5.68 7.14
C CYS A 79 3.88 -6.35 8.47
N PRO A 80 3.39 -7.61 8.44
CA PRO A 80 3.00 -8.34 9.65
C PRO A 80 4.17 -8.74 10.54
N TRP A 81 4.00 -8.56 11.84
CA TRP A 81 5.04 -8.91 12.82
C TRP A 81 5.54 -10.33 12.60
N ASN A 82 4.68 -11.16 12.03
CA ASN A 82 5.00 -12.56 11.79
C ASN A 82 4.80 -13.36 13.07
N HIS A 83 3.94 -12.84 13.94
CA HIS A 83 3.64 -13.47 15.22
C HIS A 83 2.36 -14.29 15.15
N SER A 1 -13.44 13.49 5.47
CA SER A 1 -12.73 12.53 4.58
C SER A 1 -13.50 11.22 4.46
N PRO A 2 -14.62 11.23 3.72
CA PRO A 2 -15.45 10.04 3.53
C PRO A 2 -14.73 8.95 2.74
N PRO A 3 -14.95 7.67 3.08
CA PRO A 3 -14.32 6.54 2.39
C PRO A 3 -14.90 6.30 1.00
N VAL A 4 -14.77 7.30 0.14
CA VAL A 4 -15.28 7.21 -1.22
C VAL A 4 -14.18 7.36 -2.26
N CYS A 5 -14.37 6.74 -3.41
CA CYS A 5 -13.40 6.82 -4.50
C CYS A 5 -13.63 8.14 -5.23
N GLY A 6 -12.93 9.16 -4.78
CA GLY A 6 -13.07 10.48 -5.37
C GLY A 6 -13.10 11.54 -4.29
N ASN A 7 -12.44 11.25 -3.17
CA ASN A 7 -12.36 12.17 -2.05
C ASN A 7 -10.91 12.30 -1.60
N LYS A 8 -10.01 11.74 -2.42
CA LYS A 8 -8.57 11.75 -2.15
C LYS A 8 -8.19 10.54 -1.30
N ILE A 9 -9.13 10.07 -0.50
CA ILE A 9 -8.90 8.90 0.34
C ILE A 9 -8.92 7.65 -0.53
N LEU A 10 -8.19 6.62 -0.11
CA LEU A 10 -8.15 5.39 -0.87
C LEU A 10 -9.46 4.63 -0.70
N GLU A 11 -10.55 5.31 -1.03
CA GLU A 11 -11.89 4.74 -0.92
C GLU A 11 -11.97 3.75 0.24
N GLN A 12 -12.06 4.29 1.45
CA GLN A 12 -12.13 3.46 2.65
C GLN A 12 -10.84 2.66 2.84
N GLY A 13 -10.72 1.56 2.10
CA GLY A 13 -9.54 0.72 2.18
C GLY A 13 -9.22 0.08 0.85
N GLU A 14 -9.64 0.75 -0.22
CA GLU A 14 -9.41 0.28 -1.58
C GLU A 14 -7.93 0.06 -1.85
N ASP A 15 -7.11 0.97 -1.34
CA ASP A 15 -5.64 0.92 -1.48
C ASP A 15 -5.12 1.69 -2.69
N CYS A 16 -5.84 2.75 -3.10
CA CYS A 16 -5.42 3.58 -4.23
C CYS A 16 -6.59 4.36 -4.82
N ASP A 17 -6.62 5.67 -4.58
CA ASP A 17 -7.67 6.53 -5.10
C ASP A 17 -7.26 7.99 -5.06
N CYS A 18 -7.93 8.80 -5.86
CA CYS A 18 -7.67 10.24 -5.91
C CYS A 18 -8.97 11.01 -5.79
N GLY A 19 -8.89 12.33 -5.88
CA GLY A 19 -10.08 13.15 -5.79
C GLY A 19 -11.00 12.95 -6.99
N SER A 20 -10.42 13.02 -8.18
CA SER A 20 -11.18 12.83 -9.41
C SER A 20 -10.38 11.99 -10.42
N PRO A 21 -11.01 10.97 -11.02
CA PRO A 21 -10.34 10.10 -11.99
C PRO A 21 -9.54 10.88 -13.02
N ALA A 22 -10.01 12.07 -13.35
CA ALA A 22 -9.33 12.92 -14.33
C ALA A 22 -8.24 13.74 -13.66
N ASN A 23 -8.40 13.99 -12.36
CA ASN A 23 -7.43 14.76 -11.59
C ASN A 23 -6.67 13.85 -10.64
N CYS A 24 -6.65 12.56 -10.97
CA CYS A 24 -5.97 11.57 -10.16
C CYS A 24 -4.50 11.93 -9.97
N GLN A 25 -4.23 12.70 -8.93
CA GLN A 25 -2.87 13.13 -8.61
C GLN A 25 -2.05 12.00 -8.02
N ASP A 26 -2.18 10.80 -8.59
CA ASP A 26 -1.44 9.63 -8.12
C ASP A 26 -1.19 8.67 -9.27
N ARG A 27 -0.02 8.76 -9.88
CA ARG A 27 0.35 7.90 -10.99
C ARG A 27 0.33 6.43 -10.60
N CYS A 28 0.50 6.16 -9.32
CA CYS A 28 0.51 4.78 -8.84
C CYS A 28 -0.85 4.37 -8.26
N CYS A 29 -1.79 5.31 -8.24
CA CYS A 29 -3.13 5.02 -7.71
C CYS A 29 -4.21 5.54 -8.65
N ASN A 30 -5.12 4.66 -9.03
CA ASN A 30 -6.22 5.03 -9.93
C ASN A 30 -7.56 5.00 -9.21
N ALA A 31 -8.33 6.07 -9.36
CA ALA A 31 -9.63 6.18 -8.73
C ALA A 31 -10.67 5.35 -9.47
N ALA A 32 -10.61 5.42 -10.80
CA ALA A 32 -11.54 4.67 -11.65
C ALA A 32 -11.55 3.19 -11.28
N THR A 33 -10.47 2.73 -10.63
CA THR A 33 -10.36 1.34 -10.22
C THR A 33 -10.31 1.24 -8.71
N CYS A 34 -9.83 2.31 -8.08
CA CYS A 34 -9.71 2.34 -6.63
C CYS A 34 -8.66 1.33 -6.19
N LYS A 35 -7.58 1.24 -6.96
CA LYS A 35 -6.50 0.31 -6.66
C LYS A 35 -5.23 0.74 -7.38
N LEU A 36 -4.13 0.07 -7.07
CA LEU A 36 -2.83 0.37 -7.68
C LEU A 36 -2.88 0.16 -9.19
N THR A 37 -2.41 1.15 -9.93
CA THR A 37 -2.39 1.07 -11.40
C THR A 37 -1.44 -0.02 -11.86
N PRO A 38 -1.67 -0.57 -13.07
CA PRO A 38 -0.81 -1.62 -13.63
C PRO A 38 0.65 -1.21 -13.68
N GLY A 39 1.48 -1.93 -12.92
CA GLY A 39 2.90 -1.62 -12.89
C GLY A 39 3.39 -1.27 -11.49
N SER A 40 2.49 -0.76 -10.66
CA SER A 40 2.82 -0.38 -9.30
C SER A 40 2.21 -1.36 -8.30
N GLN A 41 2.97 -1.68 -7.25
CA GLN A 41 2.49 -2.59 -6.22
C GLN A 41 2.27 -1.87 -4.90
N CYS A 42 3.01 -0.78 -4.68
CA CYS A 42 2.88 -0.01 -3.46
C CYS A 42 2.53 1.44 -3.77
N ASN A 43 2.41 2.23 -2.70
CA ASN A 43 2.09 3.65 -2.80
C ASN A 43 2.00 4.26 -1.42
N TYR A 44 1.57 3.45 -0.46
CA TYR A 44 1.46 3.87 0.93
C TYR A 44 1.43 2.65 1.86
N GLY A 45 2.42 2.56 2.74
CA GLY A 45 2.49 1.43 3.65
C GLY A 45 3.91 1.02 3.97
N GLU A 46 4.07 0.19 5.00
CA GLU A 46 5.38 -0.29 5.41
C GLU A 46 6.11 -1.03 4.29
N CYS A 47 5.39 -1.92 3.63
CA CYS A 47 5.96 -2.72 2.54
C CYS A 47 6.22 -1.88 1.30
N CYS A 48 5.61 -0.70 1.22
CA CYS A 48 5.78 0.17 0.07
C CYS A 48 7.20 0.72 -0.05
N ASP A 49 7.79 0.52 -1.23
CA ASP A 49 9.13 1.00 -1.52
C ASP A 49 9.29 1.22 -3.02
N GLN A 50 9.38 2.48 -3.43
CA GLN A 50 9.53 2.83 -4.84
C GLN A 50 8.30 2.40 -5.64
N CYS A 51 7.12 2.67 -5.08
CA CYS A 51 5.86 2.32 -5.73
C CYS A 51 5.76 0.81 -5.96
N ARG A 52 6.56 0.04 -5.21
CA ARG A 52 6.57 -1.41 -5.33
C ARG A 52 6.75 -2.05 -3.95
N PHE A 53 5.95 -3.08 -3.67
CA PHE A 53 6.04 -3.77 -2.38
C PHE A 53 7.44 -4.31 -2.13
N LYS A 54 7.83 -4.32 -0.86
CA LYS A 54 9.15 -4.82 -0.48
C LYS A 54 9.19 -6.33 -0.65
N LYS A 55 9.94 -6.80 -1.65
CA LYS A 55 10.06 -8.22 -1.93
C LYS A 55 10.05 -9.05 -0.64
N ALA A 56 9.16 -10.03 -0.58
CA ALA A 56 9.04 -10.88 0.59
C ALA A 56 10.41 -11.19 1.17
N GLY A 57 10.54 -11.02 2.47
CA GLY A 57 11.82 -11.26 3.11
C GLY A 57 12.39 -9.97 3.69
N THR A 58 11.80 -8.84 3.28
CA THR A 58 12.24 -7.54 3.77
C THR A 58 11.66 -7.31 5.16
N VAL A 59 12.54 -7.12 6.14
CA VAL A 59 12.11 -6.91 7.52
C VAL A 59 11.64 -5.47 7.74
N CYS A 60 10.37 -5.31 8.07
CA CYS A 60 9.80 -3.98 8.31
C CYS A 60 9.68 -3.67 9.80
N ARG A 61 9.57 -4.73 10.62
CA ARG A 61 9.43 -4.56 12.06
C ARG A 61 10.11 -5.68 12.82
N ILE A 62 10.00 -5.65 14.14
CA ILE A 62 10.59 -6.66 15.01
C ILE A 62 10.27 -6.37 16.47
N ALA A 63 9.86 -7.41 17.18
CA ALA A 63 9.50 -7.28 18.59
C ALA A 63 10.68 -6.78 19.40
N ARG A 64 11.64 -7.66 19.69
CA ARG A 64 12.81 -7.30 20.47
C ARG A 64 13.81 -8.45 20.54
N GLY A 65 14.44 -8.76 19.43
CA GLY A 65 15.40 -9.83 19.39
C GLY A 65 15.43 -10.54 18.05
N ASP A 66 15.01 -11.81 18.05
CA ASP A 66 14.99 -12.61 16.83
C ASP A 66 14.24 -13.91 17.06
N TRP A 67 12.92 -13.86 16.94
CA TRP A 67 12.07 -15.02 17.14
C TRP A 67 11.29 -15.33 15.87
N ASN A 68 10.35 -14.45 15.56
CA ASN A 68 9.51 -14.60 14.36
C ASN A 68 9.85 -13.53 13.34
N ASP A 69 10.19 -12.35 13.83
CA ASP A 69 10.54 -11.23 12.97
C ASP A 69 9.33 -10.74 12.20
N ASP A 70 9.52 -9.59 11.56
CA ASP A 70 8.48 -9.00 10.74
C ASP A 70 8.99 -8.89 9.31
N TYR A 71 8.34 -9.58 8.40
CA TYR A 71 8.79 -9.56 7.01
C TYR A 71 7.66 -9.35 6.02
N CYS A 72 8.00 -8.62 4.96
CA CYS A 72 7.05 -8.34 3.90
C CYS A 72 6.72 -9.62 3.14
N THR A 73 5.62 -9.59 2.38
CA THR A 73 5.20 -10.76 1.62
C THR A 73 5.09 -10.43 0.12
N GLY A 74 5.55 -9.24 -0.26
CA GLY A 74 5.49 -8.84 -1.65
C GLY A 74 4.10 -8.98 -2.24
N LYS A 75 3.09 -8.96 -1.39
CA LYS A 75 1.71 -9.09 -1.85
C LYS A 75 0.80 -8.03 -1.21
N SER A 76 1.38 -7.11 -0.44
CA SER A 76 0.60 -6.08 0.22
C SER A 76 1.51 -5.04 0.87
N SER A 77 0.91 -3.94 1.32
CA SER A 77 1.65 -2.87 1.97
C SER A 77 1.79 -3.12 3.47
N ASP A 78 1.46 -4.34 3.91
CA ASP A 78 1.56 -4.70 5.31
C ASP A 78 2.69 -5.69 5.56
N CYS A 79 3.41 -5.49 6.65
CA CYS A 79 4.53 -6.34 7.01
C CYS A 79 4.23 -7.08 8.32
N PRO A 80 3.82 -8.37 8.24
CA PRO A 80 3.50 -9.17 9.43
C PRO A 80 4.73 -9.47 10.30
N TRP A 81 4.62 -9.18 11.59
CA TRP A 81 5.71 -9.42 12.54
C TRP A 81 5.56 -10.75 13.27
N ASN A 82 4.38 -11.32 13.20
CA ASN A 82 4.09 -12.59 13.85
C ASN A 82 4.27 -12.50 15.36
N HIS A 83 3.85 -11.37 15.93
CA HIS A 83 3.96 -11.14 17.37
C HIS A 83 2.64 -10.66 17.96
N SER A 1 -13.43 12.18 7.63
CA SER A 1 -13.92 12.37 6.24
C SER A 1 -14.49 11.06 5.69
N PRO A 2 -15.48 11.16 4.77
CA PRO A 2 -16.11 9.99 4.17
C PRO A 2 -15.17 9.23 3.22
N PRO A 3 -14.74 8.01 3.62
CA PRO A 3 -13.83 7.21 2.80
C PRO A 3 -14.45 6.85 1.44
N VAL A 4 -14.36 7.79 0.51
CA VAL A 4 -14.91 7.61 -0.83
C VAL A 4 -13.84 7.72 -1.90
N CYS A 5 -14.04 7.06 -3.03
CA CYS A 5 -13.09 7.10 -4.12
C CYS A 5 -13.29 8.41 -4.88
N GLY A 6 -12.59 9.43 -4.41
CA GLY A 6 -12.70 10.75 -4.98
C GLY A 6 -12.67 11.80 -3.88
N ASN A 7 -11.98 11.46 -2.80
CA ASN A 7 -11.84 12.33 -1.64
C ASN A 7 -10.37 12.37 -1.23
N LYS A 8 -9.51 11.90 -2.12
CA LYS A 8 -8.09 11.83 -1.87
C LYS A 8 -7.80 10.67 -0.92
N ILE A 9 -8.79 9.79 -0.82
CA ILE A 9 -8.69 8.61 0.02
C ILE A 9 -9.11 7.40 -0.79
N LEU A 10 -8.44 6.28 -0.56
CA LEU A 10 -8.75 5.05 -1.28
C LEU A 10 -10.08 4.49 -0.79
N GLU A 11 -11.15 5.25 -1.00
CA GLU A 11 -12.50 4.85 -0.59
C GLU A 11 -12.44 3.87 0.57
N GLN A 12 -11.87 4.35 1.68
CA GLN A 12 -11.72 3.53 2.88
C GLN A 12 -10.66 2.44 2.68
N GLY A 13 -11.04 1.34 2.04
CA GLY A 13 -10.11 0.25 1.82
C GLY A 13 -10.08 -0.21 0.37
N GLU A 14 -9.70 0.69 -0.52
CA GLU A 14 -9.63 0.37 -1.94
C GLU A 14 -8.20 0.00 -2.35
N ASP A 15 -7.23 0.68 -1.73
CA ASP A 15 -5.80 0.43 -1.97
C ASP A 15 -5.20 1.32 -3.06
N CYS A 16 -5.90 2.40 -3.43
CA CYS A 16 -5.41 3.33 -4.45
C CYS A 16 -6.54 4.16 -5.05
N ASP A 17 -6.49 5.47 -4.83
CA ASP A 17 -7.51 6.37 -5.35
C ASP A 17 -7.03 7.82 -5.34
N CYS A 18 -7.69 8.66 -6.13
CA CYS A 18 -7.34 10.07 -6.21
C CYS A 18 -8.58 10.95 -6.04
N GLY A 19 -8.37 12.24 -5.84
CA GLY A 19 -9.49 13.15 -5.68
C GLY A 19 -10.49 13.05 -6.82
N SER A 20 -9.99 13.13 -8.05
CA SER A 20 -10.85 13.03 -9.22
C SER A 20 -10.19 12.16 -10.30
N PRO A 21 -10.91 11.14 -10.81
CA PRO A 21 -10.37 10.24 -11.85
C PRO A 21 -9.90 11.00 -13.09
N ALA A 22 -10.36 12.24 -13.24
CA ALA A 22 -9.99 13.06 -14.38
C ALA A 22 -8.67 13.78 -14.13
N ASN A 23 -8.38 14.04 -12.87
CA ASN A 23 -7.15 14.73 -12.50
C ASN A 23 -6.11 13.73 -11.99
N CYS A 24 -6.57 12.85 -11.09
CA CYS A 24 -5.72 11.81 -10.49
C CYS A 24 -4.24 12.17 -10.51
N GLN A 25 -3.74 12.68 -9.38
CA GLN A 25 -2.34 13.05 -9.26
C GLN A 25 -1.53 11.92 -8.67
N ASP A 26 -1.82 10.69 -9.09
CA ASP A 26 -1.11 9.52 -8.60
C ASP A 26 -0.93 8.51 -9.72
N ARG A 27 0.22 8.55 -10.38
CA ARG A 27 0.52 7.64 -11.47
C ARG A 27 0.52 6.19 -11.00
N CYS A 28 0.64 5.99 -9.68
CA CYS A 28 0.67 4.65 -9.11
C CYS A 28 -0.72 4.23 -8.63
N CYS A 29 -1.54 5.21 -8.26
CA CYS A 29 -2.90 4.93 -7.79
C CYS A 29 -3.94 5.48 -8.77
N ASN A 30 -4.87 4.63 -9.17
CA ASN A 30 -5.92 5.04 -10.09
C ASN A 30 -7.29 5.03 -9.41
N ALA A 31 -7.98 6.16 -9.50
CA ALA A 31 -9.31 6.30 -8.89
C ALA A 31 -10.36 5.53 -9.68
N ALA A 32 -10.26 5.61 -11.01
CA ALA A 32 -11.20 4.92 -11.89
C ALA A 32 -11.27 3.43 -11.57
N THR A 33 -10.26 2.91 -10.89
CA THR A 33 -10.22 1.50 -10.53
C THR A 33 -10.21 1.34 -9.01
N CYS A 34 -9.81 2.40 -8.31
CA CYS A 34 -9.73 2.35 -6.87
C CYS A 34 -8.72 1.29 -6.45
N LYS A 35 -7.63 1.21 -7.19
CA LYS A 35 -6.58 0.23 -6.93
C LYS A 35 -5.29 0.60 -7.67
N LEU A 36 -4.21 -0.06 -7.29
CA LEU A 36 -2.91 0.19 -7.91
C LEU A 36 -2.97 -0.01 -9.43
N THR A 37 -2.32 0.89 -10.16
CA THR A 37 -2.30 0.83 -11.62
C THR A 37 -1.31 -0.23 -12.09
N PRO A 38 -1.42 -0.65 -13.36
CA PRO A 38 -0.53 -1.66 -13.94
C PRO A 38 0.94 -1.31 -13.73
N GLY A 39 1.65 -2.15 -12.98
CA GLY A 39 3.05 -1.92 -12.72
C GLY A 39 3.32 -1.52 -11.28
N SER A 40 2.32 -0.91 -10.64
CA SER A 40 2.47 -0.48 -9.25
C SER A 40 1.84 -1.50 -8.30
N GLN A 41 2.59 -1.89 -7.28
CA GLN A 41 2.12 -2.85 -6.30
C GLN A 41 1.85 -2.18 -4.95
N CYS A 42 2.56 -1.09 -4.70
CA CYS A 42 2.40 -0.35 -3.45
C CYS A 42 1.94 1.08 -3.70
N ASN A 43 1.75 1.81 -2.62
CA ASN A 43 1.32 3.20 -2.68
C ASN A 43 1.30 3.79 -1.27
N TYR A 44 0.96 2.95 -0.30
CA TYR A 44 0.92 3.35 1.10
C TYR A 44 1.07 2.11 1.99
N GLY A 45 1.90 2.21 3.02
CA GLY A 45 2.12 1.09 3.91
C GLY A 45 3.59 0.76 4.09
N GLU A 46 3.90 -0.02 5.12
CA GLU A 46 5.27 -0.41 5.41
C GLU A 46 5.92 -1.14 4.24
N CYS A 47 5.18 -2.09 3.67
CA CYS A 47 5.68 -2.88 2.55
C CYS A 47 5.92 -2.01 1.32
N CYS A 48 5.20 -0.89 1.23
CA CYS A 48 5.32 0.00 0.08
C CYS A 48 6.68 0.68 0.02
N ASP A 49 7.31 0.59 -1.15
CA ASP A 49 8.60 1.20 -1.40
C ASP A 49 8.79 1.46 -2.89
N GLN A 50 8.77 2.73 -3.27
CA GLN A 50 8.93 3.12 -4.67
C GLN A 50 7.76 2.61 -5.51
N CYS A 51 6.55 2.77 -4.97
CA CYS A 51 5.34 2.32 -5.66
C CYS A 51 5.38 0.83 -5.94
N ARG A 52 6.23 0.11 -5.19
CA ARG A 52 6.35 -1.34 -5.34
C ARG A 52 6.60 -1.99 -3.98
N PHE A 53 5.77 -2.97 -3.63
CA PHE A 53 5.91 -3.65 -2.35
C PHE A 53 7.33 -4.15 -2.14
N LYS A 54 7.75 -4.20 -0.89
CA LYS A 54 9.08 -4.66 -0.55
C LYS A 54 9.19 -6.17 -0.79
N LYS A 55 10.15 -6.58 -1.60
CA LYS A 55 10.33 -8.00 -1.90
C LYS A 55 10.31 -8.82 -0.61
N ALA A 56 9.37 -9.76 -0.54
CA ALA A 56 9.24 -10.62 0.64
C ALA A 56 10.60 -10.91 1.24
N GLY A 57 10.71 -10.71 2.54
CA GLY A 57 11.98 -10.92 3.21
C GLY A 57 12.51 -9.62 3.79
N THR A 58 11.93 -8.51 3.35
CA THR A 58 12.34 -7.20 3.84
C THR A 58 11.77 -6.98 5.25
N VAL A 59 12.65 -6.85 6.23
CA VAL A 59 12.22 -6.64 7.61
C VAL A 59 11.67 -5.23 7.82
N CYS A 60 10.44 -5.14 8.33
CA CYS A 60 9.81 -3.85 8.57
C CYS A 60 9.60 -3.60 10.06
N ARG A 61 9.63 -4.66 10.86
CA ARG A 61 9.42 -4.54 12.31
C ARG A 61 10.13 -5.67 13.05
N ILE A 62 10.05 -5.66 14.38
CA ILE A 62 10.67 -6.68 15.20
C ILE A 62 10.35 -6.44 16.67
N ALA A 63 9.95 -7.49 17.36
CA ALA A 63 9.60 -7.41 18.77
C ALA A 63 10.79 -6.94 19.60
N ARG A 64 11.75 -7.83 19.82
CA ARG A 64 12.94 -7.49 20.59
C ARG A 64 13.92 -8.67 20.63
N GLY A 65 14.55 -8.93 19.50
CA GLY A 65 15.51 -10.02 19.42
C GLY A 65 15.52 -10.69 18.06
N ASP A 66 15.09 -11.94 18.02
CA ASP A 66 15.06 -12.70 16.78
C ASP A 66 14.28 -14.00 16.97
N TRP A 67 12.97 -13.91 16.84
CA TRP A 67 12.09 -15.06 17.00
C TRP A 67 11.30 -15.32 15.72
N ASN A 68 10.38 -14.42 15.43
CA ASN A 68 9.55 -14.51 14.24
C ASN A 68 9.91 -13.39 13.26
N ASP A 69 10.22 -12.23 13.82
CA ASP A 69 10.58 -11.07 13.02
C ASP A 69 9.44 -10.63 12.14
N ASP A 70 9.51 -9.38 11.69
CA ASP A 70 8.51 -8.83 10.80
C ASP A 70 9.09 -8.73 9.41
N TYR A 71 8.37 -9.28 8.44
CA TYR A 71 8.87 -9.27 7.07
C TYR A 71 7.78 -9.02 6.04
N CYS A 72 8.14 -8.20 5.06
CA CYS A 72 7.24 -7.89 3.98
C CYS A 72 6.91 -9.16 3.20
N THR A 73 5.81 -9.13 2.46
CA THR A 73 5.39 -10.30 1.69
C THR A 73 5.44 -10.03 0.18
N GLY A 74 5.52 -8.76 -0.19
CA GLY A 74 5.57 -8.39 -1.60
C GLY A 74 4.21 -8.50 -2.28
N LYS A 75 3.18 -8.81 -1.50
CA LYS A 75 1.84 -8.94 -2.04
C LYS A 75 0.89 -7.93 -1.41
N SER A 76 1.38 -7.17 -0.43
CA SER A 76 0.57 -6.17 0.25
C SER A 76 1.45 -5.12 0.93
N SER A 77 0.82 -4.05 1.41
CA SER A 77 1.53 -2.98 2.08
C SER A 77 1.64 -3.25 3.58
N ASP A 78 1.34 -4.49 3.98
CA ASP A 78 1.41 -4.86 5.39
C ASP A 78 2.60 -5.77 5.66
N CYS A 79 3.33 -5.46 6.74
CA CYS A 79 4.50 -6.24 7.12
C CYS A 79 4.22 -7.01 8.42
N PRO A 80 3.88 -8.30 8.30
CA PRO A 80 3.57 -9.14 9.48
C PRO A 80 4.80 -9.39 10.35
N TRP A 81 4.66 -9.12 11.65
CA TRP A 81 5.75 -9.31 12.61
C TRP A 81 5.71 -10.68 13.28
N ASN A 82 4.58 -11.34 13.17
CA ASN A 82 4.39 -12.66 13.76
C ASN A 82 4.55 -12.62 15.28
N HIS A 83 3.87 -11.68 15.91
CA HIS A 83 3.92 -11.53 17.36
C HIS A 83 2.53 -11.32 17.95
N SER A 1 -19.21 11.53 3.45
CA SER A 1 -18.48 10.24 3.49
C SER A 1 -17.06 10.39 2.95
N PRO A 2 -16.13 10.86 3.79
CA PRO A 2 -14.73 11.05 3.39
C PRO A 2 -14.13 9.81 2.72
N PRO A 3 -14.39 8.61 3.27
CA PRO A 3 -13.86 7.35 2.71
C PRO A 3 -14.49 6.99 1.36
N VAL A 4 -14.44 7.93 0.42
CA VAL A 4 -15.00 7.72 -0.91
C VAL A 4 -13.95 7.85 -1.99
N CYS A 5 -14.15 7.14 -3.10
CA CYS A 5 -13.22 7.21 -4.22
C CYS A 5 -13.50 8.48 -5.02
N GLY A 6 -12.87 9.56 -4.58
CA GLY A 6 -13.07 10.85 -5.21
C GLY A 6 -13.03 11.98 -4.20
N ASN A 7 -12.32 11.73 -3.09
CA ASN A 7 -12.17 12.69 -2.02
C ASN A 7 -10.69 12.87 -1.70
N LYS A 8 -9.85 12.34 -2.60
CA LYS A 8 -8.41 12.38 -2.45
C LYS A 8 -7.96 11.32 -1.45
N ILE A 9 -8.90 10.47 -1.06
CA ILE A 9 -8.63 9.38 -0.15
C ILE A 9 -8.82 8.07 -0.90
N LEU A 10 -8.11 7.05 -0.48
CA LEU A 10 -8.24 5.74 -1.12
C LEU A 10 -9.54 5.08 -0.73
N GLU A 11 -10.65 5.80 -0.95
CA GLU A 11 -11.99 5.31 -0.63
C GLU A 11 -11.95 4.36 0.56
N GLN A 12 -11.83 4.93 1.75
CA GLN A 12 -11.78 4.14 2.97
C GLN A 12 -10.55 3.23 2.99
N GLY A 13 -10.67 2.05 2.39
CA GLY A 13 -9.55 1.13 2.35
C GLY A 13 -9.38 0.49 0.99
N GLU A 14 -9.82 1.19 -0.05
CA GLU A 14 -9.71 0.71 -1.42
C GLU A 14 -8.26 0.37 -1.76
N ASP A 15 -7.35 1.19 -1.27
CA ASP A 15 -5.90 1.00 -1.46
C ASP A 15 -5.35 1.73 -2.67
N CYS A 16 -5.98 2.85 -3.06
CA CYS A 16 -5.52 3.66 -4.19
C CYS A 16 -6.68 4.42 -4.84
N ASP A 17 -6.62 5.75 -4.77
CA ASP A 17 -7.65 6.60 -5.35
C ASP A 17 -7.17 8.04 -5.53
N CYS A 18 -7.86 8.78 -6.38
CA CYS A 18 -7.54 10.18 -6.63
C CYS A 18 -8.82 11.00 -6.67
N GLY A 19 -8.69 12.31 -6.46
CA GLY A 19 -9.86 13.19 -6.48
C GLY A 19 -10.81 12.89 -7.63
N SER A 20 -10.30 13.02 -8.85
CA SER A 20 -11.11 12.76 -10.04
C SER A 20 -10.30 11.99 -11.09
N PRO A 21 -10.91 10.98 -11.74
CA PRO A 21 -10.24 10.18 -12.76
C PRO A 21 -9.50 11.04 -13.78
N ALA A 22 -10.00 12.25 -14.02
CA ALA A 22 -9.38 13.16 -14.96
C ALA A 22 -8.27 13.97 -14.29
N ASN A 23 -8.35 14.07 -12.97
CA ASN A 23 -7.35 14.81 -12.20
C ASN A 23 -6.47 13.84 -11.41
N CYS A 24 -6.63 12.55 -11.69
CA CYS A 24 -5.87 11.50 -11.03
C CYS A 24 -4.37 11.77 -11.12
N GLN A 25 -3.87 12.54 -10.18
CA GLN A 25 -2.45 12.88 -10.14
C GLN A 25 -1.64 11.84 -9.37
N ASP A 26 -2.00 10.57 -9.56
CA ASP A 26 -1.30 9.48 -8.90
C ASP A 26 -1.12 8.31 -9.86
N ARG A 27 0.05 8.24 -10.49
CA ARG A 27 0.34 7.18 -11.43
C ARG A 27 0.39 5.82 -10.75
N CYS A 28 0.53 5.83 -9.42
CA CYS A 28 0.58 4.60 -8.65
C CYS A 28 -0.80 4.22 -8.12
N CYS A 29 -1.72 5.18 -8.13
CA CYS A 29 -3.08 4.94 -7.64
C CYS A 29 -4.12 5.43 -8.64
N ASN A 30 -5.04 4.56 -9.01
CA ASN A 30 -6.09 4.91 -9.95
C ASN A 30 -7.47 4.92 -9.28
N ALA A 31 -8.18 6.03 -9.47
CA ALA A 31 -9.51 6.19 -8.90
C ALA A 31 -10.53 5.33 -9.62
N ALA A 32 -10.44 5.32 -10.95
CA ALA A 32 -11.35 4.54 -11.78
C ALA A 32 -11.39 3.07 -11.36
N THR A 33 -10.36 2.64 -10.64
CA THR A 33 -10.28 1.25 -10.19
C THR A 33 -10.29 1.19 -8.66
N CYS A 34 -9.90 2.29 -8.04
CA CYS A 34 -9.84 2.36 -6.59
C CYS A 34 -8.79 1.38 -6.08
N LYS A 35 -7.71 1.24 -6.85
CA LYS A 35 -6.63 0.33 -6.49
C LYS A 35 -5.35 0.70 -7.22
N LEU A 36 -4.25 0.03 -6.88
CA LEU A 36 -2.97 0.29 -7.51
C LEU A 36 -3.03 0.08 -9.01
N THR A 37 -2.32 0.92 -9.76
CA THR A 37 -2.29 0.83 -11.21
C THR A 37 -1.25 -0.18 -11.66
N PRO A 38 -1.33 -0.62 -12.93
CA PRO A 38 -0.37 -1.59 -13.49
C PRO A 38 1.07 -1.16 -13.28
N GLY A 39 1.82 -1.96 -12.52
CA GLY A 39 3.21 -1.64 -12.25
C GLY A 39 3.45 -1.24 -10.81
N SER A 40 2.48 -0.53 -10.23
CA SER A 40 2.60 -0.09 -8.85
C SER A 40 1.98 -1.10 -7.89
N GLN A 41 2.71 -1.45 -6.85
CA GLN A 41 2.22 -2.42 -5.87
C GLN A 41 1.99 -1.76 -4.51
N CYS A 42 2.67 -0.64 -4.26
CA CYS A 42 2.53 0.07 -3.00
C CYS A 42 2.08 1.52 -3.22
N ASN A 43 1.97 2.24 -2.12
CA ASN A 43 1.58 3.64 -2.12
C ASN A 43 1.54 4.14 -0.68
N TYR A 44 1.16 3.26 0.22
CA TYR A 44 1.11 3.57 1.64
C TYR A 44 1.29 2.29 2.44
N GLY A 45 1.97 2.38 3.59
CA GLY A 45 2.19 1.20 4.41
C GLY A 45 3.66 0.86 4.57
N GLU A 46 3.96 0.03 5.55
CA GLU A 46 5.34 -0.38 5.85
C GLU A 46 6.01 -1.05 4.65
N CYS A 47 5.29 -1.97 4.02
CA CYS A 47 5.82 -2.71 2.88
C CYS A 47 6.01 -1.82 1.65
N CYS A 48 5.35 -0.67 1.62
CA CYS A 48 5.46 0.23 0.49
C CYS A 48 6.85 0.85 0.36
N ASP A 49 7.42 0.71 -0.83
CA ASP A 49 8.74 1.26 -1.13
C ASP A 49 8.86 1.52 -2.63
N GLN A 50 8.91 2.80 -3.02
CA GLN A 50 9.03 3.18 -4.42
C GLN A 50 7.79 2.73 -5.21
N CYS A 51 6.62 2.95 -4.64
CA CYS A 51 5.36 2.57 -5.28
C CYS A 51 5.33 1.06 -5.55
N ARG A 52 6.15 0.31 -4.82
CA ARG A 52 6.20 -1.14 -4.98
C ARG A 52 6.44 -1.82 -3.64
N PHE A 53 5.66 -2.85 -3.35
CA PHE A 53 5.78 -3.57 -2.08
C PHE A 53 7.20 -4.11 -1.89
N LYS A 54 7.64 -4.11 -0.64
CA LYS A 54 8.98 -4.60 -0.33
C LYS A 54 9.04 -6.10 -0.56
N LYS A 55 9.77 -6.51 -1.59
CA LYS A 55 9.92 -7.93 -1.93
C LYS A 55 9.97 -8.80 -0.67
N ALA A 56 9.09 -9.80 -0.62
CA ALA A 56 9.04 -10.69 0.52
C ALA A 56 10.43 -10.99 1.04
N GLY A 57 10.60 -10.87 2.34
CA GLY A 57 11.91 -11.10 2.93
C GLY A 57 12.47 -9.83 3.53
N THR A 58 11.85 -8.70 3.19
CA THR A 58 12.27 -7.41 3.72
C THR A 58 11.75 -7.25 5.14
N VAL A 59 12.65 -7.06 6.09
CA VAL A 59 12.25 -6.90 7.48
C VAL A 59 11.76 -5.49 7.77
N CYS A 60 10.50 -5.37 8.17
CA CYS A 60 9.92 -4.07 8.48
C CYS A 60 9.85 -3.83 9.99
N ARG A 61 9.78 -4.91 10.76
CA ARG A 61 9.70 -4.83 12.22
C ARG A 61 10.42 -5.97 12.90
N ILE A 62 10.36 -6.00 14.23
CA ILE A 62 10.99 -7.05 15.01
C ILE A 62 10.71 -6.85 16.50
N ALA A 63 10.33 -7.93 17.17
CA ALA A 63 10.03 -7.88 18.58
C ALA A 63 11.24 -7.40 19.39
N ARG A 64 12.19 -8.30 19.60
CA ARG A 64 13.39 -7.95 20.35
C ARG A 64 14.40 -9.10 20.35
N GLY A 65 15.00 -9.34 19.18
CA GLY A 65 15.97 -10.41 19.08
C GLY A 65 15.98 -11.06 17.70
N ASP A 66 15.57 -12.32 17.65
CA ASP A 66 15.51 -13.05 16.39
C ASP A 66 14.77 -14.37 16.58
N TRP A 67 13.46 -14.31 16.50
CA TRP A 67 12.62 -15.50 16.65
C TRP A 67 11.79 -15.74 15.40
N ASN A 68 10.83 -14.85 15.17
CA ASN A 68 9.96 -14.93 14.01
C ASN A 68 10.23 -13.77 13.07
N ASP A 69 10.64 -12.64 13.63
CA ASP A 69 10.93 -11.45 12.85
C ASP A 69 9.70 -10.96 12.11
N ASP A 70 9.83 -9.77 11.53
CA ASP A 70 8.76 -9.18 10.76
C ASP A 70 9.23 -9.01 9.32
N TYR A 71 8.55 -9.67 8.40
CA TYR A 71 8.96 -9.62 7.01
C TYR A 71 7.81 -9.38 6.05
N CYS A 72 8.09 -8.61 5.01
CA CYS A 72 7.12 -8.32 3.98
C CYS A 72 6.78 -9.57 3.19
N THR A 73 5.66 -9.55 2.48
CA THR A 73 5.23 -10.70 1.68
C THR A 73 5.08 -10.33 0.21
N GLY A 74 5.50 -9.12 -0.14
CA GLY A 74 5.39 -8.67 -1.53
C GLY A 74 4.00 -8.80 -2.08
N LYS A 75 3.00 -8.82 -1.20
CA LYS A 75 1.62 -8.96 -1.63
C LYS A 75 0.70 -7.95 -0.91
N SER A 76 1.29 -7.06 -0.13
CA SER A 76 0.52 -6.06 0.60
C SER A 76 1.42 -5.04 1.29
N SER A 77 0.81 -3.98 1.79
CA SER A 77 1.54 -2.92 2.48
C SER A 77 1.71 -3.24 3.97
N ASP A 78 1.42 -4.48 4.35
CA ASP A 78 1.53 -4.90 5.74
C ASP A 78 2.70 -5.88 5.92
N CYS A 79 3.50 -5.64 6.94
CA CYS A 79 4.65 -6.49 7.24
C CYS A 79 4.41 -7.28 8.53
N PRO A 80 4.02 -8.56 8.42
CA PRO A 80 3.76 -9.41 9.60
C PRO A 80 5.01 -9.72 10.40
N TRP A 81 4.94 -9.48 11.71
CA TRP A 81 6.07 -9.73 12.61
C TRP A 81 5.97 -11.09 13.30
N ASN A 82 4.80 -11.68 13.24
CA ASN A 82 4.56 -12.99 13.84
C ASN A 82 4.78 -12.94 15.35
N HIS A 83 4.36 -11.84 15.97
CA HIS A 83 4.52 -11.68 17.41
C HIS A 83 3.22 -11.21 18.05
N SER A 1 -12.28 10.91 8.13
CA SER A 1 -11.88 10.33 6.82
C SER A 1 -12.78 9.15 6.45
N PRO A 2 -13.98 9.45 5.89
CA PRO A 2 -14.94 8.42 5.49
C PRO A 2 -14.46 7.64 4.27
N PRO A 3 -15.22 6.62 3.84
CA PRO A 3 -14.90 5.80 2.69
C PRO A 3 -15.54 6.32 1.41
N VAL A 4 -14.82 7.18 0.69
CA VAL A 4 -15.33 7.73 -0.55
C VAL A 4 -14.41 7.38 -1.73
N CYS A 5 -14.89 6.51 -2.61
CA CYS A 5 -14.11 6.11 -3.78
C CYS A 5 -14.29 7.17 -4.87
N GLY A 6 -13.27 8.00 -5.02
CA GLY A 6 -13.33 9.08 -5.99
C GLY A 6 -13.35 10.42 -5.29
N ASN A 7 -12.74 10.43 -4.11
CA ASN A 7 -12.66 11.63 -3.28
C ASN A 7 -11.21 11.86 -2.86
N LYS A 8 -10.30 11.08 -3.45
CA LYS A 8 -8.89 11.17 -3.14
C LYS A 8 -8.61 10.55 -1.77
N ILE A 9 -9.52 9.70 -1.31
CA ILE A 9 -9.37 9.05 -0.02
C ILE A 9 -9.18 7.55 -0.19
N LEU A 10 -8.13 7.03 0.44
CA LEU A 10 -7.86 5.60 0.40
C LEU A 10 -8.64 4.94 1.53
N GLU A 11 -9.96 5.14 1.51
CA GLU A 11 -10.82 4.60 2.56
C GLU A 11 -11.93 3.74 1.96
N GLN A 12 -12.61 4.27 0.94
CA GLN A 12 -13.69 3.51 0.30
C GLN A 12 -13.17 2.27 -0.42
N GLY A 13 -12.56 1.36 0.33
CA GLY A 13 -12.03 0.13 -0.24
C GLY A 13 -11.33 0.34 -1.57
N GLU A 14 -10.58 1.43 -1.69
CA GLU A 14 -9.87 1.73 -2.93
C GLU A 14 -8.42 1.29 -2.85
N ASP A 15 -7.69 1.85 -1.89
CA ASP A 15 -6.27 1.53 -1.71
C ASP A 15 -5.42 2.18 -2.79
N CYS A 16 -6.02 3.16 -3.49
CA CYS A 16 -5.35 3.89 -4.56
C CYS A 16 -6.38 4.62 -5.41
N ASP A 17 -6.93 5.69 -4.87
CA ASP A 17 -7.94 6.46 -5.57
C ASP A 17 -7.60 7.94 -5.60
N CYS A 18 -8.20 8.66 -6.54
CA CYS A 18 -8.00 10.08 -6.69
C CYS A 18 -9.34 10.81 -6.68
N GLY A 19 -9.39 11.98 -6.07
CA GLY A 19 -10.62 12.75 -6.02
C GLY A 19 -11.31 12.82 -7.37
N SER A 20 -10.55 13.08 -8.41
CA SER A 20 -11.09 13.16 -9.76
C SER A 20 -10.17 12.48 -10.77
N PRO A 21 -10.69 11.50 -11.53
CA PRO A 21 -9.89 10.78 -12.53
C PRO A 21 -9.06 11.71 -13.40
N ALA A 22 -9.55 12.93 -13.58
CA ALA A 22 -8.86 13.93 -14.39
C ALA A 22 -7.80 14.67 -13.57
N ASN A 23 -8.05 14.76 -12.27
CA ASN A 23 -7.13 15.44 -11.36
C ASN A 23 -6.38 14.43 -10.50
N CYS A 24 -6.31 13.19 -10.97
CA CYS A 24 -5.63 12.13 -10.25
C CYS A 24 -4.14 12.41 -10.16
N GLN A 25 -3.74 13.15 -9.14
CA GLN A 25 -2.34 13.50 -8.94
C GLN A 25 -1.57 12.36 -8.27
N ASP A 26 -1.85 11.12 -8.68
CA ASP A 26 -1.18 9.96 -8.13
C ASP A 26 -0.84 8.97 -9.24
N ARG A 27 0.39 9.05 -9.74
CA ARG A 27 0.84 8.18 -10.82
C ARG A 27 0.87 6.72 -10.37
N CYS A 28 0.82 6.50 -9.06
CA CYS A 28 0.83 5.14 -8.51
C CYS A 28 -0.58 4.64 -8.20
N CYS A 29 -1.54 5.57 -8.12
CA CYS A 29 -2.92 5.22 -7.83
C CYS A 29 -3.87 5.81 -8.87
N ASN A 30 -4.85 5.01 -9.32
CA ASN A 30 -5.80 5.47 -10.32
C ASN A 30 -7.20 5.60 -9.73
N ALA A 31 -7.85 6.75 -9.99
CA ALA A 31 -9.20 7.01 -9.52
C ALA A 31 -10.21 6.19 -10.30
N ALA A 32 -10.03 6.15 -11.62
CA ALA A 32 -10.92 5.42 -12.51
C ALA A 32 -11.09 3.97 -12.06
N THR A 33 -10.15 3.49 -11.24
CA THR A 33 -10.20 2.12 -10.75
C THR A 33 -10.28 2.10 -9.23
N CYS A 34 -9.92 3.21 -8.61
CA CYS A 34 -9.93 3.30 -7.16
C CYS A 34 -9.03 2.23 -6.59
N LYS A 35 -7.88 2.02 -7.23
CA LYS A 35 -6.92 1.01 -6.79
C LYS A 35 -5.59 1.17 -7.52
N LEU A 36 -4.58 0.47 -7.02
CA LEU A 36 -3.23 0.52 -7.61
C LEU A 36 -3.29 0.40 -9.14
N THR A 37 -2.54 1.27 -9.81
CA THR A 37 -2.49 1.26 -11.27
C THR A 37 -1.48 0.23 -11.77
N PRO A 38 -1.42 0.00 -13.10
CA PRO A 38 -0.48 -0.96 -13.68
C PRO A 38 0.96 -0.64 -13.33
N GLY A 39 1.60 -1.53 -12.59
CA GLY A 39 2.98 -1.31 -12.20
C GLY A 39 3.12 -0.98 -10.73
N SER A 40 2.08 -0.39 -10.15
CA SER A 40 2.08 -0.02 -8.75
C SER A 40 1.64 -1.19 -7.87
N GLN A 41 2.53 -1.66 -7.01
CA GLN A 41 2.23 -2.78 -6.14
C GLN A 41 2.21 -2.36 -4.67
N CYS A 42 2.13 -1.05 -4.39
CA CYS A 42 2.11 -0.57 -3.03
C CYS A 42 1.58 0.85 -2.91
N ASN A 43 2.19 1.78 -3.65
CA ASN A 43 1.78 3.19 -3.63
C ASN A 43 2.04 3.84 -2.26
N TYR A 44 2.07 3.02 -1.21
CA TYR A 44 2.32 3.51 0.14
C TYR A 44 2.26 2.35 1.14
N GLY A 45 2.86 2.54 2.31
CA GLY A 45 2.85 1.50 3.32
C GLY A 45 4.25 1.03 3.69
N GLU A 46 4.33 0.24 4.76
CA GLU A 46 5.61 -0.29 5.22
C GLU A 46 6.27 -1.14 4.14
N CYS A 47 5.47 -2.02 3.54
CA CYS A 47 5.96 -2.90 2.49
C CYS A 47 6.20 -2.15 1.19
N CYS A 48 5.63 -0.96 1.06
CA CYS A 48 5.79 -0.16 -0.15
C CYS A 48 7.23 0.31 -0.34
N ASP A 49 7.71 0.17 -1.56
CA ASP A 49 9.06 0.59 -1.92
C ASP A 49 9.17 0.81 -3.42
N GLN A 50 9.20 2.08 -3.83
CA GLN A 50 9.28 2.41 -5.26
C GLN A 50 8.03 1.93 -5.99
N CYS A 51 6.88 2.12 -5.35
CA CYS A 51 5.61 1.70 -5.94
C CYS A 51 5.56 0.19 -6.12
N ARG A 52 6.36 -0.53 -5.34
CA ARG A 52 6.41 -1.99 -5.40
C ARG A 52 6.61 -2.58 -4.01
N PHE A 53 5.81 -3.57 -3.66
CA PHE A 53 5.92 -4.21 -2.34
C PHE A 53 7.32 -4.77 -2.12
N LYS A 54 7.76 -4.72 -0.87
CA LYS A 54 9.08 -5.23 -0.52
C LYS A 54 9.09 -6.75 -0.60
N LYS A 55 9.83 -7.29 -1.56
CA LYS A 55 9.93 -8.74 -1.75
C LYS A 55 9.92 -9.47 -0.41
N ALA A 56 9.01 -10.44 -0.27
CA ALA A 56 8.88 -11.20 0.96
C ALA A 56 10.26 -11.50 1.54
N GLY A 57 10.41 -11.24 2.82
CA GLY A 57 11.69 -11.46 3.46
C GLY A 57 12.31 -10.16 3.94
N THR A 58 11.75 -9.05 3.46
CA THR A 58 12.23 -7.73 3.85
C THR A 58 11.71 -7.39 5.25
N VAL A 59 12.61 -7.21 6.19
CA VAL A 59 12.21 -6.90 7.56
C VAL A 59 11.78 -5.44 7.71
N CYS A 60 10.52 -5.24 8.09
CA CYS A 60 9.99 -3.90 8.28
C CYS A 60 9.94 -3.53 9.76
N ARG A 61 9.85 -4.54 10.62
CA ARG A 61 9.79 -4.33 12.07
C ARG A 61 10.52 -5.46 12.80
N ILE A 62 10.85 -5.21 14.07
CA ILE A 62 11.53 -6.18 14.89
C ILE A 62 11.27 -5.89 16.36
N ALA A 63 10.87 -6.92 17.09
CA ALA A 63 10.61 -6.78 18.51
C ALA A 63 11.89 -6.46 19.26
N ARG A 64 12.75 -7.46 19.42
CA ARG A 64 14.03 -7.28 20.11
C ARG A 64 14.73 -8.61 20.37
N GLY A 65 15.27 -9.21 19.31
CA GLY A 65 15.96 -10.48 19.45
C GLY A 65 15.86 -11.34 18.21
N ASP A 66 15.19 -12.47 18.34
CA ASP A 66 15.02 -13.40 17.22
C ASP A 66 13.96 -14.45 17.56
N TRP A 67 12.70 -14.07 17.38
CA TRP A 67 11.58 -14.98 17.66
C TRP A 67 10.75 -15.20 16.41
N ASN A 68 10.07 -14.16 15.98
CA ASN A 68 9.23 -14.21 14.79
C ASN A 68 9.73 -13.24 13.74
N ASP A 69 9.98 -12.00 14.18
CA ASP A 69 10.45 -10.96 13.28
C ASP A 69 9.33 -10.45 12.40
N ASP A 70 9.53 -9.26 11.84
CA ASP A 70 8.55 -8.68 10.95
C ASP A 70 9.07 -8.67 9.53
N TYR A 71 8.35 -9.36 8.65
CA TYR A 71 8.78 -9.46 7.27
C TYR A 71 7.66 -9.26 6.28
N CYS A 72 8.00 -8.60 5.17
CA CYS A 72 7.05 -8.35 4.10
C CYS A 72 6.65 -9.65 3.44
N THR A 73 5.54 -9.64 2.71
CA THR A 73 5.05 -10.82 2.03
C THR A 73 4.98 -10.61 0.52
N GLY A 74 5.43 -9.45 0.05
CA GLY A 74 5.40 -9.16 -1.37
C GLY A 74 4.01 -9.26 -1.97
N LYS A 75 2.99 -9.17 -1.13
CA LYS A 75 1.61 -9.25 -1.59
C LYS A 75 0.72 -8.21 -0.91
N SER A 76 1.32 -7.30 -0.15
CA SER A 76 0.57 -6.26 0.55
C SER A 76 1.50 -5.19 1.11
N SER A 77 0.91 -4.04 1.44
CA SER A 77 1.67 -2.92 2.01
C SER A 77 1.84 -3.07 3.52
N ASP A 78 1.50 -4.25 4.04
CA ASP A 78 1.62 -4.51 5.47
C ASP A 78 2.72 -5.53 5.76
N CYS A 79 3.50 -5.26 6.80
CA CYS A 79 4.58 -6.14 7.19
C CYS A 79 4.29 -6.80 8.53
N PRO A 80 3.85 -8.08 8.54
CA PRO A 80 3.53 -8.79 9.78
C PRO A 80 4.78 -9.13 10.59
N TRP A 81 4.74 -8.78 11.87
CA TRP A 81 5.87 -9.03 12.77
C TRP A 81 5.73 -10.33 13.55
N ASN A 82 4.52 -10.87 13.58
CA ASN A 82 4.25 -12.12 14.29
C ASN A 82 4.59 -11.99 15.77
N HIS A 83 3.59 -11.77 16.60
CA HIS A 83 3.79 -11.62 18.03
C HIS A 83 2.49 -11.85 18.80
N SER A 1 -10.39 10.80 6.50
CA SER A 1 -11.04 10.08 7.63
C SER A 1 -12.10 9.10 7.13
N PRO A 2 -13.13 9.59 6.43
CA PRO A 2 -14.21 8.75 5.91
C PRO A 2 -13.79 7.96 4.67
N PRO A 3 -14.55 6.92 4.32
CA PRO A 3 -14.25 6.09 3.16
C PRO A 3 -14.98 6.57 1.91
N VAL A 4 -14.31 7.40 1.12
CA VAL A 4 -14.90 7.92 -0.11
C VAL A 4 -14.07 7.54 -1.33
N CYS A 5 -14.62 6.65 -2.16
CA CYS A 5 -13.94 6.22 -3.38
C CYS A 5 -14.19 7.25 -4.47
N GLY A 6 -13.17 8.05 -4.74
CA GLY A 6 -13.29 9.11 -5.72
C GLY A 6 -13.26 10.46 -5.05
N ASN A 7 -12.56 10.51 -3.93
CA ASN A 7 -12.42 11.72 -3.15
C ASN A 7 -10.95 11.98 -2.84
N LYS A 8 -10.09 11.17 -3.46
CA LYS A 8 -8.66 11.27 -3.24
C LYS A 8 -8.27 10.65 -1.90
N ILE A 9 -9.18 9.87 -1.34
CA ILE A 9 -8.94 9.21 -0.07
C ILE A 9 -8.80 7.71 -0.24
N LEU A 10 -7.71 7.16 0.26
CA LEU A 10 -7.49 5.72 0.19
C LEU A 10 -8.14 5.07 1.41
N GLU A 11 -9.44 5.33 1.56
CA GLU A 11 -10.19 4.80 2.69
C GLU A 11 -11.35 3.93 2.22
N GLN A 12 -12.12 4.44 1.25
CA GLN A 12 -13.26 3.69 0.71
C GLN A 12 -12.80 2.43 -0.03
N GLY A 13 -12.12 1.53 0.68
CA GLY A 13 -11.66 0.29 0.08
C GLY A 13 -11.05 0.48 -1.30
N GLU A 14 -10.33 1.58 -1.49
CA GLU A 14 -9.70 1.86 -2.78
C GLU A 14 -8.24 1.41 -2.79
N ASP A 15 -7.44 1.98 -1.89
CA ASP A 15 -6.02 1.68 -1.80
C ASP A 15 -5.23 2.37 -2.91
N CYS A 16 -5.89 3.29 -3.61
CA CYS A 16 -5.28 4.05 -4.69
C CYS A 16 -6.35 4.73 -5.52
N ASP A 17 -6.89 5.82 -5.00
CA ASP A 17 -7.93 6.57 -5.69
C ASP A 17 -7.57 8.05 -5.81
N CYS A 18 -8.21 8.73 -6.75
CA CYS A 18 -8.00 10.14 -6.97
C CYS A 18 -9.32 10.90 -6.86
N GLY A 19 -9.31 12.03 -6.15
CA GLY A 19 -10.52 12.81 -5.99
C GLY A 19 -11.25 13.02 -7.30
N SER A 20 -10.49 13.19 -8.38
CA SER A 20 -11.06 13.39 -9.70
C SER A 20 -10.26 12.60 -10.75
N PRO A 21 -10.91 11.68 -11.47
CA PRO A 21 -10.25 10.87 -12.51
C PRO A 21 -9.51 11.73 -13.53
N ALA A 22 -9.95 12.98 -13.67
CA ALA A 22 -9.33 13.90 -14.61
C ALA A 22 -8.13 14.59 -13.97
N ASN A 23 -8.21 14.78 -12.66
CA ASN A 23 -7.12 15.42 -11.92
C ASN A 23 -6.37 14.39 -11.07
N CYS A 24 -6.48 13.13 -11.47
CA CYS A 24 -5.82 12.05 -10.75
C CYS A 24 -4.31 12.23 -10.75
N GLN A 25 -3.83 12.99 -9.77
CA GLN A 25 -2.41 13.27 -9.64
C GLN A 25 -1.69 12.14 -8.90
N ASP A 26 -1.99 10.90 -9.30
CA ASP A 26 -1.38 9.72 -8.69
C ASP A 26 -1.03 8.69 -9.76
N ARG A 27 0.21 8.72 -10.22
CA ARG A 27 0.67 7.80 -11.24
C ARG A 27 0.58 6.35 -10.78
N CYS A 28 0.58 6.15 -9.46
CA CYS A 28 0.51 4.80 -8.90
C CYS A 28 -0.89 4.50 -8.36
N CYS A 29 -1.81 5.42 -8.55
CA CYS A 29 -3.20 5.24 -8.08
C CYS A 29 -4.19 5.82 -9.09
N ASN A 30 -5.18 5.02 -9.47
CA ASN A 30 -6.19 5.46 -10.43
C ASN A 30 -7.56 5.61 -9.78
N ALA A 31 -8.23 6.73 -10.09
CA ALA A 31 -9.56 7.01 -9.55
C ALA A 31 -10.62 6.18 -10.26
N ALA A 32 -10.48 6.06 -11.57
CA ALA A 32 -11.41 5.29 -12.38
C ALA A 32 -11.54 3.86 -11.88
N THR A 33 -10.57 3.43 -11.09
CA THR A 33 -10.58 2.07 -10.54
C THR A 33 -10.58 2.10 -9.02
N CYS A 34 -10.12 3.22 -8.45
CA CYS A 34 -10.02 3.35 -7.01
C CYS A 34 -9.07 2.30 -6.48
N LYS A 35 -7.99 2.07 -7.24
CA LYS A 35 -6.99 1.08 -6.86
C LYS A 35 -5.66 1.37 -7.55
N LEU A 36 -4.64 0.61 -7.17
CA LEU A 36 -3.31 0.78 -7.74
C LEU A 36 -3.33 0.64 -9.27
N THR A 37 -2.46 1.40 -9.93
CA THR A 37 -2.38 1.36 -11.38
C THR A 37 -1.42 0.26 -11.84
N PRO A 38 -1.45 -0.10 -13.14
CA PRO A 38 -0.58 -1.14 -13.69
C PRO A 38 0.89 -0.82 -13.48
N GLY A 39 1.57 -1.67 -12.70
CA GLY A 39 2.98 -1.45 -12.42
C GLY A 39 3.24 -1.11 -10.97
N SER A 40 2.24 -0.50 -10.32
CA SER A 40 2.35 -0.11 -8.92
C SER A 40 1.58 -1.09 -8.05
N GLN A 41 2.24 -1.62 -7.03
CA GLN A 41 1.61 -2.57 -6.12
C GLN A 41 1.49 -1.99 -4.71
N CYS A 42 2.37 -1.04 -4.37
CA CYS A 42 2.35 -0.42 -3.06
C CYS A 42 2.56 1.08 -3.13
N ASN A 43 1.47 1.83 -3.03
CA ASN A 43 1.53 3.28 -3.05
C ASN A 43 1.30 3.87 -1.66
N TYR A 44 1.19 2.98 -0.67
CA TYR A 44 0.96 3.41 0.71
C TYR A 44 0.98 2.20 1.64
N GLY A 45 1.90 2.20 2.59
CA GLY A 45 2.03 1.10 3.52
C GLY A 45 3.49 0.74 3.79
N GLU A 46 3.71 -0.12 4.78
CA GLU A 46 5.06 -0.52 5.15
C GLU A 46 5.78 -1.25 4.02
N CYS A 47 5.09 -2.19 3.38
CA CYS A 47 5.67 -2.97 2.30
C CYS A 47 5.97 -2.13 1.06
N CYS A 48 5.49 -0.90 1.02
CA CYS A 48 5.70 -0.06 -0.14
C CYS A 48 7.11 0.52 -0.20
N ASP A 49 7.67 0.52 -1.40
CA ASP A 49 9.00 1.04 -1.67
C ASP A 49 9.17 1.22 -3.17
N GLN A 50 9.25 2.47 -3.61
CA GLN A 50 9.38 2.76 -5.03
C GLN A 50 8.16 2.29 -5.79
N CYS A 51 7.00 2.30 -5.11
CA CYS A 51 5.74 1.88 -5.70
C CYS A 51 5.75 0.38 -5.97
N ARG A 52 6.46 -0.37 -5.13
CA ARG A 52 6.55 -1.82 -5.28
C ARG A 52 6.64 -2.49 -3.90
N PHE A 53 5.97 -3.63 -3.75
CA PHE A 53 5.97 -4.34 -2.47
C PHE A 53 7.38 -4.76 -2.09
N LYS A 54 7.67 -4.66 -0.80
CA LYS A 54 8.99 -5.04 -0.29
C LYS A 54 9.16 -6.55 -0.41
N LYS A 55 9.92 -6.98 -1.41
CA LYS A 55 10.18 -8.40 -1.66
C LYS A 55 10.18 -9.19 -0.36
N ALA A 56 9.40 -10.27 -0.32
CA ALA A 56 9.32 -11.12 0.86
C ALA A 56 10.68 -11.31 1.48
N GLY A 57 10.77 -11.07 2.78
CA GLY A 57 12.03 -11.20 3.47
C GLY A 57 12.51 -9.85 3.99
N THR A 58 11.85 -8.79 3.55
CA THR A 58 12.19 -7.45 4.00
C THR A 58 11.64 -7.21 5.40
N VAL A 59 12.54 -7.02 6.36
CA VAL A 59 12.12 -6.80 7.73
C VAL A 59 11.60 -5.37 7.91
N CYS A 60 10.33 -5.26 8.31
CA CYS A 60 9.72 -3.93 8.52
C CYS A 60 9.49 -3.64 10.00
N ARG A 61 9.57 -4.66 10.84
CA ARG A 61 9.36 -4.49 12.28
C ARG A 61 10.13 -5.55 13.07
N ILE A 62 10.00 -5.50 14.40
CA ILE A 62 10.66 -6.45 15.28
C ILE A 62 10.39 -6.10 16.73
N ALA A 63 10.05 -7.12 17.52
CA ALA A 63 9.75 -6.93 18.93
C ALA A 63 10.96 -6.39 19.68
N ARG A 64 11.93 -7.26 19.94
CA ARG A 64 13.14 -6.86 20.65
C ARG A 64 14.12 -8.02 20.77
N GLY A 65 14.73 -8.38 19.64
CA GLY A 65 15.69 -9.47 19.64
C GLY A 65 15.71 -10.23 18.33
N ASP A 66 15.28 -11.49 18.38
CA ASP A 66 15.24 -12.33 17.19
C ASP A 66 14.48 -13.62 17.47
N TRP A 67 13.15 -13.54 17.38
CA TRP A 67 12.30 -14.69 17.62
C TRP A 67 11.51 -15.05 16.36
N ASN A 68 10.59 -14.17 16.02
CA ASN A 68 9.76 -14.35 14.83
C ASN A 68 10.14 -13.34 13.77
N ASP A 69 10.33 -12.10 14.22
CA ASP A 69 10.70 -11.01 13.32
C ASP A 69 9.53 -10.60 12.45
N ASP A 70 9.63 -9.41 11.89
CA ASP A 70 8.59 -8.89 11.02
C ASP A 70 9.11 -8.83 9.60
N TYR A 71 8.45 -9.55 8.71
CA TYR A 71 8.89 -9.61 7.33
C TYR A 71 7.77 -9.47 6.33
N CYS A 72 8.04 -8.71 5.28
CA CYS A 72 7.07 -8.50 4.22
C CYS A 72 6.88 -9.79 3.42
N THR A 73 5.83 -9.84 2.62
CA THR A 73 5.54 -11.02 1.82
C THR A 73 5.50 -10.68 0.32
N GLY A 74 5.89 -9.46 -0.02
CA GLY A 74 5.88 -9.04 -1.42
C GLY A 74 4.54 -9.28 -2.10
N LYS A 75 3.47 -9.36 -1.31
CA LYS A 75 2.14 -9.58 -1.85
C LYS A 75 1.14 -8.56 -1.33
N SER A 76 1.60 -7.63 -0.49
CA SER A 76 0.73 -6.60 0.06
C SER A 76 1.54 -5.49 0.72
N SER A 77 0.85 -4.44 1.16
CA SER A 77 1.47 -3.30 1.81
C SER A 77 1.61 -3.54 3.31
N ASP A 78 1.37 -4.77 3.74
CA ASP A 78 1.44 -5.12 5.15
C ASP A 78 2.65 -6.00 5.46
N CYS A 79 3.23 -5.80 6.63
CA CYS A 79 4.39 -6.57 7.06
C CYS A 79 4.12 -7.30 8.38
N PRO A 80 3.86 -8.61 8.33
CA PRO A 80 3.58 -9.42 9.53
C PRO A 80 4.81 -9.62 10.41
N TRP A 81 4.66 -9.32 11.70
CA TRP A 81 5.78 -9.47 12.66
C TRP A 81 5.77 -10.82 13.35
N ASN A 82 4.66 -11.50 13.28
CA ASN A 82 4.51 -12.82 13.91
C ASN A 82 4.74 -12.73 15.42
N HIS A 83 3.64 -12.66 16.17
CA HIS A 83 3.73 -12.58 17.62
C HIS A 83 2.42 -12.99 18.27
N SER A 1 -14.83 14.78 3.94
CA SER A 1 -14.13 13.85 3.03
C SER A 1 -14.45 12.40 3.39
N PRO A 2 -15.65 11.92 3.04
CA PRO A 2 -16.09 10.55 3.33
C PRO A 2 -15.33 9.52 2.49
N PRO A 3 -15.52 8.22 2.80
CA PRO A 3 -14.85 7.13 2.08
C PRO A 3 -15.34 7.01 0.64
N VAL A 4 -15.09 8.04 -0.16
CA VAL A 4 -15.51 8.05 -1.55
C VAL A 4 -14.32 8.20 -2.49
N CYS A 5 -14.46 7.65 -3.70
CA CYS A 5 -13.40 7.75 -4.70
C CYS A 5 -13.49 9.12 -5.34
N GLY A 6 -12.73 10.05 -4.77
CA GLY A 6 -12.74 11.42 -5.23
C GLY A 6 -12.76 12.38 -4.06
N ASN A 7 -12.20 11.93 -2.95
CA ASN A 7 -12.14 12.72 -1.73
C ASN A 7 -10.72 12.70 -1.19
N LYS A 8 -9.80 12.23 -2.02
CA LYS A 8 -8.39 12.11 -1.66
C LYS A 8 -8.18 10.93 -0.72
N ILE A 9 -9.23 10.12 -0.60
CA ILE A 9 -9.19 8.92 0.23
C ILE A 9 -9.30 7.70 -0.66
N LEU A 10 -8.70 6.60 -0.26
CA LEU A 10 -8.75 5.38 -1.04
C LEU A 10 -10.14 4.75 -0.96
N GLU A 11 -11.17 5.55 -1.25
CA GLU A 11 -12.54 5.10 -1.22
C GLU A 11 -12.77 4.07 -0.12
N GLN A 12 -12.82 4.55 1.12
CA GLN A 12 -13.02 3.68 2.26
C GLN A 12 -11.84 2.71 2.43
N GLY A 13 -11.86 1.64 1.65
CA GLY A 13 -10.80 0.65 1.72
C GLY A 13 -10.47 0.08 0.36
N GLU A 14 -10.78 0.84 -0.68
CA GLU A 14 -10.53 0.41 -2.06
C GLU A 14 -9.05 0.07 -2.26
N ASP A 15 -8.19 0.86 -1.62
CA ASP A 15 -6.73 0.65 -1.66
C ASP A 15 -6.04 1.43 -2.78
N CYS A 16 -6.61 2.59 -3.15
CA CYS A 16 -6.02 3.45 -4.19
C CYS A 16 -7.07 4.37 -4.81
N ASP A 17 -6.88 5.66 -4.60
CA ASP A 17 -7.79 6.67 -5.14
C ASP A 17 -7.14 8.05 -5.13
N CYS A 18 -7.69 8.95 -5.92
CA CYS A 18 -7.19 10.31 -6.00
C CYS A 18 -8.33 11.31 -5.99
N GLY A 19 -8.03 12.55 -5.61
CA GLY A 19 -9.03 13.60 -5.55
C GLY A 19 -9.97 13.60 -6.75
N SER A 20 -9.40 13.63 -7.95
CA SER A 20 -10.21 13.63 -9.17
C SER A 20 -9.59 12.72 -10.22
N PRO A 21 -10.41 11.88 -10.89
CA PRO A 21 -9.93 10.97 -11.92
C PRO A 21 -9.28 11.70 -13.09
N ALA A 22 -9.55 12.99 -13.21
CA ALA A 22 -9.00 13.80 -14.28
C ALA A 22 -7.63 14.35 -13.91
N ASN A 23 -7.47 14.73 -12.65
CA ASN A 23 -6.20 15.26 -12.17
C ASN A 23 -5.34 14.15 -11.57
N CYS A 24 -5.97 13.33 -10.73
CA CYS A 24 -5.29 12.20 -10.08
C CYS A 24 -3.84 12.51 -9.73
N GLN A 25 -3.60 12.84 -8.46
CA GLN A 25 -2.25 13.14 -7.99
C GLN A 25 -1.57 11.90 -7.44
N ASP A 26 -1.83 10.75 -8.07
CA ASP A 26 -1.24 9.49 -7.65
C ASP A 26 -1.08 8.55 -8.83
N ARG A 27 0.12 8.54 -9.41
CA ARG A 27 0.41 7.69 -10.55
C ARG A 27 0.29 6.21 -10.20
N CYS A 28 0.35 5.90 -8.91
CA CYS A 28 0.25 4.53 -8.45
C CYS A 28 -1.20 4.17 -8.10
N CYS A 29 -1.99 5.17 -7.74
CA CYS A 29 -3.40 4.95 -7.40
C CYS A 29 -4.32 5.66 -8.39
N ASN A 30 -5.27 4.91 -8.93
CA ASN A 30 -6.22 5.48 -9.88
C ASN A 30 -7.63 5.51 -9.31
N ALA A 31 -8.27 6.68 -9.41
CA ALA A 31 -9.62 6.87 -8.91
C ALA A 31 -10.64 6.16 -9.79
N ALA A 32 -10.45 6.28 -11.09
CA ALA A 32 -11.35 5.65 -12.05
C ALA A 32 -11.48 4.15 -11.81
N THR A 33 -10.54 3.59 -11.07
CA THR A 33 -10.56 2.17 -10.77
C THR A 33 -10.68 1.93 -9.28
N CYS A 34 -10.25 2.91 -8.50
CA CYS A 34 -10.29 2.80 -7.05
C CYS A 34 -9.39 1.66 -6.62
N LYS A 35 -8.20 1.62 -7.19
CA LYS A 35 -7.24 0.57 -6.89
C LYS A 35 -5.89 0.86 -7.57
N LEU A 36 -4.86 0.15 -7.15
CA LEU A 36 -3.52 0.32 -7.71
C LEU A 36 -3.54 0.19 -9.24
N THR A 37 -2.98 1.18 -9.91
CA THR A 37 -2.92 1.19 -11.37
C THR A 37 -2.01 0.06 -11.87
N PRO A 38 -2.19 -0.37 -13.13
CA PRO A 38 -1.38 -1.44 -13.72
C PRO A 38 0.10 -1.25 -13.46
N GLY A 39 0.69 -2.17 -12.72
CA GLY A 39 2.10 -2.08 -12.39
C GLY A 39 2.34 -1.49 -11.01
N SER A 40 1.32 -1.52 -10.17
CA SER A 40 1.42 -0.99 -8.82
C SER A 40 0.89 -2.00 -7.80
N GLN A 41 1.73 -2.34 -6.83
CA GLN A 41 1.35 -3.30 -5.80
C GLN A 41 1.28 -2.65 -4.43
N CYS A 42 2.12 -1.64 -4.21
CA CYS A 42 2.15 -0.94 -2.93
C CYS A 42 2.38 0.55 -3.11
N ASN A 43 1.34 1.34 -2.84
CA ASN A 43 1.44 2.79 -2.95
C ASN A 43 1.38 3.45 -1.58
N TYR A 44 1.26 2.64 -0.53
CA TYR A 44 1.20 3.14 0.84
C TYR A 44 1.14 1.98 1.82
N GLY A 45 2.13 1.90 2.70
CA GLY A 45 2.20 0.82 3.66
C GLY A 45 3.62 0.42 3.99
N GLU A 46 3.79 -0.38 5.03
CA GLU A 46 5.11 -0.84 5.46
C GLU A 46 5.86 -1.57 4.35
N CYS A 47 5.17 -2.48 3.68
CA CYS A 47 5.78 -3.30 2.63
C CYS A 47 6.03 -2.51 1.34
N CYS A 48 5.40 -1.36 1.19
CA CYS A 48 5.56 -0.56 -0.03
C CYS A 48 6.97 0.01 -0.16
N ASP A 49 7.41 0.10 -1.42
CA ASP A 49 8.72 0.63 -1.76
C ASP A 49 8.87 0.69 -3.27
N GLN A 50 8.96 1.90 -3.81
CA GLN A 50 9.09 2.08 -5.26
C GLN A 50 7.83 1.63 -5.98
N CYS A 51 6.69 1.80 -5.30
CA CYS A 51 5.40 1.42 -5.86
C CYS A 51 5.28 -0.10 -6.03
N ARG A 52 6.06 -0.85 -5.25
CA ARG A 52 6.05 -2.30 -5.31
C ARG A 52 6.24 -2.90 -3.92
N PHE A 53 5.67 -4.08 -3.69
CA PHE A 53 5.80 -4.74 -2.40
C PHE A 53 7.25 -5.05 -2.09
N LYS A 54 7.59 -4.97 -0.82
CA LYS A 54 8.95 -5.26 -0.39
C LYS A 54 9.24 -6.75 -0.51
N LYS A 55 10.12 -7.11 -1.44
CA LYS A 55 10.47 -8.51 -1.66
C LYS A 55 10.52 -9.28 -0.35
N ALA A 56 9.78 -10.39 -0.29
CA ALA A 56 9.73 -11.22 0.91
C ALA A 56 11.11 -11.35 1.53
N GLY A 57 11.23 -11.00 2.79
CA GLY A 57 12.51 -11.06 3.47
C GLY A 57 12.97 -9.69 3.91
N THR A 58 12.23 -8.66 3.49
CA THR A 58 12.54 -7.29 3.85
C THR A 58 12.02 -6.99 5.25
N VAL A 59 12.91 -6.91 6.23
CA VAL A 59 12.52 -6.63 7.60
C VAL A 59 11.92 -5.24 7.73
N CYS A 60 10.68 -5.16 8.19
CA CYS A 60 10.01 -3.87 8.36
C CYS A 60 9.66 -3.60 9.82
N ARG A 61 9.68 -4.65 10.64
CA ARG A 61 9.34 -4.50 12.05
C ARG A 61 10.04 -5.56 12.91
N ILE A 62 9.94 -5.39 14.23
CA ILE A 62 10.55 -6.31 15.19
C ILE A 62 9.85 -6.19 16.54
N ALA A 63 9.36 -7.32 17.04
CA ALA A 63 8.66 -7.34 18.33
C ALA A 63 9.43 -6.55 19.39
N ARG A 64 10.50 -7.16 19.90
CA ARG A 64 11.33 -6.53 20.93
C ARG A 64 12.66 -7.25 21.10
N GLY A 65 13.46 -7.26 20.05
CA GLY A 65 14.75 -7.91 20.12
C GLY A 65 15.17 -8.51 18.79
N ASP A 66 15.18 -9.84 18.73
CA ASP A 66 15.57 -10.54 17.51
C ASP A 66 15.30 -12.04 17.63
N TRP A 67 14.06 -12.42 17.35
CA TRP A 67 13.66 -13.83 17.42
C TRP A 67 13.16 -14.30 16.06
N ASN A 68 12.02 -13.77 15.66
CA ASN A 68 11.42 -14.12 14.37
C ASN A 68 11.59 -12.96 13.40
N ASP A 69 11.59 -11.74 13.93
CA ASP A 69 11.75 -10.54 13.12
C ASP A 69 10.61 -10.38 12.13
N ASP A 70 10.11 -9.16 12.01
CA ASP A 70 9.02 -8.88 11.08
C ASP A 70 9.56 -8.80 9.66
N TYR A 71 8.92 -9.54 8.75
CA TYR A 71 9.38 -9.57 7.36
C TYR A 71 8.24 -9.50 6.36
N CYS A 72 8.47 -8.73 5.30
CA CYS A 72 7.49 -8.58 4.24
C CYS A 72 7.32 -9.89 3.48
N THR A 73 6.24 -10.02 2.72
CA THR A 73 5.98 -11.23 1.96
C THR A 73 5.87 -10.96 0.46
N GLY A 74 6.26 -9.74 0.05
CA GLY A 74 6.21 -9.38 -1.36
C GLY A 74 4.85 -9.67 -1.99
N LYS A 75 3.81 -9.71 -1.17
CA LYS A 75 2.46 -9.97 -1.66
C LYS A 75 1.42 -9.09 -0.97
N SER A 76 1.88 -8.09 -0.23
CA SER A 76 0.97 -7.20 0.47
C SER A 76 1.70 -5.99 1.04
N SER A 77 0.92 -5.00 1.48
CA SER A 77 1.49 -3.78 2.07
C SER A 77 1.67 -3.93 3.57
N ASP A 78 1.55 -5.16 4.07
CA ASP A 78 1.70 -5.43 5.49
C ASP A 78 2.92 -6.29 5.76
N CYS A 79 3.58 -6.01 6.87
CA CYS A 79 4.77 -6.76 7.27
C CYS A 79 4.51 -7.50 8.59
N PRO A 80 4.30 -8.82 8.53
CA PRO A 80 4.03 -9.64 9.73
C PRO A 80 5.26 -9.81 10.63
N TRP A 81 5.07 -9.52 11.92
CA TRP A 81 6.16 -9.65 12.92
C TRP A 81 6.93 -10.95 12.72
N ASN A 82 6.23 -11.96 12.23
CA ASN A 82 6.79 -13.29 12.01
C ASN A 82 6.61 -14.16 13.25
N HIS A 83 5.55 -13.88 14.00
CA HIS A 83 5.26 -14.61 15.23
C HIS A 83 4.17 -15.65 14.99
N SER A 1 -18.42 11.39 1.52
CA SER A 1 -17.81 10.65 2.65
C SER A 1 -16.29 10.56 2.50
N PRO A 2 -15.54 10.65 3.61
CA PRO A 2 -14.08 10.59 3.59
C PRO A 2 -13.55 9.29 2.97
N PRO A 3 -14.10 8.13 3.38
CA PRO A 3 -13.67 6.84 2.86
C PRO A 3 -14.33 6.48 1.53
N VAL A 4 -14.34 7.44 0.60
CA VAL A 4 -14.94 7.23 -0.72
C VAL A 4 -13.91 7.41 -1.83
N CYS A 5 -14.13 6.70 -2.94
CA CYS A 5 -13.24 6.82 -4.08
C CYS A 5 -13.60 8.07 -4.86
N GLY A 6 -12.98 9.18 -4.48
CA GLY A 6 -13.26 10.45 -5.11
C GLY A 6 -13.33 11.56 -4.08
N ASN A 7 -12.61 11.39 -2.98
CA ASN A 7 -12.57 12.35 -1.90
C ASN A 7 -11.12 12.72 -1.59
N LYS A 8 -10.21 12.17 -2.38
CA LYS A 8 -8.78 12.38 -2.20
C LYS A 8 -8.25 11.39 -1.18
N ILE A 9 -9.05 10.38 -0.92
CA ILE A 9 -8.71 9.33 0.03
C ILE A 9 -8.81 8.00 -0.69
N LEU A 10 -8.01 7.04 -0.24
CA LEU A 10 -8.00 5.70 -0.83
C LEU A 10 -9.31 4.96 -0.53
N GLU A 11 -10.44 5.63 -0.80
CA GLU A 11 -11.77 5.06 -0.57
C GLU A 11 -11.76 4.11 0.63
N GLN A 12 -11.53 4.67 1.80
CA GLN A 12 -11.49 3.89 3.03
C GLN A 12 -10.24 3.02 3.12
N GLY A 13 -10.25 1.88 2.44
CA GLY A 13 -9.12 0.98 2.45
C GLY A 13 -8.87 0.35 1.09
N GLU A 14 -9.28 1.05 0.05
CA GLU A 14 -9.11 0.57 -1.32
C GLU A 14 -7.64 0.33 -1.64
N ASP A 15 -6.79 1.23 -1.16
CA ASP A 15 -5.33 1.14 -1.34
C ASP A 15 -4.83 1.88 -2.58
N CYS A 16 -5.57 2.90 -3.02
CA CYS A 16 -5.18 3.71 -4.17
C CYS A 16 -6.39 4.41 -4.79
N ASP A 17 -6.43 5.73 -4.63
CA ASP A 17 -7.54 6.51 -5.16
C ASP A 17 -7.12 7.95 -5.46
N CYS A 18 -7.91 8.62 -6.28
CA CYS A 18 -7.65 10.00 -6.65
C CYS A 18 -8.91 10.84 -6.47
N GLY A 19 -8.76 12.10 -6.10
CA GLY A 19 -9.91 12.97 -5.91
C GLY A 19 -10.89 12.87 -7.06
N SER A 20 -10.36 12.95 -8.29
CA SER A 20 -11.19 12.85 -9.48
C SER A 20 -10.50 11.99 -10.55
N PRO A 21 -11.13 10.88 -10.98
CA PRO A 21 -10.56 10.00 -12.00
C PRO A 21 -9.96 10.77 -13.17
N ALA A 22 -10.49 11.95 -13.44
CA ALA A 22 -10.00 12.78 -14.54
C ALA A 22 -8.78 13.58 -14.11
N ASN A 23 -8.72 13.91 -12.83
CA ASN A 23 -7.61 14.67 -12.27
C ASN A 23 -6.73 13.77 -11.41
N CYS A 24 -6.85 12.47 -11.61
CA CYS A 24 -6.08 11.49 -10.86
C CYS A 24 -4.59 11.70 -11.07
N GLN A 25 -4.01 12.57 -10.26
CA GLN A 25 -2.59 12.88 -10.36
C GLN A 25 -1.75 11.85 -9.59
N ASP A 26 -2.05 10.57 -9.80
CA ASP A 26 -1.33 9.49 -9.14
C ASP A 26 -1.17 8.31 -10.07
N ARG A 27 -0.02 8.23 -10.73
CA ARG A 27 0.26 7.15 -11.67
C ARG A 27 0.31 5.80 -10.95
N CYS A 28 0.54 5.84 -9.64
CA CYS A 28 0.61 4.62 -8.84
C CYS A 28 -0.75 4.28 -8.24
N CYS A 29 -1.65 5.26 -8.20
CA CYS A 29 -2.99 5.06 -7.64
C CYS A 29 -4.06 5.57 -8.59
N ASN A 30 -4.97 4.70 -8.99
CA ASN A 30 -6.05 5.09 -9.89
C ASN A 30 -7.40 5.01 -9.19
N ALA A 31 -8.18 6.09 -9.31
CA ALA A 31 -9.50 6.17 -8.68
C ALA A 31 -10.49 5.28 -9.43
N ALA A 32 -10.43 5.34 -10.76
CA ALA A 32 -11.33 4.55 -11.60
C ALA A 32 -11.27 3.07 -11.25
N THR A 33 -10.20 2.67 -10.56
CA THR A 33 -10.03 1.27 -10.17
C THR A 33 -10.04 1.13 -8.66
N CYS A 34 -9.70 2.23 -7.98
CA CYS A 34 -9.64 2.22 -6.52
C CYS A 34 -8.58 1.24 -6.07
N LYS A 35 -7.43 1.28 -6.73
CA LYS A 35 -6.32 0.40 -6.41
C LYS A 35 -5.08 0.75 -7.22
N LEU A 36 -3.94 0.22 -6.81
CA LEU A 36 -2.68 0.47 -7.48
C LEU A 36 -2.77 0.12 -8.97
N THR A 37 -2.33 1.04 -9.82
CA THR A 37 -2.36 0.83 -11.26
C THR A 37 -1.31 -0.21 -11.69
N PRO A 38 -1.46 -0.75 -12.91
CA PRO A 38 -0.52 -1.76 -13.42
C PRO A 38 0.93 -1.29 -13.35
N GLY A 39 1.74 -2.02 -12.60
CA GLY A 39 3.14 -1.67 -12.45
C GLY A 39 3.49 -1.25 -11.03
N SER A 40 2.53 -0.65 -10.35
CA SER A 40 2.74 -0.20 -8.97
C SER A 40 1.99 -1.09 -7.99
N GLN A 41 2.66 -1.48 -6.91
CA GLN A 41 2.04 -2.34 -5.90
C GLN A 41 1.89 -1.60 -4.57
N CYS A 42 2.75 -0.61 -4.35
CA CYS A 42 2.72 0.18 -3.12
C CYS A 42 2.36 1.63 -3.40
N ASN A 43 2.30 2.41 -2.33
CA ASN A 43 1.99 3.83 -2.40
C ASN A 43 2.02 4.42 -1.00
N TYR A 44 1.62 3.61 -0.03
CA TYR A 44 1.61 4.01 1.37
C TYR A 44 1.69 2.77 2.26
N GLY A 45 2.58 2.79 3.24
CA GLY A 45 2.72 1.66 4.13
C GLY A 45 4.17 1.23 4.31
N GLU A 46 4.43 0.41 5.32
CA GLU A 46 5.77 -0.08 5.62
C GLU A 46 6.38 -0.84 4.44
N CYS A 47 5.62 -1.74 3.85
CA CYS A 47 6.11 -2.55 2.74
C CYS A 47 6.30 -1.72 1.47
N CYS A 48 5.68 -0.54 1.42
CA CYS A 48 5.79 0.32 0.25
C CYS A 48 7.20 0.87 0.06
N ASP A 49 7.73 0.69 -1.15
CA ASP A 49 9.05 1.19 -1.51
C ASP A 49 9.15 1.40 -3.02
N GLN A 50 9.22 2.67 -3.43
CA GLN A 50 9.31 3.00 -4.85
C GLN A 50 8.04 2.57 -5.60
N CYS A 51 6.89 2.85 -4.99
CA CYS A 51 5.61 2.49 -5.58
C CYS A 51 5.51 0.98 -5.82
N ARG A 52 6.33 0.22 -5.10
CA ARG A 52 6.34 -1.23 -5.22
C ARG A 52 6.56 -1.88 -3.86
N PHE A 53 5.70 -2.84 -3.52
CA PHE A 53 5.80 -3.53 -2.24
C PHE A 53 7.15 -4.19 -2.06
N LYS A 54 7.68 -4.14 -0.85
CA LYS A 54 8.96 -4.75 -0.56
C LYS A 54 8.84 -6.27 -0.65
N LYS A 55 9.45 -6.85 -1.68
CA LYS A 55 9.40 -8.29 -1.90
C LYS A 55 9.39 -9.06 -0.59
N ALA A 56 8.43 -9.99 -0.46
CA ALA A 56 8.30 -10.80 0.74
C ALA A 56 9.68 -11.24 1.22
N GLY A 57 9.94 -11.01 2.50
CA GLY A 57 11.24 -11.36 3.05
C GLY A 57 12.00 -10.14 3.52
N THR A 58 11.50 -8.96 3.15
CA THR A 58 12.12 -7.71 3.56
C THR A 58 11.69 -7.36 4.98
N VAL A 59 12.60 -7.54 5.94
CA VAL A 59 12.30 -7.25 7.33
C VAL A 59 11.96 -5.78 7.54
N CYS A 60 10.79 -5.53 8.13
CA CYS A 60 10.35 -4.17 8.40
C CYS A 60 10.15 -3.92 9.90
N ARG A 61 10.04 -5.01 10.67
CA ARG A 61 9.82 -4.89 12.10
C ARG A 61 10.38 -6.11 12.85
N ILE A 62 10.57 -5.94 14.16
CA ILE A 62 11.09 -7.01 15.01
C ILE A 62 10.66 -6.77 16.45
N ALA A 63 9.97 -7.74 17.03
CA ALA A 63 9.50 -7.63 18.40
C ALA A 63 10.60 -7.14 19.34
N ARG A 64 11.61 -7.98 19.56
CA ARG A 64 12.73 -7.63 20.44
C ARG A 64 13.72 -8.77 20.55
N GLY A 65 14.42 -9.06 19.45
CA GLY A 65 15.41 -10.12 19.46
C GLY A 65 15.51 -10.83 18.13
N ASP A 66 15.09 -12.08 18.09
CA ASP A 66 15.14 -12.87 16.86
C ASP A 66 14.38 -14.18 17.04
N TRP A 67 13.08 -14.12 16.85
CA TRP A 67 12.21 -15.30 16.98
C TRP A 67 11.48 -15.56 15.66
N ASN A 68 10.57 -14.66 15.34
CA ASN A 68 9.79 -14.77 14.11
C ASN A 68 10.15 -13.62 13.17
N ASP A 69 10.43 -12.46 13.76
CA ASP A 69 10.80 -11.28 12.99
C ASP A 69 9.67 -10.85 12.05
N ASP A 70 9.57 -9.54 11.82
CA ASP A 70 8.54 -9.00 10.95
C ASP A 70 9.06 -8.97 9.51
N TYR A 71 8.27 -9.50 8.59
CA TYR A 71 8.69 -9.55 7.19
C TYR A 71 7.58 -9.22 6.22
N CYS A 72 7.96 -8.48 5.18
CA CYS A 72 7.03 -8.09 4.12
C CYS A 72 6.45 -9.33 3.45
N THR A 73 5.34 -9.16 2.74
CA THR A 73 4.70 -10.27 2.05
C THR A 73 4.60 -10.01 0.55
N GLY A 74 5.11 -8.86 0.10
CA GLY A 74 5.07 -8.53 -1.31
C GLY A 74 3.66 -8.55 -1.88
N LYS A 75 2.66 -8.44 -1.00
CA LYS A 75 1.27 -8.45 -1.42
C LYS A 75 0.46 -7.38 -0.70
N SER A 76 1.14 -6.48 0.00
CA SER A 76 0.48 -5.42 0.74
C SER A 76 1.49 -4.44 1.33
N SER A 77 0.99 -3.31 1.83
CA SER A 77 1.85 -2.30 2.44
C SER A 77 2.05 -2.56 3.93
N ASP A 78 1.63 -3.75 4.39
CA ASP A 78 1.76 -4.10 5.79
C ASP A 78 2.86 -5.13 6.00
N CYS A 79 3.46 -5.10 7.19
CA CYS A 79 4.53 -6.03 7.54
C CYS A 79 4.21 -6.74 8.85
N PRO A 80 3.79 -8.03 8.80
CA PRO A 80 3.46 -8.80 10.00
C PRO A 80 4.68 -9.24 10.80
N TRP A 81 4.66 -8.97 12.10
CA TRP A 81 5.77 -9.35 13.00
C TRP A 81 6.09 -10.83 12.89
N ASN A 82 5.09 -11.60 12.46
CA ASN A 82 5.21 -13.06 12.34
C ASN A 82 5.03 -13.71 13.71
N HIS A 83 4.25 -13.06 14.57
CA HIS A 83 3.99 -13.55 15.91
C HIS A 83 2.61 -14.18 16.01
N SER A 1 -19.65 11.22 4.08
CA SER A 1 -18.83 10.39 4.99
C SER A 1 -17.35 10.47 4.61
N PRO A 2 -16.45 10.23 5.58
CA PRO A 2 -15.00 10.27 5.35
C PRO A 2 -14.58 9.48 4.11
N PRO A 3 -15.12 8.25 3.93
CA PRO A 3 -14.79 7.41 2.78
C PRO A 3 -15.43 7.91 1.50
N VAL A 4 -14.71 8.74 0.74
CA VAL A 4 -15.23 9.27 -0.50
C VAL A 4 -14.35 8.88 -1.68
N CYS A 5 -14.92 8.09 -2.59
CA CYS A 5 -14.19 7.67 -3.78
C CYS A 5 -14.25 8.79 -4.81
N GLY A 6 -13.13 9.46 -4.99
CA GLY A 6 -13.07 10.58 -5.91
C GLY A 6 -12.95 11.89 -5.17
N ASN A 7 -12.34 11.82 -4.00
CA ASN A 7 -12.13 12.98 -3.15
C ASN A 7 -10.66 13.12 -2.80
N LYS A 8 -9.85 12.23 -3.38
CA LYS A 8 -8.42 12.22 -3.14
C LYS A 8 -8.10 11.61 -1.78
N ILE A 9 -9.07 10.91 -1.20
CA ILE A 9 -8.88 10.28 0.10
C ILE A 9 -9.02 8.77 -0.01
N LEU A 10 -7.93 8.05 0.22
CA LEU A 10 -7.97 6.60 0.17
C LEU A 10 -8.72 6.08 1.38
N GLU A 11 -10.01 6.41 1.44
CA GLU A 11 -10.85 6.00 2.56
C GLU A 11 -12.03 5.18 2.08
N GLN A 12 -12.64 5.60 0.97
CA GLN A 12 -13.78 4.89 0.41
C GLN A 12 -13.38 3.51 -0.13
N GLY A 13 -12.87 2.65 0.75
CA GLY A 13 -12.45 1.30 0.37
C GLY A 13 -11.84 1.24 -1.02
N GLU A 14 -11.05 2.25 -1.36
CA GLU A 14 -10.41 2.31 -2.66
C GLU A 14 -8.96 1.82 -2.60
N ASP A 15 -8.23 2.25 -1.58
CA ASP A 15 -6.83 1.87 -1.43
C ASP A 15 -5.95 2.53 -2.49
N CYS A 16 -6.53 3.49 -3.22
CA CYS A 16 -5.81 4.21 -4.27
C CYS A 16 -6.78 4.97 -5.16
N ASP A 17 -7.10 6.21 -4.76
CA ASP A 17 -8.01 7.04 -5.53
C ASP A 17 -7.53 8.48 -5.59
N CYS A 18 -8.05 9.23 -6.55
CA CYS A 18 -7.70 10.63 -6.74
C CYS A 18 -8.96 11.49 -6.83
N GLY A 19 -8.85 12.75 -6.46
CA GLY A 19 -9.99 13.65 -6.52
C GLY A 19 -10.70 13.59 -7.86
N SER A 20 -9.95 13.78 -8.93
CA SER A 20 -10.52 13.74 -10.28
C SER A 20 -9.59 13.00 -11.24
N PRO A 21 -10.13 12.11 -12.09
CA PRO A 21 -9.34 11.34 -13.05
C PRO A 21 -8.34 12.21 -13.83
N ALA A 22 -8.67 13.51 -13.97
CA ALA A 22 -7.79 14.43 -14.66
C ALA A 22 -6.69 14.92 -13.74
N ASN A 23 -7.01 15.04 -12.47
CA ASN A 23 -6.04 15.49 -11.48
C ASN A 23 -5.56 14.31 -10.62
N CYS A 24 -5.68 13.11 -11.17
CA CYS A 24 -5.26 11.91 -10.47
C CYS A 24 -3.77 11.69 -10.63
N GLN A 25 -3.02 12.15 -9.65
CA GLN A 25 -1.58 12.01 -9.66
C GLN A 25 -1.05 11.62 -8.28
N ASP A 26 -1.31 10.39 -7.87
CA ASP A 26 -0.86 9.90 -6.58
C ASP A 26 -0.07 8.61 -6.76
N ARG A 27 1.25 8.75 -6.84
CA ARG A 27 2.15 7.61 -6.99
C ARG A 27 1.62 6.60 -8.01
N CYS A 28 0.84 5.65 -7.54
CA CYS A 28 0.27 4.60 -8.39
C CYS A 28 -1.20 4.38 -8.09
N CYS A 29 -1.92 5.44 -7.75
CA CYS A 29 -3.34 5.33 -7.42
C CYS A 29 -4.22 5.91 -8.53
N ASN A 30 -5.22 5.14 -8.94
CA ASN A 30 -6.13 5.57 -9.99
C ASN A 30 -7.53 5.80 -9.43
N ALA A 31 -8.12 6.96 -9.75
CA ALA A 31 -9.45 7.31 -9.27
C ALA A 31 -10.52 6.57 -10.05
N ALA A 32 -10.33 6.45 -11.35
CA ALA A 32 -11.28 5.77 -12.22
C ALA A 32 -11.53 4.34 -11.77
N THR A 33 -10.64 3.81 -10.92
CA THR A 33 -10.78 2.46 -10.41
C THR A 33 -10.89 2.45 -8.90
N CYS A 34 -10.42 3.51 -8.27
CA CYS A 34 -10.44 3.60 -6.83
C CYS A 34 -9.56 2.49 -6.26
N LYS A 35 -8.40 2.29 -6.89
CA LYS A 35 -7.47 1.25 -6.48
C LYS A 35 -6.12 1.44 -7.15
N LEU A 36 -5.19 0.53 -6.87
CA LEU A 36 -3.85 0.60 -7.46
C LEU A 36 -3.91 0.59 -8.98
N THR A 37 -3.09 1.42 -9.61
CA THR A 37 -3.05 1.51 -11.07
C THR A 37 -2.41 0.27 -11.67
N PRO A 38 -2.64 0.02 -12.98
CA PRO A 38 -2.08 -1.13 -13.68
C PRO A 38 -0.57 -1.21 -13.54
N GLY A 39 -0.08 -2.35 -13.07
CA GLY A 39 1.35 -2.53 -12.89
C GLY A 39 1.82 -2.14 -11.51
N SER A 40 0.88 -1.96 -10.58
CA SER A 40 1.21 -1.58 -9.22
C SER A 40 0.76 -2.65 -8.23
N GLN A 41 1.65 -3.01 -7.32
CA GLN A 41 1.35 -4.04 -6.33
C GLN A 41 1.29 -3.46 -4.92
N CYS A 42 1.94 -2.32 -4.73
CA CYS A 42 1.96 -1.66 -3.42
C CYS A 42 2.27 -0.17 -3.56
N ASN A 43 1.26 0.66 -3.30
CA ASN A 43 1.42 2.10 -3.40
C ASN A 43 1.53 2.73 -2.00
N TYR A 44 1.39 1.92 -0.96
CA TYR A 44 1.46 2.41 0.41
C TYR A 44 1.10 1.31 1.41
N GLY A 45 2.05 0.95 2.25
CA GLY A 45 1.83 -0.10 3.23
C GLY A 45 3.13 -0.62 3.82
N GLU A 46 3.04 -1.50 4.81
CA GLU A 46 4.21 -2.05 5.45
C GLU A 46 5.19 -2.63 4.44
N CYS A 47 4.66 -3.26 3.39
CA CYS A 47 5.49 -3.88 2.38
C CYS A 47 5.64 -2.99 1.14
N CYS A 48 4.77 -1.98 1.00
CA CYS A 48 4.83 -1.11 -0.16
C CYS A 48 6.08 -0.24 -0.16
N ASP A 49 6.63 -0.05 -1.36
CA ASP A 49 7.83 0.76 -1.55
C ASP A 49 8.21 0.79 -3.03
N GLN A 50 8.20 1.98 -3.62
CA GLN A 50 8.54 2.15 -5.02
C GLN A 50 7.45 1.56 -5.92
N CYS A 51 6.22 1.56 -5.42
CA CYS A 51 5.07 1.04 -6.18
C CYS A 51 5.11 -0.49 -6.28
N ARG A 52 6.04 -1.12 -5.55
CA ARG A 52 6.16 -2.57 -5.56
C ARG A 52 6.34 -3.11 -4.14
N PHE A 53 6.04 -4.40 -3.95
CA PHE A 53 6.17 -5.02 -2.63
C PHE A 53 7.62 -5.02 -2.18
N LYS A 54 7.81 -5.04 -0.88
CA LYS A 54 9.14 -5.06 -0.31
C LYS A 54 9.74 -6.46 -0.40
N LYS A 55 10.61 -6.67 -1.38
CA LYS A 55 11.25 -7.97 -1.60
C LYS A 55 11.39 -8.75 -0.29
N ALA A 56 10.88 -9.98 -0.28
CA ALA A 56 10.94 -10.82 0.90
C ALA A 56 12.28 -10.68 1.60
N GLY A 57 12.25 -10.45 2.89
CA GLY A 57 13.48 -10.28 3.63
C GLY A 57 13.60 -8.88 4.18
N THR A 58 12.72 -8.00 3.71
CA THR A 58 12.70 -6.62 4.17
C THR A 58 11.99 -6.54 5.51
N VAL A 59 12.70 -6.11 6.54
CA VAL A 59 12.13 -6.01 7.88
C VAL A 59 11.24 -4.79 8.02
N CYS A 60 9.97 -5.02 8.36
CA CYS A 60 9.01 -3.92 8.53
C CYS A 60 8.68 -3.69 10.01
N ARG A 61 8.89 -4.72 10.83
CA ARG A 61 8.59 -4.63 12.27
C ARG A 61 9.48 -5.58 13.08
N ILE A 62 9.58 -5.31 14.38
CA ILE A 62 10.37 -6.13 15.28
C ILE A 62 9.86 -5.99 16.71
N ALA A 63 9.58 -7.11 17.33
CA ALA A 63 9.07 -7.12 18.70
C ALA A 63 9.99 -6.31 19.61
N ARG A 64 11.21 -6.80 19.79
CA ARG A 64 12.19 -6.11 20.64
C ARG A 64 13.45 -6.97 20.84
N GLY A 65 14.24 -7.12 19.79
CA GLY A 65 15.45 -7.90 19.88
C GLY A 65 15.79 -8.61 18.59
N ASP A 66 15.73 -9.94 18.63
CA ASP A 66 16.03 -10.76 17.46
C ASP A 66 15.60 -12.20 17.69
N TRP A 67 14.32 -12.47 17.45
CA TRP A 67 13.76 -13.80 17.62
C TRP A 67 13.19 -14.32 16.31
N ASN A 68 12.10 -13.69 15.90
CA ASN A 68 11.43 -14.05 14.65
C ASN A 68 11.47 -12.88 13.68
N ASP A 69 11.36 -11.67 14.23
CA ASP A 69 11.39 -10.46 13.43
C ASP A 69 10.22 -10.39 12.46
N ASP A 70 10.04 -9.23 11.87
CA ASP A 70 8.99 -9.03 10.90
C ASP A 70 9.60 -8.83 9.53
N TYR A 71 9.20 -9.64 8.57
CA TYR A 71 9.77 -9.55 7.24
C TYR A 71 8.73 -9.70 6.15
N CYS A 72 8.88 -8.87 5.13
CA CYS A 72 7.99 -8.92 3.98
C CYS A 72 8.13 -10.24 3.25
N THR A 73 7.16 -10.56 2.40
CA THR A 73 7.19 -11.81 1.65
C THR A 73 7.12 -11.55 0.14
N GLY A 74 7.27 -10.29 -0.25
CA GLY A 74 7.22 -9.93 -1.66
C GLY A 74 6.00 -10.47 -2.36
N LYS A 75 4.93 -10.71 -1.60
CA LYS A 75 3.69 -11.24 -2.17
C LYS A 75 2.47 -10.54 -1.60
N SER A 76 2.68 -9.45 -0.85
CA SER A 76 1.57 -8.71 -0.26
C SER A 76 2.04 -7.38 0.32
N SER A 77 1.07 -6.54 0.70
CA SER A 77 1.37 -5.23 1.27
C SER A 77 1.50 -5.31 2.79
N ASP A 78 1.55 -6.54 3.31
CA ASP A 78 1.67 -6.74 4.75
C ASP A 78 2.98 -7.42 5.11
N CYS A 79 3.50 -7.06 6.28
CA CYS A 79 4.76 -7.63 6.77
C CYS A 79 4.54 -8.39 8.07
N PRO A 80 4.59 -9.73 8.04
CA PRO A 80 4.39 -10.55 9.24
C PRO A 80 5.56 -10.43 10.22
N TRP A 81 5.25 -10.14 11.48
CA TRP A 81 6.28 -9.98 12.51
C TRP A 81 6.59 -11.29 13.24
N ASN A 82 5.69 -12.24 13.09
CA ASN A 82 5.86 -13.56 13.71
C ASN A 82 5.94 -13.44 15.23
N HIS A 83 4.95 -12.81 15.84
CA HIS A 83 4.91 -12.63 17.27
C HIS A 83 3.50 -12.82 17.82
N SER A 1 -20.29 10.52 1.70
CA SER A 1 -19.35 10.90 2.79
C SER A 1 -17.94 11.08 2.26
N PRO A 2 -17.10 11.87 2.97
CA PRO A 2 -15.72 12.14 2.58
C PRO A 2 -15.02 10.91 1.98
N PRO A 3 -15.16 9.73 2.61
CA PRO A 3 -14.53 8.49 2.13
C PRO A 3 -15.15 7.99 0.83
N VAL A 4 -15.10 8.84 -0.21
CA VAL A 4 -15.65 8.50 -1.52
C VAL A 4 -14.58 8.52 -2.59
N CYS A 5 -14.76 7.73 -3.65
CA CYS A 5 -13.81 7.68 -4.74
C CYS A 5 -14.06 8.89 -5.65
N GLY A 6 -13.45 9.99 -5.26
CA GLY A 6 -13.62 11.24 -5.98
C GLY A 6 -13.60 12.42 -5.03
N ASN A 7 -12.93 12.24 -3.89
CA ASN A 7 -12.82 13.25 -2.86
C ASN A 7 -11.36 13.37 -2.43
N LYS A 8 -10.48 12.80 -3.25
CA LYS A 8 -9.05 12.78 -2.97
C LYS A 8 -8.77 11.74 -1.90
N ILE A 9 -9.73 10.83 -1.73
CA ILE A 9 -9.61 9.75 -0.77
C ILE A 9 -9.94 8.43 -1.46
N LEU A 10 -9.35 7.37 -0.97
CA LEU A 10 -9.60 6.04 -1.53
C LEU A 10 -10.94 5.53 -1.08
N GLU A 11 -12.01 6.26 -1.46
CA GLU A 11 -13.37 5.89 -1.09
C GLU A 11 -13.38 5.12 0.22
N GLN A 12 -12.81 5.73 1.24
CA GLN A 12 -12.72 5.11 2.56
C GLN A 12 -11.65 4.02 2.60
N GLY A 13 -11.97 2.86 2.03
CA GLY A 13 -11.03 1.76 2.02
C GLY A 13 -10.89 1.11 0.67
N GLU A 14 -10.47 1.89 -0.32
CA GLU A 14 -10.30 1.38 -1.68
C GLU A 14 -8.85 0.99 -1.94
N ASP A 15 -7.92 1.73 -1.32
CA ASP A 15 -6.48 1.47 -1.41
C ASP A 15 -5.81 2.28 -2.52
N CYS A 16 -6.52 3.25 -3.09
CA CYS A 16 -5.96 4.11 -4.15
C CYS A 16 -7.07 4.80 -4.94
N ASP A 17 -7.06 6.13 -4.92
CA ASP A 17 -8.07 6.91 -5.63
C ASP A 17 -7.61 8.34 -5.83
N CYS A 18 -8.26 9.01 -6.78
CA CYS A 18 -7.96 10.40 -7.09
C CYS A 18 -9.23 11.24 -7.04
N GLY A 19 -9.09 12.54 -6.86
CA GLY A 19 -10.25 13.42 -6.81
C GLY A 19 -11.10 13.27 -8.05
N SER A 20 -10.45 13.31 -9.21
CA SER A 20 -11.13 13.17 -10.49
C SER A 20 -10.33 12.29 -11.44
N PRO A 21 -10.93 11.18 -11.93
CA PRO A 21 -10.25 10.26 -12.85
C PRO A 21 -9.48 10.98 -13.96
N ALA A 22 -9.95 12.17 -14.33
CA ALA A 22 -9.30 12.96 -15.37
C ALA A 22 -8.16 13.79 -14.78
N ASN A 23 -8.29 14.17 -13.51
CA ASN A 23 -7.27 14.95 -12.83
C ASN A 23 -6.54 14.09 -11.81
N CYS A 24 -6.58 12.78 -12.02
CA CYS A 24 -5.92 11.83 -11.12
C CYS A 24 -4.43 12.08 -11.07
N GLN A 25 -4.03 13.01 -10.22
CA GLN A 25 -2.62 13.35 -10.06
C GLN A 25 -1.93 12.38 -9.10
N ASP A 26 -2.07 11.08 -9.37
CA ASP A 26 -1.45 10.05 -8.56
C ASP A 26 -1.06 8.86 -9.41
N ARG A 27 0.21 8.84 -9.82
CA ARG A 27 0.72 7.76 -10.66
C ARG A 27 0.69 6.41 -9.94
N CYS A 28 0.49 6.44 -8.62
CA CYS A 28 0.45 5.21 -7.83
C CYS A 28 -0.98 4.84 -7.42
N CYS A 29 -1.94 5.73 -7.74
CA CYS A 29 -3.34 5.48 -7.39
C CYS A 29 -4.27 5.90 -8.53
N ASN A 30 -5.16 4.99 -8.93
CA ASN A 30 -6.11 5.30 -9.99
C ASN A 30 -7.54 5.33 -9.44
N ALA A 31 -8.24 6.43 -9.71
CA ALA A 31 -9.62 6.60 -9.25
C ALA A 31 -10.56 5.70 -10.03
N ALA A 32 -10.37 5.66 -11.34
CA ALA A 32 -11.20 4.84 -12.22
C ALA A 32 -11.27 3.39 -11.75
N THR A 33 -10.32 2.99 -10.90
CA THR A 33 -10.29 1.62 -10.39
C THR A 33 -10.40 1.61 -8.88
N CYS A 34 -10.08 2.74 -8.25
CA CYS A 34 -10.13 2.82 -6.80
C CYS A 34 -9.15 1.82 -6.22
N LYS A 35 -7.98 1.74 -6.83
CA LYS A 35 -6.94 0.81 -6.40
C LYS A 35 -5.60 1.14 -7.03
N LEU A 36 -4.55 0.52 -6.52
CA LEU A 36 -3.19 0.73 -7.01
C LEU A 36 -3.14 0.76 -8.54
N THR A 37 -2.36 1.70 -9.07
CA THR A 37 -2.21 1.85 -10.52
C THR A 37 -1.32 0.74 -11.07
N PRO A 38 -1.33 0.53 -12.40
CA PRO A 38 -0.51 -0.50 -13.04
C PRO A 38 0.96 -0.35 -12.66
N GLY A 39 1.48 -1.35 -11.96
CA GLY A 39 2.87 -1.31 -11.54
C GLY A 39 3.00 -1.00 -10.06
N SER A 40 1.99 -0.35 -9.50
CA SER A 40 1.99 0.00 -8.08
C SER A 40 1.52 -1.19 -7.24
N GLN A 41 2.40 -1.68 -6.39
CA GLN A 41 2.07 -2.82 -5.54
C GLN A 41 2.05 -2.44 -4.05
N CYS A 42 1.97 -1.15 -3.74
CA CYS A 42 1.95 -0.74 -2.34
C CYS A 42 1.33 0.65 -2.13
N ASN A 43 1.86 1.65 -2.82
CA ASN A 43 1.36 3.03 -2.70
C ASN A 43 1.64 3.60 -1.30
N TYR A 44 1.77 2.72 -0.31
CA TYR A 44 2.03 3.14 1.07
C TYR A 44 2.11 1.92 1.99
N GLY A 45 2.70 2.10 3.16
CA GLY A 45 2.81 1.00 4.11
C GLY A 45 4.25 0.59 4.36
N GLU A 46 4.45 -0.24 5.38
CA GLU A 46 5.78 -0.72 5.73
C GLU A 46 6.41 -1.48 4.57
N CYS A 47 5.65 -2.37 3.97
CA CYS A 47 6.13 -3.17 2.84
C CYS A 47 6.29 -2.31 1.59
N CYS A 48 5.65 -1.15 1.58
CA CYS A 48 5.73 -0.27 0.41
C CYS A 48 7.12 0.29 0.21
N ASP A 49 7.55 0.28 -1.05
CA ASP A 49 8.86 0.80 -1.44
C ASP A 49 8.89 1.09 -2.93
N GLN A 50 8.83 2.36 -3.28
CA GLN A 50 8.83 2.77 -4.68
C GLN A 50 7.60 2.21 -5.39
N CYS A 51 6.46 2.28 -4.71
CA CYS A 51 5.21 1.78 -5.26
C CYS A 51 5.27 0.27 -5.50
N ARG A 52 6.12 -0.41 -4.73
CA ARG A 52 6.27 -1.86 -4.85
C ARG A 52 6.51 -2.48 -3.48
N PHE A 53 5.80 -3.58 -3.19
CA PHE A 53 5.96 -4.26 -1.90
C PHE A 53 7.37 -4.80 -1.74
N LYS A 54 7.88 -4.73 -0.51
CA LYS A 54 9.20 -5.23 -0.21
C LYS A 54 9.21 -6.75 -0.31
N LYS A 55 9.87 -7.27 -1.34
CA LYS A 55 9.96 -8.71 -1.58
C LYS A 55 10.01 -9.49 -0.28
N ALA A 56 9.17 -10.51 -0.18
CA ALA A 56 9.12 -11.34 1.01
C ALA A 56 10.52 -11.65 1.51
N GLY A 57 10.77 -11.40 2.78
CA GLY A 57 12.08 -11.62 3.35
C GLY A 57 12.71 -10.33 3.81
N THR A 58 12.08 -9.21 3.46
CA THR A 58 12.58 -7.89 3.88
C THR A 58 12.14 -7.59 5.31
N VAL A 59 13.07 -7.67 6.25
CA VAL A 59 12.77 -7.42 7.64
C VAL A 59 12.34 -5.97 7.86
N CYS A 60 11.14 -5.78 8.38
CA CYS A 60 10.61 -4.44 8.65
C CYS A 60 10.58 -4.16 10.14
N ARG A 61 10.50 -5.22 10.94
CA ARG A 61 10.46 -5.09 12.39
C ARG A 61 11.02 -6.33 13.09
N ILE A 62 11.20 -6.22 14.39
CA ILE A 62 11.73 -7.31 15.21
C ILE A 62 11.33 -7.11 16.66
N ALA A 63 10.73 -8.12 17.26
CA ALA A 63 10.29 -8.05 18.65
C ALA A 63 11.38 -7.47 19.54
N ARG A 64 12.45 -8.22 19.74
CA ARG A 64 13.56 -7.78 20.56
C ARG A 64 14.66 -8.83 20.66
N GLY A 65 15.36 -9.05 19.55
CA GLY A 65 16.42 -10.04 19.54
C GLY A 65 16.56 -10.73 18.19
N ASP A 66 16.26 -12.02 18.16
CA ASP A 66 16.36 -12.79 16.93
C ASP A 66 15.70 -14.16 17.09
N TRP A 67 14.39 -14.18 16.94
CA TRP A 67 13.62 -15.43 17.07
C TRP A 67 12.88 -15.72 15.78
N ASN A 68 11.89 -14.89 15.50
CA ASN A 68 11.08 -15.02 14.29
C ASN A 68 11.33 -13.82 13.37
N ASP A 69 11.50 -12.66 13.98
CA ASP A 69 11.74 -11.42 13.24
C ASP A 69 10.57 -11.08 12.32
N ASP A 70 10.33 -9.79 12.14
CA ASP A 70 9.25 -9.34 11.28
C ASP A 70 9.72 -9.30 9.82
N TYR A 71 8.97 -9.95 8.94
CA TYR A 71 9.37 -9.99 7.54
C TYR A 71 8.20 -9.77 6.59
N CYS A 72 8.49 -9.06 5.50
CA CYS A 72 7.49 -8.77 4.49
C CYS A 72 7.11 -10.06 3.76
N THR A 73 6.00 -10.01 3.04
CA THR A 73 5.52 -11.19 2.31
C THR A 73 5.36 -10.89 0.82
N GLY A 74 5.78 -9.70 0.40
CA GLY A 74 5.68 -9.32 -1.00
C GLY A 74 4.28 -9.49 -1.55
N LYS A 75 3.29 -9.47 -0.67
CA LYS A 75 1.89 -9.62 -1.09
C LYS A 75 0.98 -8.66 -0.34
N SER A 76 1.58 -7.68 0.34
CA SER A 76 0.81 -6.69 1.09
C SER A 76 1.72 -5.60 1.65
N SER A 77 1.11 -4.51 2.11
CA SER A 77 1.86 -3.40 2.69
C SER A 77 2.08 -3.60 4.18
N ASP A 78 1.80 -4.81 4.67
CA ASP A 78 1.97 -5.13 6.09
C ASP A 78 3.13 -6.09 6.29
N CYS A 79 3.88 -5.87 7.36
CA CYS A 79 5.02 -6.72 7.69
C CYS A 79 4.79 -7.44 9.02
N PRO A 80 4.43 -8.74 8.97
CA PRO A 80 4.19 -9.53 10.18
C PRO A 80 5.47 -9.85 10.96
N TRP A 81 5.39 -9.73 12.29
CA TRP A 81 6.55 -10.01 13.16
C TRP A 81 6.98 -11.47 13.04
N ASN A 82 6.09 -12.30 12.54
CA ASN A 82 6.34 -13.74 12.43
C ASN A 82 6.22 -14.37 13.81
N HIS A 83 5.43 -13.73 14.68
CA HIS A 83 5.22 -14.20 16.03
C HIS A 83 3.88 -14.94 16.16
N SER A 1 -15.47 11.13 7.92
CA SER A 1 -14.81 10.78 6.64
C SER A 1 -15.27 9.42 6.13
N PRO A 2 -16.44 9.39 5.46
CA PRO A 2 -17.00 8.14 4.92
C PRO A 2 -16.23 7.64 3.70
N PRO A 3 -16.64 6.49 3.13
CA PRO A 3 -16.00 5.90 1.96
C PRO A 3 -16.39 6.63 0.68
N VAL A 4 -15.51 7.51 0.21
CA VAL A 4 -15.77 8.28 -1.00
C VAL A 4 -14.72 8.03 -2.07
N CYS A 5 -15.13 7.40 -3.17
CA CYS A 5 -14.23 7.12 -4.28
C CYS A 5 -14.09 8.37 -5.13
N GLY A 6 -12.97 9.06 -4.97
CA GLY A 6 -12.74 10.29 -5.68
C GLY A 6 -12.74 11.48 -4.73
N ASN A 7 -12.34 11.20 -3.50
CA ASN A 7 -12.27 12.20 -2.44
C ASN A 7 -10.88 12.23 -1.82
N LYS A 8 -9.99 11.40 -2.37
CA LYS A 8 -8.63 11.30 -1.90
C LYS A 8 -8.55 10.46 -0.63
N ILE A 9 -9.58 9.66 -0.38
CA ILE A 9 -9.61 8.79 0.79
C ILE A 9 -9.77 7.34 0.39
N LEU A 10 -8.75 6.54 0.68
CA LEU A 10 -8.80 5.12 0.36
C LEU A 10 -9.77 4.43 1.31
N GLU A 11 -11.04 4.80 1.21
CA GLU A 11 -12.08 4.24 2.07
C GLU A 11 -13.19 3.60 1.25
N GLN A 12 -13.62 4.28 0.19
CA GLN A 12 -14.69 3.75 -0.66
C GLN A 12 -14.23 2.51 -1.43
N GLY A 13 -13.93 1.44 -0.69
CA GLY A 13 -13.49 0.19 -1.31
C GLY A 13 -12.63 0.38 -2.54
N GLU A 14 -11.82 1.44 -2.53
CA GLU A 14 -10.93 1.74 -3.65
C GLU A 14 -9.53 1.19 -3.42
N ASP A 15 -8.98 1.46 -2.24
CA ASP A 15 -7.63 1.00 -1.90
C ASP A 15 -6.58 1.71 -2.75
N CYS A 16 -6.99 2.76 -3.45
CA CYS A 16 -6.07 3.52 -4.31
C CYS A 16 -6.84 4.51 -5.16
N ASP A 17 -7.20 5.65 -4.57
CA ASP A 17 -7.95 6.67 -5.28
C ASP A 17 -7.24 8.01 -5.28
N CYS A 18 -7.66 8.87 -6.21
CA CYS A 18 -7.09 10.21 -6.34
C CYS A 18 -8.21 11.24 -6.45
N GLY A 19 -8.18 12.26 -5.60
CA GLY A 19 -9.21 13.29 -5.63
C GLY A 19 -9.62 13.67 -7.04
N SER A 20 -8.63 13.85 -7.91
CA SER A 20 -8.89 14.20 -9.30
C SER A 20 -7.97 13.42 -10.25
N PRO A 21 -8.55 12.60 -11.15
CA PRO A 21 -7.76 11.81 -12.10
C PRO A 21 -6.66 12.63 -12.77
N ALA A 22 -6.89 13.94 -12.90
CA ALA A 22 -5.91 14.83 -13.52
C ALA A 22 -4.87 15.28 -12.50
N ASN A 23 -5.28 15.33 -11.24
CA ASN A 23 -4.38 15.73 -10.16
C ASN A 23 -4.02 14.52 -9.30
N CYS A 24 -4.16 13.33 -9.88
CA CYS A 24 -3.87 12.09 -9.18
C CYS A 24 -2.40 12.06 -8.75
N GLN A 25 -2.13 12.62 -7.59
CA GLN A 25 -0.77 12.65 -7.05
C GLN A 25 -0.39 11.30 -6.43
N ASP A 26 -0.66 10.22 -7.16
CA ASP A 26 -0.34 8.88 -6.70
C ASP A 26 0.04 7.98 -7.87
N ARG A 27 1.34 7.86 -8.12
CA ARG A 27 1.82 7.04 -9.22
C ARG A 27 1.44 5.57 -9.04
N CYS A 28 1.08 5.19 -7.83
CA CYS A 28 0.70 3.81 -7.55
C CYS A 28 -0.82 3.66 -7.48
N CYS A 29 -1.53 4.73 -7.14
CA CYS A 29 -2.98 4.69 -7.04
C CYS A 29 -3.63 5.50 -8.17
N ASN A 30 -4.63 4.90 -8.82
CA ASN A 30 -5.33 5.57 -9.90
C ASN A 30 -6.78 5.87 -9.53
N ALA A 31 -7.19 7.11 -9.70
CA ALA A 31 -8.55 7.54 -9.38
C ALA A 31 -9.55 6.92 -10.37
N ALA A 32 -9.19 6.97 -11.64
CA ALA A 32 -10.04 6.42 -12.70
C ALA A 32 -10.45 4.98 -12.41
N THR A 33 -9.73 4.32 -11.51
CA THR A 33 -10.03 2.94 -11.16
C THR A 33 -10.28 2.79 -9.67
N CYS A 34 -9.90 3.81 -8.90
CA CYS A 34 -10.05 3.75 -7.45
C CYS A 34 -9.41 2.48 -6.94
N LYS A 35 -8.20 2.21 -7.43
CA LYS A 35 -7.46 1.00 -7.07
C LYS A 35 -6.03 1.07 -7.61
N LEU A 36 -5.16 0.24 -7.04
CA LEU A 36 -3.76 0.19 -7.45
C LEU A 36 -3.62 0.27 -8.97
N THR A 37 -2.88 1.27 -9.44
CA THR A 37 -2.67 1.47 -10.87
C THR A 37 -2.17 0.19 -11.54
N PRO A 38 -2.41 0.04 -12.85
CA PRO A 38 -1.98 -1.14 -13.61
C PRO A 38 -0.49 -1.41 -13.44
N GLY A 39 -0.17 -2.57 -12.86
CA GLY A 39 1.21 -2.94 -12.64
C GLY A 39 1.74 -2.43 -11.31
N SER A 40 0.83 -2.17 -10.37
CA SER A 40 1.21 -1.68 -9.06
C SER A 40 0.56 -2.52 -7.97
N GLN A 41 1.34 -2.84 -6.93
CA GLN A 41 0.84 -3.65 -5.82
C GLN A 41 0.80 -2.83 -4.53
N CYS A 42 1.71 -1.87 -4.42
CA CYS A 42 1.78 -1.03 -3.22
C CYS A 42 1.37 0.41 -3.55
N ASN A 43 1.49 1.28 -2.55
CA ASN A 43 1.14 2.69 -2.74
C ASN A 43 1.24 3.49 -1.44
N TYR A 44 1.10 2.80 -0.31
CA TYR A 44 1.16 3.49 0.99
C TYR A 44 1.30 2.51 2.13
N GLY A 45 2.08 1.49 1.90
CA GLY A 45 2.26 0.45 2.89
C GLY A 45 3.69 0.26 3.33
N GLU A 46 3.87 -0.57 4.33
CA GLU A 46 5.19 -0.87 4.86
C GLU A 46 6.00 -1.65 3.83
N CYS A 47 5.32 -2.50 3.08
CA CYS A 47 5.94 -3.31 2.04
C CYS A 47 6.06 -2.55 0.73
N CYS A 48 5.49 -1.34 0.68
CA CYS A 48 5.52 -0.54 -0.53
C CYS A 48 6.92 -0.03 -0.86
N ASP A 49 7.27 -0.15 -2.15
CA ASP A 49 8.56 0.31 -2.64
C ASP A 49 8.51 0.46 -4.16
N GLN A 50 8.42 1.70 -4.63
CA GLN A 50 8.36 1.99 -6.05
C GLN A 50 7.07 1.43 -6.65
N CYS A 51 5.96 1.61 -5.93
CA CYS A 51 4.67 1.12 -6.38
C CYS A 51 4.65 -0.40 -6.45
N ARG A 52 5.60 -1.03 -5.78
CA ARG A 52 5.70 -2.49 -5.77
C ARG A 52 6.00 -2.98 -4.35
N PHE A 53 5.44 -4.14 -4.00
CA PHE A 53 5.65 -4.69 -2.67
C PHE A 53 7.07 -5.22 -2.51
N LYS A 54 7.60 -5.05 -1.32
CA LYS A 54 8.95 -5.52 -1.02
C LYS A 54 8.96 -7.05 -0.96
N LYS A 55 9.66 -7.67 -1.89
CA LYS A 55 9.75 -9.12 -1.96
C LYS A 55 9.81 -9.75 -0.56
N ALA A 56 8.96 -10.75 -0.34
CA ALA A 56 8.91 -11.43 0.96
C ALA A 56 10.31 -11.68 1.47
N GLY A 57 10.54 -11.30 2.71
CA GLY A 57 11.86 -11.47 3.30
C GLY A 57 12.50 -10.15 3.63
N THR A 58 11.91 -9.06 3.15
CA THR A 58 12.41 -7.73 3.41
C THR A 58 11.93 -7.26 4.78
N VAL A 59 12.84 -7.25 5.76
CA VAL A 59 12.49 -6.83 7.10
C VAL A 59 12.02 -5.39 7.12
N CYS A 60 10.80 -5.19 7.57
CA CYS A 60 10.22 -3.86 7.63
C CYS A 60 10.38 -3.28 9.03
N ARG A 61 10.23 -4.15 10.02
CA ARG A 61 10.36 -3.75 11.42
C ARG A 61 10.76 -4.92 12.31
N ILE A 62 10.84 -4.66 13.60
CA ILE A 62 11.20 -5.68 14.58
C ILE A 62 10.77 -5.22 15.96
N ALA A 63 10.07 -6.10 16.66
CA ALA A 63 9.58 -5.79 17.99
C ALA A 63 10.64 -5.09 18.85
N ARG A 64 11.53 -5.86 19.46
CA ARG A 64 12.59 -5.28 20.29
C ARG A 64 13.44 -6.37 20.96
N GLY A 65 14.35 -6.96 20.19
CA GLY A 65 15.21 -8.00 20.73
C GLY A 65 15.79 -8.90 19.65
N ASP A 66 15.07 -9.01 18.54
CA ASP A 66 15.51 -9.85 17.41
C ASP A 66 15.14 -11.30 17.67
N TRP A 67 13.88 -11.63 17.44
CA TRP A 67 13.37 -12.98 17.64
C TRP A 67 12.81 -13.54 16.35
N ASN A 68 11.69 -12.97 15.93
CA ASN A 68 11.02 -13.38 14.71
C ASN A 68 11.24 -12.35 13.61
N ASP A 69 11.35 -11.09 14.01
CA ASP A 69 11.57 -10.00 13.06
C ASP A 69 10.42 -9.87 12.08
N ASP A 70 10.04 -8.63 11.78
CA ASP A 70 8.97 -8.37 10.85
C ASP A 70 9.47 -8.51 9.42
N TYR A 71 8.72 -9.23 8.60
CA TYR A 71 9.14 -9.45 7.23
C TYR A 71 8.00 -9.34 6.23
N CYS A 72 8.33 -8.79 5.07
CA CYS A 72 7.38 -8.61 3.98
C CYS A 72 6.91 -9.98 3.48
N THR A 73 5.78 -9.98 2.78
CA THR A 73 5.23 -11.22 2.24
C THR A 73 5.13 -11.17 0.72
N GLY A 74 5.39 -10.00 0.13
CA GLY A 74 5.32 -9.85 -1.31
C GLY A 74 3.92 -10.05 -1.87
N LYS A 75 2.92 -10.04 -0.99
CA LYS A 75 1.53 -10.22 -1.41
C LYS A 75 0.62 -9.18 -0.78
N SER A 76 1.21 -8.22 -0.06
CA SER A 76 0.45 -7.17 0.58
C SER A 76 1.36 -6.04 1.03
N SER A 77 0.77 -4.89 1.34
CA SER A 77 1.54 -3.74 1.80
C SER A 77 1.75 -3.78 3.31
N ASP A 78 1.45 -4.93 3.92
CA ASP A 78 1.60 -5.11 5.35
C ASP A 78 2.87 -5.89 5.67
N CYS A 79 3.40 -5.69 6.86
CA CYS A 79 4.61 -6.37 7.29
C CYS A 79 4.42 -6.99 8.67
N PRO A 80 4.13 -8.30 8.73
CA PRO A 80 3.91 -9.01 10.01
C PRO A 80 5.20 -9.21 10.79
N TRP A 81 5.18 -8.83 12.07
CA TRP A 81 6.36 -8.97 12.93
C TRP A 81 6.87 -10.41 12.94
N ASN A 82 5.97 -11.34 12.62
CA ASN A 82 6.29 -12.77 12.60
C ASN A 82 6.12 -13.35 13.99
N HIS A 83 5.16 -12.81 14.73
CA HIS A 83 4.87 -13.26 16.09
C HIS A 83 3.59 -14.09 16.14
N SER A 1 -19.24 11.28 4.57
CA SER A 1 -19.03 9.96 3.91
C SER A 1 -17.54 9.67 3.73
N PRO A 2 -16.84 9.35 4.83
CA PRO A 2 -15.40 9.05 4.82
C PRO A 2 -14.99 8.21 3.61
N PRO A 3 -15.66 7.06 3.38
CA PRO A 3 -15.35 6.18 2.26
C PRO A 3 -15.91 6.70 0.95
N VAL A 4 -15.20 7.63 0.32
CA VAL A 4 -15.63 8.20 -0.94
C VAL A 4 -14.61 7.98 -2.05
N CYS A 5 -14.98 7.17 -3.04
CA CYS A 5 -14.09 6.90 -4.17
C CYS A 5 -14.21 8.06 -5.15
N GLY A 6 -13.17 8.89 -5.19
CA GLY A 6 -13.18 10.06 -6.05
C GLY A 6 -13.28 11.32 -5.21
N ASN A 7 -12.73 11.25 -4.00
CA ASN A 7 -12.75 12.36 -3.06
C ASN A 7 -11.35 12.61 -2.52
N LYS A 8 -10.38 11.86 -3.05
CA LYS A 8 -8.99 11.97 -2.63
C LYS A 8 -8.75 11.24 -1.31
N ILE A 9 -9.68 10.37 -0.93
CA ILE A 9 -9.55 9.62 0.30
C ILE A 9 -9.61 8.11 0.04
N LEU A 10 -8.51 7.43 0.29
CA LEU A 10 -8.47 5.99 0.10
C LEU A 10 -9.24 5.32 1.23
N GLU A 11 -10.52 5.67 1.34
CA GLU A 11 -11.38 5.13 2.39
C GLU A 11 -12.47 4.25 1.81
N GLN A 12 -13.03 4.66 0.69
CA GLN A 12 -14.09 3.89 0.05
C GLN A 12 -13.58 2.54 -0.47
N GLY A 13 -13.05 1.71 0.43
CA GLY A 13 -12.54 0.40 0.05
C GLY A 13 -11.84 0.41 -1.30
N GLU A 14 -11.14 1.49 -1.59
CA GLU A 14 -10.43 1.62 -2.86
C GLU A 14 -8.96 1.25 -2.71
N ASP A 15 -8.25 1.98 -1.86
CA ASP A 15 -6.82 1.74 -1.61
C ASP A 15 -5.96 2.46 -2.65
N CYS A 16 -6.53 3.48 -3.28
CA CYS A 16 -5.84 4.27 -4.29
C CYS A 16 -6.81 5.26 -4.92
N ASP A 17 -7.33 6.15 -4.08
CA ASP A 17 -8.30 7.15 -4.51
C ASP A 17 -7.62 8.35 -5.16
N CYS A 18 -8.41 9.11 -5.90
CA CYS A 18 -7.92 10.30 -6.58
C CYS A 18 -9.09 11.24 -6.87
N GLY A 19 -8.97 12.51 -6.46
CA GLY A 19 -10.02 13.49 -6.67
C GLY A 19 -10.69 13.35 -8.04
N SER A 20 -9.91 13.51 -9.10
CA SER A 20 -10.43 13.40 -10.45
C SER A 20 -9.45 12.64 -11.35
N PRO A 21 -9.96 11.83 -12.27
CA PRO A 21 -9.11 11.05 -13.19
C PRO A 21 -8.09 11.92 -13.90
N ALA A 22 -8.49 13.16 -14.20
CA ALA A 22 -7.60 14.10 -14.88
C ALA A 22 -6.72 14.84 -13.88
N ASN A 23 -7.21 14.97 -12.65
CA ASN A 23 -6.46 15.65 -11.60
C ASN A 23 -5.93 14.64 -10.58
N CYS A 24 -5.80 13.40 -11.00
CA CYS A 24 -5.31 12.34 -10.13
C CYS A 24 -3.84 12.55 -9.81
N GLN A 25 -3.58 13.32 -8.77
CA GLN A 25 -2.22 13.61 -8.35
C GLN A 25 -1.58 12.41 -7.65
N ASP A 26 -1.69 11.24 -8.28
CA ASP A 26 -1.11 10.02 -7.73
C ASP A 26 -0.64 9.10 -8.85
N ARG A 27 0.65 9.20 -9.17
CA ARG A 27 1.24 8.40 -10.24
C ARG A 27 1.17 6.91 -9.91
N CYS A 28 0.93 6.58 -8.65
CA CYS A 28 0.86 5.19 -8.21
C CYS A 28 -0.59 4.74 -8.03
N CYS A 29 -1.49 5.71 -7.85
CA CYS A 29 -2.90 5.41 -7.66
C CYS A 29 -3.75 5.98 -8.79
N ASN A 30 -4.75 5.22 -9.23
CA ASN A 30 -5.63 5.67 -10.30
C ASN A 30 -7.05 5.92 -9.80
N ALA A 31 -7.59 7.09 -10.14
CA ALA A 31 -8.95 7.46 -9.73
C ALA A 31 -9.99 6.72 -10.56
N ALA A 32 -9.74 6.63 -11.86
CA ALA A 32 -10.64 5.95 -12.78
C ALA A 32 -10.90 4.52 -12.32
N THR A 33 -10.03 4.00 -11.45
CA THR A 33 -10.17 2.65 -10.95
C THR A 33 -10.32 2.65 -9.44
N CYS A 34 -9.79 3.70 -8.80
CA CYS A 34 -9.83 3.79 -7.36
C CYS A 34 -9.09 2.60 -6.78
N LYS A 35 -7.90 2.36 -7.32
CA LYS A 35 -7.06 1.25 -6.91
C LYS A 35 -5.67 1.37 -7.51
N LEU A 36 -4.72 0.61 -6.97
CA LEU A 36 -3.34 0.63 -7.44
C LEU A 36 -3.27 0.45 -8.96
N THR A 37 -2.72 1.43 -9.64
CA THR A 37 -2.59 1.38 -11.10
C THR A 37 -1.78 0.16 -11.52
N PRO A 38 -1.97 -0.33 -12.76
CA PRO A 38 -1.25 -1.48 -13.29
C PRO A 38 0.26 -1.30 -13.19
N GLY A 39 0.90 -2.14 -12.39
CA GLY A 39 2.34 -2.06 -12.22
C GLY A 39 2.73 -1.79 -10.79
N SER A 40 1.84 -1.14 -10.04
CA SER A 40 2.10 -0.81 -8.64
C SER A 40 1.28 -1.70 -7.71
N GLN A 41 1.93 -2.25 -6.69
CA GLN A 41 1.27 -3.12 -5.73
C GLN A 41 1.19 -2.48 -4.35
N CYS A 42 2.13 -1.58 -4.07
CA CYS A 42 2.18 -0.91 -2.77
C CYS A 42 2.30 0.61 -2.94
N ASN A 43 1.19 1.30 -2.75
CA ASN A 43 1.17 2.75 -2.88
C ASN A 43 1.30 3.44 -1.52
N TYR A 44 1.33 2.65 -0.46
CA TYR A 44 1.45 3.17 0.89
C TYR A 44 1.45 2.03 1.91
N GLY A 45 2.44 2.04 2.80
CA GLY A 45 2.55 0.99 3.79
C GLY A 45 4.00 0.56 4.01
N GLU A 46 4.23 -0.22 5.05
CA GLU A 46 5.57 -0.68 5.40
C GLU A 46 6.22 -1.47 4.27
N CYS A 47 5.46 -2.40 3.67
CA CYS A 47 5.99 -3.25 2.60
C CYS A 47 6.23 -2.49 1.30
N CYS A 48 5.67 -1.30 1.16
CA CYS A 48 5.82 -0.53 -0.07
C CYS A 48 7.25 -0.03 -0.27
N ASP A 49 7.67 -0.08 -1.53
CA ASP A 49 9.00 0.36 -1.93
C ASP A 49 9.04 0.49 -3.46
N GLN A 50 9.06 1.72 -3.95
CA GLN A 50 9.08 1.97 -5.39
C GLN A 50 7.78 1.48 -6.02
N CYS A 51 6.69 1.62 -5.27
CA CYS A 51 5.37 1.20 -5.73
C CYS A 51 5.30 -0.31 -5.91
N ARG A 52 6.14 -1.03 -5.17
CA ARG A 52 6.17 -2.48 -5.25
C ARG A 52 6.32 -3.10 -3.87
N PHE A 53 5.64 -4.20 -3.61
CA PHE A 53 5.71 -4.87 -2.31
C PHE A 53 7.12 -5.32 -2.02
N LYS A 54 7.54 -5.13 -0.77
CA LYS A 54 8.87 -5.52 -0.36
C LYS A 54 9.01 -7.03 -0.45
N LYS A 55 9.65 -7.51 -1.53
CA LYS A 55 9.85 -8.94 -1.75
C LYS A 55 9.96 -9.71 -0.44
N ALA A 56 9.15 -10.76 -0.31
CA ALA A 56 9.14 -11.56 0.91
C ALA A 56 10.56 -11.78 1.42
N GLY A 57 10.75 -11.53 2.70
CA GLY A 57 12.06 -11.68 3.28
C GLY A 57 12.62 -10.34 3.73
N THR A 58 11.96 -9.26 3.32
CA THR A 58 12.38 -7.93 3.70
C THR A 58 11.90 -7.62 5.12
N VAL A 59 12.84 -7.35 6.02
CA VAL A 59 12.50 -7.06 7.40
C VAL A 59 12.03 -5.63 7.58
N CYS A 60 10.78 -5.46 8.02
CA CYS A 60 10.22 -4.13 8.24
C CYS A 60 10.18 -3.77 9.72
N ARG A 61 10.14 -4.78 10.58
CA ARG A 61 10.07 -4.57 12.02
C ARG A 61 10.82 -5.66 12.78
N ILE A 62 10.78 -5.58 14.11
CA ILE A 62 11.44 -6.56 14.96
C ILE A 62 11.20 -6.23 16.43
N ALA A 63 10.85 -7.25 17.20
CA ALA A 63 10.59 -7.08 18.62
C ALA A 63 11.80 -6.53 19.35
N ARG A 64 12.78 -7.39 19.60
CA ARG A 64 14.01 -6.97 20.29
C ARG A 64 15.01 -8.11 20.36
N GLY A 65 15.59 -8.46 19.22
CA GLY A 65 16.57 -9.52 19.17
C GLY A 65 16.54 -10.28 17.85
N ASP A 66 16.14 -11.54 17.92
CA ASP A 66 16.07 -12.39 16.73
C ASP A 66 15.35 -13.70 17.05
N TRP A 67 14.03 -13.64 16.99
CA TRP A 67 13.19 -14.82 17.28
C TRP A 67 12.34 -15.16 16.07
N ASN A 68 11.37 -14.30 15.80
CA ASN A 68 10.47 -14.49 14.66
C ASN A 68 10.70 -13.40 13.62
N ASP A 69 11.10 -12.23 14.08
CA ASP A 69 11.35 -11.10 13.20
C ASP A 69 10.09 -10.68 12.47
N ASP A 70 10.21 -9.56 11.76
CA ASP A 70 9.11 -9.04 10.97
C ASP A 70 9.54 -9.00 9.52
N TYR A 71 8.84 -9.74 8.68
CA TYR A 71 9.20 -9.80 7.28
C TYR A 71 8.01 -9.67 6.34
N CYS A 72 8.25 -8.97 5.24
CA CYS A 72 7.23 -8.76 4.23
C CYS A 72 6.91 -10.08 3.53
N THR A 73 5.77 -10.13 2.84
CA THR A 73 5.37 -11.34 2.13
C THR A 73 5.18 -11.08 0.64
N GLY A 74 5.65 -9.92 0.18
CA GLY A 74 5.53 -9.58 -1.23
C GLY A 74 4.13 -9.76 -1.76
N LYS A 75 3.14 -9.66 -0.87
CA LYS A 75 1.75 -9.83 -1.27
C LYS A 75 0.84 -8.77 -0.62
N SER A 76 1.44 -7.81 0.08
CA SER A 76 0.66 -6.77 0.73
C SER A 76 1.55 -5.65 1.27
N SER A 77 0.93 -4.58 1.75
CA SER A 77 1.64 -3.44 2.29
C SER A 77 1.89 -3.62 3.79
N ASP A 78 1.67 -4.84 4.28
CA ASP A 78 1.87 -5.13 5.70
C ASP A 78 3.04 -6.07 5.91
N CYS A 79 3.78 -5.84 6.99
CA CYS A 79 4.93 -6.66 7.33
C CYS A 79 4.73 -7.34 8.69
N PRO A 80 4.33 -8.62 8.70
CA PRO A 80 4.09 -9.37 9.94
C PRO A 80 5.37 -9.61 10.74
N TRP A 81 5.32 -9.26 12.03
CA TRP A 81 6.47 -9.45 12.93
C TRP A 81 6.38 -10.74 13.73
N ASN A 82 5.21 -11.33 13.73
CA ASN A 82 4.96 -12.58 14.45
C ASN A 82 5.25 -12.42 15.94
N HIS A 83 4.84 -11.29 16.50
CA HIS A 83 5.06 -11.01 17.91
C HIS A 83 3.78 -10.52 18.59
N SER A 1 -20.52 10.34 2.86
CA SER A 1 -19.92 9.04 2.47
C SER A 1 -18.39 9.11 2.47
N PRO A 2 -17.76 8.94 3.64
CA PRO A 2 -16.30 8.98 3.76
C PRO A 2 -15.59 8.05 2.78
N PRO A 3 -16.02 6.77 2.70
CA PRO A 3 -15.41 5.79 1.78
C PRO A 3 -15.72 6.09 0.32
N VAL A 4 -15.30 7.25 -0.15
CA VAL A 4 -15.54 7.65 -1.53
C VAL A 4 -14.24 7.91 -2.28
N CYS A 5 -14.25 7.70 -3.59
CA CYS A 5 -13.08 7.93 -4.41
C CYS A 5 -12.97 9.42 -4.70
N GLY A 6 -12.32 10.12 -3.78
CA GLY A 6 -12.17 11.55 -3.88
C GLY A 6 -12.21 12.21 -2.51
N ASN A 7 -11.82 11.43 -1.50
CA ASN A 7 -11.77 11.89 -0.12
C ASN A 7 -10.42 11.56 0.47
N LYS A 8 -9.48 11.23 -0.40
CA LYS A 8 -8.14 10.85 -0.01
C LYS A 8 -8.16 9.47 0.65
N ILE A 9 -9.28 8.77 0.48
CA ILE A 9 -9.46 7.44 1.01
C ILE A 9 -9.52 6.46 -0.15
N LEU A 10 -9.11 5.22 0.09
CA LEU A 10 -9.12 4.21 -0.95
C LEU A 10 -10.54 3.80 -1.28
N GLU A 11 -11.42 4.78 -1.47
CA GLU A 11 -12.81 4.50 -1.77
C GLU A 11 -13.29 3.29 -0.99
N GLN A 12 -13.29 3.42 0.32
CA GLN A 12 -13.70 2.33 1.20
C GLN A 12 -12.64 1.21 1.22
N GLY A 13 -12.64 0.41 0.17
CA GLY A 13 -11.68 -0.68 0.05
C GLY A 13 -11.35 -0.96 -1.39
N GLU A 14 -11.10 0.11 -2.14
CA GLU A 14 -10.80 0.02 -3.56
C GLU A 14 -9.33 -0.33 -3.81
N ASP A 15 -8.44 0.25 -3.01
CA ASP A 15 -7.00 0.05 -3.13
C ASP A 15 -6.40 1.11 -4.03
N CYS A 16 -6.92 2.32 -3.88
CA CYS A 16 -6.48 3.46 -4.66
C CYS A 16 -7.13 4.72 -4.11
N ASP A 17 -6.39 5.45 -3.27
CA ASP A 17 -6.92 6.65 -2.67
C ASP A 17 -6.26 7.90 -3.24
N CYS A 18 -7.10 8.80 -3.76
CA CYS A 18 -6.63 10.05 -4.35
C CYS A 18 -7.76 11.07 -4.36
N GLY A 19 -7.49 12.25 -3.81
CA GLY A 19 -8.50 13.30 -3.77
C GLY A 19 -9.13 13.56 -5.12
N SER A 20 -8.29 13.80 -6.13
CA SER A 20 -8.78 14.06 -7.48
C SER A 20 -7.92 13.36 -8.52
N PRO A 21 -8.54 12.79 -9.57
CA PRO A 21 -7.81 12.09 -10.63
C PRO A 21 -6.60 12.87 -11.12
N ALA A 22 -6.73 14.20 -11.14
CA ALA A 22 -5.65 15.07 -11.58
C ALA A 22 -4.69 15.36 -10.43
N ASN A 23 -5.19 15.26 -9.20
CA ASN A 23 -4.39 15.50 -8.02
C ASN A 23 -4.07 14.19 -7.31
N CYS A 24 -4.16 13.08 -8.04
CA CYS A 24 -3.89 11.77 -7.49
C CYS A 24 -2.42 11.62 -7.15
N GLN A 25 -2.07 12.01 -5.93
CA GLN A 25 -0.69 11.95 -5.47
C GLN A 25 -0.22 10.51 -5.26
N ASP A 26 -0.42 9.67 -6.27
CA ASP A 26 0.00 8.27 -6.21
C ASP A 26 0.32 7.75 -7.61
N ARG A 27 1.59 7.77 -7.95
CA ARG A 27 2.05 7.32 -9.27
C ARG A 27 1.64 5.88 -9.55
N CYS A 28 1.64 5.05 -8.50
CA CYS A 28 1.28 3.65 -8.65
C CYS A 28 -0.20 3.41 -8.33
N CYS A 29 -1.01 4.46 -8.48
CA CYS A 29 -2.45 4.36 -8.21
C CYS A 29 -3.23 5.41 -8.98
N ASN A 30 -4.28 4.96 -9.65
CA ASN A 30 -5.14 5.85 -10.42
C ASN A 30 -6.51 5.97 -9.77
N ALA A 31 -6.87 7.20 -9.37
CA ALA A 31 -8.16 7.45 -8.73
C ALA A 31 -9.31 7.23 -9.72
N ALA A 32 -9.09 7.68 -10.95
CA ALA A 32 -10.09 7.55 -12.01
C ALA A 32 -10.61 6.12 -12.12
N THR A 33 -9.82 5.16 -11.65
CA THR A 33 -10.22 3.76 -11.69
C THR A 33 -10.40 3.21 -10.27
N CYS A 34 -9.83 3.92 -9.30
CA CYS A 34 -9.91 3.51 -7.92
C CYS A 34 -9.22 2.17 -7.73
N LYS A 35 -8.05 2.04 -8.33
CA LYS A 35 -7.28 0.80 -8.23
C LYS A 35 -5.82 1.03 -8.64
N LEU A 36 -4.92 0.23 -8.10
CA LEU A 36 -3.50 0.35 -8.41
C LEU A 36 -3.28 0.44 -9.92
N THR A 37 -2.50 1.44 -10.33
CA THR A 37 -2.22 1.65 -11.76
C THR A 37 -1.48 0.45 -12.34
N PRO A 38 -1.51 0.30 -13.68
CA PRO A 38 -0.84 -0.81 -14.37
C PRO A 38 0.61 -0.95 -13.92
N GLY A 39 0.93 -2.08 -13.30
CA GLY A 39 2.27 -2.33 -12.82
C GLY A 39 2.47 -1.88 -11.38
N SER A 40 1.37 -1.55 -10.71
CA SER A 40 1.41 -1.12 -9.32
C SER A 40 0.84 -2.19 -8.40
N GLN A 41 1.68 -2.71 -7.50
CA GLN A 41 1.24 -3.76 -6.58
C GLN A 41 1.25 -3.27 -5.12
N CYS A 42 1.29 -1.94 -4.93
CA CYS A 42 1.30 -1.39 -3.58
C CYS A 42 0.65 -0.01 -3.52
N ASN A 43 1.17 0.92 -4.32
CA ASN A 43 0.66 2.29 -4.36
C ASN A 43 0.47 2.89 -2.95
N TYR A 44 1.04 2.24 -1.94
CA TYR A 44 0.95 2.70 -0.54
C TYR A 44 1.28 1.55 0.40
N GLY A 45 1.56 1.87 1.66
CA GLY A 45 1.85 0.85 2.65
C GLY A 45 3.34 0.61 2.83
N GLU A 46 3.68 -0.09 3.91
CA GLU A 46 5.06 -0.41 4.24
C GLU A 46 5.71 -1.27 3.16
N CYS A 47 4.98 -2.30 2.74
CA CYS A 47 5.48 -3.23 1.73
C CYS A 47 5.64 -2.57 0.37
N CYS A 48 5.09 -1.37 0.21
CA CYS A 48 5.19 -0.67 -1.07
C CYS A 48 6.63 -0.26 -1.37
N ASP A 49 7.04 -0.45 -2.62
CA ASP A 49 8.38 -0.11 -3.06
C ASP A 49 8.47 -0.20 -4.58
N GLN A 50 8.63 0.96 -5.22
CA GLN A 50 8.72 1.01 -6.68
C GLN A 50 7.43 0.48 -7.32
N CYS A 51 6.31 0.78 -6.69
CA CYS A 51 5.01 0.34 -7.19
C CYS A 51 4.89 -1.18 -7.14
N ARG A 52 5.58 -1.80 -6.20
CA ARG A 52 5.55 -3.25 -6.05
C ARG A 52 5.78 -3.66 -4.60
N PHE A 53 5.07 -4.69 -4.14
CA PHE A 53 5.21 -5.15 -2.78
C PHE A 53 6.62 -5.65 -2.51
N LYS A 54 7.13 -5.33 -1.33
CA LYS A 54 8.47 -5.74 -0.95
C LYS A 54 8.54 -7.26 -0.87
N LYS A 55 9.19 -7.87 -1.86
CA LYS A 55 9.33 -9.33 -1.93
C LYS A 55 9.44 -9.93 -0.53
N ALA A 56 8.60 -10.93 -0.25
CA ALA A 56 8.62 -11.59 1.05
C ALA A 56 10.03 -11.78 1.55
N GLY A 57 10.25 -11.40 2.79
CA GLY A 57 11.59 -11.50 3.35
C GLY A 57 12.15 -10.14 3.67
N THR A 58 11.49 -9.10 3.14
CA THR A 58 11.92 -7.73 3.39
C THR A 58 11.45 -7.29 4.78
N VAL A 59 12.38 -6.88 5.62
CA VAL A 59 12.04 -6.46 6.97
C VAL A 59 11.55 -5.01 7.00
N CYS A 60 10.30 -4.82 7.43
CA CYS A 60 9.72 -3.48 7.50
C CYS A 60 9.71 -2.95 8.94
N ARG A 61 9.70 -3.87 9.90
CA ARG A 61 9.67 -3.50 11.32
C ARG A 61 10.45 -4.48 12.18
N ILE A 62 10.44 -4.25 13.49
CA ILE A 62 11.14 -5.11 14.43
C ILE A 62 10.94 -4.62 15.86
N ALA A 63 10.63 -5.55 16.75
CA ALA A 63 10.41 -5.22 18.15
C ALA A 63 11.64 -4.58 18.77
N ARG A 64 12.63 -5.41 19.09
CA ARG A 64 13.86 -4.92 19.68
C ARG A 64 14.90 -6.04 19.85
N GLY A 65 15.42 -6.50 18.73
CA GLY A 65 16.42 -7.56 18.77
C GLY A 65 16.35 -8.48 17.55
N ASP A 66 15.96 -9.72 17.78
CA ASP A 66 15.85 -10.69 16.70
C ASP A 66 15.14 -11.95 17.18
N TRP A 67 13.82 -11.92 17.17
CA TRP A 67 13.01 -13.05 17.60
C TRP A 67 12.12 -13.55 16.48
N ASN A 68 11.14 -12.73 16.13
CA ASN A 68 10.20 -13.04 15.06
C ASN A 68 10.41 -12.11 13.88
N ASP A 69 10.83 -10.89 14.18
CA ASP A 69 11.07 -9.88 13.15
C ASP A 69 9.80 -9.54 12.39
N ASP A 70 9.88 -8.50 11.59
CA ASP A 70 8.77 -8.07 10.76
C ASP A 70 9.17 -8.18 9.31
N TYR A 71 8.46 -9.02 8.56
CA TYR A 71 8.81 -9.22 7.17
C TYR A 71 7.59 -9.19 6.24
N CYS A 72 7.82 -8.63 5.06
CA CYS A 72 6.78 -8.54 4.05
C CYS A 72 6.44 -9.93 3.52
N THR A 73 5.28 -10.06 2.90
CA THR A 73 4.85 -11.35 2.35
C THR A 73 4.63 -11.28 0.84
N GLY A 74 5.06 -10.18 0.22
CA GLY A 74 4.90 -10.01 -1.21
C GLY A 74 3.47 -10.28 -1.68
N LYS A 75 2.51 -10.11 -0.78
CA LYS A 75 1.11 -10.33 -1.12
C LYS A 75 0.22 -9.19 -0.64
N SER A 76 0.81 -8.21 0.04
CA SER A 76 0.04 -7.07 0.55
C SER A 76 0.97 -5.93 0.95
N SER A 77 0.37 -4.78 1.27
CA SER A 77 1.12 -3.60 1.66
C SER A 77 1.40 -3.61 3.16
N ASP A 78 1.13 -4.74 3.81
CA ASP A 78 1.36 -4.88 5.25
C ASP A 78 2.56 -5.75 5.54
N CYS A 79 3.27 -5.42 6.61
CA CYS A 79 4.45 -6.18 7.02
C CYS A 79 4.29 -6.70 8.45
N PRO A 80 3.92 -7.98 8.61
CA PRO A 80 3.72 -8.59 9.93
C PRO A 80 5.03 -8.72 10.72
N TRP A 81 5.00 -8.23 11.96
CA TRP A 81 6.17 -8.29 12.84
C TRP A 81 6.14 -9.48 13.78
N ASN A 82 4.98 -10.09 13.89
CA ASN A 82 4.79 -11.25 14.76
C ASN A 82 5.08 -10.91 16.21
N HIS A 83 4.67 -9.71 16.63
CA HIS A 83 4.88 -9.27 18.00
C HIS A 83 3.59 -8.69 18.59
N SER A 1 -19.07 11.43 3.34
CA SER A 1 -18.68 10.01 3.18
C SER A 1 -17.21 9.88 2.79
N PRO A 2 -16.31 9.83 3.80
CA PRO A 2 -14.87 9.71 3.56
C PRO A 2 -14.51 8.54 2.63
N PRO A 3 -15.12 7.35 2.83
CA PRO A 3 -14.84 6.17 2.01
C PRO A 3 -15.35 6.30 0.57
N VAL A 4 -15.00 7.40 -0.09
CA VAL A 4 -15.42 7.64 -1.46
C VAL A 4 -14.21 7.80 -2.40
N CYS A 5 -14.41 7.45 -3.66
CA CYS A 5 -13.35 7.58 -4.66
C CYS A 5 -13.29 9.03 -5.10
N GLY A 6 -12.55 9.81 -4.32
CA GLY A 6 -12.42 11.23 -4.58
C GLY A 6 -12.49 12.01 -3.28
N ASN A 7 -12.06 11.36 -2.21
CA ASN A 7 -12.05 11.95 -0.88
C ASN A 7 -10.66 11.77 -0.25
N LYS A 8 -9.72 11.34 -1.07
CA LYS A 8 -8.35 11.09 -0.64
C LYS A 8 -8.24 9.77 0.10
N ILE A 9 -9.35 9.05 0.18
CA ILE A 9 -9.39 7.75 0.83
C ILE A 9 -9.49 6.67 -0.22
N LEU A 10 -8.97 5.48 0.07
CA LEU A 10 -9.04 4.38 -0.88
C LEU A 10 -10.47 3.88 -1.02
N GLU A 11 -11.39 4.80 -1.29
CA GLU A 11 -12.79 4.47 -1.45
C GLU A 11 -13.19 3.29 -0.57
N GLN A 12 -13.31 3.54 0.72
CA GLN A 12 -13.67 2.49 1.67
C GLN A 12 -12.69 1.32 1.59
N GLY A 13 -12.98 0.35 0.72
CA GLY A 13 -12.12 -0.80 0.57
C GLY A 13 -11.80 -1.07 -0.90
N GLU A 14 -11.27 -0.08 -1.58
CA GLU A 14 -10.93 -0.20 -2.99
C GLU A 14 -9.48 -0.66 -3.16
N ASP A 15 -8.58 -0.06 -2.37
CA ASP A 15 -7.15 -0.39 -2.38
C ASP A 15 -6.37 0.51 -3.32
N CYS A 16 -6.80 1.77 -3.40
CA CYS A 16 -6.14 2.78 -4.24
C CYS A 16 -7.14 3.86 -4.63
N ASP A 17 -6.77 5.13 -4.40
CA ASP A 17 -7.63 6.24 -4.74
C ASP A 17 -6.86 7.55 -4.79
N CYS A 18 -7.45 8.55 -5.43
CA CYS A 18 -6.85 9.87 -5.56
C CYS A 18 -7.92 10.93 -5.45
N GLY A 19 -7.63 12.00 -4.71
CA GLY A 19 -8.60 13.08 -4.54
C GLY A 19 -9.27 13.46 -5.85
N SER A 20 -8.45 13.69 -6.87
CA SER A 20 -8.95 14.06 -8.19
C SER A 20 -8.17 13.33 -9.29
N PRO A 21 -8.86 12.58 -10.17
CA PRO A 21 -8.22 11.85 -11.26
C PRO A 21 -7.16 12.68 -11.98
N ALA A 22 -7.37 13.99 -12.01
CA ALA A 22 -6.44 14.90 -12.67
C ALA A 22 -5.30 15.28 -11.74
N ASN A 23 -5.58 15.28 -10.44
CA ASN A 23 -4.59 15.62 -9.44
C ASN A 23 -4.16 14.37 -8.67
N CYS A 24 -4.37 13.21 -9.30
CA CYS A 24 -4.02 11.94 -8.69
C CYS A 24 -2.53 11.87 -8.40
N GLN A 25 -2.14 12.38 -7.24
CA GLN A 25 -0.74 12.38 -6.82
C GLN A 25 -0.31 10.99 -6.35
N ASP A 26 -0.59 9.98 -7.15
CA ASP A 26 -0.23 8.61 -6.83
C ASP A 26 0.04 7.80 -8.09
N ARG A 27 1.31 7.71 -8.47
CA ARG A 27 1.71 6.98 -9.66
C ARG A 27 1.39 5.49 -9.55
N CYS A 28 1.14 5.03 -8.33
CA CYS A 28 0.83 3.63 -8.10
C CYS A 28 -0.68 3.43 -7.90
N CYS A 29 -1.36 4.45 -7.39
CA CYS A 29 -2.80 4.38 -7.16
C CYS A 29 -3.56 5.26 -8.14
N ASN A 30 -4.59 4.69 -8.77
CA ASN A 30 -5.40 5.44 -9.73
C ASN A 30 -6.83 5.62 -9.21
N ALA A 31 -7.27 6.88 -9.20
CA ALA A 31 -8.62 7.21 -8.74
C ALA A 31 -9.66 6.73 -9.74
N ALA A 32 -9.41 7.01 -11.01
CA ALA A 32 -10.31 6.62 -12.08
C ALA A 32 -10.71 5.15 -11.99
N THR A 33 -9.90 4.37 -11.29
CA THR A 33 -10.17 2.95 -11.13
C THR A 33 -10.34 2.60 -9.65
N CYS A 34 -9.74 3.41 -8.80
CA CYS A 34 -9.79 3.17 -7.37
C CYS A 34 -9.11 1.85 -7.07
N LYS A 35 -7.98 1.62 -7.74
CA LYS A 35 -7.21 0.40 -7.58
C LYS A 35 -5.78 0.61 -8.05
N LEU A 36 -4.88 -0.29 -7.65
CA LEU A 36 -3.47 -0.20 -8.04
C LEU A 36 -3.33 -0.17 -9.56
N THR A 37 -2.62 0.85 -10.05
CA THR A 37 -2.41 1.01 -11.48
C THR A 37 -1.65 -0.19 -12.06
N PRO A 38 -1.84 -0.47 -13.36
CA PRO A 38 -1.17 -1.59 -14.02
C PRO A 38 0.34 -1.57 -13.81
N GLY A 39 0.85 -2.59 -13.13
CA GLY A 39 2.28 -2.67 -12.87
C GLY A 39 2.65 -2.10 -11.51
N SER A 40 1.68 -2.04 -10.60
CA SER A 40 1.91 -1.54 -9.26
C SER A 40 1.14 -2.35 -8.24
N GLN A 41 1.79 -2.65 -7.12
CA GLN A 41 1.15 -3.43 -6.06
C GLN A 41 0.97 -2.59 -4.80
N CYS A 42 1.92 -1.70 -4.54
CA CYS A 42 1.86 -0.83 -3.37
C CYS A 42 1.84 0.64 -3.76
N ASN A 43 1.42 1.47 -2.82
CA ASN A 43 1.35 2.92 -3.04
C ASN A 43 1.49 3.66 -1.72
N TYR A 44 1.00 3.04 -0.64
CA TYR A 44 1.09 3.63 0.69
C TYR A 44 1.30 2.54 1.72
N GLY A 45 2.38 2.66 2.48
CA GLY A 45 2.70 1.66 3.48
C GLY A 45 4.16 1.23 3.41
N GLU A 46 4.61 0.53 4.44
CA GLU A 46 5.99 0.06 4.52
C GLU A 46 6.37 -0.82 3.34
N CYS A 47 5.50 -1.75 3.00
CA CYS A 47 5.76 -2.70 1.91
C CYS A 47 5.98 -2.00 0.55
N CYS A 48 5.46 -0.79 0.39
CA CYS A 48 5.58 -0.09 -0.88
C CYS A 48 7.02 0.31 -1.18
N ASP A 49 7.38 0.10 -2.44
CA ASP A 49 8.70 0.43 -2.95
C ASP A 49 8.67 0.36 -4.47
N GLN A 50 8.70 1.52 -5.11
CA GLN A 50 8.65 1.58 -6.57
C GLN A 50 7.27 1.13 -7.06
N CYS A 51 6.24 1.42 -6.25
CA CYS A 51 4.87 1.06 -6.58
C CYS A 51 4.67 -0.46 -6.53
N ARG A 52 5.55 -1.16 -5.84
CA ARG A 52 5.45 -2.61 -5.73
C ARG A 52 5.62 -3.08 -4.29
N PHE A 53 4.89 -4.13 -3.91
CA PHE A 53 4.97 -4.66 -2.55
C PHE A 53 6.37 -5.21 -2.27
N LYS A 54 6.85 -4.97 -1.07
CA LYS A 54 8.17 -5.46 -0.68
C LYS A 54 8.15 -6.98 -0.61
N LYS A 55 8.55 -7.62 -1.72
CA LYS A 55 8.58 -9.08 -1.82
C LYS A 55 8.72 -9.74 -0.46
N ALA A 56 7.86 -10.72 -0.19
CA ALA A 56 7.88 -11.43 1.08
C ALA A 56 9.31 -11.77 1.48
N GLY A 57 9.66 -11.43 2.71
CA GLY A 57 11.01 -11.67 3.18
C GLY A 57 11.76 -10.38 3.42
N THR A 58 11.14 -9.26 3.02
CA THR A 58 11.74 -7.96 3.20
C THR A 58 11.49 -7.44 4.62
N VAL A 59 12.54 -7.41 5.44
CA VAL A 59 12.41 -6.95 6.82
C VAL A 59 12.10 -5.46 6.84
N CYS A 60 10.98 -5.09 7.46
CA CYS A 60 10.59 -3.68 7.54
C CYS A 60 10.39 -3.22 8.99
N ARG A 61 10.38 -4.16 9.93
CA ARG A 61 10.18 -3.82 11.34
C ARG A 61 10.84 -4.85 12.25
N ILE A 62 10.68 -4.65 13.56
CA ILE A 62 11.23 -5.54 14.56
C ILE A 62 10.54 -5.34 15.90
N ALA A 63 10.01 -6.43 16.45
CA ALA A 63 9.32 -6.37 17.73
C ALA A 63 10.16 -5.66 18.79
N ARG A 64 11.17 -6.35 19.29
CA ARG A 64 12.04 -5.78 20.32
C ARG A 64 13.29 -6.63 20.52
N GLY A 65 14.03 -6.85 19.44
CA GLY A 65 15.24 -7.65 19.52
C GLY A 65 15.53 -8.38 18.24
N ASP A 66 15.33 -9.70 18.25
CA ASP A 66 15.56 -10.51 17.06
C ASP A 66 15.12 -11.95 17.30
N TRP A 67 13.82 -12.19 17.09
CA TRP A 67 13.25 -13.52 17.26
C TRP A 67 12.63 -13.99 15.96
N ASN A 68 11.55 -13.34 15.58
CA ASN A 68 10.85 -13.67 14.35
C ASN A 68 11.13 -12.61 13.28
N ASP A 69 11.43 -11.40 13.73
CA ASP A 69 11.74 -10.29 12.81
C ASP A 69 10.53 -9.95 11.95
N ASP A 70 10.25 -8.66 11.81
CA ASP A 70 9.12 -8.22 10.99
C ASP A 70 9.46 -8.32 9.51
N TYR A 71 8.61 -9.03 8.77
CA TYR A 71 8.84 -9.22 7.35
C TYR A 71 7.59 -9.01 6.52
N CYS A 72 7.78 -8.39 5.36
CA CYS A 72 6.68 -8.13 4.44
C CYS A 72 6.19 -9.45 3.85
N THR A 73 5.02 -9.41 3.21
CA THR A 73 4.45 -10.61 2.60
C THR A 73 4.23 -10.42 1.10
N GLY A 74 4.75 -9.34 0.55
CA GLY A 74 4.59 -9.07 -0.87
C GLY A 74 3.15 -9.15 -1.33
N LYS A 75 2.22 -8.97 -0.40
CA LYS A 75 0.79 -9.03 -0.72
C LYS A 75 0.07 -7.74 -0.31
N SER A 76 0.66 -7.01 0.62
CA SER A 76 0.06 -5.76 1.10
C SER A 76 1.12 -4.74 1.47
N SER A 77 0.68 -3.54 1.83
CA SER A 77 1.58 -2.46 2.23
C SER A 77 1.94 -2.56 3.70
N ASP A 78 1.61 -3.70 4.32
CA ASP A 78 1.89 -3.90 5.74
C ASP A 78 3.01 -4.90 5.96
N CYS A 79 3.72 -4.74 7.07
CA CYS A 79 4.84 -5.62 7.42
C CYS A 79 4.64 -6.18 8.84
N PRO A 80 4.14 -7.43 8.95
CA PRO A 80 3.90 -8.06 10.25
C PRO A 80 5.19 -8.46 10.98
N TRP A 81 5.22 -8.20 12.29
CA TRP A 81 6.39 -8.53 13.13
C TRP A 81 6.89 -9.95 12.85
N ASN A 82 5.95 -10.81 12.44
CA ASN A 82 6.24 -12.22 12.16
C ASN A 82 6.06 -13.04 13.43
N HIS A 83 5.23 -12.54 14.34
CA HIS A 83 4.98 -13.22 15.60
C HIS A 83 3.58 -13.84 15.62
N SER A 1 -10.93 7.12 8.42
CA SER A 1 -12.18 6.33 8.51
C SER A 1 -13.10 6.59 7.33
N PRO A 2 -13.41 7.87 7.05
CA PRO A 2 -14.29 8.26 5.94
C PRO A 2 -13.88 7.60 4.62
N PRO A 3 -14.59 6.52 4.23
CA PRO A 3 -14.31 5.80 2.99
C PRO A 3 -14.97 6.46 1.79
N VAL A 4 -14.25 7.36 1.13
CA VAL A 4 -14.79 8.07 -0.03
C VAL A 4 -13.99 7.83 -1.30
N CYS A 5 -14.58 7.09 -2.24
CA CYS A 5 -13.94 6.81 -3.52
C CYS A 5 -14.24 7.94 -4.48
N GLY A 6 -13.23 8.77 -4.74
CA GLY A 6 -13.42 9.92 -5.61
C GLY A 6 -13.47 11.19 -4.80
N ASN A 7 -12.75 11.17 -3.69
CA ASN A 7 -12.69 12.31 -2.78
C ASN A 7 -11.24 12.60 -2.41
N LYS A 8 -10.31 11.89 -3.05
CA LYS A 8 -8.89 12.05 -2.79
C LYS A 8 -8.49 11.35 -1.50
N ILE A 9 -9.42 10.60 -0.91
CA ILE A 9 -9.15 9.88 0.33
C ILE A 9 -9.10 8.38 0.08
N LEU A 10 -7.90 7.81 0.09
CA LEU A 10 -7.75 6.39 -0.12
C LEU A 10 -8.31 5.64 1.09
N GLU A 11 -9.62 5.75 1.27
CA GLU A 11 -10.30 5.12 2.39
C GLU A 11 -11.40 4.19 1.93
N GLN A 12 -12.20 4.64 0.96
CA GLN A 12 -13.30 3.82 0.44
C GLN A 12 -12.79 2.55 -0.24
N GLY A 13 -12.20 1.65 0.55
CA GLY A 13 -11.67 0.40 0.01
C GLY A 13 -11.03 0.55 -1.34
N GLU A 14 -10.41 1.70 -1.58
CA GLU A 14 -9.75 1.97 -2.86
C GLU A 14 -8.26 1.69 -2.79
N ASP A 15 -7.58 2.33 -1.85
CA ASP A 15 -6.14 2.15 -1.68
C ASP A 15 -5.36 2.82 -2.81
N CYS A 16 -6.06 3.64 -3.61
CA CYS A 16 -5.45 4.34 -4.73
C CYS A 16 -6.52 5.06 -5.54
N ASP A 17 -6.94 6.22 -5.04
CA ASP A 17 -7.98 7.00 -5.71
C ASP A 17 -7.50 8.41 -6.05
N CYS A 18 -8.20 9.04 -6.98
CA CYS A 18 -7.89 10.40 -7.41
C CYS A 18 -9.16 11.25 -7.41
N GLY A 19 -9.10 12.39 -6.73
CA GLY A 19 -10.26 13.27 -6.66
C GLY A 19 -11.00 13.37 -7.98
N SER A 20 -10.25 13.52 -9.07
CA SER A 20 -10.84 13.62 -10.40
C SER A 20 -10.02 12.83 -11.42
N PRO A 21 -10.63 11.81 -12.07
CA PRO A 21 -9.94 10.99 -13.07
C PRO A 21 -9.13 11.81 -14.06
N ALA A 22 -9.57 13.05 -14.28
CA ALA A 22 -8.88 13.94 -15.21
C ALA A 22 -7.72 14.64 -14.51
N ASN A 23 -7.86 14.84 -13.20
CA ASN A 23 -6.81 15.49 -12.42
C ASN A 23 -6.11 14.47 -11.52
N CYS A 24 -6.19 13.21 -11.92
CA CYS A 24 -5.56 12.12 -11.17
C CYS A 24 -4.05 12.27 -11.17
N GLN A 25 -3.55 13.07 -10.23
CA GLN A 25 -2.11 13.29 -10.11
C GLN A 25 -1.42 12.17 -9.34
N ASP A 26 -1.76 10.93 -9.68
CA ASP A 26 -1.18 9.77 -9.02
C ASP A 26 -0.97 8.64 -10.02
N ARG A 27 0.25 8.54 -10.56
CA ARG A 27 0.59 7.52 -11.53
C ARG A 27 0.45 6.12 -10.93
N CYS A 28 0.52 6.02 -9.62
CA CYS A 28 0.41 4.73 -8.94
C CYS A 28 -1.00 4.50 -8.41
N CYS A 29 -1.87 5.51 -8.55
CA CYS A 29 -3.25 5.39 -8.08
C CYS A 29 -4.22 5.97 -9.11
N ASN A 30 -5.20 5.16 -9.52
CA ASN A 30 -6.18 5.59 -10.51
C ASN A 30 -7.57 5.72 -9.89
N ALA A 31 -8.22 6.85 -10.16
CA ALA A 31 -9.56 7.12 -9.65
C ALA A 31 -10.59 6.25 -10.35
N ALA A 32 -10.46 6.15 -11.67
CA ALA A 32 -11.38 5.35 -12.48
C ALA A 32 -11.49 3.93 -11.94
N THR A 33 -10.51 3.51 -11.16
CA THR A 33 -10.50 2.18 -10.58
C THR A 33 -10.48 2.24 -9.06
N CYS A 34 -10.05 3.37 -8.53
CA CYS A 34 -9.96 3.54 -7.09
C CYS A 34 -9.04 2.47 -6.53
N LYS A 35 -7.92 2.25 -7.22
CA LYS A 35 -6.96 1.23 -6.82
C LYS A 35 -5.64 1.40 -7.57
N LEU A 36 -4.59 0.74 -7.08
CA LEU A 36 -3.28 0.81 -7.71
C LEU A 36 -3.36 0.56 -9.22
N THR A 37 -2.57 1.32 -9.97
CA THR A 37 -2.55 1.18 -11.43
C THR A 37 -1.47 0.20 -11.87
N PRO A 38 -1.50 -0.25 -13.13
CA PRO A 38 -0.51 -1.20 -13.66
C PRO A 38 0.92 -0.74 -13.39
N GLY A 39 1.65 -1.53 -12.61
CA GLY A 39 3.02 -1.19 -12.28
C GLY A 39 3.18 -0.69 -10.86
N SER A 40 2.14 -0.84 -10.05
CA SER A 40 2.17 -0.41 -8.67
C SER A 40 1.40 -1.37 -7.77
N GLN A 41 2.06 -1.88 -6.74
CA GLN A 41 1.44 -2.82 -5.81
C GLN A 41 1.30 -2.21 -4.42
N CYS A 42 2.19 -1.28 -4.09
CA CYS A 42 2.17 -0.64 -2.78
C CYS A 42 2.33 0.88 -2.90
N ASN A 43 1.23 1.59 -2.75
CA ASN A 43 1.25 3.06 -2.84
C ASN A 43 1.35 3.69 -1.45
N TYR A 44 1.26 2.87 -0.41
CA TYR A 44 1.33 3.36 0.96
C TYR A 44 1.25 2.18 1.94
N GLY A 45 2.16 2.16 2.90
CA GLY A 45 2.19 1.07 3.86
C GLY A 45 3.61 0.62 4.16
N GLU A 46 3.76 -0.20 5.20
CA GLU A 46 5.07 -0.70 5.61
C GLU A 46 5.81 -1.43 4.50
N CYS A 47 5.10 -2.31 3.80
CA CYS A 47 5.70 -3.11 2.73
C CYS A 47 6.00 -2.30 1.47
N CYS A 48 5.40 -1.13 1.34
CA CYS A 48 5.60 -0.31 0.14
C CYS A 48 7.02 0.24 0.04
N ASP A 49 7.48 0.32 -1.20
CA ASP A 49 8.81 0.82 -1.52
C ASP A 49 8.94 0.98 -3.04
N GLN A 50 9.01 2.22 -3.50
CA GLN A 50 9.12 2.49 -4.93
C GLN A 50 7.84 2.06 -5.65
N CYS A 51 6.71 2.15 -4.95
CA CYS A 51 5.41 1.77 -5.50
C CYS A 51 5.35 0.26 -5.75
N ARG A 52 6.12 -0.50 -4.97
CA ARG A 52 6.13 -1.95 -5.11
C ARG A 52 6.27 -2.62 -3.75
N PHE A 53 5.64 -3.79 -3.58
CA PHE A 53 5.71 -4.50 -2.31
C PHE A 53 7.14 -4.90 -1.98
N LYS A 54 7.49 -4.79 -0.71
CA LYS A 54 8.82 -5.14 -0.26
C LYS A 54 9.04 -6.64 -0.40
N LYS A 55 9.79 -7.03 -1.44
CA LYS A 55 10.07 -8.44 -1.70
C LYS A 55 10.13 -9.25 -0.40
N ALA A 56 9.35 -10.34 -0.35
CA ALA A 56 9.32 -11.18 0.83
C ALA A 56 10.71 -11.36 1.41
N GLY A 57 10.83 -11.11 2.70
CA GLY A 57 12.13 -11.23 3.35
C GLY A 57 12.60 -9.89 3.88
N THR A 58 11.92 -8.82 3.47
CA THR A 58 12.25 -7.48 3.92
C THR A 58 11.70 -7.26 5.32
N VAL A 59 12.58 -6.98 6.27
CA VAL A 59 12.16 -6.76 7.65
C VAL A 59 11.62 -5.35 7.85
N CYS A 60 10.34 -5.26 8.22
CA CYS A 60 9.72 -3.96 8.45
C CYS A 60 9.58 -3.67 9.94
N ARG A 61 9.53 -4.72 10.75
CA ARG A 61 9.38 -4.56 12.20
C ARG A 61 10.12 -5.67 12.96
N ILE A 62 10.00 -5.65 14.28
CA ILE A 62 10.64 -6.64 15.13
C ILE A 62 10.32 -6.38 16.59
N ALA A 63 9.95 -7.44 17.30
CA ALA A 63 9.61 -7.32 18.70
C ALA A 63 10.78 -6.77 19.49
N ARG A 64 11.89 -7.50 19.52
CA ARG A 64 13.06 -7.05 20.25
C ARG A 64 14.34 -7.79 19.82
N GLY A 65 14.61 -8.92 20.47
CA GLY A 65 15.80 -9.68 20.16
C GLY A 65 15.87 -10.14 18.73
N ASP A 66 15.32 -11.32 18.49
CA ASP A 66 15.32 -11.94 17.16
C ASP A 66 14.75 -13.34 17.27
N TRP A 67 13.44 -13.44 17.15
CA TRP A 67 12.75 -14.72 17.27
C TRP A 67 12.01 -15.07 15.99
N ASN A 68 10.96 -14.31 15.73
CA ASN A 68 10.13 -14.52 14.55
C ASN A 68 10.35 -13.39 13.55
N ASP A 69 10.69 -12.21 14.06
CA ASP A 69 10.93 -11.05 13.22
C ASP A 69 9.68 -10.66 12.45
N ASP A 70 9.78 -9.52 11.78
CA ASP A 70 8.70 -9.03 10.97
C ASP A 70 9.18 -8.90 9.54
N TYR A 71 8.56 -9.65 8.64
CA TYR A 71 8.99 -9.64 7.25
C TYR A 71 7.85 -9.51 6.27
N CYS A 72 8.11 -8.76 5.20
CA CYS A 72 7.14 -8.57 4.14
C CYS A 72 6.92 -9.87 3.38
N THR A 73 5.82 -9.94 2.65
CA THR A 73 5.49 -11.14 1.88
C THR A 73 5.37 -10.83 0.39
N GLY A 74 5.82 -9.65 -0.01
CA GLY A 74 5.77 -9.26 -1.41
C GLY A 74 4.39 -9.47 -2.03
N LYS A 75 3.36 -9.45 -1.19
CA LYS A 75 2.00 -9.65 -1.67
C LYS A 75 1.01 -8.69 -1.00
N SER A 76 1.53 -7.73 -0.24
CA SER A 76 0.67 -6.77 0.44
C SER A 76 1.47 -5.62 1.05
N SER A 77 0.75 -4.60 1.52
CA SER A 77 1.38 -3.43 2.14
C SER A 77 1.58 -3.65 3.65
N ASP A 78 1.39 -4.88 4.10
CA ASP A 78 1.54 -5.20 5.51
C ASP A 78 2.73 -6.12 5.75
N CYS A 79 3.43 -5.89 6.86
CA CYS A 79 4.59 -6.68 7.23
C CYS A 79 4.34 -7.42 8.54
N PRO A 80 4.01 -8.72 8.49
CA PRO A 80 3.74 -9.53 9.68
C PRO A 80 4.99 -9.74 10.54
N TRP A 81 4.86 -9.44 11.84
CA TRP A 81 5.98 -9.59 12.78
C TRP A 81 5.92 -10.92 13.53
N ASN A 82 4.78 -11.57 13.47
CA ASN A 82 4.58 -12.86 14.13
C ASN A 82 4.77 -12.72 15.63
N HIS A 83 4.25 -11.64 16.20
CA HIS A 83 4.37 -11.39 17.64
C HIS A 83 3.04 -10.96 18.23
N SER A 1 -19.95 8.20 4.40
CA SER A 1 -18.70 8.32 5.21
C SER A 1 -17.59 9.00 4.42
N PRO A 2 -16.65 9.65 5.12
CA PRO A 2 -15.53 10.34 4.47
C PRO A 2 -14.74 9.45 3.51
N PRO A 3 -14.44 8.19 3.92
CA PRO A 3 -13.70 7.24 3.08
C PRO A 3 -14.41 6.93 1.77
N VAL A 4 -14.34 7.87 0.84
CA VAL A 4 -14.97 7.72 -0.46
C VAL A 4 -13.95 7.79 -1.59
N CYS A 5 -14.25 7.13 -2.70
CA CYS A 5 -13.35 7.16 -3.85
C CYS A 5 -13.55 8.46 -4.58
N GLY A 6 -12.84 9.48 -4.11
CA GLY A 6 -12.95 10.81 -4.66
C GLY A 6 -13.10 11.83 -3.57
N ASN A 7 -12.52 11.53 -2.41
CA ASN A 7 -12.57 12.40 -1.25
C ASN A 7 -11.15 12.73 -0.80
N LYS A 8 -10.18 12.15 -1.50
CA LYS A 8 -8.77 12.32 -1.22
C LYS A 8 -8.30 11.20 -0.31
N ILE A 9 -9.13 10.16 -0.22
CA ILE A 9 -8.84 9.00 0.58
C ILE A 9 -9.04 7.76 -0.27
N LEU A 10 -8.25 6.73 0.01
CA LEU A 10 -8.36 5.47 -0.72
C LEU A 10 -9.68 4.79 -0.40
N GLU A 11 -10.76 5.47 -0.76
CA GLU A 11 -12.13 4.98 -0.52
C GLU A 11 -12.18 3.92 0.58
N GLN A 12 -11.97 4.34 1.81
CA GLN A 12 -12.00 3.42 2.94
C GLN A 12 -11.11 2.20 2.71
N GLY A 13 -9.84 2.43 2.43
CA GLY A 13 -8.91 1.34 2.20
C GLY A 13 -9.15 0.61 0.89
N GLU A 14 -9.13 1.35 -0.21
CA GLU A 14 -9.34 0.79 -1.54
C GLU A 14 -8.01 0.45 -2.22
N ASP A 15 -6.93 1.05 -1.73
CA ASP A 15 -5.58 0.84 -2.27
C ASP A 15 -5.25 1.88 -3.33
N CYS A 16 -5.98 2.98 -3.32
CA CYS A 16 -5.77 4.06 -4.27
C CYS A 16 -6.57 5.28 -3.84
N ASP A 17 -5.89 6.25 -3.25
CA ASP A 17 -6.55 7.45 -2.79
C ASP A 17 -6.26 8.63 -3.71
N CYS A 18 -7.34 9.20 -4.27
CA CYS A 18 -7.22 10.33 -5.18
C CYS A 18 -8.54 11.11 -5.21
N GLY A 19 -8.45 12.42 -4.98
CA GLY A 19 -9.65 13.26 -4.99
C GLY A 19 -10.45 13.10 -6.27
N SER A 20 -9.76 13.18 -7.40
CA SER A 20 -10.41 13.05 -8.70
C SER A 20 -9.57 12.20 -9.64
N PRO A 21 -10.21 11.43 -10.54
CA PRO A 21 -9.50 10.58 -11.50
C PRO A 21 -8.56 11.40 -12.38
N ALA A 22 -8.93 12.65 -12.64
CA ALA A 22 -8.11 13.54 -13.45
C ALA A 22 -7.05 14.23 -12.62
N ASN A 23 -7.35 14.41 -11.32
CA ASN A 23 -6.43 15.06 -10.41
C ASN A 23 -5.83 14.04 -9.44
N CYS A 24 -5.85 12.78 -9.86
CA CYS A 24 -5.32 11.69 -9.05
C CYS A 24 -3.82 11.81 -8.91
N GLN A 25 -3.39 12.50 -7.86
CA GLN A 25 -1.98 12.71 -7.60
C GLN A 25 -1.29 11.40 -7.18
N ASP A 26 -1.45 10.37 -8.01
CA ASP A 26 -0.84 9.07 -7.75
C ASP A 26 -0.53 8.36 -9.07
N ARG A 27 0.71 8.49 -9.53
CA ARG A 27 1.14 7.88 -10.78
C ARG A 27 1.15 6.36 -10.69
N CYS A 28 1.05 5.82 -9.48
CA CYS A 28 1.06 4.38 -9.27
C CYS A 28 -0.29 3.88 -8.74
N CYS A 29 -1.36 4.58 -9.10
CA CYS A 29 -2.70 4.21 -8.67
C CYS A 29 -3.75 5.12 -9.31
N ASN A 30 -4.85 4.52 -9.77
CA ASN A 30 -5.92 5.29 -10.40
C ASN A 30 -7.19 5.28 -9.53
N ALA A 31 -7.76 6.47 -9.31
CA ALA A 31 -8.96 6.61 -8.50
C ALA A 31 -10.18 6.01 -9.19
N ALA A 32 -10.20 6.11 -10.53
CA ALA A 32 -11.31 5.58 -11.32
C ALA A 32 -11.65 4.14 -10.92
N THR A 33 -10.66 3.43 -10.37
CA THR A 33 -10.85 2.06 -9.95
C THR A 33 -10.64 1.93 -8.44
N CYS A 34 -9.89 2.87 -7.88
CA CYS A 34 -9.59 2.87 -6.46
C CYS A 34 -8.62 1.75 -6.16
N LYS A 35 -7.61 1.62 -7.02
CA LYS A 35 -6.59 0.60 -6.87
C LYS A 35 -5.32 0.99 -7.61
N LEU A 36 -4.24 0.25 -7.35
CA LEU A 36 -2.96 0.49 -7.99
C LEU A 36 -3.08 0.48 -9.51
N THR A 37 -2.26 1.29 -10.17
CA THR A 37 -2.27 1.36 -11.63
C THR A 37 -1.34 0.31 -12.22
N PRO A 38 -1.50 -0.01 -13.51
CA PRO A 38 -0.66 -1.01 -14.19
C PRO A 38 0.83 -0.78 -13.91
N GLY A 39 1.45 -1.74 -13.25
CA GLY A 39 2.86 -1.62 -12.92
C GLY A 39 3.08 -1.33 -11.45
N SER A 40 2.08 -0.74 -10.80
CA SER A 40 2.16 -0.41 -9.39
C SER A 40 1.77 -1.60 -8.52
N GLN A 41 2.68 -2.00 -7.64
CA GLN A 41 2.42 -3.14 -6.76
C GLN A 41 2.32 -2.73 -5.29
N CYS A 42 2.28 -1.43 -5.01
CA CYS A 42 2.20 -0.96 -3.64
C CYS A 42 1.59 0.44 -3.53
N ASN A 43 2.21 1.41 -4.18
CA ASN A 43 1.75 2.80 -4.14
C ASN A 43 1.34 3.25 -2.73
N TYR A 44 1.86 2.54 -1.72
CA TYR A 44 1.56 2.84 -0.32
C TYR A 44 1.92 1.64 0.56
N GLY A 45 1.94 1.85 1.88
CA GLY A 45 2.24 0.77 2.79
C GLY A 45 3.73 0.57 2.99
N GLU A 46 4.07 -0.20 4.02
CA GLU A 46 5.47 -0.48 4.34
C GLU A 46 6.14 -1.28 3.23
N CYS A 47 5.44 -2.29 2.72
CA CYS A 47 5.98 -3.13 1.67
C CYS A 47 6.31 -2.34 0.40
N CYS A 48 5.80 -1.12 0.29
CA CYS A 48 6.06 -0.33 -0.90
C CYS A 48 7.52 0.08 -1.01
N ASP A 49 8.05 -0.08 -2.21
CA ASP A 49 9.43 0.26 -2.52
C ASP A 49 9.61 0.32 -4.03
N GLN A 50 9.79 1.52 -4.57
CA GLN A 50 9.94 1.70 -6.01
C GLN A 50 8.66 1.25 -6.72
N CYS A 51 7.53 1.45 -6.05
CA CYS A 51 6.24 1.07 -6.59
C CYS A 51 6.10 -0.44 -6.71
N ARG A 52 6.75 -1.17 -5.79
CA ARG A 52 6.70 -2.63 -5.79
C ARG A 52 6.73 -3.17 -4.36
N PHE A 53 5.95 -4.22 -4.10
CA PHE A 53 5.89 -4.81 -2.78
C PHE A 53 7.22 -5.44 -2.37
N LYS A 54 7.64 -5.15 -1.15
CA LYS A 54 8.88 -5.70 -0.63
C LYS A 54 8.83 -7.22 -0.64
N LYS A 55 9.46 -7.82 -1.65
CA LYS A 55 9.49 -9.27 -1.83
C LYS A 55 9.36 -10.03 -0.50
N ALA A 56 8.54 -11.07 -0.51
CA ALA A 56 8.34 -11.89 0.68
C ALA A 56 9.68 -12.23 1.30
N GLY A 57 9.83 -11.89 2.56
CA GLY A 57 11.08 -12.16 3.25
C GLY A 57 11.81 -10.88 3.57
N THR A 58 11.16 -9.74 3.29
CA THR A 58 11.74 -8.45 3.57
C THR A 58 11.38 -7.97 4.98
N VAL A 59 12.39 -7.64 5.77
CA VAL A 59 12.15 -7.14 7.12
C VAL A 59 11.83 -5.66 7.09
N CYS A 60 10.64 -5.30 7.56
CA CYS A 60 10.24 -3.89 7.54
C CYS A 60 9.75 -3.40 8.91
N ARG A 61 9.71 -4.29 9.89
CA ARG A 61 9.25 -3.92 11.23
C ARG A 61 9.87 -4.81 12.30
N ILE A 62 9.49 -4.58 13.55
CA ILE A 62 10.00 -5.35 14.67
C ILE A 62 9.08 -5.22 15.87
N ALA A 63 8.63 -6.36 16.39
CA ALA A 63 7.74 -6.37 17.54
C ALA A 63 8.29 -5.53 18.68
N ARG A 64 9.30 -6.06 19.37
CA ARG A 64 9.91 -5.35 20.49
C ARG A 64 11.22 -6.01 20.91
N GLY A 65 12.12 -6.18 19.96
CA GLY A 65 13.41 -6.80 20.25
C GLY A 65 13.99 -7.51 19.05
N ASP A 66 13.93 -8.85 19.08
CA ASP A 66 14.45 -9.65 17.99
C ASP A 66 14.15 -11.13 18.20
N TRP A 67 12.95 -11.54 17.85
CA TRP A 67 12.52 -12.93 17.99
C TRP A 67 12.15 -13.51 16.64
N ASN A 68 11.06 -13.01 16.09
CA ASN A 68 10.58 -13.45 14.79
C ASN A 68 10.86 -12.38 13.73
N ASP A 69 10.95 -11.13 14.17
CA ASP A 69 11.22 -10.02 13.27
C ASP A 69 10.09 -9.85 12.26
N ASP A 70 9.69 -8.61 12.03
CA ASP A 70 8.61 -8.33 11.09
C ASP A 70 9.11 -8.48 9.66
N TYR A 71 8.40 -9.30 8.89
CA TYR A 71 8.77 -9.55 7.51
C TYR A 71 7.58 -9.47 6.58
N CYS A 72 7.76 -8.82 5.44
CA CYS A 72 6.69 -8.70 4.47
C CYS A 72 6.47 -10.02 3.75
N THR A 73 5.59 -10.01 2.77
CA THR A 73 5.28 -11.22 2.02
C THR A 73 5.32 -10.97 0.51
N GLY A 74 5.78 -9.79 0.12
CA GLY A 74 5.85 -9.46 -1.29
C GLY A 74 4.52 -9.63 -2.02
N LYS A 75 3.43 -9.62 -1.27
CA LYS A 75 2.11 -9.77 -1.85
C LYS A 75 1.20 -8.59 -1.51
N SER A 76 1.46 -7.96 -0.37
CA SER A 76 0.67 -6.83 0.07
C SER A 76 1.58 -5.73 0.63
N SER A 77 0.98 -4.59 0.94
CA SER A 77 1.74 -3.45 1.49
C SER A 77 1.86 -3.56 3.01
N ASP A 78 1.47 -4.71 3.56
CA ASP A 78 1.53 -4.92 5.00
C ASP A 78 2.73 -5.78 5.38
N CYS A 79 3.34 -5.44 6.51
CA CYS A 79 4.50 -6.16 7.02
C CYS A 79 4.20 -6.80 8.37
N PRO A 80 3.88 -8.11 8.37
CA PRO A 80 3.57 -8.84 9.61
C PRO A 80 4.79 -9.03 10.52
N TRP A 81 4.61 -8.80 11.82
CA TRP A 81 5.69 -8.95 12.80
C TRP A 81 6.38 -10.30 12.65
N ASN A 82 5.64 -11.28 12.14
CA ASN A 82 6.11 -12.65 11.96
C ASN A 82 5.86 -13.46 13.22
N HIS A 83 4.87 -13.02 13.99
CA HIS A 83 4.52 -13.68 15.24
C HIS A 83 3.21 -14.46 15.11
N SER A 1 -14.82 12.74 2.93
CA SER A 1 -15.24 12.10 4.21
C SER A 1 -15.70 10.66 3.99
N PRO A 2 -16.74 10.46 3.17
CA PRO A 2 -17.27 9.11 2.89
C PRO A 2 -16.29 8.24 2.11
N PRO A 3 -16.49 6.91 2.12
CA PRO A 3 -15.63 5.96 1.42
C PRO A 3 -15.95 5.89 -0.07
N VAL A 4 -15.81 7.01 -0.76
CA VAL A 4 -16.11 7.10 -2.18
C VAL A 4 -14.91 7.53 -3.01
N CYS A 5 -14.89 7.09 -4.27
CA CYS A 5 -13.83 7.45 -5.20
C CYS A 5 -14.09 8.86 -5.72
N GLY A 6 -13.59 9.82 -4.98
CA GLY A 6 -13.78 11.22 -5.30
C GLY A 6 -13.97 12.04 -4.05
N ASN A 7 -13.38 11.56 -2.96
CA ASN A 7 -13.45 12.20 -1.67
C ASN A 7 -12.06 12.27 -1.06
N LYS A 8 -11.05 12.05 -1.90
CA LYS A 8 -9.66 12.05 -1.47
C LYS A 8 -9.40 10.87 -0.55
N ILE A 9 -10.34 9.91 -0.55
CA ILE A 9 -10.22 8.71 0.25
C ILE A 9 -9.99 7.51 -0.66
N LEU A 10 -9.31 6.50 -0.15
CA LEU A 10 -9.02 5.31 -0.94
C LEU A 10 -10.27 4.44 -1.09
N GLU A 11 -11.37 5.06 -1.55
CA GLU A 11 -12.62 4.34 -1.72
C GLU A 11 -12.78 3.28 -0.65
N GLN A 12 -13.11 3.73 0.54
CA GLN A 12 -13.26 2.82 1.66
C GLN A 12 -11.95 2.06 1.93
N GLY A 13 -11.71 1.02 1.13
CA GLY A 13 -10.50 0.23 1.26
C GLY A 13 -9.98 -0.21 -0.10
N GLU A 14 -10.06 0.69 -1.07
CA GLU A 14 -9.64 0.41 -2.43
C GLU A 14 -8.11 0.38 -2.55
N ASP A 15 -7.46 1.38 -1.95
CA ASP A 15 -6.00 1.52 -1.98
C ASP A 15 -5.57 2.40 -3.14
N CYS A 16 -6.36 3.45 -3.35
CA CYS A 16 -6.11 4.41 -4.41
C CYS A 16 -7.04 5.60 -4.25
N ASP A 17 -6.62 6.58 -3.48
CA ASP A 17 -7.44 7.76 -3.23
C ASP A 17 -7.05 8.93 -4.12
N CYS A 18 -8.06 9.51 -4.77
CA CYS A 18 -7.86 10.66 -5.65
C CYS A 18 -9.17 11.40 -5.84
N GLY A 19 -9.16 12.70 -5.58
CA GLY A 19 -10.36 13.51 -5.72
C GLY A 19 -11.00 13.37 -7.09
N SER A 20 -10.20 13.57 -8.14
CA SER A 20 -10.69 13.47 -9.51
C SER A 20 -9.68 12.74 -10.40
N PRO A 21 -10.17 11.86 -11.30
CA PRO A 21 -9.30 11.12 -12.22
C PRO A 21 -8.27 12.01 -12.90
N ALA A 22 -8.65 13.26 -13.15
CA ALA A 22 -7.76 14.21 -13.79
C ALA A 22 -6.86 14.89 -12.76
N ASN A 23 -7.35 14.95 -11.53
CA ASN A 23 -6.59 15.57 -10.44
C ASN A 23 -6.08 14.50 -9.47
N CYS A 24 -5.97 13.27 -9.97
CA CYS A 24 -5.49 12.17 -9.17
C CYS A 24 -4.00 12.32 -8.86
N GLN A 25 -3.71 13.05 -7.79
CA GLN A 25 -2.33 13.28 -7.38
C GLN A 25 -1.69 12.01 -6.83
N ASP A 26 -1.73 10.93 -7.62
CA ASP A 26 -1.14 9.66 -7.22
C ASP A 26 -0.58 8.93 -8.43
N ARG A 27 0.72 9.08 -8.66
CA ARG A 27 1.39 8.44 -9.79
C ARG A 27 1.33 6.93 -9.67
N CYS A 28 1.21 6.43 -8.44
CA CYS A 28 1.16 5.00 -8.21
C CYS A 28 -0.27 4.53 -7.92
N CYS A 29 -1.25 5.32 -8.37
CA CYS A 29 -2.66 4.97 -8.14
C CYS A 29 -3.56 5.71 -9.14
N ASN A 30 -4.54 4.99 -9.67
CA ASN A 30 -5.48 5.56 -10.62
C ASN A 30 -6.89 5.66 -10.01
N ALA A 31 -7.41 6.89 -9.95
CA ALA A 31 -8.74 7.13 -9.38
C ALA A 31 -9.83 6.46 -10.22
N ALA A 32 -9.71 6.60 -11.54
CA ALA A 32 -10.68 6.02 -12.47
C ALA A 32 -10.93 4.54 -12.18
N THR A 33 -10.00 3.90 -11.47
CA THR A 33 -10.12 2.49 -11.14
C THR A 33 -10.21 2.31 -9.63
N CYS A 34 -9.72 3.30 -8.90
CA CYS A 34 -9.72 3.24 -7.45
C CYS A 34 -8.84 2.08 -7.00
N LYS A 35 -7.66 2.00 -7.61
CA LYS A 35 -6.70 0.96 -7.28
C LYS A 35 -5.29 1.38 -7.71
N LEU A 36 -4.30 0.56 -7.36
CA LEU A 36 -2.93 0.85 -7.71
C LEU A 36 -2.76 0.90 -9.23
N THR A 37 -2.01 1.88 -9.70
CA THR A 37 -1.78 2.04 -11.13
C THR A 37 -1.23 0.75 -11.75
N PRO A 38 -1.30 0.62 -13.08
CA PRO A 38 -0.81 -0.56 -13.79
C PRO A 38 0.64 -0.86 -13.46
N GLY A 39 0.87 -2.02 -12.83
CA GLY A 39 2.22 -2.41 -12.46
C GLY A 39 2.61 -1.90 -11.09
N SER A 40 1.62 -1.67 -10.24
CA SER A 40 1.86 -1.18 -8.89
C SER A 40 1.03 -1.94 -7.86
N GLN A 41 1.70 -2.44 -6.82
CA GLN A 41 1.02 -3.20 -5.78
C GLN A 41 1.05 -2.44 -4.46
N CYS A 42 2.11 -1.67 -4.24
CA CYS A 42 2.26 -0.91 -3.01
C CYS A 42 2.49 0.57 -3.30
N ASN A 43 1.44 1.37 -3.17
CA ASN A 43 1.52 2.80 -3.42
C ASN A 43 1.72 3.58 -2.12
N TYR A 44 1.73 2.87 -1.00
CA TYR A 44 1.92 3.50 0.31
C TYR A 44 1.86 2.43 1.40
N GLY A 45 2.86 2.44 2.28
CA GLY A 45 2.93 1.46 3.34
C GLY A 45 4.35 0.95 3.57
N GLU A 46 4.55 0.24 4.67
CA GLU A 46 5.86 -0.29 5.03
C GLU A 46 6.44 -1.22 3.96
N CYS A 47 5.60 -2.13 3.45
CA CYS A 47 6.04 -3.10 2.46
C CYS A 47 6.30 -2.48 1.08
N CYS A 48 5.83 -1.26 0.86
CA CYS A 48 6.02 -0.62 -0.43
C CYS A 48 7.47 -0.27 -0.72
N ASP A 49 7.84 -0.45 -1.98
CA ASP A 49 9.20 -0.17 -2.45
C ASP A 49 9.20 -0.17 -3.97
N GLN A 50 9.30 1.03 -4.56
CA GLN A 50 9.30 1.16 -6.01
C GLN A 50 7.95 0.74 -6.57
N CYS A 51 6.89 1.02 -5.81
CA CYS A 51 5.53 0.67 -6.22
C CYS A 51 5.35 -0.85 -6.29
N ARG A 52 6.15 -1.57 -5.51
CA ARG A 52 6.06 -3.03 -5.48
C ARG A 52 6.18 -3.53 -4.05
N PHE A 53 5.40 -4.56 -3.70
CA PHE A 53 5.43 -5.11 -2.35
C PHE A 53 6.81 -5.66 -2.02
N LYS A 54 7.28 -5.36 -0.83
CA LYS A 54 8.58 -5.84 -0.39
C LYS A 54 8.61 -7.36 -0.34
N LYS A 55 9.08 -7.97 -1.43
CA LYS A 55 9.15 -9.43 -1.55
C LYS A 55 9.23 -10.11 -0.19
N ALA A 56 8.36 -11.09 0.02
CA ALA A 56 8.33 -11.82 1.29
C ALA A 56 9.73 -12.13 1.78
N GLY A 57 10.02 -11.75 3.01
CA GLY A 57 11.33 -11.97 3.56
C GLY A 57 12.04 -10.66 3.87
N THR A 58 11.45 -9.56 3.43
CA THR A 58 12.01 -8.24 3.68
C THR A 58 11.65 -7.77 5.09
N VAL A 59 12.65 -7.73 5.97
CA VAL A 59 12.42 -7.31 7.34
C VAL A 59 12.09 -5.82 7.43
N CYS A 60 10.92 -5.50 7.93
CA CYS A 60 10.50 -4.10 8.07
C CYS A 60 10.56 -3.66 9.53
N ARG A 61 10.44 -4.62 10.44
CA ARG A 61 10.47 -4.34 11.87
C ARG A 61 10.98 -5.54 12.68
N ILE A 62 11.21 -5.31 13.96
CA ILE A 62 11.69 -6.36 14.86
C ILE A 62 11.36 -5.98 16.31
N ALA A 63 10.72 -6.89 17.01
CA ALA A 63 10.34 -6.65 18.41
C ALA A 63 11.49 -6.04 19.20
N ARG A 64 12.53 -6.86 19.44
CA ARG A 64 13.70 -6.39 20.17
C ARG A 64 14.72 -7.50 20.35
N GLY A 65 15.36 -7.89 19.26
CA GLY A 65 16.36 -8.95 19.33
C GLY A 65 16.43 -9.76 18.06
N ASP A 66 16.04 -11.04 18.16
CA ASP A 66 16.05 -11.94 17.02
C ASP A 66 15.32 -13.23 17.33
N TRP A 67 13.99 -13.19 17.23
CA TRP A 67 13.15 -14.35 17.49
C TRP A 67 12.35 -14.71 16.26
N ASN A 68 11.40 -13.85 15.92
CA ASN A 68 10.55 -14.05 14.75
C ASN A 68 10.82 -12.97 13.72
N ASP A 69 11.10 -11.76 14.20
CA ASP A 69 11.39 -10.63 13.33
C ASP A 69 10.21 -10.30 12.43
N ASP A 70 10.04 -9.03 12.12
CA ASP A 70 8.95 -8.59 11.26
C ASP A 70 9.36 -8.73 9.79
N TYR A 71 8.52 -9.42 9.02
CA TYR A 71 8.84 -9.63 7.61
C TYR A 71 7.64 -9.45 6.70
N CYS A 72 7.90 -8.87 5.54
CA CYS A 72 6.87 -8.64 4.54
C CYS A 72 6.42 -9.96 3.93
N THR A 73 5.27 -9.95 3.27
CA THR A 73 4.74 -11.16 2.66
C THR A 73 4.54 -10.99 1.15
N GLY A 74 5.09 -9.91 0.60
CA GLY A 74 4.96 -9.64 -0.82
C GLY A 74 3.53 -9.74 -1.32
N LYS A 75 2.58 -9.52 -0.42
CA LYS A 75 1.17 -9.60 -0.78
C LYS A 75 0.38 -8.40 -0.24
N SER A 76 1.06 -7.46 0.40
CA SER A 76 0.39 -6.29 0.95
C SER A 76 1.39 -5.22 1.39
N SER A 77 0.86 -4.07 1.78
CA SER A 77 1.69 -2.95 2.24
C SER A 77 1.95 -3.05 3.74
N ASP A 78 1.63 -4.20 4.33
CA ASP A 78 1.83 -4.40 5.76
C ASP A 78 2.94 -5.42 6.02
N CYS A 79 3.72 -5.16 7.06
CA CYS A 79 4.82 -6.04 7.44
C CYS A 79 4.60 -6.58 8.85
N PRO A 80 4.12 -7.84 8.97
CA PRO A 80 3.86 -8.47 10.27
C PRO A 80 5.14 -8.80 11.04
N TRP A 81 5.10 -8.60 12.36
CA TRP A 81 6.25 -8.88 13.23
C TRP A 81 6.59 -10.36 13.23
N ASN A 82 5.64 -11.18 12.80
CA ASN A 82 5.80 -12.62 12.81
C ASN A 82 5.66 -13.14 14.24
N HIS A 83 4.96 -12.35 15.05
CA HIS A 83 4.75 -12.68 16.46
C HIS A 83 3.37 -13.30 16.67
N SER A 1 -15.16 11.51 7.24
CA SER A 1 -14.33 11.21 6.05
C SER A 1 -15.05 10.24 5.11
N PRO A 2 -15.95 10.76 4.25
CA PRO A 2 -16.71 9.94 3.30
C PRO A 2 -15.80 9.01 2.49
N PRO A 3 -15.81 7.70 2.80
CA PRO A 3 -14.98 6.72 2.08
C PRO A 3 -15.46 6.50 0.65
N VAL A 4 -15.36 7.56 -0.15
CA VAL A 4 -15.78 7.50 -1.55
C VAL A 4 -14.62 7.83 -2.48
N CYS A 5 -14.67 7.28 -3.70
CA CYS A 5 -13.63 7.54 -4.67
C CYS A 5 -13.88 8.90 -5.30
N GLY A 6 -13.29 9.91 -4.67
CA GLY A 6 -13.46 11.27 -5.10
C GLY A 6 -13.57 12.20 -3.91
N ASN A 7 -12.94 11.80 -2.81
CA ASN A 7 -12.94 12.55 -1.57
C ASN A 7 -11.51 12.64 -1.04
N LYS A 8 -10.55 12.31 -1.89
CA LYS A 8 -9.15 12.31 -1.53
C LYS A 8 -8.84 11.16 -0.57
N ILE A 9 -9.80 10.25 -0.44
CA ILE A 9 -9.65 9.07 0.40
C ILE A 9 -9.53 7.84 -0.49
N LEU A 10 -8.86 6.82 0.00
CA LEU A 10 -8.70 5.59 -0.77
C LEU A 10 -10.01 4.83 -0.83
N GLU A 11 -11.09 5.54 -1.16
CA GLU A 11 -12.40 4.92 -1.25
C GLU A 11 -12.56 3.85 -0.18
N GLN A 12 -12.76 4.28 1.05
CA GLN A 12 -12.91 3.36 2.17
C GLN A 12 -11.60 2.61 2.42
N GLY A 13 -11.34 1.62 1.58
CA GLY A 13 -10.12 0.83 1.70
C GLY A 13 -9.72 0.25 0.36
N GLU A 14 -9.95 1.03 -0.68
CA GLU A 14 -9.67 0.63 -2.05
C GLU A 14 -8.17 0.49 -2.31
N ASP A 15 -7.39 1.44 -1.78
CA ASP A 15 -5.93 1.46 -1.95
C ASP A 15 -5.55 2.31 -3.15
N CYS A 16 -6.29 3.39 -3.31
CA CYS A 16 -6.06 4.34 -4.41
C CYS A 16 -6.95 5.55 -4.21
N ASP A 17 -6.41 6.58 -3.56
CA ASP A 17 -7.16 7.78 -3.29
C ASP A 17 -6.81 8.92 -4.25
N CYS A 18 -7.84 9.51 -4.84
CA CYS A 18 -7.67 10.61 -5.77
C CYS A 18 -8.97 11.40 -5.87
N GLY A 19 -8.88 12.72 -5.66
CA GLY A 19 -10.07 13.56 -5.73
C GLY A 19 -10.82 13.40 -7.04
N SER A 20 -10.09 13.47 -8.14
CA SER A 20 -10.69 13.32 -9.46
C SER A 20 -9.80 12.46 -10.36
N PRO A 21 -10.40 11.59 -11.20
CA PRO A 21 -9.65 10.74 -12.11
C PRO A 21 -8.70 11.52 -12.99
N ALA A 22 -9.06 12.77 -13.27
CA ALA A 22 -8.23 13.65 -14.08
C ALA A 22 -7.17 14.34 -13.25
N ASN A 23 -7.49 14.56 -11.97
CA ASN A 23 -6.55 15.21 -11.05
C ASN A 23 -6.01 14.18 -10.06
N CYS A 24 -6.06 12.91 -10.44
CA CYS A 24 -5.57 11.83 -9.59
C CYS A 24 -4.08 11.96 -9.38
N GLN A 25 -3.70 12.69 -8.35
CA GLN A 25 -2.29 12.90 -8.01
C GLN A 25 -1.65 11.62 -7.50
N ASP A 26 -1.76 10.54 -8.28
CA ASP A 26 -1.17 9.26 -7.91
C ASP A 26 -0.78 8.48 -9.16
N ARG A 27 0.49 8.59 -9.55
CA ARG A 27 0.99 7.90 -10.73
C ARG A 27 0.87 6.39 -10.59
N CYS A 28 0.95 5.90 -9.37
CA CYS A 28 0.84 4.47 -9.11
C CYS A 28 -0.54 4.11 -8.57
N CYS A 29 -1.55 4.89 -8.96
CA CYS A 29 -2.91 4.64 -8.52
C CYS A 29 -3.91 5.42 -9.38
N ASN A 30 -4.93 4.71 -9.87
CA ASN A 30 -5.96 5.33 -10.71
C ASN A 30 -7.29 5.40 -9.96
N ALA A 31 -7.87 6.59 -9.89
CA ALA A 31 -9.14 6.81 -9.20
C ALA A 31 -10.28 6.13 -9.95
N ALA A 32 -10.20 6.16 -11.28
CA ALA A 32 -11.22 5.55 -12.13
C ALA A 32 -11.39 4.06 -11.82
N THR A 33 -10.38 3.48 -11.18
CA THR A 33 -10.43 2.07 -10.82
C THR A 33 -10.41 1.91 -9.30
N CYS A 34 -9.93 2.94 -8.62
CA CYS A 34 -9.85 2.93 -7.17
C CYS A 34 -8.88 1.85 -6.71
N LYS A 35 -7.74 1.79 -7.40
CA LYS A 35 -6.70 0.81 -7.08
C LYS A 35 -5.36 1.23 -7.66
N LEU A 36 -4.32 0.47 -7.36
CA LEU A 36 -2.99 0.77 -7.86
C LEU A 36 -2.92 0.58 -9.37
N THR A 37 -2.32 1.53 -10.06
CA THR A 37 -2.19 1.45 -11.52
C THR A 37 -1.38 0.22 -11.93
N PRO A 38 -1.53 -0.20 -13.20
CA PRO A 38 -0.80 -1.37 -13.72
C PRO A 38 0.70 -1.28 -13.47
N GLY A 39 1.22 -2.21 -12.67
CA GLY A 39 2.64 -2.21 -12.37
C GLY A 39 2.93 -1.85 -10.93
N SER A 40 2.02 -1.09 -10.32
CA SER A 40 2.19 -0.68 -8.93
C SER A 40 1.37 -1.56 -8.00
N GLN A 41 2.04 -2.17 -7.03
CA GLN A 41 1.38 -3.05 -6.07
C GLN A 41 1.31 -2.40 -4.69
N CYS A 42 2.26 -1.53 -4.40
CA CYS A 42 2.31 -0.84 -3.12
C CYS A 42 2.45 0.67 -3.29
N ASN A 43 1.32 1.38 -3.21
CA ASN A 43 1.32 2.83 -3.35
C ASN A 43 1.37 3.51 -1.98
N TYR A 44 1.40 2.71 -0.92
CA TYR A 44 1.45 3.23 0.44
C TYR A 44 1.45 2.07 1.44
N GLY A 45 2.37 2.12 2.39
CA GLY A 45 2.48 1.06 3.38
C GLY A 45 3.92 0.63 3.60
N GLU A 46 4.13 -0.12 4.68
CA GLU A 46 5.48 -0.58 5.04
C GLU A 46 6.12 -1.44 3.94
N CYS A 47 5.35 -2.38 3.40
CA CYS A 47 5.86 -3.28 2.38
C CYS A 47 6.19 -2.57 1.06
N CYS A 48 5.71 -1.35 0.89
CA CYS A 48 5.96 -0.61 -0.34
C CYS A 48 7.41 -0.21 -0.52
N ASP A 49 7.81 -0.13 -1.79
CA ASP A 49 9.16 0.25 -2.16
C ASP A 49 9.26 0.32 -3.69
N GLN A 50 9.35 1.53 -4.22
CA GLN A 50 9.41 1.72 -5.67
C GLN A 50 8.09 1.31 -6.30
N CYS A 51 6.99 1.54 -5.59
CA CYS A 51 5.66 1.20 -6.06
C CYS A 51 5.49 -0.31 -6.20
N ARG A 52 6.28 -1.07 -5.45
CA ARG A 52 6.21 -2.52 -5.49
C ARG A 52 6.34 -3.10 -4.08
N PHE A 53 5.75 -4.28 -3.86
CA PHE A 53 5.80 -4.91 -2.55
C PHE A 53 7.20 -5.38 -2.24
N LYS A 54 7.60 -5.20 -0.99
CA LYS A 54 8.92 -5.63 -0.54
C LYS A 54 9.05 -7.14 -0.62
N LYS A 55 9.94 -7.63 -1.47
CA LYS A 55 10.13 -9.06 -1.64
C LYS A 55 10.11 -9.77 -0.28
N ALA A 56 9.20 -10.75 -0.14
CA ALA A 56 9.08 -11.49 1.11
C ALA A 56 10.44 -11.75 1.73
N GLY A 57 10.59 -11.35 2.98
CA GLY A 57 11.86 -11.51 3.65
C GLY A 57 12.48 -10.18 4.03
N THR A 58 11.87 -9.09 3.53
CA THR A 58 12.33 -7.75 3.83
C THR A 58 11.87 -7.33 5.22
N VAL A 59 12.80 -7.32 6.18
CA VAL A 59 12.46 -6.94 7.54
C VAL A 59 12.00 -5.48 7.62
N CYS A 60 10.80 -5.27 8.13
CA CYS A 60 10.24 -3.93 8.25
C CYS A 60 9.99 -3.56 9.72
N ARG A 61 9.92 -4.57 10.57
CA ARG A 61 9.69 -4.36 12.00
C ARG A 61 10.28 -5.48 12.84
N ILE A 62 10.35 -5.26 14.15
CA ILE A 62 10.89 -6.24 15.08
C ILE A 62 10.34 -5.99 16.48
N ALA A 63 9.70 -7.01 17.05
CA ALA A 63 9.12 -6.89 18.39
C ALA A 63 10.09 -6.22 19.36
N ARG A 64 11.15 -6.92 19.71
CA ARG A 64 12.15 -6.37 20.64
C ARG A 64 13.28 -7.35 20.90
N GLY A 65 14.08 -7.62 19.87
CA GLY A 65 15.19 -8.54 20.01
C GLY A 65 15.50 -9.27 18.72
N ASP A 66 15.25 -10.58 18.71
CA ASP A 66 15.50 -11.39 17.53
C ASP A 66 14.90 -12.79 17.69
N TRP A 67 13.61 -12.90 17.42
CA TRP A 67 12.90 -14.17 17.54
C TRP A 67 12.30 -14.55 16.19
N ASN A 68 11.30 -13.80 15.78
CA ASN A 68 10.63 -14.04 14.50
C ASN A 68 10.89 -12.88 13.54
N ASP A 69 10.96 -11.67 14.11
CA ASP A 69 11.21 -10.47 13.31
C ASP A 69 10.10 -10.23 12.31
N ASP A 70 9.75 -8.97 12.12
CA ASP A 70 8.71 -8.60 11.18
C ASP A 70 9.24 -8.65 9.75
N TYR A 71 8.49 -9.30 8.87
CA TYR A 71 8.92 -9.44 7.49
C TYR A 71 7.80 -9.27 6.49
N CYS A 72 8.11 -8.61 5.38
CA CYS A 72 7.17 -8.39 4.31
C CYS A 72 6.84 -9.72 3.63
N THR A 73 5.74 -9.76 2.88
CA THR A 73 5.34 -10.99 2.20
C THR A 73 5.27 -10.82 0.69
N GLY A 74 5.71 -9.67 0.19
CA GLY A 74 5.68 -9.40 -1.24
C GLY A 74 4.31 -9.62 -1.85
N LYS A 75 3.27 -9.55 -1.02
CA LYS A 75 1.90 -9.75 -1.50
C LYS A 75 0.95 -8.71 -0.91
N SER A 76 1.50 -7.70 -0.23
CA SER A 76 0.68 -6.66 0.38
C SER A 76 1.54 -5.53 0.93
N SER A 77 0.89 -4.46 1.36
CA SER A 77 1.59 -3.30 1.92
C SER A 77 1.76 -3.45 3.43
N ASP A 78 1.50 -4.65 3.94
CA ASP A 78 1.61 -4.91 5.37
C ASP A 78 2.81 -5.79 5.70
N CYS A 79 3.48 -5.45 6.79
CA CYS A 79 4.65 -6.20 7.25
C CYS A 79 4.36 -6.85 8.61
N PRO A 80 3.98 -8.13 8.63
CA PRO A 80 3.66 -8.85 9.88
C PRO A 80 4.89 -9.13 10.75
N TRP A 81 4.76 -8.82 12.04
CA TRP A 81 5.86 -9.04 13.01
C TRP A 81 6.45 -10.43 12.87
N ASN A 82 5.62 -11.36 12.39
CA ASN A 82 6.01 -12.76 12.21
C ASN A 82 5.83 -13.51 13.53
N HIS A 83 4.88 -13.04 14.34
CA HIS A 83 4.61 -13.66 15.63
C HIS A 83 3.36 -14.53 15.56
N SER A 1 -10.77 8.67 7.90
CA SER A 1 -12.15 8.60 8.46
C SER A 1 -13.22 8.62 7.35
N PRO A 2 -13.16 9.63 6.47
CA PRO A 2 -14.13 9.76 5.37
C PRO A 2 -13.77 8.87 4.18
N PRO A 3 -14.58 7.84 3.90
CA PRO A 3 -14.36 6.93 2.81
C PRO A 3 -15.12 7.34 1.55
N VAL A 4 -14.47 8.13 0.70
CA VAL A 4 -15.08 8.60 -0.53
C VAL A 4 -14.29 8.13 -1.75
N CYS A 5 -14.85 7.20 -2.50
CA CYS A 5 -14.21 6.69 -3.70
C CYS A 5 -14.45 7.66 -4.84
N GLY A 6 -13.41 8.37 -5.24
CA GLY A 6 -13.54 9.36 -6.29
C GLY A 6 -13.48 10.75 -5.71
N ASN A 7 -12.78 10.86 -4.59
CA ASN A 7 -12.61 12.13 -3.89
C ASN A 7 -11.12 12.36 -3.63
N LYS A 8 -10.30 11.52 -4.24
CA LYS A 8 -8.86 11.60 -4.08
C LYS A 8 -8.45 11.12 -2.70
N ILE A 9 -9.36 10.40 -2.03
CA ILE A 9 -9.09 9.89 -0.70
C ILE A 9 -8.91 8.37 -0.74
N LEU A 10 -7.83 7.91 -0.15
CA LEU A 10 -7.59 6.47 -0.07
C LEU A 10 -8.24 5.96 1.20
N GLU A 11 -9.56 6.16 1.29
CA GLU A 11 -10.30 5.74 2.47
C GLU A 11 -11.45 4.82 2.07
N GLN A 12 -12.19 5.21 1.03
CA GLN A 12 -13.32 4.38 0.57
C GLN A 12 -12.83 3.04 0.01
N GLY A 13 -12.24 2.22 0.88
CA GLY A 13 -11.74 0.90 0.49
C GLY A 13 -11.13 0.86 -0.90
N GLU A 14 -10.47 1.95 -1.30
CA GLU A 14 -9.86 2.02 -2.61
C GLU A 14 -8.36 1.70 -2.56
N ASP A 15 -7.66 2.29 -1.60
CA ASP A 15 -6.23 2.07 -1.45
C ASP A 15 -5.45 2.75 -2.58
N CYS A 16 -6.15 3.58 -3.36
CA CYS A 16 -5.54 4.30 -4.49
C CYS A 16 -6.61 4.86 -5.40
N ASP A 17 -7.11 6.05 -5.07
CA ASP A 17 -8.14 6.69 -5.87
C ASP A 17 -7.82 8.16 -6.11
N CYS A 18 -8.47 8.72 -7.12
CA CYS A 18 -8.28 10.12 -7.47
C CYS A 18 -9.62 10.86 -7.44
N GLY A 19 -9.59 12.11 -7.01
CA GLY A 19 -10.82 12.89 -6.94
C GLY A 19 -11.59 12.84 -8.24
N SER A 20 -10.88 12.99 -9.36
CA SER A 20 -11.51 12.94 -10.68
C SER A 20 -10.64 12.17 -11.67
N PRO A 21 -11.17 11.09 -12.27
CA PRO A 21 -10.43 10.27 -13.23
C PRO A 21 -9.67 11.11 -14.26
N ALA A 22 -10.17 12.30 -14.54
CA ALA A 22 -9.54 13.20 -15.50
C ALA A 22 -8.43 14.00 -14.83
N ASN A 23 -8.58 14.26 -13.54
CA ASN A 23 -7.59 15.02 -12.79
C ASN A 23 -6.83 14.09 -11.85
N CYS A 24 -6.82 12.81 -12.16
CA CYS A 24 -6.14 11.81 -11.35
C CYS A 24 -4.64 12.07 -11.30
N GLN A 25 -4.24 12.95 -10.40
CA GLN A 25 -2.83 13.29 -10.24
C GLN A 25 -2.11 12.26 -9.36
N ASP A 26 -2.29 10.99 -9.69
CA ASP A 26 -1.65 9.91 -8.94
C ASP A 26 -1.27 8.78 -9.88
N ARG A 27 -0.01 8.79 -10.31
CA ARG A 27 0.49 7.78 -11.23
C ARG A 27 0.50 6.39 -10.60
N CYS A 28 0.35 6.33 -9.27
CA CYS A 28 0.33 5.05 -8.56
C CYS A 28 -1.07 4.71 -8.05
N CYS A 29 -2.03 5.61 -8.28
CA CYS A 29 -3.41 5.40 -7.84
C CYS A 29 -4.39 5.82 -8.93
N ASN A 30 -5.33 4.95 -9.27
CA ASN A 30 -6.32 5.25 -10.30
C ASN A 30 -7.73 5.37 -9.70
N ALA A 31 -8.42 6.45 -10.07
CA ALA A 31 -9.78 6.70 -9.61
C ALA A 31 -10.77 5.76 -10.27
N ALA A 32 -10.61 5.57 -11.57
CA ALA A 32 -11.49 4.70 -12.34
C ALA A 32 -11.54 3.29 -11.77
N THR A 33 -10.58 2.94 -10.92
CA THR A 33 -10.53 1.63 -10.31
C THR A 33 -10.59 1.71 -8.79
N CYS A 34 -10.23 2.87 -8.26
CA CYS A 34 -10.21 3.06 -6.82
C CYS A 34 -9.19 2.08 -6.22
N LYS A 35 -8.04 1.98 -6.88
CA LYS A 35 -7.00 1.07 -6.43
C LYS A 35 -5.66 1.37 -7.11
N LEU A 36 -4.63 0.63 -6.72
CA LEU A 36 -3.30 0.78 -7.28
C LEU A 36 -3.31 0.73 -8.81
N THR A 37 -2.45 1.54 -9.42
CA THR A 37 -2.35 1.59 -10.87
C THR A 37 -1.27 0.63 -11.36
N PRO A 38 -1.32 0.23 -12.65
CA PRO A 38 -0.33 -0.67 -13.22
C PRO A 38 1.10 -0.22 -12.92
N GLY A 39 1.82 -1.04 -12.16
CA GLY A 39 3.18 -0.69 -11.78
C GLY A 39 3.31 -0.42 -10.30
N SER A 40 2.30 0.23 -9.73
CA SER A 40 2.29 0.54 -8.31
C SER A 40 1.77 -0.66 -7.51
N GLN A 41 2.62 -1.22 -6.67
CA GLN A 41 2.25 -2.39 -5.87
C GLN A 41 2.21 -2.08 -4.38
N CYS A 42 2.17 -0.80 -4.00
CA CYS A 42 2.12 -0.42 -2.60
C CYS A 42 1.49 0.95 -2.38
N ASN A 43 2.01 1.97 -3.05
CA ASN A 43 1.53 3.34 -2.93
C ASN A 43 1.82 3.91 -1.54
N TYR A 44 1.85 3.04 -0.55
CA TYR A 44 2.12 3.43 0.84
C TYR A 44 2.01 2.23 1.77
N GLY A 45 2.75 2.25 2.87
CA GLY A 45 2.70 1.15 3.81
C GLY A 45 4.09 0.67 4.22
N GLU A 46 4.13 -0.22 5.21
CA GLU A 46 5.40 -0.76 5.70
C GLU A 46 6.18 -1.46 4.59
N CYS A 47 5.48 -2.29 3.82
CA CYS A 47 6.11 -3.03 2.73
C CYS A 47 6.28 -2.15 1.49
N CYS A 48 5.63 -0.99 1.49
CA CYS A 48 5.72 -0.09 0.35
C CYS A 48 7.12 0.50 0.18
N ASP A 49 7.60 0.51 -1.05
CA ASP A 49 8.91 1.04 -1.38
C ASP A 49 8.97 1.42 -2.86
N GLN A 50 8.92 2.72 -3.14
CA GLN A 50 8.95 3.20 -4.51
C GLN A 50 7.75 2.69 -5.29
N CYS A 51 6.59 2.71 -4.64
CA CYS A 51 5.35 2.23 -5.25
C CYS A 51 5.43 0.75 -5.58
N ARG A 52 6.27 0.03 -4.84
CA ARG A 52 6.43 -1.41 -5.04
C ARG A 52 6.69 -2.11 -3.71
N PHE A 53 5.94 -3.18 -3.45
CA PHE A 53 6.09 -3.92 -2.19
C PHE A 53 7.51 -4.43 -2.02
N LYS A 54 7.98 -4.38 -0.77
CA LYS A 54 9.32 -4.85 -0.46
C LYS A 54 9.37 -6.36 -0.59
N LYS A 55 10.17 -6.86 -1.53
CA LYS A 55 10.29 -8.30 -1.77
C LYS A 55 10.32 -9.07 -0.46
N ALA A 56 9.46 -10.09 -0.37
CA ALA A 56 9.37 -10.91 0.83
C ALA A 56 10.76 -11.19 1.38
N GLY A 57 10.89 -11.10 2.68
CA GLY A 57 12.18 -11.31 3.30
C GLY A 57 12.72 -10.02 3.87
N THR A 58 12.12 -8.91 3.44
CA THR A 58 12.53 -7.59 3.92
C THR A 58 11.94 -7.37 5.31
N VAL A 59 12.81 -7.13 6.28
CA VAL A 59 12.35 -6.92 7.66
C VAL A 59 11.83 -5.50 7.87
N CYS A 60 10.58 -5.41 8.30
CA CYS A 60 9.96 -4.11 8.56
C CYS A 60 9.82 -3.83 10.05
N ARG A 61 9.78 -4.89 10.85
CA ARG A 61 9.65 -4.77 12.30
C ARG A 61 10.41 -5.88 13.02
N ILE A 62 10.41 -5.83 14.34
CA ILE A 62 11.10 -6.83 15.16
C ILE A 62 10.84 -6.56 16.64
N ALA A 63 10.48 -7.61 17.35
CA ALA A 63 10.19 -7.49 18.78
C ALA A 63 11.46 -7.12 19.54
N ARG A 64 12.27 -8.11 19.89
CA ARG A 64 13.52 -7.88 20.62
C ARG A 64 14.15 -9.18 21.10
N GLY A 65 14.82 -9.89 20.19
CA GLY A 65 15.46 -11.14 20.56
C GLY A 65 15.77 -12.02 19.36
N ASP A 66 14.98 -11.88 18.30
CA ASP A 66 15.16 -12.66 17.08
C ASP A 66 14.48 -14.02 17.23
N TRP A 67 13.17 -14.02 17.08
CA TRP A 67 12.37 -15.23 17.20
C TRP A 67 11.60 -15.51 15.91
N ASN A 68 10.64 -14.64 15.65
CA ASN A 68 9.81 -14.75 14.45
C ASN A 68 10.18 -13.66 13.47
N ASP A 69 10.46 -12.48 14.01
CA ASP A 69 10.82 -11.33 13.20
C ASP A 69 9.66 -10.89 12.33
N ASP A 70 9.78 -9.68 11.80
CA ASP A 70 8.76 -9.13 10.92
C ASP A 70 9.31 -9.03 9.52
N TYR A 71 8.67 -9.69 8.57
CA TYR A 71 9.15 -9.68 7.20
C TYR A 71 8.06 -9.47 6.17
N CYS A 72 8.43 -8.74 5.12
CA CYS A 72 7.53 -8.47 4.03
C CYS A 72 7.13 -9.77 3.34
N THR A 73 6.03 -9.72 2.59
CA THR A 73 5.55 -10.91 1.89
C THR A 73 5.51 -10.69 0.37
N GLY A 74 5.65 -9.43 -0.06
CA GLY A 74 5.63 -9.13 -1.47
C GLY A 74 4.25 -9.25 -2.08
N LYS A 75 3.24 -9.44 -1.24
CA LYS A 75 1.86 -9.57 -1.72
C LYS A 75 0.93 -8.62 -0.97
N SER A 76 1.51 -7.64 -0.28
CA SER A 76 0.73 -6.66 0.47
C SER A 76 1.64 -5.61 1.09
N SER A 77 1.03 -4.50 1.53
CA SER A 77 1.77 -3.42 2.15
C SER A 77 1.93 -3.65 3.65
N ASP A 78 1.62 -4.86 4.12
CA ASP A 78 1.73 -5.18 5.53
C ASP A 78 2.91 -6.12 5.79
N CYS A 79 3.58 -5.90 6.91
CA CYS A 79 4.72 -6.72 7.30
C CYS A 79 4.44 -7.46 8.61
N PRO A 80 4.09 -8.76 8.54
CA PRO A 80 3.79 -9.56 9.73
C PRO A 80 5.04 -9.83 10.57
N TRP A 81 4.94 -9.53 11.87
CA TRP A 81 6.06 -9.75 12.79
C TRP A 81 5.99 -11.11 13.48
N ASN A 82 4.83 -11.73 13.41
CA ASN A 82 4.63 -13.05 14.02
C ASN A 82 4.83 -12.99 15.53
N HIS A 83 3.73 -12.81 16.26
CA HIS A 83 3.79 -12.74 17.71
C HIS A 83 2.43 -13.04 18.33
#